data_3TCF
#
_entry.id   3TCF
#
_cell.length_a   62.619
_cell.length_b   202.599
_cell.length_c   208.947
_cell.angle_alpha   90.000
_cell.angle_beta   95.710
_cell.angle_gamma   90.000
#
_symmetry.space_group_name_H-M   'P 1 21 1'
#
loop_
_entity.id
_entity.type
_entity.pdbx_description
1 polymer 'Periplasmic oligopeptide-binding protein'
2 polymer 'Endogenous peptide'
3 water water
#
loop_
_entity_poly.entity_id
_entity_poly.type
_entity_poly.pdbx_seq_one_letter_code
_entity_poly.pdbx_strand_id
1 'polypeptide(L)'
;MADVPAGVTLAEKQTLVRNNGSEVQSLDPHKIEGVPESNISRDLFEGLLVSDLDGHPAPGVAESWDNKDAKVWTFHLRKD
AKWSDGTPVTAQDFVYSWQRSVDPNTASPYASYLQYGHIAGIDEILEGKKPITDLGVKAIDDHTLEVTLSEPVPYFYKLL
VHPSTSPVPKAAIEKFGEKWTQPGNIVTNGAYTLKDWVVNERIVLERSPTYWNNAKTVINQVTYLPIASEVTDVNRYRSG
EIDMTNNSMPIELFQKLKKEIPDEVHVDPYLCTYYYEINNQKPPFNDVRVRTALKLGMDRDIIVNKVKAQGNMPAYGYTP
PYTDGAKLTQPEWFGWSQEKRNEEAKKLLAEAGYTADKPLTINLLYNTSDLHKKLAIAASSLWKKNIGVNVKLVNQEWKT
FLDTRHQGTFDVARAGWCADYNEPTSFLNTMLSNSSMNTAHYKSPAFDSIMAETLKVTDEAQRTALYTKAEQQLDKDSAI
VPVYYYVNARLVKPWVGGYTGKDPLDNTYTRNMYIVKHHHHHHH
;
A,B,C,D,E,F,G,H
2 'polypeptide(L)' (UNK)(UNK)(UNK) I,J,K,L,M,N,O,P
#
# COMPACT_ATOMS: atom_id res chain seq x y z
N ALA A 2 15.32 -9.97 -53.12
CA ALA A 2 16.79 -9.76 -52.88
C ALA A 2 17.16 -8.29 -53.09
N ASP A 3 18.28 -7.91 -52.48
CA ASP A 3 18.80 -6.54 -52.55
C ASP A 3 20.25 -6.65 -52.88
N VAL A 4 20.53 -6.52 -54.17
CA VAL A 4 21.85 -6.70 -54.72
C VAL A 4 22.59 -5.36 -54.64
N PRO A 5 23.80 -5.36 -54.06
CA PRO A 5 24.47 -4.07 -53.84
C PRO A 5 25.06 -3.52 -55.12
N ALA A 6 25.06 -2.19 -55.25
CA ALA A 6 25.67 -1.53 -56.40
C ALA A 6 27.13 -1.97 -56.51
N GLY A 7 27.61 -2.13 -57.75
CA GLY A 7 28.98 -2.54 -58.00
C GLY A 7 29.13 -4.03 -58.21
N VAL A 8 28.16 -4.80 -57.73
CA VAL A 8 28.16 -6.25 -57.94
C VAL A 8 27.69 -6.56 -59.36
N THR A 9 28.45 -7.42 -60.03
CA THR A 9 28.05 -7.96 -61.33
C THR A 9 27.47 -9.33 -61.08
N LEU A 10 26.20 -9.51 -61.45
CA LEU A 10 25.52 -10.80 -61.38
C LEU A 10 26.03 -11.76 -62.45
N ALA A 11 26.07 -13.05 -62.11
CA ALA A 11 26.29 -14.11 -63.11
C ALA A 11 25.11 -14.15 -64.09
N GLU A 12 25.35 -14.62 -65.31
CA GLU A 12 24.29 -14.87 -66.28
C GLU A 12 23.36 -15.98 -65.80
N LYS A 13 23.96 -17.05 -65.27
CA LYS A 13 23.21 -18.18 -64.73
C LYS A 13 22.93 -18.01 -63.25
N GLN A 14 21.67 -17.74 -62.91
CA GLN A 14 21.26 -17.57 -61.52
C GLN A 14 20.59 -18.86 -61.00
N THR A 15 21.41 -19.82 -60.63
CA THR A 15 20.95 -21.11 -60.07
C THR A 15 21.69 -21.41 -58.78
N LEU A 16 21.02 -22.10 -57.85
CA LEU A 16 21.61 -22.43 -56.56
C LEU A 16 21.35 -23.89 -56.17
N VAL A 17 22.38 -24.51 -55.62
CA VAL A 17 22.30 -25.88 -55.08
C VAL A 17 22.65 -25.91 -53.57
N ARG A 18 21.65 -26.29 -52.76
CA ARG A 18 21.77 -26.40 -51.31
C ARG A 18 21.54 -27.84 -50.85
N ASN A 19 22.38 -28.37 -49.95
CA ASN A 19 21.97 -29.57 -49.20
C ASN A 19 20.95 -29.26 -48.09
N ASN A 20 19.86 -30.02 -48.06
CA ASN A 20 18.79 -29.88 -47.10
C ASN A 20 18.86 -30.93 -45.97
N GLY A 21 19.81 -31.86 -46.05
CA GLY A 21 20.10 -32.74 -44.92
C GLY A 21 19.47 -34.13 -44.97
N SER A 22 18.32 -34.23 -45.61
CA SER A 22 17.54 -35.46 -45.63
C SER A 22 16.30 -35.29 -46.52
N GLU A 23 15.61 -36.38 -46.79
CA GLU A 23 14.42 -36.36 -47.65
C GLU A 23 13.22 -35.87 -46.84
N VAL A 24 12.45 -34.93 -47.39
CA VAL A 24 11.38 -34.33 -46.63
C VAL A 24 10.22 -35.29 -46.33
N GLN A 25 9.57 -35.04 -45.21
CA GLN A 25 8.30 -35.72 -44.86
C GLN A 25 7.26 -35.51 -45.93
N SER A 26 7.15 -34.29 -46.42
CA SER A 26 5.99 -33.82 -47.25
C SER A 26 6.31 -32.43 -47.74
N LEU A 27 5.57 -31.97 -48.72
CA LEU A 27 5.56 -30.58 -49.14
C LEU A 27 4.18 -29.96 -48.81
N ASP A 28 3.31 -30.73 -48.14
CA ASP A 28 2.04 -30.23 -47.55
C ASP A 28 2.38 -29.49 -46.24
N PRO A 29 2.09 -28.19 -46.17
CA PRO A 29 2.50 -27.46 -44.98
C PRO A 29 1.79 -27.84 -43.68
N HIS A 30 0.68 -28.59 -43.78
CA HIS A 30 0.03 -29.14 -42.58
C HIS A 30 0.48 -30.53 -42.23
N LYS A 31 1.55 -31.02 -42.86
CA LYS A 31 1.99 -32.39 -42.68
C LYS A 31 3.45 -32.44 -42.39
N ILE A 32 4.02 -31.35 -41.88
CA ILE A 32 5.45 -31.23 -41.65
C ILE A 32 5.76 -30.72 -40.24
N GLU A 33 6.93 -31.08 -39.74
CA GLU A 33 7.39 -30.68 -38.40
C GLU A 33 8.93 -30.44 -38.30
N GLY A 34 9.67 -30.68 -39.37
CA GLY A 34 11.13 -30.56 -39.33
C GLY A 34 11.70 -29.34 -40.04
N VAL A 35 12.98 -29.07 -39.77
CA VAL A 35 13.71 -27.96 -40.37
C VAL A 35 13.82 -28.14 -41.89
N PRO A 36 14.16 -29.36 -42.35
CA PRO A 36 14.26 -29.57 -43.81
C PRO A 36 12.95 -29.24 -44.54
N GLU A 37 11.85 -29.68 -43.96
CA GLU A 37 10.53 -29.42 -44.53
C GLU A 37 10.27 -27.93 -44.63
N SER A 38 10.52 -27.20 -43.56
CA SER A 38 10.25 -25.76 -43.52
C SER A 38 11.07 -25.01 -44.56
N ASN A 39 12.30 -25.46 -44.76
CA ASN A 39 13.25 -24.82 -45.66
C ASN A 39 12.77 -24.84 -47.09
N ILE A 40 12.16 -25.93 -47.52
CA ILE A 40 11.58 -25.94 -48.86
C ILE A 40 10.26 -25.21 -48.83
N SER A 41 9.52 -25.35 -47.73
CA SER A 41 8.17 -24.75 -47.65
C SER A 41 8.20 -23.21 -47.79
N ARG A 42 9.24 -22.62 -47.22
CA ARG A 42 9.46 -21.15 -47.21
C ARG A 42 9.69 -20.59 -48.61
N ASP A 43 10.17 -21.41 -49.55
CA ASP A 43 10.26 -21.00 -50.95
C ASP A 43 8.93 -21.19 -51.70
N LEU A 44 8.08 -22.13 -51.28
CA LEU A 44 6.83 -22.44 -51.98
C LEU A 44 5.58 -21.72 -51.50
N PHE A 45 5.50 -21.47 -50.19
CA PHE A 45 4.28 -20.88 -49.65
C PHE A 45 4.61 -19.73 -48.68
N GLU A 46 3.74 -18.74 -48.62
CA GLU A 46 3.98 -17.51 -47.87
C GLU A 46 2.80 -17.15 -47.00
N GLY A 47 3.04 -17.07 -45.69
CA GLY A 47 1.98 -16.69 -44.77
C GLY A 47 1.81 -15.19 -44.62
N LEU A 48 1.19 -14.79 -43.53
CA LEU A 48 0.79 -13.39 -43.32
C LEU A 48 2.04 -12.52 -43.18
N LEU A 49 3.08 -13.07 -42.54
CA LEU A 49 4.33 -12.37 -42.34
C LEU A 49 5.52 -13.29 -42.68
N VAL A 50 6.69 -12.69 -42.84
CA VAL A 50 7.97 -13.41 -43.13
C VAL A 50 9.07 -12.91 -42.22
N SER A 51 10.19 -13.65 -42.13
CA SER A 51 11.36 -13.20 -41.41
C SER A 51 12.25 -12.33 -42.30
N ASP A 52 12.67 -11.17 -41.79
CA ASP A 52 13.55 -10.31 -42.53
C ASP A 52 14.93 -10.89 -42.34
N LEU A 53 15.95 -10.22 -42.88
CA LEU A 53 17.32 -10.79 -42.85
C LEU A 53 17.92 -10.85 -41.45
N ASP A 54 17.31 -10.16 -40.49
CA ASP A 54 17.80 -10.13 -39.10
C ASP A 54 16.92 -10.97 -38.18
N GLY A 55 16.06 -11.80 -38.74
CA GLY A 55 15.15 -12.60 -37.97
C GLY A 55 13.84 -11.95 -37.61
N HIS A 56 13.68 -10.65 -37.85
CA HIS A 56 12.45 -9.94 -37.37
C HIS A 56 11.28 -10.14 -38.25
N PRO A 57 10.05 -10.20 -37.67
CA PRO A 57 8.84 -10.25 -38.49
C PRO A 57 8.60 -9.03 -39.39
N ALA A 58 8.20 -9.33 -40.62
CA ALA A 58 8.06 -8.36 -41.68
C ALA A 58 6.89 -8.73 -42.58
N PRO A 59 6.46 -7.80 -43.41
CA PRO A 59 5.25 -8.02 -44.17
C PRO A 59 5.37 -9.23 -45.10
N GLY A 60 4.29 -10.02 -45.20
CA GLY A 60 4.23 -11.15 -46.15
C GLY A 60 3.02 -10.90 -47.01
N VAL A 61 2.04 -11.80 -46.95
CA VAL A 61 0.75 -11.50 -47.58
C VAL A 61 0.20 -10.25 -46.92
N ALA A 62 0.18 -10.21 -45.58
CA ALA A 62 -0.20 -8.99 -44.85
C ALA A 62 0.77 -7.82 -45.12
N GLU A 63 0.25 -6.71 -45.62
CA GLU A 63 1.06 -5.49 -45.80
C GLU A 63 1.05 -4.62 -44.52
N SER A 64 -0.05 -4.61 -43.79
CA SER A 64 -0.10 -3.88 -42.51
C SER A 64 -0.95 -4.71 -41.54
N TRP A 65 -0.93 -4.38 -40.24
CA TRP A 65 -1.83 -5.01 -39.27
C TRP A 65 -2.09 -4.16 -38.03
N ASP A 66 -3.21 -4.49 -37.35
CA ASP A 66 -3.76 -3.79 -36.18
C ASP A 66 -3.99 -4.81 -35.05
N ASN A 67 -4.00 -4.33 -33.81
CA ASN A 67 -4.40 -5.16 -32.69
C ASN A 67 -5.07 -4.31 -31.60
N LYS A 68 -6.07 -4.91 -30.95
CA LYS A 68 -6.67 -4.32 -29.77
C LYS A 68 -6.32 -5.24 -28.62
N ASP A 69 -5.60 -4.70 -27.63
CA ASP A 69 -5.24 -5.40 -26.40
C ASP A 69 -4.62 -6.74 -26.71
N ALA A 70 -3.96 -6.84 -27.86
CA ALA A 70 -3.17 -8.03 -28.18
C ALA A 70 -4.06 -9.28 -28.23
N LYS A 71 -5.36 -9.04 -28.45
CA LYS A 71 -6.37 -10.07 -28.36
C LYS A 71 -7.23 -10.14 -29.63
N VAL A 72 -7.60 -9.00 -30.22
CA VAL A 72 -8.12 -9.02 -31.59
C VAL A 72 -7.11 -8.42 -32.59
N TRP A 73 -6.71 -9.23 -33.57
CA TRP A 73 -5.70 -8.87 -34.57
C TRP A 73 -6.27 -8.84 -35.94
N THR A 74 -6.16 -7.69 -36.62
CA THR A 74 -6.64 -7.49 -37.98
C THR A 74 -5.42 -7.37 -38.94
N PHE A 75 -5.46 -8.18 -40.02
CA PHE A 75 -4.42 -8.18 -41.04
C PHE A 75 -5.01 -7.69 -42.36
N HIS A 76 -4.40 -6.64 -42.91
CA HIS A 76 -4.76 -6.09 -44.19
C HIS A 76 -3.87 -6.68 -45.28
N LEU A 77 -4.47 -7.56 -46.09
CA LEU A 77 -3.74 -8.31 -47.10
C LEU A 77 -3.56 -7.46 -48.34
N ARG A 78 -2.33 -7.46 -48.84
CA ARG A 78 -2.01 -6.76 -50.08
C ARG A 78 -2.80 -7.28 -51.27
N LYS A 79 -3.32 -6.32 -52.05
CA LYS A 79 -4.22 -6.65 -53.13
C LYS A 79 -3.59 -7.42 -54.26
N ASP A 80 -2.26 -7.41 -54.39
CA ASP A 80 -1.63 -8.11 -55.51
C ASP A 80 -1.05 -9.49 -55.16
N ALA A 81 -1.35 -10.00 -53.97
CA ALA A 81 -0.97 -11.35 -53.55
C ALA A 81 -1.63 -12.36 -54.49
N LYS A 82 -0.82 -13.21 -55.10
CA LYS A 82 -1.31 -14.14 -56.13
C LYS A 82 -0.84 -15.58 -55.94
N TRP A 83 -1.70 -16.53 -56.25
CA TRP A 83 -1.30 -17.93 -56.43
C TRP A 83 -0.68 -18.17 -57.79
N SER A 84 0.00 -19.30 -57.92
CA SER A 84 0.73 -19.64 -59.16
C SER A 84 -0.23 -19.87 -60.33
N ASP A 85 -1.50 -20.05 -59.99
CA ASP A 85 -2.72 -19.91 -60.82
C ASP A 85 -3.04 -18.61 -61.48
N GLY A 86 -2.44 -17.52 -61.04
CA GLY A 86 -2.95 -16.20 -61.37
C GLY A 86 -4.12 -15.79 -60.50
N THR A 87 -4.66 -16.70 -59.68
CA THR A 87 -5.78 -16.37 -58.82
C THR A 87 -5.31 -15.66 -57.52
N PRO A 88 -6.19 -14.84 -56.95
CA PRO A 88 -5.90 -14.03 -55.78
C PRO A 88 -5.76 -14.86 -54.51
N VAL A 89 -4.75 -14.52 -53.71
CA VAL A 89 -4.65 -15.06 -52.35
C VAL A 89 -5.55 -14.17 -51.49
N THR A 90 -6.59 -14.76 -50.87
CA THR A 90 -7.59 -14.00 -50.12
C THR A 90 -7.59 -14.29 -48.62
N ALA A 91 -8.42 -13.53 -47.89
CA ALA A 91 -8.62 -13.81 -46.47
C ALA A 91 -9.28 -15.18 -46.30
N GLN A 92 -10.20 -15.54 -47.20
CA GLN A 92 -10.87 -16.85 -47.07
C GLN A 92 -9.92 -18.03 -47.23
N ASP A 93 -8.83 -17.83 -47.98
CA ASP A 93 -7.78 -18.84 -48.09
C ASP A 93 -7.18 -19.12 -46.72
N PHE A 94 -6.96 -18.05 -45.95
CA PHE A 94 -6.49 -18.15 -44.58
C PHE A 94 -7.45 -18.80 -43.61
N VAL A 95 -8.74 -18.43 -43.67
CA VAL A 95 -9.71 -19.09 -42.86
C VAL A 95 -9.65 -20.60 -43.17
N TYR A 96 -9.64 -20.96 -44.45
CA TYR A 96 -9.71 -22.36 -44.83
C TYR A 96 -8.52 -23.09 -44.29
N SER A 97 -7.35 -22.48 -44.44
CA SER A 97 -6.11 -23.16 -44.11
C SER A 97 -5.92 -23.34 -42.61
N TRP A 98 -6.35 -22.36 -41.81
CA TRP A 98 -6.09 -22.45 -40.37
C TRP A 98 -7.06 -23.44 -39.79
N GLN A 99 -8.31 -23.42 -40.27
CA GLN A 99 -9.26 -24.47 -39.95
C GLN A 99 -8.70 -25.88 -40.23
N ARG A 100 -8.14 -26.10 -41.41
CA ARG A 100 -7.59 -27.40 -41.81
C ARG A 100 -6.45 -27.83 -40.91
N SER A 101 -5.65 -26.87 -40.48
N SER A 101 -5.68 -26.84 -40.44
CA SER A 101 -4.49 -27.16 -39.61
CA SER A 101 -4.50 -27.12 -39.60
C SER A 101 -4.92 -27.72 -38.26
C SER A 101 -4.93 -27.75 -38.27
N VAL A 102 -6.15 -27.42 -37.83
CA VAL A 102 -6.65 -27.82 -36.50
C VAL A 102 -7.71 -28.98 -36.51
N ASP A 103 -8.17 -29.32 -37.72
CA ASP A 103 -9.00 -30.50 -37.92
C ASP A 103 -8.30 -31.79 -37.46
N PRO A 104 -8.91 -32.56 -36.54
CA PRO A 104 -8.31 -33.86 -36.18
C PRO A 104 -8.10 -34.78 -37.40
N ASN A 105 -8.99 -34.65 -38.37
CA ASN A 105 -8.90 -35.42 -39.60
C ASN A 105 -7.67 -35.11 -40.44
N THR A 106 -7.01 -33.97 -40.27
CA THR A 106 -5.73 -33.71 -40.95
C THR A 106 -4.60 -34.39 -40.26
N ALA A 107 -4.75 -34.56 -38.94
CA ALA A 107 -3.71 -35.20 -38.11
C ALA A 107 -2.38 -34.51 -38.21
N SER A 108 -2.38 -33.18 -38.24
CA SER A 108 -1.11 -32.47 -38.41
C SER A 108 -0.22 -32.62 -37.19
N PRO A 109 1.07 -32.87 -37.42
CA PRO A 109 2.00 -32.85 -36.33
C PRO A 109 2.17 -31.46 -35.66
N TYR A 110 1.69 -30.38 -36.32
CA TYR A 110 1.70 -28.99 -35.81
C TYR A 110 0.24 -28.50 -35.58
N ALA A 111 -0.68 -29.44 -35.38
CA ALA A 111 -2.04 -29.10 -35.04
C ALA A 111 -2.08 -28.07 -33.89
N SER A 112 -1.15 -28.20 -32.95
CA SER A 112 -1.18 -27.43 -31.71
C SER A 112 -0.58 -26.01 -31.85
N TYR A 113 0.01 -25.70 -33.00
CA TYR A 113 0.80 -24.47 -33.17
C TYR A 113 -0.07 -23.24 -33.01
N LEU A 114 -1.22 -23.24 -33.64
CA LEU A 114 -2.12 -22.10 -33.43
C LEU A 114 -2.73 -22.06 -32.00
N GLN A 115 -2.71 -23.17 -31.28
CA GLN A 115 -3.12 -23.16 -29.88
C GLN A 115 -2.13 -22.41 -29.00
N TYR A 116 -0.84 -22.44 -29.37
CA TYR A 116 0.15 -21.59 -28.69
C TYR A 116 -0.19 -20.09 -28.75
N GLY A 117 -0.99 -19.69 -29.73
CA GLY A 117 -1.45 -18.31 -29.78
C GLY A 117 -2.89 -18.13 -29.30
N HIS A 118 -3.55 -19.24 -28.96
CA HIS A 118 -4.82 -19.23 -28.23
C HIS A 118 -5.93 -18.57 -28.94
N ILE A 119 -6.09 -18.94 -30.21
CA ILE A 119 -7.21 -18.47 -31.01
C ILE A 119 -8.52 -18.93 -30.38
N ALA A 120 -9.51 -18.05 -30.35
CA ALA A 120 -10.79 -18.40 -29.76
C ALA A 120 -11.31 -19.73 -30.34
N GLY A 121 -11.73 -20.62 -29.45
CA GLY A 121 -12.48 -21.82 -29.84
C GLY A 121 -11.61 -23.05 -30.05
N ILE A 122 -10.29 -22.86 -29.99
CA ILE A 122 -9.37 -23.89 -30.44
C ILE A 122 -9.28 -25.12 -29.58
N ASP A 123 -9.39 -24.99 -28.26
CA ASP A 123 -9.13 -26.17 -27.40
C ASP A 123 -10.15 -27.26 -27.67
N GLU A 124 -11.44 -26.90 -27.74
CA GLU A 124 -12.46 -27.91 -27.99
C GLU A 124 -12.37 -28.45 -29.44
N ILE A 125 -11.90 -27.64 -30.38
CA ILE A 125 -11.82 -28.09 -31.78
C ILE A 125 -10.78 -29.15 -31.92
N LEU A 126 -9.65 -28.94 -31.26
CA LEU A 126 -8.56 -29.90 -31.36
C LEU A 126 -8.92 -31.25 -30.77
N GLU A 127 -9.82 -31.27 -29.77
CA GLU A 127 -10.27 -32.50 -29.11
C GLU A 127 -11.47 -33.12 -29.82
N GLY A 128 -11.99 -32.45 -30.83
CA GLY A 128 -13.04 -33.01 -31.69
C GLY A 128 -14.45 -32.74 -31.19
N LYS A 129 -14.58 -31.95 -30.14
CA LYS A 129 -15.88 -31.68 -29.52
C LYS A 129 -16.63 -30.54 -30.23
N LYS A 130 -15.92 -29.75 -31.03
CA LYS A 130 -16.47 -28.60 -31.74
C LYS A 130 -15.96 -28.55 -33.17
N PRO A 131 -16.80 -28.08 -34.10
CA PRO A 131 -16.42 -28.10 -35.50
C PRO A 131 -15.36 -27.04 -35.83
N ILE A 132 -14.67 -27.20 -36.95
CA ILE A 132 -13.56 -26.30 -37.29
C ILE A 132 -14.02 -24.92 -37.64
N THR A 133 -15.27 -24.78 -38.07
CA THR A 133 -15.80 -23.48 -38.45
C THR A 133 -15.99 -22.58 -37.22
N ASP A 134 -15.83 -23.12 -36.01
CA ASP A 134 -15.91 -22.34 -34.77
C ASP A 134 -14.59 -21.64 -34.42
N LEU A 135 -13.57 -21.87 -35.21
CA LEU A 135 -12.25 -21.28 -34.94
C LEU A 135 -12.37 -19.75 -35.06
N GLY A 136 -11.68 -19.02 -34.19
CA GLY A 136 -11.86 -17.56 -34.13
C GLY A 136 -11.15 -16.76 -35.20
N VAL A 137 -11.33 -17.15 -36.47
CA VAL A 137 -10.64 -16.49 -37.56
C VAL A 137 -11.64 -16.25 -38.64
N LYS A 138 -11.69 -15.01 -39.12
CA LYS A 138 -12.73 -14.66 -40.09
C LYS A 138 -12.31 -13.67 -41.17
N ALA A 139 -12.84 -13.88 -42.37
CA ALA A 139 -12.64 -12.94 -43.45
C ALA A 139 -13.77 -11.89 -43.47
N ILE A 140 -13.47 -10.67 -42.98
CA ILE A 140 -14.38 -9.51 -43.05
C ILE A 140 -14.65 -9.10 -44.50
N ASP A 141 -13.61 -9.17 -45.31
CA ASP A 141 -13.70 -9.07 -46.78
C ASP A 141 -12.55 -9.86 -47.40
N ASP A 142 -12.36 -9.77 -48.73
CA ASP A 142 -11.39 -10.63 -49.39
C ASP A 142 -9.96 -10.32 -49.00
N HIS A 143 -9.71 -9.14 -48.40
CA HIS A 143 -8.38 -8.66 -48.10
C HIS A 143 -8.21 -8.19 -46.64
N THR A 144 -9.06 -8.67 -45.75
CA THR A 144 -8.98 -8.30 -44.33
C THR A 144 -9.29 -9.56 -43.47
N LEU A 145 -8.27 -10.11 -42.83
CA LEU A 145 -8.40 -11.27 -41.92
C LEU A 145 -8.45 -10.80 -40.44
N GLU A 146 -9.49 -11.16 -39.69
CA GLU A 146 -9.58 -10.82 -38.24
C GLU A 146 -9.45 -12.09 -37.39
N VAL A 147 -8.41 -12.16 -36.58
CA VAL A 147 -8.20 -13.23 -35.63
C VAL A 147 -8.63 -12.79 -34.20
N THR A 148 -9.43 -13.60 -33.52
CA THR A 148 -9.84 -13.29 -32.13
C THR A 148 -9.26 -14.35 -31.24
N LEU A 149 -8.45 -13.92 -30.28
CA LEU A 149 -7.79 -14.84 -29.36
C LEU A 149 -8.65 -14.86 -28.09
N SER A 150 -8.46 -15.85 -27.24
CA SER A 150 -9.28 -16.00 -26.04
C SER A 150 -8.72 -15.19 -24.88
N GLU A 151 -7.46 -14.75 -25.04
CA GLU A 151 -6.82 -13.86 -24.10
C GLU A 151 -5.78 -13.02 -24.88
N PRO A 152 -5.21 -11.96 -24.26
CA PRO A 152 -4.11 -11.18 -24.83
C PRO A 152 -2.87 -12.04 -24.99
N VAL A 153 -2.23 -12.04 -26.17
CA VAL A 153 -0.90 -12.75 -26.38
C VAL A 153 0.01 -11.79 -27.15
N PRO A 154 0.70 -10.90 -26.44
CA PRO A 154 1.40 -9.85 -27.17
C PRO A 154 2.35 -10.36 -28.29
N TYR A 155 2.86 -11.59 -28.18
CA TYR A 155 3.74 -12.13 -29.22
C TYR A 155 3.03 -12.99 -30.31
N PHE A 156 1.70 -12.88 -30.47
CA PHE A 156 0.97 -13.71 -31.39
C PHE A 156 1.52 -13.52 -32.82
N TYR A 157 1.82 -12.27 -33.18
CA TYR A 157 2.28 -11.99 -34.54
C TYR A 157 3.54 -12.75 -34.91
N LYS A 158 4.42 -13.00 -33.95
CA LYS A 158 5.68 -13.68 -34.28
C LYS A 158 5.48 -15.15 -34.72
N LEU A 159 4.31 -15.74 -34.39
CA LEU A 159 4.06 -17.12 -34.80
C LEU A 159 3.88 -17.19 -36.30
N LEU A 160 3.41 -16.08 -36.89
CA LEU A 160 2.78 -16.10 -38.19
C LEU A 160 3.81 -16.20 -39.36
N VAL A 161 5.10 -16.34 -39.06
CA VAL A 161 6.10 -16.61 -40.08
C VAL A 161 6.32 -18.11 -40.34
N HIS A 162 5.76 -18.97 -39.46
CA HIS A 162 5.97 -20.42 -39.55
C HIS A 162 5.12 -20.98 -40.63
N PRO A 163 5.71 -21.85 -41.46
CA PRO A 163 5.07 -22.49 -42.63
C PRO A 163 3.77 -23.24 -42.35
N SER A 164 3.58 -23.78 -41.13
CA SER A 164 2.32 -24.43 -40.79
C SER A 164 1.19 -23.41 -40.80
N THR A 165 1.55 -22.12 -40.77
CA THR A 165 0.51 -21.07 -40.83
C THR A 165 0.31 -20.43 -42.23
N SER A 166 1.04 -20.91 -43.23
CA SER A 166 0.87 -20.49 -44.63
C SER A 166 -0.47 -20.90 -45.22
N PRO A 167 -0.90 -20.19 -46.25
CA PRO A 167 -2.16 -20.61 -46.81
C PRO A 167 -1.93 -21.79 -47.80
N VAL A 168 -2.96 -22.59 -48.04
CA VAL A 168 -2.93 -23.74 -49.00
C VAL A 168 -4.18 -23.75 -49.85
N PRO A 169 -4.09 -24.32 -51.08
CA PRO A 169 -5.19 -24.21 -52.03
C PRO A 169 -6.24 -25.30 -51.89
N LYS A 170 -7.44 -24.90 -51.46
CA LYS A 170 -8.55 -25.80 -51.26
C LYS A 170 -8.81 -26.69 -52.48
N ALA A 171 -8.91 -26.09 -53.66
CA ALA A 171 -9.39 -26.80 -54.84
C ALA A 171 -8.44 -27.91 -55.21
N ALA A 172 -7.15 -27.61 -55.25
CA ALA A 172 -6.14 -28.64 -55.45
C ALA A 172 -6.20 -29.75 -54.40
N ILE A 173 -6.32 -29.36 -53.13
CA ILE A 173 -6.37 -30.34 -52.05
C ILE A 173 -7.58 -31.26 -52.21
N GLU A 174 -8.75 -30.72 -52.55
CA GLU A 174 -9.95 -31.53 -52.63
C GLU A 174 -10.01 -32.42 -53.89
N LYS A 175 -9.40 -31.98 -54.99
CA LYS A 175 -9.35 -32.77 -56.23
C LYS A 175 -8.33 -33.89 -56.15
N PHE A 176 -7.18 -33.61 -55.56
CA PHE A 176 -6.03 -34.53 -55.63
C PHE A 176 -5.63 -35.24 -54.33
N GLY A 177 -6.24 -34.88 -53.19
CA GLY A 177 -5.84 -35.51 -51.92
C GLY A 177 -4.34 -35.36 -51.75
N GLU A 178 -3.64 -36.40 -51.32
CA GLU A 178 -2.18 -36.30 -51.08
C GLU A 178 -1.32 -36.03 -52.32
N LYS A 179 -1.88 -36.19 -53.51
CA LYS A 179 -1.14 -35.91 -54.73
C LYS A 179 -1.18 -34.43 -55.09
N TRP A 180 -1.77 -33.57 -54.25
CA TRP A 180 -1.87 -32.15 -54.61
C TRP A 180 -0.53 -31.46 -54.72
N THR A 181 0.49 -32.02 -54.11
CA THR A 181 1.82 -31.41 -54.09
C THR A 181 2.75 -31.91 -55.22
N GLN A 182 2.25 -32.78 -56.10
CA GLN A 182 3.05 -33.22 -57.24
C GLN A 182 3.24 -32.08 -58.25
N PRO A 183 4.38 -32.05 -58.92
CA PRO A 183 4.65 -30.99 -59.89
C PRO A 183 3.41 -30.50 -60.64
N GLY A 184 2.72 -31.35 -61.34
CA GLY A 184 1.59 -30.87 -62.15
C GLY A 184 0.34 -30.38 -61.42
N ASN A 185 0.25 -30.64 -60.13
CA ASN A 185 -0.97 -30.42 -59.37
C ASN A 185 -0.88 -29.23 -58.42
N ILE A 186 0.32 -29.01 -57.88
CA ILE A 186 0.58 -28.06 -56.81
C ILE A 186 0.30 -26.64 -57.26
N VAL A 187 -0.32 -25.85 -56.38
CA VAL A 187 -0.53 -24.42 -56.56
C VAL A 187 0.10 -23.71 -55.35
N THR A 188 0.91 -22.69 -55.63
CA THR A 188 1.78 -22.10 -54.62
C THR A 188 1.71 -20.59 -54.57
N ASN A 189 2.23 -20.09 -53.44
N ASN A 189 2.12 -19.97 -53.46
CA ASN A 189 2.11 -18.71 -52.96
CA ASN A 189 2.14 -18.48 -53.40
C ASN A 189 3.40 -17.90 -52.90
C ASN A 189 3.43 -17.84 -52.88
N GLY A 190 4.53 -18.59 -52.82
CA GLY A 190 5.82 -17.97 -52.55
C GLY A 190 6.64 -17.64 -53.79
N ALA A 191 7.92 -17.34 -53.61
CA ALA A 191 8.74 -16.92 -54.73
C ALA A 191 8.99 -18.01 -55.79
N TYR A 192 8.80 -19.28 -55.42
CA TYR A 192 9.05 -20.42 -56.31
C TYR A 192 7.86 -21.36 -56.39
N THR A 193 7.81 -22.14 -57.47
CA THR A 193 6.96 -23.31 -57.53
C THR A 193 7.79 -24.56 -57.73
N LEU A 194 7.13 -25.71 -57.78
CA LEU A 194 7.87 -26.99 -57.83
C LEU A 194 7.99 -27.45 -59.29
N LYS A 195 9.20 -27.81 -59.69
CA LYS A 195 9.43 -28.28 -61.06
C LYS A 195 9.52 -29.78 -61.02
N ASP A 196 10.39 -30.29 -60.15
CA ASP A 196 10.59 -31.73 -60.02
C ASP A 196 10.86 -32.17 -58.60
N TRP A 197 10.54 -33.43 -58.35
CA TRP A 197 10.75 -34.12 -57.08
C TRP A 197 11.22 -35.53 -57.36
N VAL A 198 12.49 -35.80 -57.14
CA VAL A 198 13.02 -37.15 -57.30
C VAL A 198 13.33 -37.68 -55.90
N VAL A 199 12.55 -38.66 -55.44
CA VAL A 199 12.65 -39.13 -54.07
C VAL A 199 14.09 -39.58 -53.83
N ASN A 200 14.68 -39.11 -52.74
CA ASN A 200 16.09 -39.40 -52.38
C ASN A 200 17.15 -38.90 -53.35
N GLU A 201 16.81 -37.95 -54.23
CA GLU A 201 17.81 -37.37 -55.13
C GLU A 201 17.80 -35.84 -55.18
N ARG A 202 16.66 -35.21 -55.45
CA ARG A 202 16.62 -33.77 -55.53
C ARG A 202 15.19 -33.20 -55.56
N ILE A 203 15.03 -31.99 -55.05
CA ILE A 203 13.81 -31.17 -55.28
C ILE A 203 14.28 -29.94 -56.00
N VAL A 204 13.70 -29.65 -57.16
CA VAL A 204 14.11 -28.52 -57.97
C VAL A 204 12.92 -27.56 -58.01
N LEU A 205 13.17 -26.31 -57.66
CA LEU A 205 12.13 -25.27 -57.70
C LEU A 205 12.51 -24.23 -58.74
N GLU A 206 11.49 -23.60 -59.32
CA GLU A 206 11.64 -22.59 -60.34
C GLU A 206 10.89 -21.35 -59.91
N ARG A 207 11.49 -20.19 -60.15
CA ARG A 207 10.94 -18.86 -59.88
C ARG A 207 9.53 -18.72 -60.47
N SER A 208 8.60 -18.14 -59.70
CA SER A 208 7.20 -17.97 -60.14
C SER A 208 6.93 -16.53 -60.44
N PRO A 209 6.62 -16.22 -61.70
CA PRO A 209 6.41 -14.82 -62.01
C PRO A 209 5.09 -14.23 -61.48
N THR A 210 4.20 -15.06 -60.92
CA THR A 210 2.94 -14.59 -60.30
C THR A 210 3.18 -14.05 -58.89
N TYR A 211 4.33 -14.34 -58.29
CA TYR A 211 4.62 -13.87 -56.95
C TYR A 211 4.69 -12.33 -56.90
N TRP A 212 3.99 -11.75 -55.91
CA TRP A 212 3.77 -10.29 -55.85
C TRP A 212 5.07 -9.55 -55.85
N ASN A 213 6.09 -10.14 -55.23
CA ASN A 213 7.40 -9.51 -55.19
C ASN A 213 8.44 -10.18 -56.10
N ASN A 214 7.96 -10.82 -57.15
CA ASN A 214 8.82 -11.36 -58.21
C ASN A 214 9.90 -10.40 -58.74
N ALA A 215 9.57 -9.11 -58.86
CA ALA A 215 10.53 -8.13 -59.34
C ALA A 215 11.85 -8.17 -58.55
N LYS A 216 11.78 -8.48 -57.26
CA LYS A 216 12.98 -8.51 -56.42
C LYS A 216 13.70 -9.85 -56.38
N THR A 217 13.06 -10.90 -56.90
CA THR A 217 13.74 -12.21 -56.92
C THR A 217 14.87 -12.21 -57.93
N VAL A 218 15.97 -12.88 -57.64
CA VAL A 218 17.12 -12.96 -58.58
C VAL A 218 17.43 -14.39 -59.03
N ILE A 219 17.47 -15.33 -58.07
CA ILE A 219 17.68 -16.74 -58.40
C ILE A 219 16.48 -17.33 -59.16
N ASN A 220 16.78 -17.98 -60.29
CA ASN A 220 15.76 -18.54 -61.18
C ASN A 220 15.46 -20.00 -60.88
N GLN A 221 16.45 -20.70 -60.34
CA GLN A 221 16.26 -22.08 -59.95
C GLN A 221 17.13 -22.44 -58.75
N VAL A 222 16.48 -23.07 -57.77
CA VAL A 222 17.17 -23.68 -56.64
C VAL A 222 16.90 -25.17 -56.56
N THR A 223 17.96 -25.91 -56.27
CA THR A 223 17.92 -27.33 -56.04
C THR A 223 18.25 -27.61 -54.58
N TYR A 224 17.34 -28.32 -53.94
CA TYR A 224 17.54 -28.88 -52.62
C TYR A 224 17.88 -30.37 -52.72
N LEU A 225 18.99 -30.77 -52.08
CA LEU A 225 19.44 -32.16 -51.99
C LEU A 225 19.20 -32.72 -50.55
N PRO A 226 19.05 -34.06 -50.42
CA PRO A 226 18.81 -34.74 -49.14
C PRO A 226 20.01 -35.58 -48.59
N ILE A 227 21.20 -35.05 -48.62
CA ILE A 227 22.38 -35.79 -48.16
C ILE A 227 22.45 -35.76 -46.60
N ALA A 228 22.21 -36.92 -45.98
CA ALA A 228 22.30 -37.05 -44.51
C ALA A 228 23.76 -37.18 -44.06
N SER A 229 24.66 -37.52 -44.96
CA SER A 229 26.08 -37.63 -44.59
C SER A 229 26.77 -36.26 -44.62
N GLU A 230 27.06 -35.72 -43.43
CA GLU A 230 27.76 -34.43 -43.32
C GLU A 230 29.09 -34.48 -44.11
N VAL A 231 29.71 -35.65 -44.15
CA VAL A 231 30.99 -35.82 -44.84
C VAL A 231 30.75 -35.74 -46.35
N THR A 232 29.70 -36.41 -46.83
CA THR A 232 29.40 -36.38 -48.27
C THR A 232 29.04 -34.96 -48.69
N ASP A 233 28.31 -34.24 -47.82
CA ASP A 233 27.92 -32.84 -48.03
C ASP A 233 29.11 -31.93 -48.31
N VAL A 234 30.09 -31.95 -47.41
CA VAL A 234 31.34 -31.17 -47.53
C VAL A 234 32.12 -31.64 -48.75
N ASN A 235 32.21 -32.95 -48.94
CA ASN A 235 32.82 -33.52 -50.16
C ASN A 235 32.28 -32.98 -51.47
N ARG A 236 30.95 -32.99 -51.62
CA ARG A 236 30.35 -32.50 -52.84
C ARG A 236 30.30 -30.95 -52.92
N TYR A 237 30.49 -30.27 -51.77
CA TYR A 237 30.72 -28.82 -51.80
C TYR A 237 32.10 -28.56 -52.38
N ARG A 238 33.10 -29.24 -51.85
CA ARG A 238 34.48 -29.00 -52.27
C ARG A 238 34.73 -29.39 -53.75
N SER A 239 34.03 -30.41 -54.24
CA SER A 239 34.20 -30.85 -55.65
C SER A 239 33.45 -29.94 -56.65
N GLY A 240 32.57 -29.07 -56.16
CA GLY A 240 31.94 -28.06 -57.03
C GLY A 240 30.43 -28.17 -57.20
N GLU A 241 29.83 -29.25 -56.73
CA GLU A 241 28.40 -29.50 -56.96
C GLU A 241 27.48 -28.67 -56.08
N ILE A 242 27.87 -28.44 -54.82
CA ILE A 242 26.97 -27.82 -53.84
C ILE A 242 27.42 -26.38 -53.54
N ASP A 243 26.46 -25.44 -53.57
CA ASP A 243 26.78 -24.02 -53.29
C ASP A 243 26.74 -23.70 -51.78
N MET A 244 25.86 -24.38 -51.03
CA MET A 244 25.74 -24.19 -49.58
C MET A 244 25.47 -25.53 -48.89
N THR A 245 26.37 -25.96 -47.99
CA THR A 245 26.12 -27.14 -47.17
C THR A 245 24.96 -26.92 -46.21
N ASN A 246 24.43 -28.02 -45.69
CA ASN A 246 23.49 -27.97 -44.58
C ASN A 246 24.27 -27.50 -43.36
N ASN A 247 23.57 -26.99 -42.36
CA ASN A 247 24.27 -26.55 -41.16
C ASN A 247 24.55 -27.63 -40.12
N SER A 248 25.20 -28.70 -40.56
CA SER A 248 25.81 -29.63 -39.62
C SER A 248 27.08 -30.13 -40.22
N MET A 249 28.13 -29.99 -39.42
CA MET A 249 29.49 -30.25 -39.86
C MET A 249 29.95 -31.63 -39.41
N PRO A 250 30.99 -32.16 -40.12
CA PRO A 250 31.73 -33.33 -39.69
C PRO A 250 32.74 -32.92 -38.62
N ILE A 251 32.66 -33.57 -37.46
CA ILE A 251 33.41 -33.16 -36.29
C ILE A 251 34.90 -33.16 -36.60
N GLU A 252 35.37 -34.19 -37.31
CA GLU A 252 36.81 -34.36 -37.59
C GLU A 252 37.35 -33.44 -38.69
N LEU A 253 36.48 -32.74 -39.41
CA LEU A 253 36.94 -31.91 -40.54
C LEU A 253 36.83 -30.39 -40.34
N PHE A 254 36.08 -29.94 -39.33
CA PHE A 254 35.82 -28.50 -39.17
C PHE A 254 37.09 -27.62 -39.17
N GLN A 255 38.16 -28.04 -38.47
CA GLN A 255 39.40 -27.24 -38.35
C GLN A 255 40.27 -27.21 -39.62
N LYS A 256 40.31 -28.33 -40.35
CA LYS A 256 40.87 -28.35 -41.72
C LYS A 256 40.17 -27.31 -42.59
N LEU A 257 38.84 -27.25 -42.51
CA LEU A 257 38.06 -26.34 -43.35
C LEU A 257 38.32 -24.88 -42.98
N LYS A 258 38.19 -24.54 -41.71
CA LYS A 258 38.54 -23.18 -41.30
C LYS A 258 40.00 -22.82 -41.68
N LYS A 259 40.93 -23.77 -41.61
CA LYS A 259 42.31 -23.48 -42.06
C LYS A 259 42.42 -23.33 -43.59
N GLU A 260 41.55 -23.98 -44.36
CA GLU A 260 41.74 -24.08 -45.83
C GLU A 260 40.87 -23.11 -46.60
N ILE A 261 39.60 -23.01 -46.24
CA ILE A 261 38.71 -22.05 -46.88
C ILE A 261 38.09 -21.12 -45.83
N PRO A 262 38.93 -20.42 -45.04
CA PRO A 262 38.44 -19.67 -43.87
C PRO A 262 37.26 -18.75 -44.18
N ASP A 263 37.30 -18.10 -45.35
CA ASP A 263 36.26 -17.12 -45.74
C ASP A 263 34.94 -17.76 -46.17
N GLU A 264 34.92 -19.07 -46.40
CA GLU A 264 33.65 -19.78 -46.71
C GLU A 264 32.95 -20.46 -45.51
N VAL A 265 33.57 -20.40 -44.34
CA VAL A 265 33.03 -21.05 -43.13
C VAL A 265 32.28 -20.03 -42.29
N HIS A 266 30.95 -20.17 -42.26
CA HIS A 266 30.11 -19.32 -41.45
C HIS A 266 29.70 -20.02 -40.18
N VAL A 267 29.85 -19.34 -39.04
CA VAL A 267 29.32 -19.82 -37.75
C VAL A 267 28.59 -18.70 -37.02
N ASP A 268 27.28 -18.85 -36.86
CA ASP A 268 26.40 -17.84 -36.26
C ASP A 268 25.53 -18.40 -35.11
N PRO A 269 25.04 -17.53 -34.21
CA PRO A 269 24.10 -18.01 -33.19
C PRO A 269 22.93 -18.75 -33.79
N TYR A 270 22.40 -19.75 -33.06
CA TYR A 270 21.29 -20.58 -33.55
C TYR A 270 20.43 -21.10 -32.38
N LEU A 271 19.14 -20.77 -32.35
CA LEU A 271 18.29 -21.05 -31.19
C LEU A 271 17.71 -22.48 -31.23
N CYS A 272 18.58 -23.46 -31.08
CA CYS A 272 18.21 -24.86 -31.02
C CYS A 272 19.02 -25.60 -29.95
N THR A 273 18.44 -26.70 -29.45
CA THR A 273 19.03 -27.45 -28.36
C THR A 273 19.15 -28.91 -28.77
N TYR A 274 20.36 -29.47 -28.59
CA TYR A 274 20.63 -30.87 -28.83
C TYR A 274 20.41 -31.57 -27.50
N TYR A 275 19.63 -32.66 -27.51
CA TYR A 275 19.37 -33.45 -26.31
C TYR A 275 18.97 -34.87 -26.62
N TYR A 276 18.91 -35.69 -25.58
CA TYR A 276 18.50 -37.09 -25.69
C TYR A 276 17.14 -37.15 -25.05
N GLU A 277 16.16 -37.33 -25.91
CA GLU A 277 14.76 -37.31 -25.55
C GLU A 277 14.43 -38.64 -24.90
N ILE A 278 13.89 -38.58 -23.69
CA ILE A 278 13.38 -39.75 -22.99
C ILE A 278 11.91 -39.97 -23.26
N ASN A 279 11.54 -41.22 -23.57
CA ASN A 279 10.13 -41.60 -23.66
C ASN A 279 9.65 -41.76 -22.23
N ASN A 280 8.97 -40.71 -21.74
CA ASN A 280 8.57 -40.68 -20.32
C ASN A 280 7.49 -41.70 -20.00
N GLN A 281 6.87 -42.31 -21.03
CA GLN A 281 5.82 -43.31 -20.82
C GLN A 281 6.28 -44.76 -21.03
N LYS A 282 7.55 -44.97 -21.32
CA LYS A 282 8.08 -46.30 -21.58
C LYS A 282 8.86 -46.78 -20.38
N PRO A 283 8.39 -47.85 -19.70
CA PRO A 283 9.16 -48.29 -18.54
C PRO A 283 10.57 -48.74 -18.94
N PRO A 284 11.57 -48.49 -18.08
CA PRO A 284 11.53 -47.89 -16.74
C PRO A 284 11.57 -46.36 -16.66
N PHE A 285 11.39 -45.70 -17.80
CA PHE A 285 11.55 -44.26 -17.92
C PHE A 285 10.26 -43.53 -17.54
N ASN A 286 9.29 -44.28 -17.05
CA ASN A 286 8.21 -43.66 -16.30
C ASN A 286 8.64 -43.38 -14.85
N ASP A 287 9.88 -43.79 -14.48
CA ASP A 287 10.39 -43.54 -13.14
C ASP A 287 11.36 -42.35 -13.10
N VAL A 288 10.97 -41.33 -12.34
CA VAL A 288 11.70 -40.06 -12.33
C VAL A 288 13.15 -40.27 -11.89
N ARG A 289 13.38 -41.24 -11.01
CA ARG A 289 14.75 -41.52 -10.55
C ARG A 289 15.60 -42.09 -11.68
N VAL A 290 14.97 -42.88 -12.53
CA VAL A 290 15.65 -43.45 -13.68
C VAL A 290 15.98 -42.35 -14.68
N ARG A 291 15.01 -41.49 -14.99
CA ARG A 291 15.28 -40.37 -15.90
C ARG A 291 16.43 -39.49 -15.35
N THR A 292 16.42 -39.25 -14.03
CA THR A 292 17.38 -38.37 -13.40
C THR A 292 18.77 -38.98 -13.50
N ALA A 293 18.85 -40.29 -13.32
CA ALA A 293 20.15 -41.00 -13.45
C ALA A 293 20.68 -40.89 -14.87
N LEU A 294 19.85 -41.10 -15.89
CA LEU A 294 20.35 -40.91 -17.27
C LEU A 294 20.86 -39.47 -17.51
N LYS A 295 20.09 -38.48 -17.04
CA LYS A 295 20.46 -37.06 -17.21
C LYS A 295 21.81 -36.70 -16.59
N LEU A 296 22.00 -37.11 -15.31
CA LEU A 296 23.19 -36.78 -14.54
C LEU A 296 24.41 -37.56 -15.00
N GLY A 297 24.20 -38.77 -15.54
CA GLY A 297 25.30 -39.64 -15.92
C GLY A 297 26.00 -39.29 -17.22
N MET A 298 25.31 -38.51 -18.04
CA MET A 298 25.84 -37.99 -19.29
C MET A 298 26.94 -36.96 -19.04
N ASP A 299 28.10 -37.09 -19.70
CA ASP A 299 29.21 -36.15 -19.49
C ASP A 299 29.26 -35.14 -20.63
N ARG A 300 28.47 -34.09 -20.45
CA ARG A 300 28.38 -33.00 -21.40
C ARG A 300 29.68 -32.33 -21.83
N ASP A 301 30.70 -32.31 -20.96
CA ASP A 301 31.99 -31.66 -21.28
C ASP A 301 32.85 -32.52 -22.20
N ILE A 302 32.78 -33.84 -22.02
CA ILE A 302 33.31 -34.78 -22.99
C ILE A 302 32.63 -34.63 -24.36
N ILE A 303 31.31 -34.47 -24.37
CA ILE A 303 30.56 -34.31 -25.65
C ILE A 303 30.82 -32.97 -26.36
N VAL A 304 30.72 -31.84 -25.64
CA VAL A 304 30.99 -30.52 -26.25
C VAL A 304 32.49 -30.38 -26.67
N ASN A 305 33.37 -31.05 -25.96
CA ASN A 305 34.79 -31.04 -26.37
C ASN A 305 35.08 -31.69 -27.74
N LYS A 306 34.05 -32.29 -28.36
CA LYS A 306 34.20 -32.87 -29.69
C LYS A 306 33.92 -31.82 -30.76
N VAL A 307 33.15 -30.80 -30.36
CA VAL A 307 32.71 -29.73 -31.25
C VAL A 307 33.18 -28.32 -30.78
N LYS A 308 34.13 -28.29 -29.83
CA LYS A 308 34.55 -27.02 -29.20
C LYS A 308 35.06 -25.97 -30.19
N ALA A 309 35.75 -26.40 -31.26
CA ALA A 309 36.16 -25.47 -32.33
C ALA A 309 34.96 -24.63 -32.85
N GLN A 310 33.79 -25.24 -32.84
CA GLN A 310 32.57 -24.58 -33.40
C GLN A 310 31.85 -23.68 -32.40
N GLY A 311 32.23 -23.80 -31.13
CA GLY A 311 31.78 -22.93 -30.04
C GLY A 311 30.48 -23.31 -29.35
N ASN A 312 30.06 -24.58 -29.44
CA ASN A 312 28.85 -25.04 -28.75
C ASN A 312 29.00 -24.98 -27.23
N MET A 313 27.95 -24.52 -26.53
CA MET A 313 27.99 -24.48 -25.07
C MET A 313 27.19 -25.65 -24.48
N PRO A 314 27.68 -26.23 -23.38
CA PRO A 314 26.99 -27.38 -22.79
C PRO A 314 25.64 -26.98 -22.18
N ALA A 315 24.63 -27.83 -22.36
CA ALA A 315 23.25 -27.49 -22.00
C ALA A 315 22.84 -28.05 -20.62
N TYR A 316 22.03 -27.27 -19.91
CA TYR A 316 21.48 -27.61 -18.60
C TYR A 316 19.95 -27.59 -18.58
N GLY A 317 19.35 -27.23 -19.72
CA GLY A 317 17.89 -27.13 -19.85
C GLY A 317 17.49 -27.27 -21.30
N TYR A 318 16.24 -26.95 -21.57
CA TYR A 318 15.67 -27.12 -22.88
C TYR A 318 15.73 -25.81 -23.66
N THR A 319 14.92 -24.79 -23.29
CA THR A 319 15.02 -23.50 -23.99
C THR A 319 16.40 -22.85 -23.86
N PRO A 320 16.99 -22.45 -25.01
CA PRO A 320 18.32 -21.85 -25.08
C PRO A 320 18.42 -20.60 -24.23
N PRO A 321 19.50 -20.44 -23.46
CA PRO A 321 19.60 -19.27 -22.55
C PRO A 321 19.51 -17.91 -23.24
N TYR A 322 19.90 -17.87 -24.52
CA TYR A 322 19.95 -16.63 -25.27
C TYR A 322 18.66 -16.37 -26.04
N THR A 323 17.59 -17.15 -25.80
CA THR A 323 16.34 -16.84 -26.46
C THR A 323 15.74 -15.55 -25.87
N ASP A 324 14.99 -14.82 -26.69
CA ASP A 324 14.47 -13.51 -26.31
C ASP A 324 13.42 -13.70 -25.21
N GLY A 325 13.61 -13.03 -24.07
CA GLY A 325 12.72 -13.21 -22.91
C GLY A 325 13.14 -14.29 -21.93
N ALA A 326 14.24 -15.00 -22.20
CA ALA A 326 14.78 -15.99 -21.27
C ALA A 326 15.82 -15.33 -20.36
N LYS A 327 15.72 -15.61 -19.05
CA LYS A 327 16.80 -15.34 -18.09
C LYS A 327 16.93 -16.53 -17.14
N LEU A 328 17.60 -17.58 -17.62
CA LEU A 328 17.52 -18.89 -16.96
C LEU A 328 18.57 -19.04 -15.86
N THR A 329 18.31 -19.98 -14.94
CA THR A 329 19.25 -20.34 -13.88
C THR A 329 19.76 -21.75 -14.14
N GLN A 330 20.95 -22.07 -13.65
CA GLN A 330 21.52 -23.41 -13.77
C GLN A 330 21.18 -24.20 -12.52
N PRO A 331 20.70 -25.46 -12.68
CA PRO A 331 20.33 -26.21 -11.47
C PRO A 331 21.58 -26.63 -10.74
N GLU A 332 21.44 -26.97 -9.45
CA GLU A 332 22.60 -27.29 -8.59
C GLU A 332 23.41 -28.45 -9.13
N TRP A 333 22.75 -29.39 -9.79
CA TRP A 333 23.47 -30.56 -10.29
C TRP A 333 24.50 -30.17 -11.32
N PHE A 334 24.21 -29.11 -12.09
CA PHE A 334 25.15 -28.66 -13.15
C PHE A 334 26.52 -28.21 -12.60
N GLY A 335 26.55 -27.79 -11.33
CA GLY A 335 27.80 -27.31 -10.70
C GLY A 335 28.65 -28.40 -10.08
N TRP A 336 28.12 -29.63 -9.98
CA TRP A 336 28.90 -30.72 -9.36
C TRP A 336 30.05 -31.07 -10.25
N SER A 337 30.95 -31.89 -9.72
CA SER A 337 31.87 -32.67 -10.56
C SER A 337 31.07 -33.79 -11.23
N GLN A 338 31.60 -34.36 -12.32
CA GLN A 338 30.94 -35.51 -12.95
C GLN A 338 30.95 -36.77 -12.06
N GLU A 339 32.00 -36.95 -11.26
CA GLU A 339 32.05 -38.07 -10.33
C GLU A 339 30.90 -38.05 -9.32
N LYS A 340 30.53 -36.85 -8.86
CA LYS A 340 29.46 -36.70 -7.88
C LYS A 340 28.07 -36.94 -8.55
N ARG A 341 27.92 -36.40 -9.76
CA ARG A 341 26.79 -36.72 -10.63
C ARG A 341 26.59 -38.24 -10.87
N ASN A 342 27.70 -38.96 -11.10
CA ASN A 342 27.64 -40.41 -11.28
C ASN A 342 27.14 -41.11 -10.00
N GLU A 343 27.88 -40.95 -8.89
CA GLU A 343 27.43 -41.38 -7.57
C GLU A 343 25.93 -41.13 -7.37
N GLU A 344 25.48 -39.88 -7.46
CA GLU A 344 24.06 -39.62 -7.31
C GLU A 344 23.27 -40.55 -8.22
N ALA A 345 23.63 -40.63 -9.49
CA ALA A 345 22.86 -41.42 -10.47
C ALA A 345 22.73 -42.91 -10.15
N LYS A 346 23.83 -43.55 -9.75
CA LYS A 346 23.78 -44.96 -9.35
C LYS A 346 22.99 -45.22 -8.08
N LYS A 347 22.95 -44.24 -7.17
CA LYS A 347 22.13 -44.35 -5.97
C LYS A 347 20.66 -44.36 -6.40
N LEU A 348 20.32 -43.47 -7.33
CA LEU A 348 18.95 -43.34 -7.84
C LEU A 348 18.50 -44.60 -8.59
N LEU A 349 19.36 -45.08 -9.50
CA LEU A 349 19.10 -46.34 -10.20
C LEU A 349 18.83 -47.47 -9.18
N ALA A 350 19.68 -47.55 -8.16
CA ALA A 350 19.60 -48.60 -7.15
C ALA A 350 18.29 -48.50 -6.39
N GLU A 351 17.88 -47.28 -6.03
CA GLU A 351 16.58 -47.04 -5.38
C GLU A 351 15.39 -47.56 -6.20
N ALA A 352 15.50 -47.47 -7.53
CA ALA A 352 14.45 -47.96 -8.43
C ALA A 352 14.53 -49.48 -8.70
N GLY A 353 15.61 -50.13 -8.25
CA GLY A 353 15.79 -51.57 -8.41
C GLY A 353 16.87 -52.01 -9.41
N TYR A 354 17.50 -51.05 -10.08
CA TYR A 354 18.51 -51.34 -11.10
C TYR A 354 19.91 -51.22 -10.47
N THR A 355 20.57 -52.37 -10.30
CA THR A 355 21.87 -52.47 -9.63
C THR A 355 22.95 -52.99 -10.58
N ALA A 356 24.18 -53.00 -10.11
CA ALA A 356 25.29 -53.61 -10.85
C ALA A 356 24.86 -54.98 -11.38
N ASP A 357 24.51 -55.86 -10.45
CA ASP A 357 24.18 -57.26 -10.77
C ASP A 357 22.91 -57.44 -11.60
N LYS A 358 22.01 -56.46 -11.54
CA LYS A 358 20.75 -56.50 -12.27
C LYS A 358 20.64 -55.23 -13.13
N PRO A 359 21.53 -55.10 -14.16
CA PRO A 359 21.78 -53.87 -14.94
C PRO A 359 20.69 -53.50 -15.92
N LEU A 360 20.54 -52.21 -16.19
CA LEU A 360 19.61 -51.69 -17.19
C LEU A 360 20.22 -51.78 -18.60
N THR A 361 19.45 -52.31 -19.55
CA THR A 361 19.77 -52.25 -21.00
C THR A 361 18.74 -51.43 -21.79
N ILE A 362 19.26 -50.51 -22.64
CA ILE A 362 18.50 -49.44 -23.27
C ILE A 362 18.70 -49.37 -24.78
N ASN A 363 17.69 -48.98 -25.54
CA ASN A 363 17.95 -48.63 -26.94
C ASN A 363 18.00 -47.12 -27.19
N LEU A 364 19.09 -46.68 -27.80
CA LEU A 364 19.27 -45.28 -28.20
C LEU A 364 18.97 -45.15 -29.70
N LEU A 365 17.85 -44.52 -30.03
CA LEU A 365 17.46 -44.28 -31.41
C LEU A 365 18.07 -42.98 -31.97
N TYR A 366 18.51 -43.00 -33.23
CA TYR A 366 18.96 -41.77 -33.90
C TYR A 366 18.73 -41.81 -35.39
N ASN A 367 18.59 -40.62 -35.98
CA ASN A 367 18.49 -40.46 -37.45
C ASN A 367 19.85 -40.48 -38.14
N THR A 368 19.94 -41.19 -39.27
CA THR A 368 21.17 -41.34 -40.07
C THR A 368 21.91 -40.02 -40.26
N SER A 369 23.22 -40.03 -39.96
CA SER A 369 24.02 -38.82 -39.77
C SER A 369 25.35 -39.27 -39.20
N ASP A 370 26.47 -38.84 -39.80
CA ASP A 370 27.80 -39.14 -39.27
C ASP A 370 28.01 -38.47 -37.90
N LEU A 371 27.37 -37.30 -37.72
CA LEU A 371 27.46 -36.55 -36.47
C LEU A 371 26.73 -37.30 -35.36
N HIS A 372 25.43 -37.55 -35.56
CA HIS A 372 24.65 -38.22 -34.53
C HIS A 372 25.19 -39.62 -34.17
N LYS A 373 25.83 -40.28 -35.14
CA LYS A 373 26.35 -41.62 -34.96
C LYS A 373 27.58 -41.63 -34.07
N LYS A 374 28.50 -40.69 -34.25
CA LYS A 374 29.62 -40.57 -33.31
C LYS A 374 29.12 -40.14 -31.94
N LEU A 375 28.26 -39.13 -31.86
CA LEU A 375 27.79 -38.70 -30.53
C LEU A 375 26.89 -39.78 -29.84
N ALA A 376 26.22 -40.63 -30.61
CA ALA A 376 25.47 -41.76 -30.01
C ALA A 376 26.42 -42.85 -29.48
N ILE A 377 27.49 -43.10 -30.19
CA ILE A 377 28.52 -44.08 -29.75
C ILE A 377 29.28 -43.61 -28.48
N ALA A 378 29.56 -42.31 -28.40
CA ALA A 378 30.05 -41.67 -27.16
C ALA A 378 29.06 -41.74 -26.02
N ALA A 379 27.83 -41.27 -26.23
CA ALA A 379 26.79 -41.36 -25.22
C ALA A 379 26.64 -42.76 -24.62
N SER A 380 26.68 -43.79 -25.47
CA SER A 380 26.46 -45.13 -25.02
C SER A 380 27.67 -45.58 -24.22
N SER A 381 28.85 -45.15 -24.64
CA SER A 381 30.06 -45.52 -23.90
C SER A 381 30.14 -44.85 -22.50
N LEU A 382 29.90 -43.55 -22.44
CA LEU A 382 29.86 -42.79 -21.18
C LEU A 382 28.85 -43.41 -20.18
N TRP A 383 27.61 -43.63 -20.65
CA TRP A 383 26.57 -44.22 -19.80
C TRP A 383 26.93 -45.55 -19.21
N LYS A 384 27.61 -46.39 -19.98
CA LYS A 384 28.13 -47.67 -19.48
C LYS A 384 29.12 -47.47 -18.34
N LYS A 385 30.20 -46.75 -18.64
CA LYS A 385 31.25 -46.45 -17.66
C LYS A 385 30.72 -45.72 -16.43
N ASN A 386 29.92 -44.67 -16.65
CA ASN A 386 29.54 -43.75 -15.57
C ASN A 386 28.42 -44.22 -14.63
N ILE A 387 27.41 -44.88 -15.19
CA ILE A 387 26.28 -45.34 -14.39
C ILE A 387 25.86 -46.80 -14.61
N GLY A 388 26.64 -47.55 -15.40
CA GLY A 388 26.39 -48.96 -15.63
C GLY A 388 25.14 -49.31 -16.44
N VAL A 389 24.66 -48.38 -17.27
CA VAL A 389 23.61 -48.69 -18.22
C VAL A 389 24.19 -49.14 -19.57
N ASN A 390 23.72 -50.27 -20.08
CA ASN A 390 24.04 -50.78 -21.41
C ASN A 390 23.13 -50.13 -22.42
N VAL A 391 23.71 -49.58 -23.49
CA VAL A 391 22.95 -48.86 -24.52
C VAL A 391 23.26 -49.45 -25.91
N LYS A 392 22.23 -49.89 -26.61
CA LYS A 392 22.36 -50.38 -27.99
C LYS A 392 21.87 -49.31 -28.94
N LEU A 393 22.45 -49.24 -30.13
CA LEU A 393 22.09 -48.20 -31.10
C LEU A 393 21.13 -48.72 -32.14
N VAL A 394 20.23 -47.84 -32.58
CA VAL A 394 19.28 -48.19 -33.60
C VAL A 394 19.15 -46.97 -34.46
N ASN A 395 19.35 -47.11 -35.77
CA ASN A 395 19.26 -45.97 -36.68
C ASN A 395 18.15 -46.13 -37.72
N GLN A 396 17.45 -45.03 -37.93
CA GLN A 396 16.32 -44.97 -38.84
C GLN A 396 16.45 -43.74 -39.73
N GLU A 397 15.87 -43.82 -40.92
CA GLU A 397 15.76 -42.64 -41.79
C GLU A 397 14.84 -41.60 -41.18
N TRP A 398 15.10 -40.37 -41.58
CA TRP A 398 14.54 -39.18 -41.00
C TRP A 398 13.01 -39.23 -40.89
N LYS A 399 12.33 -39.58 -41.99
CA LYS A 399 10.85 -39.68 -41.99
C LYS A 399 10.36 -40.74 -40.99
N THR A 400 11.11 -41.83 -40.90
CA THR A 400 10.72 -42.95 -40.04
C THR A 400 11.03 -42.68 -38.56
N PHE A 401 12.22 -42.15 -38.32
CA PHE A 401 12.64 -41.56 -37.05
C PHE A 401 11.56 -40.69 -36.44
N LEU A 402 11.11 -39.72 -37.20
CA LEU A 402 10.10 -38.83 -36.68
C LEU A 402 8.82 -39.59 -36.26
N ASP A 403 8.33 -40.46 -37.14
CA ASP A 403 7.10 -41.25 -36.88
C ASP A 403 7.24 -42.13 -35.62
N THR A 404 8.36 -42.83 -35.52
CA THR A 404 8.66 -43.66 -34.37
C THR A 404 8.50 -42.90 -33.04
N ARG A 405 9.03 -41.68 -32.99
CA ARG A 405 8.96 -40.92 -31.75
C ARG A 405 7.50 -40.58 -31.42
N HIS A 406 6.69 -40.29 -32.43
CA HIS A 406 5.27 -40.02 -32.15
C HIS A 406 4.53 -41.26 -31.70
N GLN A 407 4.87 -42.43 -32.24
CA GLN A 407 4.19 -43.68 -31.88
C GLN A 407 4.63 -44.22 -30.52
N GLY A 408 5.83 -43.83 -30.09
CA GLY A 408 6.32 -44.18 -28.77
C GLY A 408 7.16 -45.45 -28.75
N THR A 409 7.58 -45.91 -29.93
CA THR A 409 8.21 -47.19 -30.05
C THR A 409 9.73 -47.01 -29.91
N PHE A 410 10.14 -46.34 -28.84
CA PHE A 410 11.59 -46.14 -28.54
C PHE A 410 11.76 -45.97 -27.01
N ASP A 411 12.98 -46.16 -26.54
CA ASP A 411 13.31 -45.87 -25.14
C ASP A 411 13.82 -44.42 -24.98
N VAL A 412 14.94 -44.15 -25.66
CA VAL A 412 15.64 -42.89 -25.62
C VAL A 412 16.04 -42.55 -27.06
N ALA A 413 16.08 -41.26 -27.40
CA ALA A 413 16.40 -40.88 -28.78
C ALA A 413 17.29 -39.64 -28.85
N ARG A 414 18.08 -39.54 -29.90
CA ARG A 414 18.78 -38.31 -30.23
C ARG A 414 17.70 -37.34 -30.67
N ALA A 415 17.80 -36.08 -30.27
CA ALA A 415 16.78 -35.08 -30.67
C ALA A 415 17.34 -33.68 -30.73
N GLY A 416 16.56 -32.77 -31.27
CA GLY A 416 17.02 -31.41 -31.54
C GLY A 416 15.75 -30.61 -31.76
N TRP A 417 15.58 -29.53 -31.02
CA TRP A 417 14.46 -28.62 -31.28
C TRP A 417 15.00 -27.26 -31.59
N CYS A 418 14.41 -26.64 -32.62
CA CYS A 418 14.75 -25.32 -33.10
C CYS A 418 13.56 -24.41 -32.92
N ALA A 419 13.78 -23.17 -32.47
CA ALA A 419 12.64 -22.28 -32.18
C ALA A 419 11.88 -22.07 -33.46
N ASP A 420 10.56 -21.92 -33.37
CA ASP A 420 9.80 -21.51 -34.54
C ASP A 420 9.60 -19.99 -34.51
N TYR A 421 9.60 -19.40 -33.31
CA TYR A 421 9.61 -17.96 -33.13
C TYR A 421 10.44 -17.66 -31.87
N ASN A 422 10.97 -16.44 -31.77
CA ASN A 422 11.98 -16.15 -30.77
C ASN A 422 11.40 -15.74 -29.42
N GLU A 423 10.86 -16.72 -28.71
CA GLU A 423 10.16 -16.48 -27.49
C GLU A 423 10.04 -17.84 -26.81
N PRO A 424 10.10 -17.86 -25.48
CA PRO A 424 10.44 -19.13 -24.84
C PRO A 424 9.34 -20.19 -24.93
N THR A 425 8.08 -19.76 -25.12
CA THR A 425 7.00 -20.68 -25.30
C THR A 425 7.14 -21.49 -26.59
N SER A 426 7.96 -21.05 -27.53
CA SER A 426 8.27 -21.83 -28.76
C SER A 426 8.91 -23.17 -28.44
N PHE A 427 9.61 -23.21 -27.32
CA PHE A 427 10.11 -24.45 -26.75
C PHE A 427 9.17 -25.03 -25.69
N LEU A 428 8.85 -24.24 -24.67
CA LEU A 428 8.14 -24.77 -23.52
C LEU A 428 6.77 -25.37 -23.87
N ASN A 429 6.07 -24.79 -24.85
CA ASN A 429 4.78 -25.35 -25.25
C ASN A 429 4.82 -26.76 -25.86
N THR A 430 6.01 -27.25 -26.22
CA THR A 430 6.12 -28.57 -26.78
C THR A 430 6.15 -29.61 -25.67
N MET A 431 6.18 -29.16 -24.42
CA MET A 431 6.19 -30.07 -23.30
C MET A 431 4.83 -30.06 -22.60
N LEU A 432 3.87 -29.30 -23.13
CA LEU A 432 2.53 -29.36 -22.58
C LEU A 432 1.92 -30.77 -22.77
N SER A 433 1.14 -31.23 -21.79
CA SER A 433 0.48 -32.56 -21.90
C SER A 433 -0.25 -32.77 -23.22
N ASN A 434 -1.01 -31.76 -23.64
CA ASN A 434 -1.85 -31.83 -24.81
C ASN A 434 -1.18 -31.48 -26.17
N SER A 435 0.15 -31.35 -26.23
CA SER A 435 0.78 -30.81 -27.43
C SER A 435 1.01 -31.89 -28.51
N SER A 436 0.52 -31.61 -29.72
CA SER A 436 0.86 -32.45 -30.88
C SER A 436 2.37 -32.65 -31.06
N MET A 437 3.23 -31.79 -30.51
CA MET A 437 4.72 -31.96 -30.65
C MET A 437 5.40 -32.67 -29.50
N ASN A 438 4.64 -33.08 -28.48
CA ASN A 438 5.25 -33.68 -27.29
C ASN A 438 5.65 -35.12 -27.54
N THR A 439 6.87 -35.28 -28.05
CA THR A 439 7.37 -36.59 -28.42
C THR A 439 8.14 -37.18 -27.24
N ALA A 440 8.38 -36.35 -26.24
CA ALA A 440 8.77 -36.76 -24.90
C ALA A 440 7.75 -37.66 -24.21
N HIS A 441 6.48 -37.51 -24.58
CA HIS A 441 5.39 -38.04 -23.79
C HIS A 441 5.42 -37.62 -22.33
N TYR A 442 5.86 -36.39 -22.10
CA TYR A 442 5.93 -35.79 -20.78
C TYR A 442 4.59 -35.15 -20.46
N LYS A 443 4.00 -35.54 -19.34
CA LYS A 443 2.69 -35.07 -18.92
C LYS A 443 2.74 -34.68 -17.40
N SER A 444 2.80 -33.36 -17.13
CA SER A 444 2.91 -32.80 -15.77
C SER A 444 1.84 -31.75 -15.58
N PRO A 445 0.80 -32.06 -14.78
CA PRO A 445 -0.16 -30.97 -14.58
C PRO A 445 0.46 -29.71 -13.93
N ALA A 446 1.55 -29.90 -13.16
CA ALA A 446 2.29 -28.78 -12.54
C ALA A 446 2.92 -27.88 -13.59
N PHE A 447 3.70 -28.48 -14.50
CA PHE A 447 4.25 -27.76 -15.69
C PHE A 447 3.17 -27.01 -16.45
N ASP A 448 2.11 -27.70 -16.79
CA ASP A 448 1.01 -27.10 -17.57
C ASP A 448 0.43 -25.84 -16.90
N SER A 449 0.24 -25.90 -15.58
CA SER A 449 -0.41 -24.81 -14.89
C SER A 449 0.55 -23.61 -14.72
N ILE A 450 1.85 -23.87 -14.62
CA ILE A 450 2.80 -22.80 -14.74
C ILE A 450 2.63 -22.08 -16.10
N MET A 451 2.51 -22.86 -17.19
CA MET A 451 2.50 -22.28 -18.50
C MET A 451 1.21 -21.48 -18.67
N ALA A 452 0.08 -21.96 -18.13
CA ALA A 452 -1.14 -21.16 -18.18
C ALA A 452 -0.91 -19.81 -17.46
N GLU A 453 -0.24 -19.81 -16.30
CA GLU A 453 0.03 -18.56 -15.58
C GLU A 453 0.73 -17.47 -16.44
N THR A 454 1.61 -17.89 -17.37
CA THR A 454 2.37 -16.91 -18.18
C THR A 454 1.48 -15.94 -18.97
N LEU A 455 0.22 -16.27 -19.18
CA LEU A 455 -0.65 -15.36 -19.93
C LEU A 455 -1.74 -14.76 -19.03
N LYS A 456 -1.51 -14.81 -17.72
CA LYS A 456 -2.37 -14.13 -16.75
C LYS A 456 -1.58 -13.00 -16.10
N VAL A 457 -0.28 -12.95 -16.31
CA VAL A 457 0.56 -11.94 -15.67
C VAL A 457 0.50 -10.61 -16.43
N THR A 458 0.81 -9.54 -15.70
CA THR A 458 0.74 -8.16 -16.18
C THR A 458 1.98 -7.65 -16.95
N ASP A 459 3.17 -8.12 -16.58
CA ASP A 459 4.45 -7.60 -17.08
C ASP A 459 5.23 -8.68 -17.76
N GLU A 460 6.01 -8.29 -18.78
CA GLU A 460 6.97 -9.19 -19.43
C GLU A 460 8.02 -9.78 -18.51
N ALA A 461 8.41 -9.03 -17.49
CA ALA A 461 9.36 -9.51 -16.48
C ALA A 461 8.78 -10.65 -15.66
N GLN A 462 7.49 -10.56 -15.35
CA GLN A 462 6.77 -11.63 -14.64
C GLN A 462 6.72 -12.88 -15.51
N ARG A 463 6.34 -12.69 -16.76
CA ARG A 463 6.31 -13.78 -17.72
C ARG A 463 7.71 -14.44 -17.79
N THR A 464 8.75 -13.63 -17.90
CA THR A 464 10.12 -14.15 -17.93
C THR A 464 10.44 -14.96 -16.68
N ALA A 465 10.02 -14.48 -15.50
CA ALA A 465 10.29 -15.21 -14.29
C ALA A 465 9.57 -16.58 -14.30
N LEU A 466 8.31 -16.61 -14.74
CA LEU A 466 7.55 -17.87 -14.87
C LEU A 466 8.16 -18.86 -15.87
N TYR A 467 8.81 -18.40 -16.94
CA TYR A 467 9.46 -19.36 -17.84
C TYR A 467 10.61 -20.05 -17.15
N THR A 468 11.22 -19.38 -16.18
CA THR A 468 12.30 -20.02 -15.44
C THR A 468 11.79 -21.04 -14.41
N LYS A 469 10.62 -20.80 -13.82
CA LYS A 469 9.88 -21.81 -13.04
C LYS A 469 9.59 -23.07 -13.88
N ALA A 470 8.97 -22.88 -15.05
CA ALA A 470 8.70 -23.97 -15.99
C ALA A 470 9.95 -24.83 -16.25
N GLU A 471 11.03 -24.18 -16.67
CA GLU A 471 12.30 -24.89 -16.87
C GLU A 471 12.71 -25.67 -15.63
N GLN A 472 12.65 -25.02 -14.47
CA GLN A 472 13.02 -25.67 -13.21
C GLN A 472 12.17 -26.93 -12.95
N GLN A 473 10.87 -26.83 -13.19
CA GLN A 473 9.98 -27.95 -13.00
C GLN A 473 10.28 -29.06 -13.99
N LEU A 474 10.62 -28.67 -15.22
CA LEU A 474 10.96 -29.62 -16.28
C LEU A 474 12.21 -30.39 -15.91
N ASP A 475 13.16 -29.70 -15.28
CA ASP A 475 14.44 -30.30 -14.88
C ASP A 475 14.32 -31.17 -13.62
N LYS A 476 13.47 -30.75 -12.69
CA LYS A 476 13.17 -31.54 -11.48
C LYS A 476 12.47 -32.87 -11.82
N ASP A 477 11.70 -32.86 -12.92
CA ASP A 477 11.10 -34.09 -13.43
C ASP A 477 11.99 -34.90 -14.37
N SER A 478 13.22 -34.43 -14.58
CA SER A 478 14.13 -34.96 -15.60
C SER A 478 13.44 -35.44 -16.89
N ALA A 479 12.58 -34.60 -17.47
CA ALA A 479 11.92 -34.90 -18.73
C ALA A 479 12.90 -35.28 -19.84
N ILE A 480 14.06 -34.62 -19.90
CA ILE A 480 15.04 -34.88 -20.96
C ILE A 480 16.47 -34.89 -20.46
N VAL A 481 17.39 -35.34 -21.31
CA VAL A 481 18.82 -35.23 -21.08
C VAL A 481 19.38 -34.12 -21.98
N PRO A 482 19.60 -32.90 -21.42
CA PRO A 482 20.12 -31.83 -22.27
C PRO A 482 21.57 -32.13 -22.52
N VAL A 483 22.08 -31.86 -23.71
CA VAL A 483 23.46 -32.13 -24.07
C VAL A 483 24.25 -30.84 -24.41
N TYR A 484 23.91 -30.19 -25.52
CA TYR A 484 24.49 -28.88 -25.87
C TYR A 484 23.54 -27.92 -26.61
N TYR A 485 23.86 -26.61 -26.57
CA TYR A 485 23.14 -25.63 -27.39
C TYR A 485 23.87 -25.56 -28.75
N TYR A 486 23.05 -25.45 -29.80
CA TYR A 486 23.54 -25.43 -31.18
C TYR A 486 24.31 -24.15 -31.55
N VAL A 487 24.89 -24.23 -32.72
CA VAL A 487 25.59 -23.19 -33.43
C VAL A 487 25.06 -23.45 -34.84
N ASN A 488 24.90 -22.40 -35.67
CA ASN A 488 24.56 -22.53 -37.11
C ASN A 488 25.85 -22.44 -37.92
N ALA A 489 26.51 -23.59 -38.13
CA ALA A 489 27.74 -23.66 -38.92
C ALA A 489 27.50 -24.33 -40.28
N ARG A 490 27.86 -23.64 -41.36
CA ARG A 490 27.73 -24.18 -42.73
C ARG A 490 28.75 -23.54 -43.64
N LEU A 491 29.02 -24.22 -44.75
CA LEU A 491 29.92 -23.71 -45.79
C LEU A 491 29.07 -23.03 -46.88
N VAL A 492 29.54 -21.87 -47.38
CA VAL A 492 28.84 -21.09 -48.43
C VAL A 492 29.85 -20.57 -49.43
N LYS A 493 29.64 -20.89 -50.71
CA LYS A 493 30.59 -20.51 -51.75
C LYS A 493 30.80 -18.98 -51.84
N PRO A 494 32.01 -18.56 -52.21
CA PRO A 494 32.26 -17.11 -52.26
C PRO A 494 31.36 -16.29 -53.20
N TRP A 495 30.73 -16.92 -54.19
CA TRP A 495 29.86 -16.20 -55.15
C TRP A 495 28.42 -16.16 -54.73
N VAL A 496 28.04 -16.90 -53.70
CA VAL A 496 26.69 -16.79 -53.20
C VAL A 496 26.53 -15.56 -52.30
N GLY A 497 25.55 -14.72 -52.64
CA GLY A 497 25.27 -13.49 -51.91
C GLY A 497 23.91 -13.51 -51.26
N GLY A 498 23.76 -12.72 -50.20
CA GLY A 498 22.50 -12.56 -49.52
C GLY A 498 22.27 -13.50 -48.35
N TYR A 499 23.29 -14.26 -47.97
CA TYR A 499 23.27 -15.05 -46.75
C TYR A 499 24.04 -14.31 -45.66
N THR A 500 23.33 -13.71 -44.71
CA THR A 500 23.96 -12.94 -43.60
C THR A 500 24.28 -13.80 -42.36
N GLY A 501 23.48 -14.84 -42.14
CA GLY A 501 23.61 -15.69 -40.96
C GLY A 501 23.12 -15.04 -39.67
N LYS A 502 22.37 -13.94 -39.79
CA LYS A 502 22.09 -13.10 -38.62
C LYS A 502 20.69 -13.34 -38.03
N ASP A 503 19.89 -14.17 -38.68
CA ASP A 503 18.64 -14.64 -38.08
C ASP A 503 18.95 -15.85 -37.20
N PRO A 504 18.81 -15.70 -35.86
CA PRO A 504 19.18 -16.85 -35.00
C PRO A 504 18.25 -18.06 -35.13
N LEU A 505 17.09 -17.92 -35.80
CA LEU A 505 16.28 -19.10 -36.21
C LEU A 505 16.63 -19.62 -37.62
N ASP A 506 17.46 -18.89 -38.34
CA ASP A 506 17.95 -19.29 -39.68
C ASP A 506 16.87 -19.55 -40.70
N ASN A 507 15.82 -18.71 -40.67
CA ASN A 507 14.77 -18.78 -41.65
C ASN A 507 15.10 -17.95 -42.90
N THR A 508 16.02 -18.45 -43.72
CA THR A 508 16.39 -17.77 -44.95
C THR A 508 15.42 -18.11 -46.08
N TYR A 509 15.39 -17.26 -47.10
CA TYR A 509 14.59 -17.48 -48.28
C TYR A 509 15.47 -17.34 -49.50
N THR A 510 15.24 -18.20 -50.48
CA THR A 510 15.92 -18.15 -51.76
C THR A 510 15.70 -16.81 -52.48
N ARG A 511 14.50 -16.22 -52.35
CA ARG A 511 14.23 -14.89 -52.91
C ARG A 511 15.08 -13.75 -52.35
N ASN A 512 15.98 -14.04 -51.40
CA ASN A 512 16.91 -13.04 -50.89
C ASN A 512 18.33 -13.23 -51.39
N MET A 513 18.63 -14.32 -52.07
CA MET A 513 19.97 -14.55 -52.53
C MET A 513 20.15 -14.27 -54.02
N TYR A 514 21.40 -14.31 -54.44
CA TYR A 514 21.77 -14.01 -55.79
C TYR A 514 23.17 -14.52 -55.94
N ILE A 515 23.61 -14.66 -57.19
CA ILE A 515 24.91 -15.22 -57.53
C ILE A 515 25.75 -14.18 -58.25
N VAL A 516 26.98 -14.00 -57.75
CA VAL A 516 27.90 -13.00 -58.25
C VAL A 516 28.67 -13.66 -59.40
N LYS A 517 28.92 -12.91 -60.46
CA LYS A 517 29.69 -13.43 -61.60
C LYS A 517 31.03 -13.99 -61.16
N HIS A 518 31.37 -15.15 -61.69
CA HIS A 518 32.64 -15.82 -61.36
C HIS A 518 33.02 -16.80 -62.43
N ALA B 2 14.11 44.10 35.28
CA ALA B 2 15.59 44.27 35.38
C ALA B 2 15.95 45.73 35.11
N ASP B 3 17.10 46.12 35.64
CA ASP B 3 17.62 47.48 35.48
C ASP B 3 19.05 47.28 35.02
N VAL B 4 19.28 47.44 33.72
CA VAL B 4 20.61 47.27 33.14
C VAL B 4 21.43 48.56 33.36
N PRO B 5 22.65 48.45 33.92
CA PRO B 5 23.40 49.68 34.13
C PRO B 5 23.80 50.36 32.82
N ALA B 6 23.87 51.69 32.82
CA ALA B 6 24.43 52.44 31.68
C ALA B 6 25.80 51.90 31.33
N GLY B 7 26.08 51.78 30.04
CA GLY B 7 27.40 51.35 29.56
C GLY B 7 27.54 49.86 29.25
N VAL B 8 26.56 49.07 29.67
CA VAL B 8 26.57 47.62 29.43
C VAL B 8 25.84 47.34 28.12
N THR B 9 26.46 46.59 27.22
CA THR B 9 25.76 46.14 25.99
C THR B 9 25.20 44.71 26.15
N LEU B 10 23.92 44.57 25.81
CA LEU B 10 23.22 43.29 25.96
C LEU B 10 23.59 42.33 24.83
N ALA B 11 23.68 41.04 25.13
CA ALA B 11 23.84 40.01 24.10
C ALA B 11 22.59 39.92 23.23
N GLU B 12 22.76 39.50 21.98
CA GLU B 12 21.62 39.31 21.09
C GLU B 12 20.72 38.17 21.57
N LYS B 13 21.32 37.14 22.16
CA LYS B 13 20.59 35.96 22.63
C LYS B 13 20.41 36.06 24.14
N GLN B 14 19.18 36.36 24.58
CA GLN B 14 18.90 36.55 26.00
C GLN B 14 18.27 35.29 26.60
N THR B 15 19.11 34.30 26.88
CA THR B 15 18.69 33.02 27.39
C THR B 15 19.56 32.62 28.58
N LEU B 16 18.95 31.97 29.55
CA LEU B 16 19.62 31.58 30.79
C LEU B 16 19.30 30.12 31.10
N VAL B 17 20.33 29.36 31.48
CA VAL B 17 20.15 28.02 32.02
C VAL B 17 20.60 27.98 33.48
N ARG B 18 19.71 27.54 34.36
CA ARG B 18 19.97 27.40 35.79
C ARG B 18 19.72 25.96 36.25
N ASN B 19 20.56 25.42 37.15
CA ASN B 19 20.22 24.16 37.83
C ASN B 19 19.42 24.41 39.09
N ASN B 20 18.27 23.73 39.16
CA ASN B 20 17.31 23.88 40.23
C ASN B 20 17.46 22.79 41.30
N GLY B 21 18.32 21.79 41.06
CA GLY B 21 18.66 20.79 42.10
C GLY B 21 17.86 19.50 42.17
N SER B 22 16.62 19.50 41.66
CA SER B 22 15.78 18.31 41.64
C SER B 22 14.53 18.55 40.82
N GLU B 23 13.80 17.48 40.55
CA GLU B 23 12.53 17.56 39.82
C GLU B 23 11.45 18.07 40.75
N VAL B 24 10.85 19.20 40.42
CA VAL B 24 9.80 19.81 41.26
C VAL B 24 8.68 18.84 41.61
N GLN B 25 8.15 18.95 42.83
CA GLN B 25 6.92 18.27 43.25
C GLN B 25 5.78 18.57 42.31
N SER B 26 5.68 19.85 41.94
CA SER B 26 4.52 20.36 41.22
C SER B 26 4.83 21.75 40.71
N LEU B 27 3.96 22.26 39.84
CA LEU B 27 3.95 23.66 39.43
C LEU B 27 2.70 24.39 39.92
N ASP B 28 1.79 23.64 40.56
CA ASP B 28 0.62 24.17 41.24
C ASP B 28 1.12 24.84 42.54
N PRO B 29 0.96 26.17 42.65
CA PRO B 29 1.47 26.84 43.85
C PRO B 29 0.86 26.37 45.18
N HIS B 30 -0.36 25.78 45.16
CA HIS B 30 -0.93 25.16 46.37
C HIS B 30 -0.46 23.73 46.64
N LYS B 31 0.49 23.20 45.87
CA LYS B 31 0.92 21.82 46.08
C LYS B 31 2.40 21.75 46.28
N ILE B 32 3.01 22.82 46.76
CA ILE B 32 4.47 22.88 46.88
C ILE B 32 4.91 23.34 48.29
N GLU B 33 6.13 22.91 48.66
CA GLU B 33 6.71 23.18 49.96
C GLU B 33 8.23 23.35 49.93
N GLY B 34 8.87 23.18 48.78
CA GLY B 34 10.36 23.23 48.70
C GLY B 34 10.92 24.46 48.00
N VAL B 35 12.23 24.66 48.12
CA VAL B 35 12.91 25.79 47.46
C VAL B 35 12.91 25.65 45.92
N PRO B 36 13.27 24.47 45.40
CA PRO B 36 13.23 24.30 43.94
C PRO B 36 11.86 24.60 43.34
N GLU B 37 10.82 24.18 44.06
CA GLU B 37 9.46 24.44 43.64
C GLU B 37 9.18 25.95 43.55
N SER B 38 9.56 26.69 44.59
CA SER B 38 9.38 28.15 44.67
C SER B 38 10.18 28.92 43.62
N ASN B 39 11.42 28.50 43.35
CA ASN B 39 12.25 29.11 42.31
C ASN B 39 11.53 29.19 40.97
N ILE B 40 10.89 28.12 40.54
CA ILE B 40 10.16 28.15 39.27
C ILE B 40 8.86 28.95 39.41
N SER B 41 8.19 28.79 40.56
CA SER B 41 6.89 29.45 40.81
C SER B 41 6.98 30.96 40.71
N ARG B 42 8.09 31.49 41.20
CA ARG B 42 8.34 32.94 41.20
C ARG B 42 8.36 33.51 39.78
N ASP B 43 8.77 32.70 38.79
CA ASP B 43 8.75 33.17 37.42
C ASP B 43 7.37 33.08 36.77
N LEU B 44 6.49 32.22 37.31
CA LEU B 44 5.24 31.89 36.65
C LEU B 44 4.05 32.63 37.22
N PHE B 45 4.09 32.90 38.53
CA PHE B 45 2.96 33.46 39.24
C PHE B 45 3.40 34.59 40.18
N GLU B 46 2.59 35.62 40.27
CA GLU B 46 2.97 36.83 41.04
C GLU B 46 1.84 37.20 41.97
N GLY B 47 2.15 37.23 43.25
CA GLY B 47 1.18 37.63 44.27
C GLY B 47 1.09 39.12 44.49
N LEU B 48 0.61 39.49 45.67
CA LEU B 48 0.41 40.91 46.00
C LEU B 48 1.71 41.69 46.06
N LEU B 49 2.75 41.08 46.62
CA LEU B 49 4.04 41.72 46.75
C LEU B 49 5.13 40.75 46.30
N VAL B 50 6.32 41.30 46.05
CA VAL B 50 7.53 40.53 45.70
C VAL B 50 8.73 40.98 46.56
N SER B 51 9.82 40.21 46.56
CA SER B 51 11.06 40.64 47.20
C SER B 51 11.87 41.51 46.22
N ASP B 52 12.33 42.68 46.66
CA ASP B 52 13.32 43.43 45.87
C ASP B 52 14.71 42.76 45.97
N LEU B 53 15.73 43.36 45.35
CA LEU B 53 17.06 42.72 45.26
C LEU B 53 17.74 42.56 46.61
N ASP B 54 17.31 43.33 47.60
CA ASP B 54 17.81 43.22 48.98
C ASP B 54 16.87 42.40 49.92
N GLY B 55 15.88 41.72 49.36
CA GLY B 55 14.96 40.90 50.15
C GLY B 55 13.84 41.67 50.83
N HIS B 56 13.70 42.96 50.54
CA HIS B 56 12.58 43.73 51.11
C HIS B 56 11.30 43.59 50.31
N PRO B 57 10.14 43.53 50.98
CA PRO B 57 8.87 43.53 50.25
C PRO B 57 8.66 44.75 49.36
N ALA B 58 8.12 44.51 48.16
CA ALA B 58 7.94 45.53 47.14
C ALA B 58 6.62 45.24 46.37
N PRO B 59 6.13 46.21 45.60
CA PRO B 59 4.84 46.02 44.90
C PRO B 59 4.87 44.86 43.88
N GLY B 60 3.85 44.02 43.88
CA GLY B 60 3.68 42.93 42.91
C GLY B 60 2.43 43.31 42.16
N VAL B 61 1.39 42.48 42.26
CA VAL B 61 0.08 42.85 41.70
C VAL B 61 -0.44 44.06 42.45
N ALA B 62 -0.22 44.11 43.76
CA ALA B 62 -0.54 45.31 44.54
C ALA B 62 0.44 46.44 44.23
N GLU B 63 -0.10 47.58 43.80
CA GLU B 63 0.72 48.80 43.61
C GLU B 63 0.88 49.60 44.91
N SER B 64 -0.14 49.58 45.77
CA SER B 64 -0.07 50.27 47.06
C SER B 64 -0.91 49.51 48.09
N TRP B 65 -0.69 49.79 49.36
CA TRP B 65 -1.46 49.13 50.41
C TRP B 65 -1.55 49.92 51.69
N ASP B 66 -2.51 49.51 52.51
CA ASP B 66 -2.91 50.22 53.72
C ASP B 66 -3.05 49.21 54.82
N ASN B 67 -3.09 49.68 56.07
CA ASN B 67 -3.45 48.82 57.18
C ASN B 67 -4.01 49.61 58.34
N LYS B 68 -4.96 49.02 59.06
CA LYS B 68 -5.44 49.55 60.33
C LYS B 68 -4.98 48.62 61.46
N ASP B 69 -4.19 49.17 62.38
CA ASP B 69 -3.73 48.45 63.55
C ASP B 69 -3.11 47.08 63.19
N ALA B 70 -2.54 46.99 61.99
CA ALA B 70 -1.89 45.78 61.52
C ALA B 70 -2.86 44.60 61.52
N LYS B 71 -4.16 44.92 61.35
CA LYS B 71 -5.23 43.97 61.57
C LYS B 71 -6.19 43.91 60.39
N VAL B 72 -6.56 45.06 59.84
CA VAL B 72 -7.25 45.06 58.54
C VAL B 72 -6.26 45.61 57.50
N TRP B 73 -5.92 44.81 56.49
CA TRP B 73 -5.03 45.22 55.40
C TRP B 73 -5.74 45.31 54.10
N THR B 74 -5.49 46.39 53.37
CA THR B 74 -6.11 46.62 52.08
C THR B 74 -5.10 46.82 50.97
N PHE B 75 -5.26 46.04 49.91
CA PHE B 75 -4.36 46.05 48.79
C PHE B 75 -5.05 46.61 47.55
N HIS B 76 -4.43 47.61 46.93
CA HIS B 76 -4.92 48.27 45.73
C HIS B 76 -4.19 47.73 44.52
N LEU B 77 -4.91 46.97 43.70
CA LEU B 77 -4.31 46.19 42.61
C LEU B 77 -4.18 47.06 41.37
N ARG B 78 -3.03 46.95 40.72
CA ARG B 78 -2.72 47.73 39.53
C ARG B 78 -3.61 47.33 38.37
N LYS B 79 -4.08 48.32 37.63
CA LYS B 79 -5.16 48.12 36.67
C LYS B 79 -4.76 47.34 35.43
N ASP B 80 -3.47 47.17 35.19
CA ASP B 80 -2.96 46.48 34.01
C ASP B 80 -2.36 45.10 34.31
N ALA B 81 -2.68 44.52 35.45
CA ALA B 81 -2.22 43.19 35.80
C ALA B 81 -3.00 42.22 34.94
N LYS B 82 -2.29 41.36 34.22
CA LYS B 82 -2.93 40.50 33.22
C LYS B 82 -2.46 39.07 33.34
N TRP B 83 -3.36 38.14 33.08
CA TRP B 83 -2.98 36.74 32.87
C TRP B 83 -2.46 36.54 31.46
N SER B 84 -1.80 35.40 31.22
CA SER B 84 -1.22 35.07 29.90
C SER B 84 -2.32 34.93 28.85
N ASP B 85 -3.51 34.60 29.33
CA ASP B 85 -4.79 34.80 28.65
C ASP B 85 -5.11 36.13 27.99
N GLY B 86 -4.55 37.21 28.53
CA GLY B 86 -5.01 38.55 28.18
C GLY B 86 -6.05 39.07 29.15
N THR B 87 -6.60 38.20 30.00
CA THR B 87 -7.65 38.58 30.94
C THR B 87 -7.04 39.27 32.15
N PRO B 88 -7.82 40.16 32.80
CA PRO B 88 -7.32 40.85 33.98
C PRO B 88 -7.17 39.96 35.20
N VAL B 89 -6.09 40.17 35.97
CA VAL B 89 -5.98 39.61 37.30
C VAL B 89 -6.82 40.48 38.22
N THR B 90 -7.71 39.88 39.00
CA THR B 90 -8.67 40.65 39.82
C THR B 90 -8.55 40.32 41.31
N ALA B 91 -9.23 41.10 42.16
CA ALA B 91 -9.27 40.80 43.60
C ALA B 91 -9.91 39.41 43.86
N GLN B 92 -10.94 39.07 43.08
CA GLN B 92 -11.62 37.76 43.20
C GLN B 92 -10.72 36.55 42.89
N ASP B 93 -9.72 36.73 42.03
CA ASP B 93 -8.76 35.69 41.77
C ASP B 93 -8.03 35.40 43.04
N PHE B 94 -7.75 36.46 43.81
CA PHE B 94 -7.07 36.29 45.06
C PHE B 94 -8.00 35.61 46.07
N VAL B 95 -9.29 35.98 46.08
CA VAL B 95 -10.25 35.41 47.02
C VAL B 95 -10.33 33.92 46.76
N TYR B 96 -10.53 33.56 45.49
CA TYR B 96 -10.57 32.17 45.06
C TYR B 96 -9.36 31.40 45.50
N SER B 97 -8.18 31.95 45.25
CA SER B 97 -6.93 31.22 45.43
C SER B 97 -6.58 31.01 46.90
N TRP B 98 -6.89 31.99 47.74
CA TRP B 98 -6.53 31.84 49.15
C TRP B 98 -7.44 30.85 49.79
N GLN B 99 -8.73 30.92 49.47
CA GLN B 99 -9.71 29.93 49.86
C GLN B 99 -9.27 28.52 49.47
N ARG B 100 -8.86 28.33 48.21
CA ARG B 100 -8.44 27.03 47.73
C ARG B 100 -7.23 26.56 48.53
N SER B 101 -6.36 27.51 48.90
N SER B 101 -6.35 27.48 48.91
CA SER B 101 -5.15 27.23 49.70
CA SER B 101 -5.15 27.12 49.67
C SER B 101 -5.45 26.56 51.04
C SER B 101 -5.46 26.52 51.05
N VAL B 102 -6.60 26.90 51.64
CA VAL B 102 -6.98 26.39 52.97
C VAL B 102 -8.08 25.32 52.93
N ASP B 103 -8.54 24.94 51.74
CA ASP B 103 -9.57 23.89 51.59
C ASP B 103 -8.94 22.54 51.95
N PRO B 104 -9.51 21.81 52.93
CA PRO B 104 -8.98 20.47 53.21
C PRO B 104 -8.93 19.62 51.93
N ASN B 105 -9.88 19.80 51.04
CA ASN B 105 -9.89 19.12 49.75
C ASN B 105 -8.65 19.34 48.87
N THR B 106 -7.93 20.44 49.05
CA THR B 106 -6.71 20.71 48.29
C THR B 106 -5.51 20.00 48.89
N ALA B 107 -5.58 19.76 50.21
CA ALA B 107 -4.50 19.10 50.96
C ALA B 107 -3.11 19.72 50.74
N SER B 108 -3.03 21.04 50.73
CA SER B 108 -1.76 21.74 50.53
C SER B 108 -0.80 21.56 51.70
N PRO B 109 0.46 21.22 51.42
CA PRO B 109 1.45 21.16 52.47
C PRO B 109 1.77 22.54 53.07
N TYR B 110 1.26 23.61 52.44
CA TYR B 110 1.31 24.98 52.99
C TYR B 110 -0.10 25.50 53.36
N ALA B 111 -1.04 24.60 53.67
CA ALA B 111 -2.38 25.04 54.11
C ALA B 111 -2.31 25.97 55.32
N SER B 112 -1.33 25.77 56.20
CA SER B 112 -1.22 26.50 57.44
C SER B 112 -0.53 27.87 57.28
N TYR B 113 0.02 28.16 56.09
CA TYR B 113 0.81 29.37 55.86
C TYR B 113 0.00 30.67 56.07
N LEU B 114 -1.18 30.77 55.51
CA LEU B 114 -2.02 31.92 55.80
C LEU B 114 -2.46 31.97 57.28
N GLN B 115 -2.49 30.82 57.96
CA GLN B 115 -2.77 30.79 59.39
C GLN B 115 -1.68 31.44 60.20
N TYR B 116 -0.43 31.33 59.74
CA TYR B 116 0.64 32.06 60.37
C TYR B 116 0.35 33.56 60.40
N GLY B 117 -0.44 34.05 59.46
CA GLY B 117 -0.88 35.45 59.43
C GLY B 117 -2.21 35.67 60.10
N HIS B 118 -2.85 34.58 60.55
CA HIS B 118 -4.05 34.64 61.39
C HIS B 118 -5.22 35.37 60.79
N ILE B 119 -5.46 35.13 59.50
CA ILE B 119 -6.62 35.68 58.77
C ILE B 119 -7.90 35.22 59.46
N ALA B 120 -8.94 36.06 59.49
CA ALA B 120 -10.14 35.67 60.23
C ALA B 120 -10.75 34.40 59.62
N GLY B 121 -11.26 33.54 60.48
CA GLY B 121 -11.93 32.30 60.07
C GLY B 121 -10.98 31.13 59.88
N ILE B 122 -9.70 31.39 59.65
CA ILE B 122 -8.84 30.32 59.19
C ILE B 122 -8.80 29.04 60.07
N ASP B 123 -8.74 29.16 61.38
CA ASP B 123 -8.55 28.01 62.27
C ASP B 123 -9.59 26.90 62.04
N GLU B 124 -10.86 27.28 62.08
CA GLU B 124 -11.96 26.35 61.88
C GLU B 124 -12.03 25.88 60.44
N ILE B 125 -11.71 26.76 59.49
CA ILE B 125 -11.74 26.35 58.09
C ILE B 125 -10.77 25.22 57.84
N LEU B 126 -9.54 25.35 58.32
CA LEU B 126 -8.53 24.32 58.15
C LEU B 126 -8.87 22.96 58.77
N GLU B 127 -9.74 22.98 59.78
CA GLU B 127 -10.20 21.78 60.49
C GLU B 127 -11.45 21.23 59.82
N GLY B 128 -11.98 21.93 58.85
CA GLY B 128 -13.10 21.43 58.07
C GLY B 128 -14.44 21.71 58.71
N LYS B 129 -14.47 22.50 59.77
CA LYS B 129 -15.72 22.77 60.50
C LYS B 129 -16.51 23.95 59.96
N LYS B 130 -15.89 24.74 59.08
CA LYS B 130 -16.52 25.89 58.46
C LYS B 130 -16.13 25.97 56.98
N PRO B 131 -17.04 26.46 56.12
CA PRO B 131 -16.76 26.54 54.71
C PRO B 131 -15.66 27.58 54.37
N ILE B 132 -15.01 27.40 53.23
CA ILE B 132 -13.90 28.27 52.82
C ILE B 132 -14.33 29.70 52.47
N THR B 133 -15.58 29.88 52.07
CA THR B 133 -16.15 31.22 51.86
C THR B 133 -16.17 32.10 53.16
N ASP B 134 -16.01 31.51 54.34
CA ASP B 134 -15.95 32.30 55.59
C ASP B 134 -14.59 32.98 55.85
N LEU B 135 -13.58 32.65 55.03
CA LEU B 135 -12.22 33.17 55.24
C LEU B 135 -12.26 34.68 55.11
N GLY B 136 -11.53 35.39 55.96
CA GLY B 136 -11.59 36.86 55.99
C GLY B 136 -10.85 37.61 54.90
N VAL B 137 -11.13 37.26 53.65
CA VAL B 137 -10.53 37.91 52.48
C VAL B 137 -11.66 38.22 51.53
N LYS B 138 -11.74 39.49 51.14
CA LYS B 138 -12.86 39.98 50.39
C LYS B 138 -12.40 40.86 49.25
N ALA B 139 -13.00 40.66 48.08
CA ALA B 139 -12.82 41.55 46.97
C ALA B 139 -13.79 42.71 47.18
N ILE B 140 -13.27 43.88 47.54
CA ILE B 140 -14.10 45.07 47.69
C ILE B 140 -14.46 45.56 46.30
N ASP B 141 -13.43 45.59 45.45
CA ASP B 141 -13.51 45.94 44.03
C ASP B 141 -12.88 44.86 43.20
N ASP B 142 -13.02 44.98 41.88
CA ASP B 142 -12.17 44.28 40.93
C ASP B 142 -10.68 44.48 41.23
N HIS B 143 -10.33 45.66 41.73
CA HIS B 143 -8.94 46.03 41.97
C HIS B 143 -8.61 46.39 43.41
N THR B 144 -9.41 45.91 44.35
CA THR B 144 -9.23 46.18 45.79
C THR B 144 -9.56 44.92 46.62
N LEU B 145 -8.53 44.43 47.32
CA LEU B 145 -8.60 43.24 48.16
C LEU B 145 -8.43 43.64 49.64
N GLU B 146 -9.31 43.12 50.49
CA GLU B 146 -9.33 43.44 51.91
C GLU B 146 -9.24 42.17 52.74
N VAL B 147 -8.14 42.06 53.47
CA VAL B 147 -7.83 40.92 54.33
C VAL B 147 -8.11 41.34 55.81
N THR B 148 -8.96 40.60 56.52
CA THR B 148 -9.19 40.87 57.94
C THR B 148 -8.62 39.78 58.81
N LEU B 149 -7.74 40.17 59.73
CA LEU B 149 -7.07 39.24 60.64
C LEU B 149 -7.82 39.20 61.96
N SER B 150 -7.55 38.20 62.79
CA SER B 150 -8.23 38.06 64.09
C SER B 150 -7.49 38.86 65.19
N GLU B 151 -6.27 39.29 64.89
CA GLU B 151 -5.46 40.10 65.79
C GLU B 151 -4.40 40.88 64.98
N PRO B 152 -3.75 41.89 65.58
CA PRO B 152 -2.73 42.64 64.89
C PRO B 152 -1.55 41.74 64.56
N VAL B 153 -1.05 41.81 63.33
CA VAL B 153 0.11 41.01 62.95
C VAL B 153 1.06 41.90 62.16
N PRO B 154 1.95 42.61 62.85
CA PRO B 154 2.75 43.63 62.18
C PRO B 154 3.50 43.18 60.91
N TYR B 155 3.89 41.91 60.87
CA TYR B 155 4.71 41.35 59.81
C TYR B 155 3.85 40.66 58.74
N PHE B 156 2.53 40.88 58.75
CA PHE B 156 1.63 40.18 57.86
C PHE B 156 2.05 40.34 56.41
N TYR B 157 2.37 41.59 56.02
CA TYR B 157 2.64 41.91 54.64
C TYR B 157 3.88 41.16 54.18
N LYS B 158 4.80 40.87 55.08
CA LYS B 158 5.99 40.10 54.70
C LYS B 158 5.69 38.66 54.16
N LEU B 159 4.61 38.04 54.60
CA LEU B 159 4.29 36.67 54.17
C LEU B 159 3.98 36.62 52.65
N LEU B 160 3.51 37.74 52.11
CA LEU B 160 2.78 37.78 50.83
C LEU B 160 3.65 37.78 49.57
N VAL B 161 4.96 37.72 49.76
CA VAL B 161 5.85 37.40 48.69
C VAL B 161 5.90 35.88 48.40
N HIS B 162 5.43 35.01 49.30
CA HIS B 162 5.58 33.54 49.11
C HIS B 162 4.68 33.00 48.06
N PRO B 163 5.21 32.14 47.19
CA PRO B 163 4.42 31.51 46.10
C PRO B 163 3.10 30.85 46.48
N SER B 164 2.95 30.28 47.68
CA SER B 164 1.64 29.72 48.07
C SER B 164 0.54 30.77 48.17
N THR B 165 0.92 32.04 48.24
CA THR B 165 -0.07 33.15 48.24
C THR B 165 -0.31 33.83 46.88
N SER B 166 0.36 33.36 45.82
CA SER B 166 0.08 33.81 44.42
C SER B 166 -1.32 33.41 43.95
N PRO B 167 -1.94 34.19 43.03
CA PRO B 167 -3.24 33.78 42.52
C PRO B 167 -3.09 32.62 41.51
N VAL B 168 -4.17 31.84 41.35
CA VAL B 168 -4.23 30.71 40.37
C VAL B 168 -5.53 30.78 39.57
N PRO B 169 -5.53 30.26 38.32
CA PRO B 169 -6.67 30.39 37.42
C PRO B 169 -7.79 29.34 37.58
N LYS B 170 -8.87 29.72 38.23
CA LYS B 170 -10.00 28.86 38.43
C LYS B 170 -10.42 28.07 37.18
N ALA B 171 -10.58 28.75 36.04
CA ALA B 171 -11.14 28.12 34.85
C ALA B 171 -10.27 26.96 34.37
N ALA B 172 -8.96 27.16 34.28
CA ALA B 172 -8.05 26.11 33.89
C ALA B 172 -8.01 25.01 34.95
N ILE B 173 -8.01 25.37 36.23
CA ILE B 173 -8.00 24.39 37.30
C ILE B 173 -9.23 23.46 37.26
N GLU B 174 -10.42 23.99 36.99
CA GLU B 174 -11.63 23.21 37.04
C GLU B 174 -11.85 22.36 35.77
N LYS B 175 -11.41 22.85 34.62
CA LYS B 175 -11.47 22.07 33.39
C LYS B 175 -10.46 20.93 33.35
N PHE B 176 -9.25 21.18 33.82
CA PHE B 176 -8.14 20.24 33.60
C PHE B 176 -7.64 19.50 34.84
N GLY B 177 -8.13 19.83 36.03
CA GLY B 177 -7.63 19.15 37.24
C GLY B 177 -6.11 19.26 37.34
N GLU B 178 -5.43 18.19 37.73
CA GLU B 178 -3.97 18.24 37.89
C GLU B 178 -3.19 18.55 36.62
N LYS B 179 -3.83 18.38 35.45
CA LYS B 179 -3.19 18.72 34.19
C LYS B 179 -3.27 20.21 33.87
N TRP B 180 -3.75 21.07 34.79
CA TRP B 180 -3.84 22.51 34.48
C TRP B 180 -2.51 23.18 34.24
N THR B 181 -1.44 22.61 34.80
CA THR B 181 -0.11 23.20 34.67
C THR B 181 0.66 22.72 33.43
N GLN B 182 0.04 21.88 32.60
CA GLN B 182 0.70 21.41 31.40
C GLN B 182 0.85 22.56 30.41
N PRO B 183 1.96 22.59 29.67
CA PRO B 183 2.27 23.66 28.74
C PRO B 183 1.08 24.34 28.05
N GLY B 184 0.24 23.60 27.36
CA GLY B 184 -0.86 24.24 26.63
C GLY B 184 -2.10 24.53 27.45
N ASN B 185 -2.13 24.09 28.71
CA ASN B 185 -3.29 24.32 29.58
C ASN B 185 -3.09 25.51 30.54
N ILE B 186 -1.85 25.67 30.99
CA ILE B 186 -1.49 26.60 32.07
C ILE B 186 -1.83 28.05 31.71
N VAL B 187 -2.19 28.84 32.71
CA VAL B 187 -2.43 30.25 32.54
C VAL B 187 -1.73 30.91 33.72
N THR B 188 -0.89 31.91 33.43
CA THR B 188 0.08 32.43 34.37
C THR B 188 0.02 33.94 34.42
N ASN B 189 0.57 34.53 35.49
CA ASN B 189 0.58 36.00 35.63
C ASN B 189 1.94 36.60 36.03
N GLY B 190 2.98 35.77 36.04
CA GLY B 190 4.33 36.24 36.28
C GLY B 190 4.98 36.72 34.99
N ALA B 191 6.30 36.94 35.03
CA ALA B 191 7.05 37.44 33.89
C ALA B 191 7.22 36.37 32.80
N TYR B 192 7.00 35.10 33.17
CA TYR B 192 7.14 33.98 32.26
C TYR B 192 5.92 33.07 32.23
N THR B 193 5.75 32.35 31.11
CA THR B 193 4.86 31.22 31.07
C THR B 193 5.61 29.94 30.78
N LEU B 194 4.90 28.81 30.82
CA LEU B 194 5.52 27.50 30.63
C LEU B 194 5.56 27.09 29.16
N LYS B 195 6.74 26.75 28.68
CA LYS B 195 6.89 26.34 27.27
C LYS B 195 6.97 24.82 27.13
N ASP B 196 7.89 24.20 27.86
CA ASP B 196 8.07 22.76 27.84
C ASP B 196 8.36 22.26 29.26
N TRP B 197 7.95 21.03 29.56
CA TRP B 197 8.28 20.36 30.82
C TRP B 197 8.54 18.90 30.53
N VAL B 198 9.81 18.53 30.50
CA VAL B 198 10.20 17.15 30.31
C VAL B 198 10.74 16.63 31.63
N VAL B 199 10.01 15.69 32.22
CA VAL B 199 10.28 15.21 33.59
C VAL B 199 11.69 14.66 33.71
N ASN B 200 12.40 15.07 34.76
CA ASN B 200 13.79 14.65 35.00
C ASN B 200 14.78 15.14 33.94
N GLU B 201 14.36 16.08 33.10
CA GLU B 201 15.23 16.62 32.06
C GLU B 201 15.31 18.14 32.10
N ARG B 202 14.17 18.80 31.88
CA ARG B 202 14.11 20.24 31.73
C ARG B 202 12.74 20.80 32.04
N ILE B 203 12.73 22.03 32.56
CA ILE B 203 11.58 22.92 32.49
C ILE B 203 12.04 24.18 31.73
N VAL B 204 11.34 24.53 30.65
CA VAL B 204 11.64 25.74 29.90
C VAL B 204 10.50 26.74 30.02
N LEU B 205 10.82 27.98 30.40
CA LEU B 205 9.86 29.09 30.47
C LEU B 205 10.15 30.16 29.42
N GLU B 206 9.10 30.79 28.92
CA GLU B 206 9.18 31.80 27.89
C GLU B 206 8.59 33.12 28.42
N ARG B 207 9.21 34.24 28.03
CA ARG B 207 8.78 35.57 28.47
C ARG B 207 7.32 35.88 28.06
N SER B 208 6.52 36.45 28.96
CA SER B 208 5.10 36.72 28.67
C SER B 208 4.85 38.16 28.31
N PRO B 209 4.47 38.45 27.07
CA PRO B 209 4.12 39.82 26.69
C PRO B 209 2.96 40.45 27.48
N THR B 210 2.11 39.62 28.07
CA THR B 210 0.96 40.12 28.83
C THR B 210 1.33 40.60 30.23
N TYR B 211 2.51 40.21 30.74
CA TYR B 211 2.94 40.60 32.07
C TYR B 211 3.01 42.11 32.17
N TRP B 212 2.42 42.68 33.24
CA TRP B 212 2.30 44.13 33.37
C TRP B 212 3.63 44.83 33.29
N ASN B 213 4.70 44.22 33.79
CA ASN B 213 6.00 44.87 33.77
C ASN B 213 6.96 44.27 32.75
N ASN B 214 6.39 43.66 31.71
CA ASN B 214 7.16 43.10 30.60
C ASN B 214 8.19 44.08 29.99
N ALA B 215 7.87 45.37 29.92
CA ALA B 215 8.84 46.33 29.37
C ALA B 215 10.20 46.27 30.06
N LYS B 216 10.24 45.78 31.31
CA LYS B 216 11.49 45.75 32.08
C LYS B 216 12.22 44.41 32.11
N THR B 217 11.56 43.37 31.63
CA THR B 217 12.17 42.06 31.55
C THR B 217 13.14 42.04 30.37
N VAL B 218 14.23 41.31 30.53
CA VAL B 218 15.24 41.22 29.50
C VAL B 218 15.36 39.79 28.97
N ILE B 219 15.41 38.81 29.89
CA ILE B 219 15.60 37.41 29.51
C ILE B 219 14.36 36.85 28.80
N ASN B 220 14.55 36.28 27.61
CA ASN B 220 13.44 35.80 26.79
C ASN B 220 13.04 34.36 27.13
N GLN B 221 14.01 33.58 27.58
CA GLN B 221 13.78 32.18 27.91
C GLN B 221 14.76 31.76 28.99
N VAL B 222 14.24 31.03 29.99
CA VAL B 222 15.03 30.43 31.06
C VAL B 222 14.64 28.95 31.16
N THR B 223 15.66 28.12 31.34
CA THR B 223 15.47 26.69 31.52
C THR B 223 15.97 26.31 32.91
N TYR B 224 15.18 25.50 33.61
CA TYR B 224 15.56 24.94 34.90
C TYR B 224 15.84 23.45 34.78
N LEU B 225 17.00 23.03 35.27
CA LEU B 225 17.39 21.63 35.25
C LEU B 225 17.18 21.00 36.63
N PRO B 226 16.98 19.68 36.67
CA PRO B 226 16.70 19.00 37.93
C PRO B 226 17.86 18.10 38.35
N ILE B 227 19.07 18.64 38.36
CA ILE B 227 20.27 17.82 38.64
C ILE B 227 20.54 17.80 40.15
N ALA B 228 20.42 16.62 40.76
CA ALA B 228 20.64 16.41 42.22
C ALA B 228 22.12 16.23 42.59
N SER B 229 22.92 15.74 41.66
CA SER B 229 24.36 15.61 41.90
C SER B 229 25.02 16.97 41.75
N GLU B 230 25.53 17.51 42.86
CA GLU B 230 26.25 18.79 42.83
C GLU B 230 27.55 18.70 41.97
N VAL B 231 28.11 17.51 41.83
CA VAL B 231 29.30 17.32 41.01
C VAL B 231 28.96 17.52 39.52
N THR B 232 27.86 16.89 39.08
CA THR B 232 27.40 17.03 37.70
C THR B 232 27.06 18.48 37.41
N ASP B 233 26.39 19.12 38.37
CA ASP B 233 26.02 20.55 38.26
C ASP B 233 27.25 21.40 37.89
N VAL B 234 28.34 21.23 38.65
CA VAL B 234 29.57 22.00 38.43
C VAL B 234 30.23 21.63 37.10
N ASN B 235 30.23 20.34 36.78
CA ASN B 235 30.81 19.85 35.52
C ASN B 235 30.09 20.45 34.31
N ARG B 236 28.76 20.35 34.28
CA ARG B 236 28.00 20.90 33.15
C ARG B 236 28.08 22.45 33.08
N TYR B 237 28.43 23.09 34.20
CA TYR B 237 28.68 24.53 34.25
C TYR B 237 30.02 24.85 33.56
N ARG B 238 31.10 24.24 34.04
CA ARG B 238 32.43 24.53 33.53
C ARG B 238 32.55 24.16 32.06
N SER B 239 31.93 23.05 31.67
CA SER B 239 31.85 22.66 30.25
C SER B 239 31.02 23.64 29.37
N GLY B 240 30.23 24.51 30.00
CA GLY B 240 29.57 25.61 29.29
C GLY B 240 28.05 25.57 29.16
N GLU B 241 27.42 24.48 29.56
CA GLU B 241 25.96 24.31 29.41
C GLU B 241 25.18 25.12 30.44
N ILE B 242 25.65 25.17 31.68
CA ILE B 242 24.87 25.78 32.78
C ILE B 242 25.41 27.17 33.11
N ASP B 243 24.52 28.17 33.17
CA ASP B 243 24.94 29.56 33.43
C ASP B 243 24.96 29.88 34.92
N MET B 244 24.15 29.17 35.71
CA MET B 244 24.11 29.37 37.16
C MET B 244 23.80 28.04 37.85
N THR B 245 24.73 27.58 38.69
CA THR B 245 24.51 26.38 39.49
C THR B 245 23.43 26.60 40.54
N ASN B 246 22.81 25.50 40.98
CA ASN B 246 22.05 25.49 42.24
C ASN B 246 23.03 25.87 43.37
N ASN B 247 22.50 26.41 44.46
CA ASN B 247 23.33 26.83 45.58
C ASN B 247 23.61 25.72 46.59
N SER B 248 24.21 24.65 46.08
CA SER B 248 24.68 23.54 46.89
C SER B 248 25.99 23.08 46.27
N MET B 249 27.09 23.31 46.99
CA MET B 249 28.43 23.01 46.49
C MET B 249 28.87 21.59 46.83
N PRO B 250 29.68 20.97 45.96
CA PRO B 250 30.27 19.71 46.39
C PRO B 250 31.41 19.97 47.39
N ILE B 251 31.39 19.23 48.51
CA ILE B 251 32.40 19.37 49.58
C ILE B 251 33.81 19.47 49.00
N GLU B 252 34.21 18.47 48.22
CA GLU B 252 35.59 18.37 47.72
C GLU B 252 36.02 19.40 46.68
N LEU B 253 35.10 19.91 45.86
CA LEU B 253 35.47 20.76 44.73
C LEU B 253 35.41 22.26 45.02
N PHE B 254 34.87 22.67 46.17
CA PHE B 254 34.68 24.10 46.44
C PHE B 254 35.98 24.93 46.43
N GLN B 255 37.07 24.41 47.01
CA GLN B 255 38.33 25.14 47.09
C GLN B 255 39.03 25.31 45.73
N LYS B 256 39.09 24.22 44.97
CA LYS B 256 39.58 24.25 43.59
C LYS B 256 38.83 25.29 42.74
N LEU B 257 37.51 25.35 42.87
CA LEU B 257 36.70 26.34 42.15
C LEU B 257 37.02 27.78 42.56
N LYS B 258 37.18 27.99 43.86
CA LYS B 258 37.38 29.33 44.44
C LYS B 258 38.69 29.97 44.02
N LYS B 259 39.75 29.17 44.00
CA LYS B 259 41.08 29.64 43.58
C LYS B 259 41.19 29.74 42.06
N GLU B 260 40.61 28.78 41.35
CA GLU B 260 40.61 28.81 39.89
C GLU B 260 39.75 29.94 39.31
N ILE B 261 38.56 30.13 39.87
CA ILE B 261 37.60 31.09 39.31
C ILE B 261 36.85 31.86 40.41
N PRO B 262 37.59 32.65 41.21
CA PRO B 262 36.98 33.39 42.33
C PRO B 262 35.82 34.30 41.93
N ASP B 263 36.00 35.09 40.88
CA ASP B 263 34.96 36.06 40.46
C ASP B 263 33.59 35.44 40.19
N GLU B 264 33.55 34.18 39.76
CA GLU B 264 32.29 33.46 39.46
C GLU B 264 31.71 32.73 40.68
N VAL B 265 32.42 32.76 41.81
CA VAL B 265 31.97 32.11 43.03
C VAL B 265 31.36 33.15 43.95
N HIS B 266 30.06 33.02 44.17
CA HIS B 266 29.29 33.90 45.05
C HIS B 266 28.93 33.18 46.32
N VAL B 267 29.15 33.83 47.46
CA VAL B 267 28.80 33.28 48.77
C VAL B 267 28.24 34.39 49.63
N ASP B 268 26.96 34.25 49.98
CA ASP B 268 26.22 35.26 50.72
C ASP B 268 25.41 34.65 51.87
N PRO B 269 25.04 35.46 52.89
CA PRO B 269 24.24 34.93 53.99
C PRO B 269 22.93 34.30 53.51
N TYR B 270 22.45 33.29 54.24
CA TYR B 270 21.28 32.52 53.87
C TYR B 270 20.59 32.06 55.13
N LEU B 271 19.31 32.36 55.24
CA LEU B 271 18.55 32.10 56.44
C LEU B 271 17.93 30.69 56.37
N CYS B 272 18.80 29.69 56.34
CA CYS B 272 18.39 28.28 56.37
C CYS B 272 19.22 27.50 57.40
N THR B 273 18.67 26.38 57.89
CA THR B 273 19.34 25.56 58.91
C THR B 273 19.43 24.09 58.50
N TYR B 274 20.62 23.50 58.64
CA TYR B 274 20.88 22.09 58.26
C TYR B 274 20.71 21.31 59.54
N TYR B 275 19.84 20.31 59.52
CA TYR B 275 19.60 19.52 60.73
C TYR B 275 19.13 18.13 60.41
N TYR B 276 19.33 17.24 61.37
CA TYR B 276 18.70 15.93 61.31
C TYR B 276 17.37 16.03 62.06
N GLU B 277 16.29 15.87 61.31
CA GLU B 277 14.93 15.85 61.85
C GLU B 277 14.58 14.47 62.44
N ILE B 278 14.22 14.47 63.72
CA ILE B 278 13.78 13.25 64.42
C ILE B 278 12.28 13.08 64.27
N ASN B 279 11.81 11.88 63.88
CA ASN B 279 10.38 11.61 63.91
C ASN B 279 9.94 11.43 65.36
N ASN B 280 9.35 12.49 65.93
CA ASN B 280 9.03 12.51 67.36
C ASN B 280 7.97 11.50 67.78
N GLN B 281 7.22 10.95 66.81
CA GLN B 281 6.18 9.94 67.08
C GLN B 281 6.55 8.50 66.71
N LYS B 282 7.77 8.23 66.24
CA LYS B 282 8.20 6.83 65.98
C LYS B 282 9.09 6.33 67.11
N PRO B 283 8.64 5.28 67.83
CA PRO B 283 9.42 4.71 68.91
C PRO B 283 10.80 4.30 68.45
N PRO B 284 11.82 4.50 69.30
CA PRO B 284 11.83 5.04 70.66
C PRO B 284 12.04 6.54 70.75
N PHE B 285 11.91 7.27 69.63
CA PHE B 285 12.09 8.73 69.59
C PHE B 285 10.89 9.54 70.09
N ASN B 286 9.90 8.87 70.66
CA ASN B 286 8.88 9.54 71.46
C ASN B 286 9.43 9.75 72.88
N ASP B 287 10.62 9.22 73.14
CA ASP B 287 11.29 9.38 74.43
C ASP B 287 12.34 10.50 74.40
N VAL B 288 12.09 11.56 75.18
CA VAL B 288 12.92 12.77 75.16
C VAL B 288 14.41 12.46 75.45
N ARG B 289 14.66 11.48 76.30
CA ARG B 289 16.02 11.07 76.64
C ARG B 289 16.77 10.46 75.43
N VAL B 290 16.09 9.65 74.62
CA VAL B 290 16.69 9.13 73.38
C VAL B 290 17.01 10.25 72.36
N ARG B 291 16.08 11.18 72.18
CA ARG B 291 16.31 12.29 71.27
C ARG B 291 17.50 13.13 71.72
N THR B 292 17.55 13.41 73.02
CA THR B 292 18.59 14.24 73.58
C THR B 292 19.97 13.59 73.40
N ALA B 293 20.07 12.29 73.66
CA ALA B 293 21.29 11.56 73.35
C ALA B 293 21.68 11.73 71.88
N LEU B 294 20.69 11.68 70.98
CA LEU B 294 20.97 11.76 69.56
C LEU B 294 21.48 13.17 69.20
N LYS B 295 20.92 14.17 69.88
CA LYS B 295 21.30 15.57 69.72
C LYS B 295 22.76 15.83 70.15
N LEU B 296 23.08 15.38 71.36
CA LEU B 296 24.39 15.61 71.97
C LEU B 296 25.51 14.83 71.29
N GLY B 297 25.21 13.62 70.84
CA GLY B 297 26.25 12.72 70.26
C GLY B 297 26.80 13.17 68.91
N MET B 298 26.04 13.98 68.19
CA MET B 298 26.48 14.54 66.94
C MET B 298 27.63 15.48 67.22
N ASP B 299 28.72 15.37 66.45
CA ASP B 299 29.86 16.28 66.56
C ASP B 299 29.81 17.34 65.45
N ARG B 300 29.14 18.44 65.78
CA ARG B 300 28.94 19.56 64.87
C ARG B 300 30.24 20.09 64.27
N ASP B 301 31.30 20.09 65.08
CA ASP B 301 32.56 20.60 64.61
C ASP B 301 33.15 19.71 63.52
N ILE B 302 33.06 18.39 63.66
CA ILE B 302 33.59 17.48 62.63
C ILE B 302 32.83 17.68 61.31
N ILE B 303 31.52 17.88 61.36
CA ILE B 303 30.76 18.19 60.14
C ILE B 303 31.16 19.57 59.54
N VAL B 304 31.25 20.60 60.38
CA VAL B 304 31.50 21.97 59.89
C VAL B 304 32.88 22.13 59.26
N ASN B 305 33.85 21.42 59.82
CA ASN B 305 35.18 21.31 59.22
C ASN B 305 35.13 20.92 57.74
N LYS B 306 34.24 19.98 57.39
CA LYS B 306 34.09 19.50 56.02
C LYS B 306 33.62 20.61 55.04
N VAL B 307 32.92 21.61 55.57
CA VAL B 307 32.45 22.76 54.75
C VAL B 307 32.98 24.13 55.23
N LYS B 308 34.09 24.13 55.98
CA LYS B 308 34.64 25.34 56.61
C LYS B 308 34.84 26.49 55.59
N ALA B 309 35.60 26.21 54.53
CA ALA B 309 35.95 27.22 53.53
C ALA B 309 34.76 27.93 52.88
N GLN B 310 33.55 27.38 53.03
CA GLN B 310 32.30 28.01 52.60
C GLN B 310 31.74 28.99 53.66
N GLY B 311 32.28 28.94 54.87
CA GLY B 311 31.93 29.87 55.96
C GLY B 311 30.76 29.47 56.85
N ASN B 312 30.34 28.20 56.84
CA ASN B 312 29.25 27.72 57.69
C ASN B 312 29.56 27.74 59.20
N MET B 313 28.57 28.09 60.01
CA MET B 313 28.70 28.08 61.47
C MET B 313 27.89 26.92 62.11
N PRO B 314 28.44 26.29 63.17
CA PRO B 314 27.76 25.17 63.83
C PRO B 314 26.45 25.62 64.51
N ALA B 315 25.39 24.80 64.38
CA ALA B 315 24.04 25.16 64.84
C ALA B 315 23.70 24.61 66.21
N TYR B 316 23.10 25.46 67.06
CA TYR B 316 22.63 25.07 68.41
C TYR B 316 21.14 25.20 68.61
N GLY B 317 20.42 25.67 67.58
CA GLY B 317 18.97 25.73 67.60
C GLY B 317 18.40 25.68 66.19
N TYR B 318 17.12 26.06 66.07
CA TYR B 318 16.40 25.91 64.82
C TYR B 318 16.38 27.20 64.04
N THR B 319 15.80 28.24 64.64
CA THR B 319 15.80 29.58 64.09
C THR B 319 17.22 30.11 63.95
N PRO B 320 17.62 30.54 62.75
CA PRO B 320 18.93 31.14 62.55
C PRO B 320 19.09 32.38 63.42
N PRO B 321 20.21 32.50 64.14
CA PRO B 321 20.44 33.63 65.06
C PRO B 321 20.48 34.99 64.37
N TYR B 322 20.68 35.01 63.04
CA TYR B 322 20.78 36.26 62.28
C TYR B 322 19.43 36.63 61.62
N THR B 323 18.38 35.87 61.90
N THR B 323 18.38 35.87 61.90
CA THR B 323 17.03 36.26 61.49
CA THR B 323 17.01 36.24 61.53
C THR B 323 16.61 37.58 62.15
C THR B 323 16.61 37.58 62.17
N ASP B 324 15.95 38.44 61.39
CA ASP B 324 15.43 39.72 61.88
C ASP B 324 14.48 39.45 63.04
N GLY B 325 14.71 40.05 64.20
CA GLY B 325 13.89 39.83 65.40
C GLY B 325 14.37 38.75 66.37
N ALA B 326 15.51 38.12 66.07
CA ALA B 326 16.03 37.02 66.89
C ALA B 326 17.22 37.47 67.70
N LYS B 327 17.19 37.16 68.99
CA LYS B 327 18.29 37.43 69.91
C LYS B 327 18.49 36.18 70.78
N LEU B 328 19.08 35.15 70.19
CA LEU B 328 19.04 33.81 70.77
C LEU B 328 20.18 33.59 71.75
N THR B 329 19.99 32.61 72.63
CA THR B 329 20.95 32.23 73.66
C THR B 329 21.46 30.81 73.35
N GLN B 330 22.73 30.53 73.66
CA GLN B 330 23.26 29.18 73.48
C GLN B 330 22.95 28.34 74.71
N PRO B 331 22.44 27.12 74.50
CA PRO B 331 22.21 26.26 75.63
C PRO B 331 23.51 25.82 76.27
N GLU B 332 23.44 25.50 77.56
CA GLU B 332 24.58 25.03 78.34
C GLU B 332 25.35 23.96 77.57
N TRP B 333 24.65 22.94 77.09
CA TRP B 333 25.30 21.77 76.46
C TRP B 333 26.21 22.12 75.30
N PHE B 334 25.89 23.20 74.59
CA PHE B 334 26.68 23.66 73.44
C PHE B 334 28.09 24.10 73.78
N GLY B 335 28.29 24.52 75.03
CA GLY B 335 29.61 24.92 75.55
C GLY B 335 30.41 23.81 76.21
N TRP B 336 29.82 22.63 76.37
CA TRP B 336 30.54 21.44 76.85
C TRP B 336 31.50 20.94 75.81
N SER B 337 32.34 20.00 76.20
CA SER B 337 33.20 19.27 75.27
C SER B 337 32.39 18.15 74.64
N GLN B 338 32.86 17.59 73.53
CA GLN B 338 32.16 16.47 72.88
C GLN B 338 32.27 15.22 73.73
N GLU B 339 33.37 15.10 74.48
CA GLU B 339 33.53 13.96 75.38
C GLU B 339 32.43 13.99 76.46
N LYS B 340 32.16 15.17 77.01
CA LYS B 340 31.15 15.31 78.06
C LYS B 340 29.77 15.06 77.50
N ARG B 341 29.50 15.62 76.32
CA ARG B 341 28.25 15.34 75.61
C ARG B 341 28.06 13.83 75.42
N ASN B 342 29.09 13.17 74.90
CA ASN B 342 29.04 11.73 74.64
C ASN B 342 28.69 10.92 75.88
N GLU B 343 29.32 11.25 77.01
CA GLU B 343 28.99 10.61 78.29
C GLU B 343 27.52 10.75 78.68
N GLU B 344 27.02 11.98 78.61
CA GLU B 344 25.63 12.29 78.99
C GLU B 344 24.59 11.61 78.10
N ALA B 345 24.87 11.60 76.79
CA ALA B 345 24.00 10.90 75.83
C ALA B 345 23.88 9.41 76.15
N LYS B 346 25.01 8.78 76.46
CA LYS B 346 25.06 7.37 76.79
C LYS B 346 24.38 7.08 78.14
N LYS B 347 24.52 8.00 79.11
CA LYS B 347 23.80 7.87 80.37
C LYS B 347 22.28 8.08 80.18
N LEU B 348 21.89 8.87 79.18
CA LEU B 348 20.44 9.02 78.88
C LEU B 348 19.84 7.83 78.11
N LEU B 349 20.59 7.30 77.14
CA LEU B 349 20.17 6.10 76.41
C LEU B 349 19.93 4.93 77.38
N ALA B 350 20.85 4.80 78.34
CA ALA B 350 20.76 3.81 79.40
C ALA B 350 19.50 3.95 80.26
N GLU B 351 19.20 5.14 80.74
CA GLU B 351 17.96 5.39 81.48
C GLU B 351 16.74 4.86 80.72
N ALA B 352 16.72 5.09 79.40
CA ALA B 352 15.65 4.60 78.52
C ALA B 352 15.74 3.09 78.24
N GLY B 353 16.86 2.47 78.61
CA GLY B 353 17.03 1.03 78.51
C GLY B 353 17.74 0.58 77.25
N TYR B 354 18.47 1.50 76.61
CA TYR B 354 19.29 1.16 75.46
C TYR B 354 20.74 1.17 75.92
N THR B 355 21.30 -0.03 76.06
CA THR B 355 22.64 -0.25 76.62
C THR B 355 23.65 -0.67 75.57
N ALA B 356 24.90 -0.78 75.98
CA ALA B 356 25.93 -1.37 75.12
C ALA B 356 25.56 -2.83 74.82
N ASP B 357 25.07 -3.54 75.82
CA ASP B 357 24.58 -4.92 75.65
C ASP B 357 23.42 -5.00 74.64
N LYS B 358 22.42 -4.13 74.81
CA LYS B 358 21.20 -4.12 74.00
C LYS B 358 21.00 -2.76 73.30
N PRO B 359 21.78 -2.50 72.23
CA PRO B 359 21.90 -1.16 71.66
C PRO B 359 20.79 -0.81 70.69
N LEU B 360 20.81 0.44 70.24
CA LEU B 360 19.78 0.99 69.38
C LEU B 360 20.28 0.99 67.93
N THR B 361 19.44 0.56 66.99
CA THR B 361 19.75 0.68 65.56
C THR B 361 18.64 1.46 64.82
N ILE B 362 19.03 2.38 63.93
CA ILE B 362 18.09 3.30 63.27
C ILE B 362 18.34 3.55 61.76
N ASN B 363 17.31 4.03 61.08
CA ASN B 363 17.45 4.46 59.68
C ASN B 363 17.61 5.99 59.55
N LEU B 364 18.65 6.43 58.86
CA LEU B 364 18.82 7.86 58.51
C LEU B 364 18.43 8.06 57.04
N LEU B 365 17.33 8.79 56.84
CA LEU B 365 16.78 9.08 55.50
C LEU B 365 17.37 10.40 54.97
N TYR B 366 17.73 10.40 53.69
CA TYR B 366 18.23 11.60 53.04
C TYR B 366 17.83 11.59 51.58
N ASN B 367 17.73 12.78 51.00
CA ASN B 367 17.43 12.93 49.58
C ASN B 367 18.71 12.86 48.78
N THR B 368 18.63 12.17 47.64
CA THR B 368 19.80 11.81 46.88
C THR B 368 20.58 13.08 46.50
N SER B 369 21.86 13.10 46.90
CA SER B 369 22.73 14.27 46.77
C SER B 369 24.16 13.83 47.10
N ASP B 370 25.15 14.45 46.47
CA ASP B 370 26.56 14.20 46.82
C ASP B 370 26.90 14.75 48.22
N LEU B 371 26.31 15.88 48.60
CA LEU B 371 26.64 16.51 49.88
C LEU B 371 25.96 15.72 50.99
N HIS B 372 24.65 15.50 50.84
CA HIS B 372 23.90 14.80 51.87
C HIS B 372 24.44 13.42 52.13
N LYS B 373 24.84 12.69 51.08
CA LYS B 373 25.39 11.33 51.25
C LYS B 373 26.67 11.33 52.10
N LYS B 374 27.59 12.24 51.83
CA LYS B 374 28.89 12.28 52.56
C LYS B 374 28.69 12.66 54.02
N LEU B 375 27.80 13.63 54.26
CA LEU B 375 27.53 14.08 55.63
C LEU B 375 26.81 12.96 56.37
N ALA B 376 25.98 12.22 55.66
CA ALA B 376 25.22 11.10 56.26
C ALA B 376 26.14 9.93 56.66
N ILE B 377 27.17 9.65 55.86
CA ILE B 377 28.19 8.63 56.19
C ILE B 377 28.98 9.06 57.43
N ALA B 378 29.28 10.36 57.51
CA ALA B 378 29.97 10.95 58.67
C ALA B 378 29.09 10.92 59.91
N ALA B 379 27.83 11.34 59.77
CA ALA B 379 26.87 11.29 60.85
C ALA B 379 26.76 9.87 61.39
N SER B 380 26.59 8.94 60.46
CA SER B 380 26.50 7.52 60.78
C SER B 380 27.71 7.03 61.57
N SER B 381 28.90 7.32 61.06
CA SER B 381 30.14 6.93 61.74
C SER B 381 30.25 7.55 63.15
N LEU B 382 29.85 8.84 63.25
CA LEU B 382 29.99 9.61 64.50
C LEU B 382 29.11 9.07 65.60
N TRP B 383 27.83 8.89 65.29
CA TRP B 383 26.87 8.34 66.26
C TRP B 383 27.30 6.98 66.78
N LYS B 384 27.68 6.08 65.87
CA LYS B 384 28.20 4.77 66.28
C LYS B 384 29.28 4.90 67.34
N LYS B 385 30.33 5.66 67.02
CA LYS B 385 31.51 5.74 67.89
C LYS B 385 31.25 6.51 69.19
N ASN B 386 30.48 7.58 69.09
CA ASN B 386 30.28 8.50 70.20
C ASN B 386 29.25 8.00 71.23
N ILE B 387 28.13 7.47 70.74
CA ILE B 387 27.06 7.01 71.62
C ILE B 387 26.58 5.57 71.34
N GLY B 388 27.28 4.84 70.48
CA GLY B 388 26.97 3.41 70.24
C GLY B 388 25.68 3.10 69.50
N VAL B 389 25.08 4.09 68.82
CA VAL B 389 23.88 3.83 68.02
C VAL B 389 24.28 3.47 66.59
N ASN B 390 23.76 2.36 66.09
CA ASN B 390 23.95 1.97 64.69
C ASN B 390 23.00 2.74 63.78
N VAL B 391 23.53 3.20 62.65
CA VAL B 391 22.76 4.01 61.72
C VAL B 391 22.90 3.46 60.31
N LYS B 392 21.78 3.13 59.67
CA LYS B 392 21.78 2.69 58.28
C LYS B 392 21.23 3.80 57.41
N LEU B 393 21.74 3.92 56.19
CA LEU B 393 21.31 4.98 55.29
C LEU B 393 20.17 4.54 54.37
N VAL B 394 19.28 5.46 54.05
CA VAL B 394 18.24 5.23 53.08
C VAL B 394 18.14 6.48 52.24
N ASN B 395 18.31 6.34 50.92
CA ASN B 395 18.24 7.47 50.04
C ASN B 395 16.97 7.41 49.19
N GLN B 396 16.29 8.55 49.05
CA GLN B 396 15.12 8.65 48.18
C GLN B 396 15.23 9.88 47.29
N GLU B 397 14.60 9.83 46.11
CA GLU B 397 14.38 11.00 45.27
C GLU B 397 13.57 12.04 46.05
N TRP B 398 13.73 13.31 45.68
CA TRP B 398 13.18 14.48 46.41
C TRP B 398 11.69 14.49 46.65
N LYS B 399 10.89 14.22 45.63
CA LYS B 399 9.44 14.22 45.82
C LYS B 399 9.04 13.13 46.82
N THR B 400 9.66 11.96 46.70
CA THR B 400 9.40 10.80 47.54
C THR B 400 9.88 11.04 48.97
N PHE B 401 11.07 11.62 49.07
CA PHE B 401 11.67 11.99 50.36
C PHE B 401 10.70 12.87 51.17
N LEU B 402 10.28 13.97 50.58
CA LEU B 402 9.36 14.86 51.30
C LEU B 402 8.08 14.14 51.68
N ASP B 403 7.52 13.30 50.80
CA ASP B 403 6.27 12.57 51.13
C ASP B 403 6.48 11.61 52.31
N THR B 404 7.60 10.90 52.31
CA THR B 404 7.94 10.00 53.41
C THR B 404 7.87 10.69 54.76
N ARG B 405 8.35 11.93 54.82
CA ARG B 405 8.44 12.69 56.07
C ARG B 405 7.07 13.08 56.61
N HIS B 406 6.21 13.57 55.74
CA HIS B 406 4.81 13.84 56.06
C HIS B 406 4.09 12.59 56.55
N GLN B 407 4.34 11.45 55.89
CA GLN B 407 3.70 10.17 56.25
C GLN B 407 4.27 9.57 57.53
N GLY B 408 5.42 10.02 57.98
CA GLY B 408 6.03 9.50 59.21
C GLY B 408 6.71 8.16 59.09
N THR B 409 6.96 7.68 57.87
CA THR B 409 7.60 6.40 57.67
C THR B 409 9.13 6.50 57.67
N PHE B 410 9.65 7.04 58.78
CA PHE B 410 11.09 7.23 58.97
C PHE B 410 11.42 7.38 60.46
N ASP B 411 12.70 7.17 60.81
CA ASP B 411 13.19 7.44 62.17
C ASP B 411 13.81 8.84 62.25
N VAL B 412 14.88 9.04 61.48
CA VAL B 412 15.62 10.29 61.43
C VAL B 412 15.82 10.68 59.98
N ALA B 413 15.85 11.98 59.70
CA ALA B 413 15.95 12.47 58.34
C ALA B 413 16.88 13.66 58.25
N ARG B 414 17.78 13.63 57.27
CA ARG B 414 18.48 14.84 56.89
C ARG B 414 17.41 15.86 56.48
N ALA B 415 17.58 17.10 56.90
CA ALA B 415 16.59 18.13 56.66
C ALA B 415 17.20 19.51 56.51
N GLY B 416 16.44 20.43 55.94
CA GLY B 416 16.83 21.82 55.84
C GLY B 416 15.57 22.66 55.82
N TRP B 417 15.54 23.73 56.60
CA TRP B 417 14.42 24.69 56.50
C TRP B 417 14.96 26.06 56.19
N CYS B 418 14.37 26.70 55.18
CA CYS B 418 14.69 28.09 54.81
C CYS B 418 13.48 28.94 55.09
N ALA B 419 13.72 30.11 55.68
CA ALA B 419 12.66 31.08 55.98
C ALA B 419 11.92 31.48 54.72
N ASP B 420 10.64 31.75 54.88
CA ASP B 420 9.75 32.21 53.82
C ASP B 420 9.52 33.72 53.91
N TYR B 421 9.61 34.23 55.14
CA TYR B 421 9.70 35.66 55.40
C TYR B 421 10.69 35.83 56.55
N ASN B 422 11.33 36.99 56.64
CA ASN B 422 12.44 37.20 57.56
C ASN B 422 11.95 37.64 58.94
N GLU B 423 11.36 36.68 59.65
CA GLU B 423 10.88 36.90 61.00
C GLU B 423 10.83 35.52 61.70
N PRO B 424 11.06 35.48 63.02
CA PRO B 424 11.34 34.12 63.59
C PRO B 424 10.21 33.10 63.53
N THR B 425 8.96 33.55 63.38
CA THR B 425 7.82 32.65 63.29
C THR B 425 7.81 31.84 61.98
N SER B 426 8.46 32.35 60.94
CA SER B 426 8.61 31.59 59.71
C SER B 426 9.28 30.23 59.96
N PHE B 427 10.14 30.20 60.98
CA PHE B 427 10.73 28.97 61.50
C PHE B 427 9.86 28.31 62.60
N LEU B 428 9.59 29.05 63.67
CA LEU B 428 8.97 28.48 64.87
C LEU B 428 7.56 27.93 64.64
N ASN B 429 6.80 28.56 63.75
CA ASN B 429 5.44 28.10 63.51
C ASN B 429 5.40 26.74 62.81
N THR B 430 6.52 26.29 62.25
CA THR B 430 6.58 24.96 61.67
C THR B 430 6.62 23.88 62.73
N MET B 431 6.84 24.25 63.98
CA MET B 431 6.82 23.29 65.08
C MET B 431 5.52 23.31 65.91
N LEU B 432 4.56 24.15 65.55
CA LEU B 432 3.22 24.10 66.19
C LEU B 432 2.52 22.75 65.97
N SER B 433 1.77 22.31 66.96
CA SER B 433 1.11 21.01 66.89
C SER B 433 0.25 20.87 65.64
N ASN B 434 -0.40 21.98 65.25
CA ASN B 434 -1.38 21.96 64.18
C ASN B 434 -0.79 22.29 62.80
N SER B 435 0.53 22.38 62.68
CA SER B 435 1.11 22.89 61.41
C SER B 435 1.24 21.85 60.28
N SER B 436 0.67 22.18 59.12
CA SER B 436 0.86 21.37 57.90
C SER B 436 2.34 21.15 57.57
N MET B 437 3.24 21.98 58.10
CA MET B 437 4.69 21.83 57.83
C MET B 437 5.46 21.06 58.90
N ASN B 438 4.78 20.62 59.95
CA ASN B 438 5.42 19.90 61.05
C ASN B 438 5.74 18.42 60.70
N THR B 439 6.82 18.21 59.97
CA THR B 439 7.33 16.86 59.65
C THR B 439 8.22 16.25 60.74
N ALA B 440 8.58 17.04 61.73
CA ALA B 440 9.14 16.51 62.96
C ALA B 440 8.07 15.77 63.77
N HIS B 441 6.80 15.96 63.44
CA HIS B 441 5.69 15.45 64.27
C HIS B 441 5.88 15.75 65.73
N TYR B 442 6.38 16.96 66.00
CA TYR B 442 6.56 17.49 67.35
C TYR B 442 5.31 18.18 67.86
N LYS B 443 4.82 17.75 69.01
CA LYS B 443 3.63 18.36 69.56
C LYS B 443 3.82 18.62 71.04
N SER B 444 3.99 19.91 71.38
CA SER B 444 4.11 20.40 72.76
C SER B 444 3.09 21.52 73.02
N PRO B 445 2.05 21.22 73.81
CA PRO B 445 1.16 22.29 74.21
C PRO B 445 1.90 23.50 74.82
N ALA B 446 2.98 23.27 75.55
CA ALA B 446 3.73 24.41 76.13
C ALA B 446 4.36 25.29 75.03
N PHE B 447 5.02 24.67 74.05
CA PHE B 447 5.50 25.39 72.87
C PHE B 447 4.35 26.14 72.19
N ASP B 448 3.24 25.48 71.93
CA ASP B 448 2.13 26.18 71.26
C ASP B 448 1.73 27.42 72.02
N SER B 449 1.64 27.31 73.34
CA SER B 449 1.16 28.45 74.15
C SER B 449 2.18 29.64 74.20
N ILE B 450 3.55 29.39 74.18
CA ILE B 450 4.55 30.45 74.06
C ILE B 450 4.33 31.23 72.77
N MET B 451 4.14 30.50 71.64
CA MET B 451 3.89 31.15 70.33
C MET B 451 2.57 31.93 70.35
N ALA B 452 1.58 31.47 71.09
CA ALA B 452 0.32 32.22 71.15
C ALA B 452 0.55 33.55 71.89
N GLU B 453 1.43 33.55 72.91
CA GLU B 453 1.76 34.79 73.64
C GLU B 453 2.41 35.82 72.72
N THR B 454 3.10 35.36 71.66
CA THR B 454 3.88 36.30 70.84
C THR B 454 2.99 37.35 70.18
N LEU B 455 1.73 37.03 69.95
CA LEU B 455 0.85 38.03 69.37
C LEU B 455 -0.11 38.66 70.36
N LYS B 456 0.25 38.63 71.64
CA LYS B 456 -0.44 39.39 72.67
C LYS B 456 0.46 40.44 73.37
N VAL B 457 1.70 40.56 72.89
CA VAL B 457 2.63 41.54 73.40
C VAL B 457 2.23 42.89 72.88
N THR B 458 2.76 43.93 73.51
CA THR B 458 2.49 45.30 73.11
C THR B 458 3.69 45.91 72.38
N ASP B 459 4.69 45.09 72.06
CA ASP B 459 6.07 45.56 72.03
C ASP B 459 7.00 44.54 71.36
N GLU B 460 7.75 44.95 70.34
CA GLU B 460 8.58 44.03 69.58
C GLU B 460 9.70 43.36 70.41
N ALA B 461 10.25 44.11 71.38
CA ALA B 461 11.26 43.58 72.29
C ALA B 461 10.76 42.39 73.12
N GLN B 462 9.49 42.44 73.54
CA GLN B 462 8.85 41.31 74.23
C GLN B 462 8.66 40.10 73.30
N ARG B 463 8.20 40.36 72.10
CA ARG B 463 8.10 39.37 71.04
C ARG B 463 9.45 38.65 70.87
N THR B 464 10.54 39.40 70.77
CA THR B 464 11.88 38.82 70.63
C THR B 464 12.23 37.90 71.80
N ALA B 465 11.98 38.35 73.03
CA ALA B 465 12.26 37.54 74.23
C ALA B 465 11.43 36.26 74.26
N LEU B 466 10.15 36.33 73.84
CA LEU B 466 9.31 35.12 73.70
C LEU B 466 9.80 34.13 72.65
N TYR B 467 10.42 34.61 71.58
CA TYR B 467 10.98 33.71 70.58
C TYR B 467 12.15 32.94 71.17
N THR B 468 12.94 33.59 72.00
CA THR B 468 14.04 32.90 72.71
C THR B 468 13.47 31.82 73.64
N LYS B 469 12.40 32.14 74.39
CA LYS B 469 11.75 31.15 75.24
C LYS B 469 11.27 29.94 74.40
N ALA B 470 10.72 30.19 73.22
CA ALA B 470 10.26 29.12 72.33
C ALA B 470 11.42 28.22 71.86
N GLU B 471 12.45 28.85 71.32
CA GLU B 471 13.63 28.13 70.94
C GLU B 471 14.18 27.29 72.09
N GLN B 472 14.13 27.84 73.29
CA GLN B 472 14.58 27.13 74.49
C GLN B 472 13.75 25.87 74.83
N GLN B 473 12.43 25.94 74.69
CA GLN B 473 11.62 24.77 74.98
C GLN B 473 11.83 23.70 73.92
N LEU B 474 12.00 24.15 72.69
CA LEU B 474 12.27 23.26 71.59
C LEU B 474 13.57 22.51 71.89
N ASP B 475 14.52 23.19 72.51
CA ASP B 475 15.82 22.59 72.85
C ASP B 475 15.72 21.63 74.04
N LYS B 476 15.01 22.03 75.08
CA LYS B 476 14.82 21.16 76.23
C LYS B 476 14.03 19.89 75.84
N ASP B 477 13.26 19.95 74.75
CA ASP B 477 12.51 18.81 74.23
C ASP B 477 13.29 18.04 73.16
N SER B 478 14.52 18.47 72.88
CA SER B 478 15.32 17.94 71.76
C SER B 478 14.47 17.49 70.56
N ALA B 479 13.62 18.38 70.06
CA ALA B 479 12.78 18.08 68.90
C ALA B 479 13.65 17.73 67.68
N ILE B 480 14.85 18.32 67.65
CA ILE B 480 15.69 18.39 66.47
C ILE B 480 17.18 18.14 66.85
N VAL B 481 17.97 17.66 65.88
CA VAL B 481 19.45 17.63 66.02
C VAL B 481 20.00 18.73 65.10
N PRO B 482 20.26 19.94 65.63
CA PRO B 482 20.81 21.01 64.80
C PRO B 482 22.23 20.70 64.39
N VAL B 483 22.65 21.07 63.19
CA VAL B 483 23.99 20.69 62.67
C VAL B 483 24.81 21.92 62.27
N TYR B 484 24.36 22.65 61.25
CA TYR B 484 24.96 23.93 60.85
C TYR B 484 23.96 24.87 60.21
N TYR B 485 24.27 26.17 60.25
CA TYR B 485 23.53 27.21 59.53
C TYR B 485 24.09 27.36 58.11
N TYR B 486 23.20 27.49 57.13
CA TYR B 486 23.60 27.48 55.72
C TYR B 486 24.31 28.77 55.33
N VAL B 487 24.95 28.73 54.17
CA VAL B 487 25.27 29.93 53.39
C VAL B 487 24.72 29.73 51.98
N ASN B 488 24.61 30.82 51.21
CA ASN B 488 24.12 30.75 49.82
C ASN B 488 25.35 30.75 48.91
N ALA B 489 25.90 29.55 48.66
CA ALA B 489 27.11 29.41 47.84
C ALA B 489 26.74 28.93 46.43
N ARG B 490 27.16 29.70 45.43
CA ARG B 490 26.77 29.51 44.05
C ARG B 490 27.87 29.91 43.05
N LEU B 491 27.87 29.25 41.87
CA LEU B 491 28.67 29.68 40.72
C LEU B 491 27.80 30.39 39.69
N VAL B 492 28.29 31.51 39.19
CA VAL B 492 27.57 32.34 38.24
C VAL B 492 28.53 32.83 37.18
N LYS B 493 28.22 32.56 35.91
CA LYS B 493 29.07 32.96 34.78
C LYS B 493 29.22 34.49 34.70
N PRO B 494 30.36 34.98 34.19
CA PRO B 494 30.61 36.42 34.20
C PRO B 494 29.62 37.28 33.41
N TRP B 495 28.98 36.70 32.39
CA TRP B 495 28.06 37.45 31.55
C TRP B 495 26.65 37.50 32.05
N VAL B 496 26.37 36.88 33.20
CA VAL B 496 25.04 36.94 33.82
C VAL B 496 25.00 38.13 34.78
N GLY B 497 24.15 39.11 34.49
CA GLY B 497 23.96 40.27 35.37
C GLY B 497 22.64 40.14 36.11
N GLY B 498 22.51 40.88 37.21
CA GLY B 498 21.24 40.92 37.95
C GLY B 498 21.22 40.11 39.23
N TYR B 499 22.19 39.21 39.39
CA TYR B 499 22.29 38.40 40.60
C TYR B 499 23.21 39.08 41.60
N THR B 500 22.64 39.69 42.62
CA THR B 500 23.43 40.38 43.65
C THR B 500 23.66 39.51 44.89
N GLY B 501 22.75 38.58 45.15
CA GLY B 501 22.83 37.73 46.32
C GLY B 501 22.61 38.39 47.68
N LYS B 502 21.94 39.55 47.73
CA LYS B 502 21.75 40.27 49.01
C LYS B 502 20.39 40.00 49.66
N ASP B 503 19.60 39.10 49.09
CA ASP B 503 18.40 38.68 49.77
C ASP B 503 18.77 37.49 50.60
N PRO B 504 18.70 37.58 51.94
CA PRO B 504 19.03 36.41 52.73
C PRO B 504 18.06 35.22 52.61
N LEU B 505 16.93 35.40 51.92
CA LEU B 505 16.05 34.28 51.55
C LEU B 505 16.30 33.81 50.11
N ASP B 506 17.13 34.55 49.38
CA ASP B 506 17.48 34.23 48.01
C ASP B 506 16.25 34.03 47.17
N ASN B 507 15.24 34.88 47.37
CA ASN B 507 14.08 34.95 46.48
C ASN B 507 14.36 35.79 45.20
N THR B 508 15.11 35.21 44.27
CA THR B 508 15.46 35.90 43.04
C THR B 508 14.42 35.67 41.95
N TYR B 509 14.42 36.53 40.94
CA TYR B 509 13.51 36.44 39.80
C TYR B 509 14.27 36.55 38.48
N THR B 510 13.92 35.74 37.50
CA THR B 510 14.61 35.84 36.21
C THR B 510 14.31 37.19 35.51
N ARG B 511 13.19 37.85 35.83
CA ARG B 511 12.91 39.18 35.30
C ARG B 511 13.90 40.26 35.74
N ASN B 512 14.75 39.97 36.73
CA ASN B 512 15.78 40.92 37.16
C ASN B 512 17.17 40.64 36.59
N MET B 513 17.29 39.63 35.76
CA MET B 513 18.57 39.29 35.22
C MET B 513 18.66 39.66 33.75
N TYR B 514 19.89 39.68 33.26
CA TYR B 514 20.17 40.00 31.86
C TYR B 514 21.49 39.38 31.48
N ILE B 515 21.65 39.11 30.19
CA ILE B 515 22.89 38.56 29.67
C ILE B 515 23.74 39.64 28.98
N VAL B 516 25.02 39.72 29.35
CA VAL B 516 25.97 40.68 28.79
C VAL B 516 26.65 40.09 27.55
N LYS B 517 27.03 40.95 26.61
CA LYS B 517 27.87 40.54 25.47
C LYS B 517 29.16 39.89 25.96
N HIS B 518 29.46 38.70 25.45
CA HIS B 518 30.71 37.99 25.81
C HIS B 518 31.28 37.20 24.65
N ALA C 2 -22.24 -82.54 2.48
CA ALA C 2 -22.11 -82.08 3.90
C ALA C 2 -22.07 -83.28 4.84
N ASP C 3 -21.31 -83.16 5.92
CA ASP C 3 -21.28 -84.19 6.97
C ASP C 3 -22.10 -83.72 8.18
N VAL C 4 -23.34 -84.19 8.28
CA VAL C 4 -24.24 -83.76 9.33
C VAL C 4 -23.92 -84.55 10.61
N PRO C 5 -23.43 -83.87 11.66
CA PRO C 5 -23.05 -84.57 12.90
C PRO C 5 -24.13 -85.46 13.48
N ALA C 6 -23.74 -86.61 14.02
CA ALA C 6 -24.65 -87.44 14.79
C ALA C 6 -25.25 -86.64 15.94
N GLY C 7 -26.54 -86.81 16.20
CA GLY C 7 -27.25 -86.03 17.21
C GLY C 7 -28.11 -84.89 16.66
N VAL C 8 -27.67 -84.26 15.57
CA VAL C 8 -28.38 -83.13 14.98
C VAL C 8 -29.62 -83.56 14.21
N THR C 9 -30.71 -82.82 14.38
CA THR C 9 -31.96 -83.06 13.66
C THR C 9 -32.16 -82.00 12.58
N LEU C 10 -32.27 -82.44 11.33
CA LEU C 10 -32.42 -81.55 10.20
C LEU C 10 -33.82 -80.96 10.10
N ALA C 11 -33.90 -79.71 9.68
CA ALA C 11 -35.17 -79.07 9.40
C ALA C 11 -35.84 -79.65 8.15
N GLU C 12 -37.17 -79.60 8.13
CA GLU C 12 -37.97 -80.06 7.00
C GLU C 12 -37.71 -79.27 5.71
N LYS C 13 -37.65 -77.94 5.81
CA LYS C 13 -37.28 -77.13 4.66
C LYS C 13 -35.79 -76.80 4.68
N GLN C 14 -35.10 -77.24 3.63
CA GLN C 14 -33.66 -77.08 3.51
C GLN C 14 -33.35 -75.95 2.50
N THR C 15 -33.62 -74.71 2.91
CA THR C 15 -33.35 -73.54 2.06
C THR C 15 -32.46 -72.55 2.80
N LEU C 16 -31.70 -71.78 2.04
CA LEU C 16 -30.71 -70.83 2.56
C LEU C 16 -30.80 -69.50 1.79
N VAL C 17 -30.67 -68.37 2.50
CA VAL C 17 -30.64 -67.06 1.88
C VAL C 17 -29.37 -66.32 2.32
N ARG C 18 -28.45 -66.07 1.40
CA ARG C 18 -27.18 -65.39 1.72
C ARG C 18 -27.11 -64.07 0.96
N ASN C 19 -26.62 -63.01 1.60
CA ASN C 19 -26.32 -61.78 0.87
C ASN C 19 -24.92 -61.87 0.27
N ASN C 20 -24.85 -61.62 -1.02
CA ASN C 20 -23.62 -61.70 -1.78
C ASN C 20 -22.96 -60.34 -1.99
N GLY C 21 -23.63 -59.26 -1.61
CA GLY C 21 -23.00 -57.95 -1.51
C GLY C 21 -23.06 -57.04 -2.72
N SER C 22 -23.30 -57.60 -3.90
CA SER C 22 -23.41 -56.85 -5.15
C SER C 22 -24.01 -57.71 -6.26
N GLU C 23 -24.51 -57.05 -7.31
CA GLU C 23 -24.95 -57.72 -8.54
C GLU C 23 -23.70 -58.22 -9.26
N VAL C 24 -23.69 -59.51 -9.59
CA VAL C 24 -22.48 -60.15 -10.12
C VAL C 24 -22.15 -59.67 -11.55
N GLN C 25 -20.87 -59.74 -11.91
CA GLN C 25 -20.44 -59.49 -13.31
C GLN C 25 -21.06 -60.43 -14.32
N SER C 26 -21.06 -61.71 -13.99
CA SER C 26 -21.39 -62.76 -14.92
C SER C 26 -21.46 -64.08 -14.15
N LEU C 27 -22.05 -65.09 -14.77
CA LEU C 27 -22.02 -66.46 -14.23
C LEU C 27 -21.09 -67.32 -15.09
N ASP C 28 -20.42 -66.71 -16.07
CA ASP C 28 -19.47 -67.38 -16.94
C ASP C 28 -18.09 -67.38 -16.27
N PRO C 29 -17.58 -68.56 -15.92
CA PRO C 29 -16.30 -68.61 -15.24
C PRO C 29 -15.13 -67.85 -15.86
N HIS C 30 -15.19 -67.48 -17.15
CA HIS C 30 -14.11 -66.72 -17.80
C HIS C 30 -14.37 -65.24 -17.93
N LYS C 31 -15.50 -64.78 -17.40
CA LYS C 31 -15.89 -63.38 -17.45
C LYS C 31 -15.90 -62.74 -16.03
N ILE C 32 -15.14 -63.30 -15.10
CA ILE C 32 -15.26 -62.91 -13.66
C ILE C 32 -13.93 -62.65 -12.94
N GLU C 33 -13.96 -61.70 -12.00
CA GLU C 33 -12.80 -61.38 -11.18
C GLU C 33 -13.09 -61.10 -9.70
N GLY C 34 -14.37 -61.03 -9.30
CA GLY C 34 -14.72 -60.68 -7.94
C GLY C 34 -15.02 -61.81 -6.97
N VAL C 35 -15.03 -61.47 -5.68
CA VAL C 35 -15.43 -62.42 -4.65
C VAL C 35 -16.91 -62.79 -4.81
N PRO C 36 -17.81 -61.80 -4.98
CA PRO C 36 -19.21 -62.15 -5.23
C PRO C 36 -19.43 -63.17 -6.38
N GLU C 37 -18.75 -62.93 -7.52
CA GLU C 37 -18.82 -63.81 -8.69
C GLU C 37 -18.38 -65.25 -8.38
N SER C 38 -17.20 -65.40 -7.79
CA SER C 38 -16.71 -66.71 -7.35
C SER C 38 -17.60 -67.44 -6.32
N ASN C 39 -18.29 -66.71 -5.46
CA ASN C 39 -19.20 -67.34 -4.48
C ASN C 39 -20.32 -68.09 -5.19
N ILE C 40 -20.84 -67.52 -6.25
CA ILE C 40 -21.91 -68.20 -6.98
C ILE C 40 -21.33 -69.29 -7.88
N SER C 41 -20.14 -69.03 -8.44
CA SER C 41 -19.46 -69.99 -9.34
C SER C 41 -19.12 -71.30 -8.63
N ARG C 42 -18.73 -71.20 -7.36
CA ARG C 42 -18.31 -72.40 -6.58
C ARG C 42 -19.46 -73.39 -6.39
N ASP C 43 -20.71 -72.91 -6.39
CA ASP C 43 -21.88 -73.79 -6.28
C ASP C 43 -22.25 -74.35 -7.65
N LEU C 44 -21.97 -73.58 -8.70
CA LEU C 44 -22.36 -73.90 -10.07
C LEU C 44 -21.36 -74.79 -10.86
N PHE C 45 -20.06 -74.62 -10.63
CA PHE C 45 -19.07 -75.35 -11.42
C PHE C 45 -17.99 -75.85 -10.53
N GLU C 46 -17.45 -77.02 -10.82
CA GLU C 46 -16.47 -77.66 -9.98
C GLU C 46 -15.26 -78.01 -10.83
N GLY C 47 -14.11 -77.53 -10.41
CA GLY C 47 -12.87 -77.76 -11.14
C GLY C 47 -12.21 -79.04 -10.72
N LEU C 48 -10.92 -79.17 -11.04
CA LEU C 48 -10.17 -80.37 -10.69
C LEU C 48 -10.12 -80.56 -9.17
N LEU C 49 -9.83 -79.50 -8.44
CA LEU C 49 -9.82 -79.58 -7.00
C LEU C 49 -10.81 -78.59 -6.36
N VAL C 50 -11.10 -78.81 -5.08
CA VAL C 50 -11.89 -77.85 -4.30
C VAL C 50 -11.18 -77.57 -2.97
N SER C 51 -11.67 -76.61 -2.21
CA SER C 51 -11.06 -76.35 -0.90
C SER C 51 -11.91 -77.02 0.16
N ASP C 52 -11.28 -77.72 1.09
CA ASP C 52 -12.01 -78.32 2.19
C ASP C 52 -12.34 -77.26 3.26
N LEU C 53 -12.91 -77.69 4.38
CA LEU C 53 -13.37 -76.77 5.45
C LEU C 53 -12.24 -75.96 6.13
N ASP C 54 -11.02 -76.50 6.12
CA ASP C 54 -9.85 -75.82 6.65
C ASP C 54 -9.11 -74.98 5.59
N GLY C 55 -9.60 -75.02 4.36
CA GLY C 55 -9.00 -74.27 3.26
C GLY C 55 -8.00 -75.04 2.44
N HIS C 56 -7.73 -76.31 2.76
CA HIS C 56 -6.74 -77.10 2.01
C HIS C 56 -7.30 -77.72 0.77
N PRO C 57 -6.51 -77.80 -0.32
CA PRO C 57 -6.95 -78.45 -1.56
C PRO C 57 -7.40 -79.90 -1.37
N ALA C 58 -8.57 -80.24 -1.91
CA ALA C 58 -9.14 -81.58 -1.80
C ALA C 58 -9.72 -82.05 -3.16
N PRO C 59 -10.05 -83.35 -3.28
CA PRO C 59 -10.54 -83.87 -4.58
C PRO C 59 -11.82 -83.18 -5.09
N GLY C 60 -11.79 -82.73 -6.34
CA GLY C 60 -12.99 -82.20 -7.01
C GLY C 60 -13.37 -83.21 -8.06
N VAL C 61 -13.33 -82.82 -9.33
CA VAL C 61 -13.46 -83.77 -10.42
C VAL C 61 -12.28 -84.77 -10.42
N ALA C 62 -11.08 -84.29 -10.07
CA ALA C 62 -9.92 -85.16 -9.90
C ALA C 62 -10.03 -85.89 -8.56
N GLU C 63 -10.08 -87.22 -8.60
CA GLU C 63 -10.09 -88.01 -7.37
C GLU C 63 -8.67 -88.17 -6.83
N SER C 64 -7.68 -88.10 -7.71
CA SER C 64 -6.27 -88.16 -7.31
C SER C 64 -5.42 -87.43 -8.34
N TRP C 65 -4.20 -87.10 -7.91
CA TRP C 65 -3.23 -86.43 -8.78
C TRP C 65 -1.83 -86.69 -8.30
N ASP C 66 -0.86 -86.45 -9.17
CA ASP C 66 0.56 -86.63 -8.84
C ASP C 66 1.42 -85.79 -9.80
N ASN C 67 2.73 -85.78 -9.60
CA ASN C 67 3.61 -84.93 -10.38
C ASN C 67 5.05 -85.45 -10.48
N LYS C 68 5.72 -85.10 -11.57
CA LYS C 68 7.16 -85.28 -11.74
C LYS C 68 7.84 -83.91 -11.63
N ASP C 69 8.74 -83.75 -10.65
CA ASP C 69 9.55 -82.53 -10.49
C ASP C 69 8.76 -81.20 -10.38
N ALA C 70 7.46 -81.27 -10.04
CA ALA C 70 6.59 -80.09 -10.02
C ALA C 70 6.42 -79.46 -11.41
N LYS C 71 6.69 -80.25 -12.45
CA LYS C 71 6.72 -79.75 -13.82
C LYS C 71 5.66 -80.37 -14.71
N VAL C 72 5.39 -81.66 -14.49
CA VAL C 72 4.35 -82.36 -15.24
C VAL C 72 3.36 -82.89 -14.22
N TRP C 73 2.11 -82.45 -14.33
CA TRP C 73 1.08 -82.78 -13.37
C TRP C 73 0.04 -83.61 -14.06
N THR C 74 -0.40 -84.67 -13.40
CA THR C 74 -1.34 -85.64 -13.96
C THR C 74 -2.56 -85.81 -13.06
N PHE C 75 -3.73 -85.50 -13.62
CA PHE C 75 -4.98 -85.56 -12.87
C PHE C 75 -5.86 -86.72 -13.38
N HIS C 76 -6.25 -87.59 -12.44
CA HIS C 76 -7.06 -88.76 -12.71
C HIS C 76 -8.48 -88.46 -12.35
N LEU C 77 -9.31 -88.26 -13.36
CA LEU C 77 -10.66 -87.78 -13.18
C LEU C 77 -11.59 -88.91 -12.76
N ARG C 78 -12.45 -88.65 -11.78
CA ARG C 78 -13.42 -89.65 -11.32
C ARG C 78 -14.38 -89.97 -12.45
N LYS C 79 -14.69 -91.25 -12.63
CA LYS C 79 -15.45 -91.68 -13.81
C LYS C 79 -16.94 -91.33 -13.75
N ASP C 80 -17.43 -90.94 -12.58
CA ASP C 80 -18.85 -90.59 -12.47
C ASP C 80 -19.11 -89.07 -12.50
N ALA C 81 -18.08 -88.27 -12.74
CA ALA C 81 -18.28 -86.82 -12.82
C ALA C 81 -19.18 -86.49 -14.00
N LYS C 82 -20.25 -85.73 -13.77
CA LYS C 82 -21.25 -85.42 -14.78
C LYS C 82 -21.73 -83.99 -14.80
N TRP C 83 -22.15 -83.57 -15.99
CA TRP C 83 -22.86 -82.31 -16.21
C TRP C 83 -24.33 -82.46 -15.89
N SER C 84 -25.03 -81.33 -15.80
CA SER C 84 -26.49 -81.30 -15.52
C SER C 84 -27.38 -81.81 -16.63
N ASP C 85 -26.83 -82.02 -17.82
CA ASP C 85 -27.56 -82.68 -18.90
C ASP C 85 -27.30 -84.19 -18.92
N GLY C 86 -26.70 -84.73 -17.85
CA GLY C 86 -26.38 -86.15 -17.80
C GLY C 86 -25.09 -86.63 -18.44
N THR C 87 -24.42 -85.78 -19.21
CA THR C 87 -23.22 -86.21 -19.94
C THR C 87 -21.98 -86.17 -19.04
N PRO C 88 -20.95 -86.96 -19.36
CA PRO C 88 -19.79 -87.02 -18.45
C PRO C 88 -18.85 -85.82 -18.56
N VAL C 89 -18.20 -85.49 -17.44
CA VAL C 89 -17.13 -84.51 -17.43
C VAL C 89 -15.85 -85.28 -17.78
N THR C 90 -15.12 -84.79 -18.79
CA THR C 90 -13.90 -85.44 -19.28
C THR C 90 -12.68 -84.53 -19.31
N ALA C 91 -11.54 -85.14 -19.58
CA ALA C 91 -10.29 -84.43 -19.75
C ALA C 91 -10.35 -83.41 -20.89
N GLN C 92 -11.06 -83.76 -21.98
CA GLN C 92 -11.22 -82.83 -23.11
C GLN C 92 -12.03 -81.57 -22.73
N ASP C 93 -12.88 -81.65 -21.71
CA ASP C 93 -13.59 -80.45 -21.21
C ASP C 93 -12.59 -79.45 -20.61
N PHE C 94 -11.63 -79.96 -19.85
CA PHE C 94 -10.59 -79.10 -19.24
C PHE C 94 -9.64 -78.50 -20.26
N VAL C 95 -9.20 -79.30 -21.23
CA VAL C 95 -8.44 -78.80 -22.39
C VAL C 95 -9.20 -77.68 -23.12
N TYR C 96 -10.44 -77.93 -23.51
CA TYR C 96 -11.23 -76.90 -24.17
C TYR C 96 -11.35 -75.63 -23.29
N SER C 97 -11.63 -75.84 -22.01
CA SER C 97 -11.91 -74.72 -21.10
C SER C 97 -10.68 -73.86 -20.82
N TRP C 98 -9.55 -74.50 -20.56
CA TRP C 98 -8.34 -73.76 -20.24
C TRP C 98 -7.89 -73.00 -21.47
N GLN C 99 -8.08 -73.59 -22.65
CA GLN C 99 -7.78 -72.91 -23.91
C GLN C 99 -8.66 -71.69 -24.14
N ARG C 100 -9.94 -71.81 -23.83
CA ARG C 100 -10.84 -70.68 -23.93
C ARG C 100 -10.40 -69.56 -22.96
N SER C 101 -9.99 -69.93 -21.74
N SER C 101 -9.95 -69.93 -21.75
CA SER C 101 -9.59 -68.98 -20.71
CA SER C 101 -9.61 -68.94 -20.73
C SER C 101 -8.44 -68.06 -21.14
C SER C 101 -8.45 -68.04 -21.18
N VAL C 102 -7.53 -68.61 -21.95
CA VAL C 102 -6.33 -67.91 -22.40
C VAL C 102 -6.48 -67.29 -23.81
N ASP C 103 -7.63 -67.47 -24.45
CA ASP C 103 -7.87 -66.94 -25.79
C ASP C 103 -8.14 -65.43 -25.75
N PRO C 104 -7.29 -64.61 -26.41
CA PRO C 104 -7.51 -63.16 -26.39
C PRO C 104 -8.94 -62.77 -26.79
N ASN C 105 -9.55 -63.53 -27.68
CA ASN C 105 -10.94 -63.26 -28.07
C ASN C 105 -11.93 -63.41 -26.89
N THR C 106 -11.59 -64.25 -25.92
CA THR C 106 -12.41 -64.35 -24.70
C THR C 106 -12.30 -63.06 -23.84
N ALA C 107 -11.12 -62.43 -23.84
CA ALA C 107 -10.88 -61.18 -23.11
C ALA C 107 -11.21 -61.37 -21.62
N SER C 108 -10.63 -62.39 -21.03
CA SER C 108 -10.96 -62.75 -19.66
C SER C 108 -10.15 -61.88 -18.72
N PRO C 109 -10.83 -61.24 -17.74
CA PRO C 109 -10.06 -60.49 -16.74
C PRO C 109 -9.13 -61.41 -15.95
N TYR C 110 -9.40 -62.71 -15.95
CA TYR C 110 -8.50 -63.72 -15.37
C TYR C 110 -7.64 -64.48 -16.40
N ALA C 111 -7.42 -63.88 -17.58
CA ALA C 111 -6.67 -64.55 -18.65
C ALA C 111 -5.29 -65.00 -18.17
N SER C 112 -4.69 -64.20 -17.28
CA SER C 112 -3.30 -64.44 -16.85
C SER C 112 -3.18 -65.47 -15.71
N TYR C 113 -4.32 -65.95 -15.19
CA TYR C 113 -4.29 -66.82 -14.02
C TYR C 113 -3.46 -68.10 -14.25
N LEU C 114 -3.69 -68.81 -15.34
CA LEU C 114 -2.95 -70.03 -15.64
C LEU C 114 -1.48 -69.74 -15.95
N GLN C 115 -1.19 -68.52 -16.37
CA GLN C 115 0.20 -68.06 -16.48
C GLN C 115 0.89 -67.97 -15.14
N TYR C 116 0.14 -67.69 -14.07
CA TYR C 116 0.72 -67.71 -12.73
C TYR C 116 1.20 -69.11 -12.40
N GLY C 117 0.60 -70.11 -13.08
CA GLY C 117 1.06 -71.49 -13.04
C GLY C 117 2.13 -71.84 -14.05
N HIS C 118 2.26 -71.02 -15.10
CA HIS C 118 3.29 -71.19 -16.14
C HIS C 118 3.16 -72.46 -16.98
N ILE C 119 1.91 -72.78 -17.34
CA ILE C 119 1.64 -73.87 -18.26
C ILE C 119 2.46 -73.61 -19.54
N ALA C 120 2.98 -74.68 -20.13
CA ALA C 120 3.80 -74.54 -21.33
C ALA C 120 3.06 -73.81 -22.47
N GLY C 121 3.79 -72.95 -23.18
CA GLY C 121 3.27 -72.22 -24.35
C GLY C 121 2.35 -71.04 -24.05
N ILE C 122 2.04 -70.82 -22.77
CA ILE C 122 1.04 -69.82 -22.41
C ILE C 122 1.48 -68.37 -22.73
N ASP C 123 2.78 -68.05 -22.64
CA ASP C 123 3.22 -66.66 -22.82
C ASP C 123 2.88 -66.08 -24.20
N GLU C 124 3.27 -66.79 -25.25
CA GLU C 124 2.97 -66.38 -26.62
C GLU C 124 1.46 -66.43 -26.96
N ILE C 125 0.73 -67.36 -26.37
CA ILE C 125 -0.70 -67.51 -26.65
C ILE C 125 -1.51 -66.33 -26.11
N LEU C 126 -1.18 -65.89 -24.90
CA LEU C 126 -1.85 -64.71 -24.35
C LEU C 126 -1.59 -63.49 -25.26
N GLU C 127 -0.37 -63.39 -25.80
CA GLU C 127 0.02 -62.31 -26.72
C GLU C 127 -0.63 -62.41 -28.11
N GLY C 128 -1.23 -63.55 -28.42
CA GLY C 128 -1.91 -63.77 -29.71
C GLY C 128 -0.99 -64.07 -30.88
N LYS C 129 0.22 -64.54 -30.61
CA LYS C 129 1.18 -64.93 -31.65
C LYS C 129 1.13 -66.42 -31.93
N LYS C 130 0.39 -67.17 -31.12
CA LYS C 130 0.30 -68.60 -31.27
C LYS C 130 -1.09 -69.08 -30.94
N PRO C 131 -1.53 -70.16 -31.61
CA PRO C 131 -2.89 -70.64 -31.43
C PRO C 131 -3.11 -71.25 -30.04
N ILE C 132 -4.34 -71.15 -29.57
CA ILE C 132 -4.72 -71.67 -28.26
C ILE C 132 -4.51 -73.19 -28.11
N THR C 133 -4.42 -73.89 -29.23
CA THR C 133 -4.16 -75.33 -29.23
C THR C 133 -2.71 -75.74 -28.87
N ASP C 134 -1.80 -74.78 -28.77
CA ASP C 134 -0.42 -75.06 -28.34
C ASP C 134 -0.27 -75.12 -26.82
N LEU C 135 -1.35 -74.82 -26.08
CA LEU C 135 -1.27 -74.81 -24.63
C LEU C 135 -0.84 -76.17 -24.11
N GLY C 136 -0.02 -76.18 -23.06
CA GLY C 136 0.55 -77.42 -22.52
C GLY C 136 -0.39 -78.21 -21.62
N VAL C 137 -1.63 -78.42 -22.09
CA VAL C 137 -2.63 -79.21 -21.39
C VAL C 137 -3.17 -80.25 -22.34
N LYS C 138 -3.08 -81.52 -21.97
CA LYS C 138 -3.46 -82.64 -22.86
C LYS C 138 -4.40 -83.68 -22.24
N ALA C 139 -5.35 -84.15 -23.06
CA ALA C 139 -6.26 -85.24 -22.70
C ALA C 139 -5.66 -86.58 -23.13
N ILE C 140 -5.05 -87.29 -22.19
CA ILE C 140 -4.43 -88.57 -22.50
C ILE C 140 -5.49 -89.66 -22.74
N ASP C 141 -6.60 -89.56 -22.02
CA ASP C 141 -7.81 -90.34 -22.31
C ASP C 141 -8.99 -89.59 -21.71
N ASP C 142 -10.20 -90.15 -21.81
CA ASP C 142 -11.41 -89.56 -21.21
C ASP C 142 -11.24 -89.07 -19.76
N HIS C 143 -10.35 -89.71 -19.01
CA HIS C 143 -10.31 -89.53 -17.57
C HIS C 143 -8.95 -89.19 -17.04
N THR C 144 -8.04 -88.77 -17.93
CA THR C 144 -6.65 -88.43 -17.55
C THR C 144 -6.17 -87.09 -18.17
N LEU C 145 -5.96 -86.10 -17.32
CA LEU C 145 -5.47 -84.79 -17.75
C LEU C 145 -4.02 -84.61 -17.34
N GLU C 146 -3.14 -84.31 -18.30
CA GLU C 146 -1.76 -83.99 -17.96
C GLU C 146 -1.37 -82.58 -18.39
N VAL C 147 -0.78 -81.85 -17.47
CA VAL C 147 -0.40 -80.47 -17.65
C VAL C 147 1.11 -80.37 -17.55
N THR C 148 1.75 -79.83 -18.58
CA THR C 148 3.19 -79.56 -18.57
C THR C 148 3.51 -78.08 -18.34
N LEU C 149 4.33 -77.80 -17.33
CA LEU C 149 4.75 -76.46 -16.99
C LEU C 149 6.20 -76.23 -17.46
N SER C 150 6.52 -75.02 -17.90
CA SER C 150 7.87 -74.67 -18.41
C SER C 150 8.90 -74.46 -17.30
N GLU C 151 8.42 -74.36 -16.05
CA GLU C 151 9.24 -74.17 -14.87
C GLU C 151 8.66 -75.03 -13.73
N PRO C 152 9.49 -75.48 -12.76
CA PRO C 152 8.88 -76.20 -11.64
C PRO C 152 8.07 -75.25 -10.77
N VAL C 153 6.83 -75.64 -10.44
CA VAL C 153 5.92 -74.82 -9.64
C VAL C 153 5.24 -75.70 -8.57
N PRO C 154 5.89 -75.87 -7.41
CA PRO C 154 5.35 -76.83 -6.45
C PRO C 154 3.92 -76.51 -6.01
N TYR C 155 3.55 -75.24 -6.06
CA TYR C 155 2.21 -74.81 -5.63
C TYR C 155 1.15 -74.85 -6.72
N PHE C 156 1.48 -75.39 -7.90
CA PHE C 156 0.56 -75.36 -9.04
C PHE C 156 -0.84 -75.84 -8.69
N TYR C 157 -0.93 -76.98 -8.00
CA TYR C 157 -2.20 -77.60 -7.68
C TYR C 157 -3.08 -76.67 -6.85
N LYS C 158 -2.48 -75.79 -6.05
CA LYS C 158 -3.28 -74.94 -5.18
C LYS C 158 -4.14 -73.96 -5.99
N LEU C 159 -3.69 -73.62 -7.19
CA LEU C 159 -4.45 -72.74 -8.10
C LEU C 159 -5.80 -73.30 -8.51
N LEU C 160 -5.87 -74.61 -8.58
CA LEU C 160 -6.90 -75.26 -9.37
C LEU C 160 -8.23 -75.37 -8.65
N VAL C 161 -8.31 -74.82 -7.44
CA VAL C 161 -9.58 -74.61 -6.77
C VAL C 161 -10.32 -73.36 -7.25
N HIS C 162 -9.67 -72.46 -7.99
CA HIS C 162 -10.28 -71.20 -8.40
C HIS C 162 -11.26 -71.33 -9.54
N PRO C 163 -12.43 -70.67 -9.47
CA PRO C 163 -13.44 -70.80 -10.50
C PRO C 163 -12.99 -70.57 -11.94
N SER C 164 -12.05 -69.65 -12.17
CA SER C 164 -11.56 -69.41 -13.53
C SER C 164 -10.95 -70.68 -14.21
N THR C 165 -10.60 -71.69 -13.41
CA THR C 165 -10.06 -72.97 -13.91
C THR C 165 -11.09 -74.10 -13.85
N SER C 166 -12.36 -73.76 -13.72
CA SER C 166 -13.44 -74.73 -13.79
C SER C 166 -13.75 -75.04 -15.25
N PRO C 167 -14.30 -76.23 -15.52
CA PRO C 167 -14.72 -76.58 -16.87
C PRO C 167 -16.00 -75.85 -17.22
N VAL C 168 -16.15 -75.56 -18.49
CA VAL C 168 -17.34 -74.90 -19.01
C VAL C 168 -17.77 -75.79 -20.18
N PRO C 169 -19.06 -75.79 -20.54
CA PRO C 169 -19.56 -76.70 -21.55
C PRO C 169 -19.51 -76.18 -23.00
N LYS C 170 -18.57 -76.70 -23.76
CA LYS C 170 -18.45 -76.36 -25.21
C LYS C 170 -19.79 -76.26 -25.94
N ALA C 171 -20.61 -77.30 -25.87
CA ALA C 171 -21.88 -77.31 -26.63
C ALA C 171 -22.75 -76.06 -26.38
N ALA C 172 -23.09 -75.79 -25.12
CA ALA C 172 -23.97 -74.66 -24.76
C ALA C 172 -23.38 -73.30 -25.12
N ILE C 173 -22.07 -73.17 -24.97
CA ILE C 173 -21.38 -71.94 -25.32
C ILE C 173 -21.45 -71.68 -26.84
N GLU C 174 -21.26 -72.72 -27.64
CA GLU C 174 -21.25 -72.57 -29.11
C GLU C 174 -22.65 -72.39 -29.64
N LYS C 175 -23.61 -73.02 -28.97
CA LYS C 175 -25.01 -72.95 -29.37
C LYS C 175 -25.65 -71.62 -28.99
N PHE C 176 -25.37 -71.12 -27.78
CA PHE C 176 -26.07 -69.94 -27.28
C PHE C 176 -25.18 -68.70 -27.14
N GLY C 177 -23.86 -68.85 -27.26
CA GLY C 177 -22.97 -67.70 -27.14
C GLY C 177 -23.14 -67.01 -25.79
N GLU C 178 -23.29 -65.69 -25.80
CA GLU C 178 -23.46 -64.90 -24.57
C GLU C 178 -24.70 -65.26 -23.76
N LYS C 179 -25.68 -65.89 -24.41
CA LYS C 179 -26.91 -66.26 -23.72
C LYS C 179 -26.79 -67.62 -23.03
N TRP C 180 -25.58 -68.18 -22.95
CA TRP C 180 -25.42 -69.56 -22.46
C TRP C 180 -25.62 -69.71 -20.99
N THR C 181 -25.43 -68.65 -20.23
CA THR C 181 -25.64 -68.72 -18.79
C THR C 181 -27.11 -68.48 -18.38
N GLN C 182 -28.00 -68.16 -19.32
CA GLN C 182 -29.43 -68.01 -18.97
C GLN C 182 -30.03 -69.30 -18.43
N PRO C 183 -30.96 -69.19 -17.45
CA PRO C 183 -31.53 -70.36 -16.77
C PRO C 183 -31.87 -71.54 -17.68
N GLY C 184 -32.59 -71.31 -18.76
CA GLY C 184 -32.96 -72.41 -19.65
C GLY C 184 -31.79 -73.06 -20.39
N ASN C 185 -30.71 -72.32 -20.59
CA ASN C 185 -29.61 -72.71 -21.47
C ASN C 185 -28.41 -73.30 -20.73
N ILE C 186 -28.20 -72.88 -19.49
CA ILE C 186 -26.94 -73.17 -18.79
C ILE C 186 -26.80 -74.65 -18.45
N VAL C 187 -25.56 -75.13 -18.43
CA VAL C 187 -25.26 -76.52 -18.14
C VAL C 187 -24.11 -76.47 -17.18
N THR C 188 -24.24 -77.14 -16.05
CA THR C 188 -23.34 -76.96 -14.94
C THR C 188 -22.73 -78.27 -14.41
N ASN C 189 -21.63 -78.10 -13.70
CA ASN C 189 -20.79 -79.18 -13.20
C ASN C 189 -20.90 -79.41 -11.67
N GLY C 190 -21.36 -78.37 -10.96
CA GLY C 190 -21.34 -78.35 -9.49
C GLY C 190 -22.56 -78.94 -8.77
N ALA C 191 -22.64 -78.75 -7.46
CA ALA C 191 -23.74 -79.33 -6.71
C ALA C 191 -25.07 -78.62 -6.97
N TYR C 192 -25.03 -77.45 -7.62
CA TYR C 192 -26.23 -76.66 -7.93
C TYR C 192 -26.30 -76.26 -9.39
N THR C 193 -27.50 -75.93 -9.84
CA THR C 193 -27.74 -75.37 -11.16
C THR C 193 -28.58 -74.09 -11.00
N LEU C 194 -28.69 -73.28 -12.04
CA LEU C 194 -29.35 -71.98 -11.93
C LEU C 194 -30.84 -72.14 -12.08
N LYS C 195 -31.59 -71.60 -11.13
CA LYS C 195 -33.04 -71.49 -11.29
C LYS C 195 -33.47 -70.11 -11.78
N ASP C 196 -33.24 -69.07 -10.98
CA ASP C 196 -33.68 -67.70 -11.31
C ASP C 196 -32.51 -66.74 -11.23
N TRP C 197 -32.48 -65.78 -12.15
CA TRP C 197 -31.66 -64.57 -12.04
C TRP C 197 -32.53 -63.39 -12.32
N VAL C 198 -32.90 -62.65 -11.28
CA VAL C 198 -33.65 -61.42 -11.45
C VAL C 198 -32.70 -60.28 -11.14
N VAL C 199 -32.43 -59.45 -12.14
CA VAL C 199 -31.36 -58.46 -12.01
C VAL C 199 -31.64 -57.51 -10.83
N ASN C 200 -30.62 -57.30 -10.01
CA ASN C 200 -30.68 -56.38 -8.88
C ASN C 200 -31.69 -56.77 -7.79
N GLU C 201 -32.20 -58.01 -7.81
CA GLU C 201 -33.05 -58.54 -6.74
C GLU C 201 -32.55 -59.85 -6.15
N ARG C 202 -32.18 -60.82 -7.00
CA ARG C 202 -32.07 -62.20 -6.57
C ARG C 202 -31.43 -63.10 -7.62
N ILE C 203 -30.49 -63.96 -7.19
CA ILE C 203 -30.10 -65.16 -7.94
C ILE C 203 -30.47 -66.41 -7.13
N VAL C 204 -31.14 -67.38 -7.75
CA VAL C 204 -31.68 -68.56 -7.02
C VAL C 204 -31.14 -69.82 -7.67
N LEU C 205 -30.46 -70.65 -6.87
CA LEU C 205 -29.90 -71.91 -7.34
C LEU C 205 -30.70 -73.10 -6.81
N GLU C 206 -30.83 -74.17 -7.62
CA GLU C 206 -31.44 -75.46 -7.25
C GLU C 206 -30.40 -76.55 -7.08
N ARG C 207 -30.65 -77.45 -6.16
CA ARG C 207 -29.85 -78.68 -6.04
C ARG C 207 -29.80 -79.47 -7.36
N SER C 208 -28.60 -79.98 -7.69
CA SER C 208 -28.34 -80.64 -8.99
C SER C 208 -28.09 -82.15 -8.82
N PRO C 209 -29.10 -82.96 -9.14
CA PRO C 209 -29.04 -84.39 -8.85
C PRO C 209 -28.05 -85.19 -9.71
N THR C 210 -27.65 -84.63 -10.86
CA THR C 210 -26.57 -85.19 -11.67
C THR C 210 -25.21 -85.08 -10.97
N TYR C 211 -25.08 -84.14 -10.02
CA TYR C 211 -23.81 -83.97 -9.31
C TYR C 211 -23.32 -85.28 -8.73
N TRP C 212 -22.03 -85.57 -8.91
CA TRP C 212 -21.49 -86.87 -8.53
C TRP C 212 -21.62 -87.16 -7.08
N ASN C 213 -21.52 -86.13 -6.23
CA ASN C 213 -21.68 -86.35 -4.79
C ASN C 213 -23.02 -85.86 -4.24
N ASN C 214 -24.06 -85.89 -5.06
CA ASN C 214 -25.39 -85.38 -4.67
C ASN C 214 -25.97 -86.03 -3.43
N ALA C 215 -25.72 -87.34 -3.25
CA ALA C 215 -26.20 -88.05 -2.07
C ALA C 215 -25.81 -87.35 -0.76
N LYS C 216 -24.72 -86.58 -0.76
CA LYS C 216 -24.23 -85.89 0.45
C LYS C 216 -24.67 -84.43 0.54
N THR C 217 -25.26 -83.88 -0.51
CA THR C 217 -25.75 -82.51 -0.47
C THR C 217 -27.04 -82.44 0.34
N VAL C 218 -27.18 -81.40 1.18
CA VAL C 218 -28.38 -81.27 2.02
C VAL C 218 -29.28 -80.10 1.62
N ILE C 219 -28.73 -78.92 1.36
CA ILE C 219 -29.58 -77.77 1.02
C ILE C 219 -30.21 -77.99 -0.37
N ASN C 220 -31.52 -77.80 -0.47
CA ASN C 220 -32.24 -77.91 -1.73
C ASN C 220 -32.26 -76.65 -2.59
N GLN C 221 -32.19 -75.50 -1.95
CA GLN C 221 -32.23 -74.23 -2.66
C GLN C 221 -31.47 -73.15 -1.93
N VAL C 222 -30.73 -72.34 -2.67
CA VAL C 222 -29.98 -71.23 -2.08
C VAL C 222 -30.23 -69.98 -2.88
N THR C 223 -30.41 -68.88 -2.14
CA THR C 223 -30.68 -67.60 -2.74
C THR C 223 -29.54 -66.64 -2.44
N TYR C 224 -29.01 -66.00 -3.46
CA TYR C 224 -27.99 -64.98 -3.28
C TYR C 224 -28.61 -63.62 -3.62
N LEU C 225 -28.44 -62.68 -2.71
CA LEU C 225 -28.97 -61.34 -2.90
C LEU C 225 -27.83 -60.36 -3.20
N PRO C 226 -28.16 -59.23 -3.86
CA PRO C 226 -27.16 -58.29 -4.33
C PRO C 226 -27.12 -56.97 -3.53
N ILE C 227 -27.23 -57.04 -2.21
CA ILE C 227 -27.39 -55.82 -1.38
C ILE C 227 -26.03 -55.21 -1.06
N ALA C 228 -25.81 -54.00 -1.58
CA ALA C 228 -24.53 -53.29 -1.44
C ALA C 228 -24.42 -52.54 -0.09
N SER C 229 -25.57 -52.17 0.46
CA SER C 229 -25.66 -51.50 1.78
C SER C 229 -25.50 -52.52 2.92
N GLU C 230 -24.37 -52.47 3.64
CA GLU C 230 -24.20 -53.30 4.84
C GLU C 230 -25.29 -53.04 5.93
N VAL C 231 -25.78 -51.80 6.02
CA VAL C 231 -26.85 -51.48 6.95
C VAL C 231 -28.11 -52.26 6.54
N THR C 232 -28.48 -52.21 5.26
CA THR C 232 -29.68 -52.90 4.76
C THR C 232 -29.58 -54.42 4.93
N ASP C 233 -28.36 -54.95 4.73
CA ASP C 233 -28.05 -56.38 4.92
C ASP C 233 -28.41 -56.82 6.34
N VAL C 234 -27.79 -56.16 7.32
CA VAL C 234 -28.03 -56.47 8.73
C VAL C 234 -29.51 -56.33 9.09
N ASN C 235 -30.15 -55.25 8.66
CA ASN C 235 -31.59 -55.03 8.93
C ASN C 235 -32.43 -56.20 8.42
N ARG C 236 -32.08 -56.69 7.24
CA ARG C 236 -32.81 -57.78 6.62
C ARG C 236 -32.49 -59.15 7.20
N TYR C 237 -31.28 -59.28 7.73
CA TYR C 237 -30.91 -60.43 8.53
C TYR C 237 -31.76 -60.42 9.83
N ARG C 238 -31.76 -59.29 10.52
CA ARG C 238 -32.40 -59.16 11.83
C ARG C 238 -33.91 -59.35 11.78
N SER C 239 -34.52 -58.98 10.66
CA SER C 239 -35.98 -59.14 10.53
C SER C 239 -36.39 -60.55 10.07
N GLY C 240 -35.42 -61.39 9.72
CA GLY C 240 -35.67 -62.80 9.42
C GLY C 240 -35.53 -63.29 7.98
N GLU C 241 -35.33 -62.38 7.01
CA GLU C 241 -35.24 -62.79 5.59
C GLU C 241 -33.88 -63.45 5.26
N ILE C 242 -32.80 -62.96 5.85
CA ILE C 242 -31.44 -63.37 5.46
C ILE C 242 -30.81 -64.30 6.50
N ASP C 243 -30.26 -65.43 6.07
CA ASP C 243 -29.64 -66.43 6.98
C ASP C 243 -28.18 -66.14 7.26
N MET C 244 -27.49 -65.57 6.29
CA MET C 244 -26.07 -65.26 6.41
C MET C 244 -25.86 -63.94 5.69
N THR C 245 -25.25 -62.98 6.37
CA THR C 245 -24.89 -61.71 5.74
C THR C 245 -23.64 -61.84 4.88
N ASN C 246 -23.45 -60.87 4.01
CA ASN C 246 -22.16 -60.69 3.41
C ASN C 246 -21.17 -60.44 4.54
N ASN C 247 -19.90 -60.78 4.29
CA ASN C 247 -18.82 -60.53 5.23
C ASN C 247 -18.28 -59.08 5.18
N SER C 248 -19.19 -58.12 5.23
CA SER C 248 -18.82 -56.71 5.34
C SER C 248 -19.75 -56.08 6.36
N MET C 249 -19.17 -55.56 7.44
CA MET C 249 -19.96 -55.02 8.55
C MET C 249 -20.09 -53.49 8.49
N PRO C 250 -21.27 -52.96 8.89
CA PRO C 250 -21.34 -51.51 9.10
C PRO C 250 -20.48 -51.13 10.29
N ILE C 251 -19.54 -50.21 10.08
CA ILE C 251 -18.65 -49.75 11.15
C ILE C 251 -19.46 -49.47 12.43
N GLU C 252 -20.49 -48.64 12.29
CA GLU C 252 -21.24 -48.10 13.41
C GLU C 252 -22.17 -49.10 14.15
N LEU C 253 -22.47 -50.24 13.53
CA LEU C 253 -23.39 -51.24 14.13
C LEU C 253 -22.70 -52.46 14.73
N PHE C 254 -21.42 -52.68 14.40
CA PHE C 254 -20.75 -53.93 14.81
C PHE C 254 -20.76 -54.22 16.32
N GLN C 255 -20.39 -53.22 17.13
CA GLN C 255 -20.33 -53.39 18.59
C GLN C 255 -21.68 -53.67 19.20
N LYS C 256 -22.73 -53.04 18.67
CA LYS C 256 -24.11 -53.34 19.04
C LYS C 256 -24.55 -54.79 18.69
N LEU C 257 -24.12 -55.31 17.53
CA LEU C 257 -24.45 -56.68 17.14
C LEU C 257 -23.75 -57.70 18.06
N LYS C 258 -22.48 -57.47 18.37
CA LYS C 258 -21.76 -58.36 19.27
C LYS C 258 -22.32 -58.32 20.73
N LYS C 259 -22.93 -57.19 21.08
CA LYS C 259 -23.58 -57.09 22.39
C LYS C 259 -24.94 -57.78 22.39
N GLU C 260 -25.72 -57.59 21.33
CA GLU C 260 -27.12 -58.06 21.28
C GLU C 260 -27.28 -59.51 20.80
N ILE C 261 -26.47 -59.91 19.82
CA ILE C 261 -26.56 -61.27 19.26
C ILE C 261 -25.17 -61.94 19.10
N PRO C 262 -24.39 -62.03 20.20
CA PRO C 262 -23.00 -62.47 20.16
C PRO C 262 -22.79 -63.86 19.55
N ASP C 263 -23.69 -64.81 19.83
CA ASP C 263 -23.59 -66.20 19.34
C ASP C 263 -23.67 -66.30 17.80
N GLU C 264 -24.25 -65.28 17.17
CA GLU C 264 -24.48 -65.22 15.74
C GLU C 264 -23.38 -64.44 14.98
N VAL C 265 -22.47 -63.85 15.73
CA VAL C 265 -21.34 -63.06 15.20
C VAL C 265 -20.10 -63.97 15.01
N HIS C 266 -19.63 -64.06 13.79
CA HIS C 266 -18.45 -64.84 13.43
C HIS C 266 -17.40 -63.90 12.91
N VAL C 267 -16.19 -63.99 13.46
CA VAL C 267 -15.06 -63.18 12.97
C VAL C 267 -13.85 -64.11 12.90
N ASP C 268 -13.30 -64.25 11.71
CA ASP C 268 -12.22 -65.21 11.47
C ASP C 268 -11.17 -64.57 10.58
N PRO C 269 -9.95 -65.12 10.57
CA PRO C 269 -8.89 -64.62 9.67
C PRO C 269 -9.30 -64.66 8.18
N TYR C 270 -8.84 -63.67 7.41
CA TYR C 270 -9.17 -63.57 6.00
C TYR C 270 -7.95 -63.01 5.27
N LEU C 271 -7.50 -63.67 4.20
CA LEU C 271 -6.31 -63.23 3.45
C LEU C 271 -6.63 -62.20 2.34
N CYS C 272 -7.05 -61.01 2.78
CA CYS C 272 -7.34 -59.88 1.89
C CYS C 272 -6.76 -58.57 2.47
N THR C 273 -6.40 -57.65 1.58
CA THR C 273 -5.80 -56.37 1.98
C THR C 273 -6.68 -55.22 1.47
N TYR C 274 -6.96 -54.27 2.35
CA TYR C 274 -7.74 -53.09 2.04
C TYR C 274 -6.74 -52.01 1.73
N TYR C 275 -6.88 -51.39 0.55
CA TYR C 275 -5.94 -50.39 0.08
C TYR C 275 -6.56 -49.35 -0.83
N TYR C 276 -5.85 -48.24 -0.96
CA TYR C 276 -6.21 -47.24 -1.94
C TYR C 276 -5.26 -47.46 -3.10
N GLU C 277 -5.84 -47.92 -4.22
CA GLU C 277 -5.13 -48.16 -5.47
C GLU C 277 -4.88 -46.86 -6.24
N ILE C 278 -3.63 -46.64 -6.62
CA ILE C 278 -3.21 -45.48 -7.43
C ILE C 278 -3.10 -45.90 -8.91
N ASN C 279 -3.85 -45.24 -9.80
CA ASN C 279 -3.64 -45.45 -11.23
C ASN C 279 -2.28 -44.88 -11.56
N ASN C 280 -1.27 -45.75 -11.61
CA ASN C 280 0.10 -45.31 -11.82
C ASN C 280 0.35 -44.63 -13.20
N GLN C 281 -0.57 -44.76 -14.15
CA GLN C 281 -0.37 -44.16 -15.48
C GLN C 281 -1.18 -42.86 -15.68
N LYS C 282 -1.90 -42.40 -14.66
CA LYS C 282 -2.66 -41.14 -14.77
C LYS C 282 -1.90 -40.01 -14.06
N PRO C 283 -1.43 -39.01 -14.82
CA PRO C 283 -0.75 -37.87 -14.19
C PRO C 283 -1.63 -37.22 -13.12
N PRO C 284 -1.04 -36.79 -11.99
CA PRO C 284 0.40 -36.74 -11.68
C PRO C 284 0.98 -37.98 -11.02
N PHE C 285 0.17 -39.03 -10.91
CA PHE C 285 0.52 -40.25 -10.18
C PHE C 285 1.47 -41.17 -10.90
N ASN C 286 1.86 -40.81 -12.12
CA ASN C 286 3.06 -41.40 -12.76
C ASN C 286 4.34 -40.92 -12.10
N ASP C 287 4.20 -39.93 -11.19
CA ASP C 287 5.35 -39.47 -10.42
C ASP C 287 5.41 -40.14 -9.04
N VAL C 288 6.50 -40.88 -8.82
CA VAL C 288 6.70 -41.64 -7.57
C VAL C 288 6.57 -40.75 -6.35
N ARG C 289 7.12 -39.53 -6.43
CA ARG C 289 7.10 -38.61 -5.30
C ARG C 289 5.67 -38.30 -4.86
N VAL C 290 4.80 -38.06 -5.84
CA VAL C 290 3.38 -37.83 -5.56
C VAL C 290 2.74 -39.07 -4.93
N ARG C 291 3.08 -40.25 -5.45
CA ARG C 291 2.50 -41.50 -4.94
C ARG C 291 2.88 -41.74 -3.48
N THR C 292 4.19 -41.61 -3.22
CA THR C 292 4.73 -41.82 -1.89
C THR C 292 4.17 -40.80 -0.89
N ALA C 293 3.84 -39.59 -1.35
CA ALA C 293 3.22 -38.58 -0.46
C ALA C 293 1.80 -39.04 -0.02
N LEU C 294 1.02 -39.58 -0.94
CA LEU C 294 -0.32 -40.09 -0.62
C LEU C 294 -0.22 -41.31 0.28
N LYS C 295 0.78 -42.16 0.02
CA LYS C 295 1.07 -43.32 0.85
C LYS C 295 1.31 -42.88 2.30
N LEU C 296 2.23 -41.95 2.48
CA LEU C 296 2.69 -41.55 3.81
C LEU C 296 1.63 -40.70 4.54
N GLY C 297 0.92 -39.88 3.79
CA GLY C 297 -0.07 -38.96 4.37
C GLY C 297 -1.31 -39.61 4.97
N MET C 298 -1.61 -40.84 4.54
CA MET C 298 -2.72 -41.60 5.14
C MET C 298 -2.34 -42.04 6.55
N ASP C 299 -3.28 -41.89 7.47
CA ASP C 299 -3.08 -42.30 8.86
C ASP C 299 -3.80 -43.60 9.13
N ARG C 300 -3.04 -44.70 9.17
CA ARG C 300 -3.62 -46.04 9.28
C ARG C 300 -4.19 -46.32 10.67
N ASP C 301 -3.57 -45.69 11.66
CA ASP C 301 -4.01 -45.80 13.03
C ASP C 301 -5.39 -45.18 13.22
N ILE C 302 -5.64 -44.01 12.62
CA ILE C 302 -6.98 -43.40 12.69
C ILE C 302 -8.05 -44.25 11.99
N ILE C 303 -7.74 -44.79 10.82
CA ILE C 303 -8.69 -45.66 10.10
C ILE C 303 -8.96 -46.97 10.86
N VAL C 304 -7.92 -47.69 11.24
CA VAL C 304 -8.08 -48.97 11.95
C VAL C 304 -8.87 -48.81 13.26
N ASN C 305 -8.60 -47.73 13.98
CA ASN C 305 -9.31 -47.47 15.23
C ASN C 305 -10.83 -47.42 15.03
N LYS C 306 -11.29 -47.08 13.82
CA LYS C 306 -12.72 -47.09 13.51
C LYS C 306 -13.31 -48.50 13.39
N VAL C 307 -12.49 -49.49 13.09
CA VAL C 307 -12.96 -50.87 12.98
C VAL C 307 -12.34 -51.78 14.06
N LYS C 308 -11.79 -51.18 15.13
CA LYS C 308 -10.98 -51.95 16.11
C LYS C 308 -11.76 -53.04 16.86
N ALA C 309 -13.08 -52.94 16.94
CA ALA C 309 -13.92 -54.01 17.52
C ALA C 309 -13.84 -55.30 16.68
N GLN C 310 -13.64 -55.15 15.38
CA GLN C 310 -13.54 -56.28 14.46
C GLN C 310 -12.14 -56.95 14.45
N GLY C 311 -11.11 -56.23 14.90
CA GLY C 311 -9.76 -56.79 15.05
C GLY C 311 -8.78 -56.57 13.90
N ASN C 312 -9.11 -55.72 12.92
CA ASN C 312 -8.23 -55.49 11.74
C ASN C 312 -6.87 -54.89 12.11
N MET C 313 -5.80 -55.35 11.47
CA MET C 313 -4.45 -54.82 11.72
C MET C 313 -4.06 -53.78 10.64
N PRO C 314 -3.26 -52.75 11.02
CA PRO C 314 -2.86 -51.72 10.04
C PRO C 314 -1.84 -52.23 9.00
N ALA C 315 -2.05 -51.87 7.73
CA ALA C 315 -1.29 -52.45 6.62
C ALA C 315 -0.07 -51.61 6.20
N TYR C 316 1.05 -52.29 5.99
CA TYR C 316 2.28 -51.66 5.53
C TYR C 316 2.74 -52.16 4.14
N GLY C 317 2.02 -53.09 3.54
CA GLY C 317 2.38 -53.66 2.24
C GLY C 317 1.18 -54.34 1.58
N TYR C 318 1.43 -55.18 0.59
CA TYR C 318 0.34 -55.74 -0.22
C TYR C 318 -0.03 -57.15 0.25
N THR C 319 0.90 -58.07 0.09
CA THR C 319 0.76 -59.44 0.54
C THR C 319 0.44 -59.43 2.03
N PRO C 320 -0.60 -60.17 2.46
CA PRO C 320 -0.80 -60.25 3.89
C PRO C 320 0.32 -61.03 4.56
N PRO C 321 0.90 -60.49 5.66
CA PRO C 321 2.09 -61.11 6.29
C PRO C 321 1.83 -62.52 6.83
N TYR C 322 0.57 -62.85 7.05
CA TYR C 322 0.19 -64.18 7.52
C TYR C 322 -0.03 -65.14 6.33
N THR C 323 0.16 -64.66 5.10
CA THR C 323 0.17 -65.54 3.91
C THR C 323 1.21 -66.67 4.05
N ASP C 324 0.83 -67.88 3.66
CA ASP C 324 1.72 -69.05 3.69
C ASP C 324 2.92 -68.81 2.79
N GLY C 325 4.13 -68.96 3.33
CA GLY C 325 5.35 -68.72 2.57
C GLY C 325 5.86 -67.29 2.68
N ALA C 326 5.21 -66.46 3.50
CA ALA C 326 5.56 -65.04 3.64
C ALA C 326 6.29 -64.73 4.96
N LYS C 327 7.46 -64.07 4.88
CA LYS C 327 8.20 -63.54 6.04
C LYS C 327 8.55 -62.04 5.83
N LEU C 328 7.54 -61.16 5.93
CA LEU C 328 7.64 -59.77 5.49
C LEU C 328 8.25 -58.81 6.51
N THR C 329 9.05 -57.86 6.03
CA THR C 329 9.56 -56.79 6.89
C THR C 329 8.73 -55.51 6.72
N GLN C 330 8.54 -54.77 7.81
CA GLN C 330 7.93 -53.44 7.78
C GLN C 330 8.95 -52.42 7.25
N PRO C 331 8.56 -51.54 6.30
CA PRO C 331 9.51 -50.49 5.87
C PRO C 331 9.77 -49.45 6.97
N GLU C 332 10.87 -48.72 6.83
CA GLU C 332 11.25 -47.68 7.80
C GLU C 332 10.11 -46.74 8.18
N TRP C 333 9.43 -46.22 7.18
CA TRP C 333 8.40 -45.20 7.40
C TRP C 333 7.24 -45.63 8.26
N PHE C 334 7.01 -46.94 8.36
CA PHE C 334 5.89 -47.48 9.15
C PHE C 334 6.08 -47.23 10.65
N GLY C 335 7.33 -47.07 11.10
CA GLY C 335 7.63 -46.79 12.50
C GLY C 335 7.82 -45.33 12.87
N TRP C 336 7.82 -44.43 11.87
CA TRP C 336 7.87 -42.98 12.13
C TRP C 336 6.62 -42.56 12.84
N SER C 337 6.58 -41.31 13.33
CA SER C 337 5.32 -40.71 13.73
C SER C 337 4.54 -40.30 12.47
N GLN C 338 3.25 -40.05 12.61
CA GLN C 338 2.44 -39.53 11.53
C GLN C 338 2.87 -38.09 11.15
N GLU C 339 3.27 -37.30 12.15
CA GLU C 339 3.80 -35.94 11.93
C GLU C 339 4.98 -35.95 10.98
N LYS C 340 5.93 -36.87 11.21
CA LYS C 340 7.10 -37.00 10.34
C LYS C 340 6.71 -37.51 8.95
N ARG C 341 5.71 -38.38 8.86
CA ARG C 341 5.23 -38.84 7.55
C ARG C 341 4.58 -37.68 6.79
N ASN C 342 3.75 -36.90 7.48
CA ASN C 342 3.11 -35.72 6.88
C ASN C 342 4.13 -34.72 6.35
N GLU C 343 5.12 -34.38 7.19
CA GLU C 343 6.26 -33.52 6.80
C GLU C 343 6.95 -34.02 5.52
N GLU C 344 7.29 -35.32 5.48
CA GLU C 344 8.02 -35.88 4.33
C GLU C 344 7.15 -35.91 3.04
N ALA C 345 5.86 -36.19 3.22
CA ALA C 345 4.91 -36.23 2.11
C ALA C 345 4.78 -34.85 1.45
N LYS C 346 4.68 -33.80 2.28
CA LYS C 346 4.58 -32.42 1.76
C LYS C 346 5.84 -32.01 1.00
N LYS C 347 7.00 -32.47 1.51
CA LYS C 347 8.30 -32.21 0.88
C LYS C 347 8.39 -32.87 -0.49
N LEU C 348 7.97 -34.12 -0.56
CA LEU C 348 7.91 -34.85 -1.84
C LEU C 348 6.95 -34.20 -2.83
N LEU C 349 5.76 -33.80 -2.35
CA LEU C 349 4.78 -33.11 -3.20
C LEU C 349 5.32 -31.82 -3.81
N ALA C 350 5.95 -30.99 -3.00
CA ALA C 350 6.50 -29.71 -3.43
C ALA C 350 7.62 -29.90 -4.45
N GLU C 351 8.44 -30.93 -4.24
CA GLU C 351 9.51 -31.28 -5.16
C GLU C 351 8.95 -31.67 -6.56
N ALA C 352 7.76 -32.24 -6.57
CA ALA C 352 7.10 -32.57 -7.84
C ALA C 352 6.38 -31.36 -8.46
N GLY C 353 6.29 -30.24 -7.72
CA GLY C 353 5.61 -29.02 -8.18
C GLY C 353 4.23 -28.76 -7.59
N TYR C 354 3.85 -29.54 -6.56
CA TYR C 354 2.54 -29.39 -5.91
C TYR C 354 2.76 -28.79 -4.52
N THR C 355 2.78 -27.46 -4.50
CA THR C 355 3.21 -26.67 -3.36
C THR C 355 2.01 -26.29 -2.50
N ALA C 356 2.25 -25.56 -1.42
CA ALA C 356 1.15 -25.02 -0.62
C ALA C 356 0.36 -24.00 -1.44
N ASP C 357 1.05 -23.17 -2.20
CA ASP C 357 0.39 -22.18 -3.05
C ASP C 357 -0.30 -22.81 -4.27
N LYS C 358 0.23 -23.94 -4.74
CA LYS C 358 -0.36 -24.64 -5.89
C LYS C 358 -0.58 -26.13 -5.58
N PRO C 359 -1.68 -26.44 -4.87
CA PRO C 359 -1.91 -27.79 -4.35
C PRO C 359 -2.55 -28.74 -5.37
N LEU C 360 -2.38 -30.04 -5.10
CA LEU C 360 -2.99 -31.12 -5.86
C LEU C 360 -4.45 -31.38 -5.46
N THR C 361 -5.33 -31.52 -6.45
CA THR C 361 -6.68 -32.01 -6.25
C THR C 361 -6.87 -33.36 -6.98
N ILE C 362 -7.40 -34.37 -6.28
CA ILE C 362 -7.65 -35.70 -6.89
C ILE C 362 -9.08 -36.19 -6.70
N ASN C 363 -9.52 -37.13 -7.56
CA ASN C 363 -10.78 -37.83 -7.36
C ASN C 363 -10.54 -39.18 -6.68
N LEU C 364 -11.40 -39.56 -5.75
CA LEU C 364 -11.34 -40.85 -5.05
C LEU C 364 -12.59 -41.65 -5.38
N LEU C 365 -12.40 -42.72 -6.14
CA LEU C 365 -13.49 -43.61 -6.57
C LEU C 365 -13.72 -44.76 -5.60
N TYR C 366 -14.96 -45.10 -5.36
CA TYR C 366 -15.27 -46.28 -4.53
C TYR C 366 -16.56 -46.91 -5.01
N ASN C 367 -16.71 -48.21 -4.75
CA ASN C 367 -17.97 -48.90 -5.03
C ASN C 367 -18.98 -48.74 -3.90
N THR C 368 -20.22 -48.42 -4.26
CA THR C 368 -21.33 -48.22 -3.33
C THR C 368 -21.25 -49.17 -2.15
N SER C 369 -21.20 -48.57 -0.97
CA SER C 369 -21.02 -49.29 0.30
C SER C 369 -21.09 -48.30 1.44
N ASP C 370 -21.72 -48.73 2.52
CA ASP C 370 -21.79 -47.91 3.75
C ASP C 370 -20.39 -47.82 4.36
N LEU C 371 -19.72 -48.96 4.45
CA LEU C 371 -18.33 -49.03 4.85
C LEU C 371 -17.39 -48.15 4.02
N HIS C 372 -17.37 -48.33 2.70
CA HIS C 372 -16.40 -47.63 1.85
C HIS C 372 -16.62 -46.12 1.80
N LYS C 373 -17.87 -45.67 1.83
CA LYS C 373 -18.18 -44.25 1.85
C LYS C 373 -17.71 -43.61 3.13
N LYS C 374 -18.02 -44.24 4.26
CA LYS C 374 -17.59 -43.74 5.55
C LYS C 374 -16.04 -43.70 5.61
N LEU C 375 -15.37 -44.73 5.10
CA LEU C 375 -13.88 -44.71 5.13
C LEU C 375 -13.30 -43.74 4.10
N ALA C 376 -13.98 -43.56 2.97
CA ALA C 376 -13.52 -42.58 1.97
C ALA C 376 -13.67 -41.14 2.47
N ILE C 377 -14.75 -40.88 3.21
CA ILE C 377 -14.96 -39.54 3.80
C ILE C 377 -13.83 -39.26 4.79
N ALA C 378 -13.46 -40.27 5.58
CA ALA C 378 -12.32 -40.14 6.50
C ALA C 378 -11.00 -39.94 5.77
N ALA C 379 -10.73 -40.80 4.81
CA ALA C 379 -9.53 -40.70 3.94
C ALA C 379 -9.33 -39.32 3.32
N SER C 380 -10.43 -38.72 2.85
CA SER C 380 -10.44 -37.37 2.30
C SER C 380 -10.03 -36.32 3.35
N SER C 381 -10.67 -36.34 4.52
CA SER C 381 -10.33 -35.39 5.59
C SER C 381 -8.88 -35.55 6.00
N LEU C 382 -8.43 -36.80 6.16
CA LEU C 382 -7.04 -37.06 6.56
C LEU C 382 -6.07 -36.48 5.54
N TRP C 383 -6.27 -36.74 4.25
CA TRP C 383 -5.38 -36.23 3.23
C TRP C 383 -5.36 -34.71 3.17
N LYS C 384 -6.55 -34.10 3.23
CA LYS C 384 -6.69 -32.64 3.28
C LYS C 384 -5.89 -32.03 4.42
N LYS C 385 -6.12 -32.53 5.64
CA LYS C 385 -5.46 -32.00 6.83
C LYS C 385 -3.96 -32.29 6.87
N ASN C 386 -3.56 -33.50 6.52
CA ASN C 386 -2.20 -33.98 6.78
C ASN C 386 -1.20 -33.55 5.74
N ILE C 387 -1.60 -33.52 4.47
CA ILE C 387 -0.65 -33.22 3.39
C ILE C 387 -1.14 -32.16 2.41
N GLY C 388 -2.34 -31.60 2.63
CA GLY C 388 -2.85 -30.52 1.81
C GLY C 388 -3.43 -30.90 0.46
N VAL C 389 -3.77 -32.18 0.29
CA VAL C 389 -4.34 -32.68 -0.97
C VAL C 389 -5.88 -32.65 -0.84
N ASN C 390 -6.53 -32.03 -1.83
CA ASN C 390 -8.00 -32.02 -1.94
C ASN C 390 -8.53 -33.29 -2.65
N VAL C 391 -9.47 -33.98 -2.01
CA VAL C 391 -9.98 -35.25 -2.52
C VAL C 391 -11.50 -35.16 -2.69
N LYS C 392 -12.01 -35.27 -3.91
CA LYS C 392 -13.47 -35.31 -4.14
C LYS C 392 -13.89 -36.77 -4.29
N LEU C 393 -15.12 -37.10 -3.93
CA LEU C 393 -15.59 -38.49 -3.95
C LEU C 393 -16.38 -38.80 -5.19
N VAL C 394 -16.15 -39.99 -5.73
CA VAL C 394 -16.90 -40.54 -6.85
C VAL C 394 -17.32 -41.97 -6.47
N ASN C 395 -18.61 -42.25 -6.62
CA ASN C 395 -19.11 -43.58 -6.30
C ASN C 395 -19.79 -44.24 -7.50
N GLN C 396 -19.52 -45.54 -7.68
CA GLN C 396 -20.09 -46.34 -8.77
C GLN C 396 -20.54 -47.71 -8.28
N GLU C 397 -21.50 -48.32 -8.96
CA GLU C 397 -21.89 -49.68 -8.63
C GLU C 397 -20.79 -50.65 -9.08
N TRP C 398 -20.78 -51.81 -8.44
CA TRP C 398 -19.69 -52.79 -8.52
C TRP C 398 -19.17 -53.07 -9.92
N LYS C 399 -20.06 -53.40 -10.85
CA LYS C 399 -19.66 -53.79 -12.22
C LYS C 399 -19.06 -52.59 -12.96
N THR C 400 -19.72 -51.42 -12.92
CA THR C 400 -19.18 -50.21 -13.53
C THR C 400 -17.81 -49.87 -12.91
N PHE C 401 -17.76 -49.92 -11.59
CA PHE C 401 -16.52 -49.71 -10.81
C PHE C 401 -15.31 -50.54 -11.24
N LEU C 402 -15.47 -51.84 -11.39
CA LEU C 402 -14.39 -52.71 -11.85
C LEU C 402 -13.94 -52.39 -13.32
N ASP C 403 -14.92 -52.01 -14.15
CA ASP C 403 -14.65 -51.63 -15.55
C ASP C 403 -13.78 -50.37 -15.65
N THR C 404 -14.19 -49.33 -14.93
CA THR C 404 -13.41 -48.10 -14.78
C THR C 404 -11.96 -48.40 -14.40
N ARG C 405 -11.76 -49.27 -13.43
CA ARG C 405 -10.41 -49.54 -12.97
C ARG C 405 -9.58 -50.13 -14.10
N HIS C 406 -10.15 -51.07 -14.85
CA HIS C 406 -9.48 -51.64 -16.01
C HIS C 406 -9.23 -50.60 -17.08
N GLN C 407 -10.23 -49.75 -17.36
CA GLN C 407 -10.08 -48.76 -18.40
C GLN C 407 -9.09 -47.64 -18.02
N GLY C 408 -8.79 -47.47 -16.74
CA GLY C 408 -7.86 -46.42 -16.29
C GLY C 408 -8.46 -45.03 -16.16
N THR C 409 -9.79 -44.92 -16.23
CA THR C 409 -10.47 -43.64 -16.10
C THR C 409 -10.75 -43.24 -14.60
N PHE C 410 -9.71 -43.30 -13.78
CA PHE C 410 -9.77 -42.93 -12.36
C PHE C 410 -8.39 -42.42 -11.90
N ASP C 411 -8.35 -41.72 -10.76
CA ASP C 411 -7.09 -41.28 -10.16
C ASP C 411 -6.64 -42.30 -9.10
N VAL C 412 -7.51 -42.46 -8.11
CA VAL C 412 -7.26 -43.26 -6.92
C VAL C 412 -8.59 -43.93 -6.60
N ALA C 413 -8.53 -45.22 -6.29
CA ALA C 413 -9.72 -45.96 -5.99
C ALA C 413 -9.58 -46.80 -4.73
N ARG C 414 -10.66 -46.83 -3.97
CA ARG C 414 -10.79 -47.82 -2.90
C ARG C 414 -10.67 -49.22 -3.53
N ALA C 415 -9.94 -50.12 -2.87
CA ALA C 415 -9.60 -51.41 -3.45
C ALA C 415 -9.55 -52.50 -2.36
N GLY C 416 -9.69 -53.75 -2.80
CA GLY C 416 -9.56 -54.93 -1.95
C GLY C 416 -9.13 -56.12 -2.81
N TRP C 417 -7.98 -56.73 -2.48
CA TRP C 417 -7.53 -57.99 -3.07
C TRP C 417 -7.56 -59.11 -2.04
N CYS C 418 -8.29 -60.19 -2.37
CA CYS C 418 -8.23 -61.46 -1.63
C CYS C 418 -7.46 -62.52 -2.42
N ALA C 419 -6.67 -63.31 -1.70
CA ALA C 419 -5.91 -64.38 -2.32
C ALA C 419 -6.84 -65.44 -2.98
N ASP C 420 -6.43 -65.91 -4.16
CA ASP C 420 -7.12 -66.99 -4.85
C ASP C 420 -6.58 -68.34 -4.41
N TYR C 421 -5.30 -68.34 -4.07
CA TYR C 421 -4.63 -69.45 -3.40
C TYR C 421 -3.69 -68.91 -2.33
N ASN C 422 -3.45 -69.70 -1.28
CA ASN C 422 -2.65 -69.24 -0.13
C ASN C 422 -1.13 -69.39 -0.38
N GLU C 423 -0.59 -68.48 -1.20
CA GLU C 423 0.88 -68.39 -1.44
C GLU C 423 1.12 -66.93 -1.90
N PRO C 424 2.32 -66.35 -1.67
CA PRO C 424 2.46 -64.91 -1.94
C PRO C 424 2.23 -64.46 -3.38
N THR C 425 2.46 -65.34 -4.36
CA THR C 425 2.29 -64.98 -5.78
C THR C 425 0.83 -64.66 -6.09
N SER C 426 -0.11 -65.23 -5.35
CA SER C 426 -1.52 -64.89 -5.60
C SER C 426 -1.71 -63.38 -5.47
N PHE C 427 -0.88 -62.73 -4.64
CA PHE C 427 -0.85 -61.26 -4.55
C PHE C 427 0.09 -60.65 -5.55
N LEU C 428 1.36 -61.04 -5.47
CA LEU C 428 2.42 -60.37 -6.20
C LEU C 428 2.27 -60.43 -7.72
N ASN C 429 1.74 -61.52 -8.23
CA ASN C 429 1.60 -61.66 -9.69
C ASN C 429 0.59 -60.65 -10.27
N THR C 430 -0.30 -60.10 -9.42
CA THR C 430 -1.22 -59.05 -9.90
C THR C 430 -0.51 -57.76 -10.26
N MET C 431 0.71 -57.54 -9.74
CA MET C 431 1.47 -56.32 -10.06
C MET C 431 2.48 -56.53 -11.20
N LEU C 432 2.52 -57.74 -11.77
CA LEU C 432 3.32 -57.96 -12.98
C LEU C 432 2.82 -57.06 -14.12
N SER C 433 3.76 -56.56 -14.92
CA SER C 433 3.43 -55.60 -15.99
C SER C 433 2.44 -56.22 -17.00
N ASN C 434 2.64 -57.49 -17.34
CA ASN C 434 1.72 -58.22 -18.25
C ASN C 434 0.37 -58.74 -17.69
N SER C 435 0.04 -58.49 -16.42
CA SER C 435 -1.09 -59.17 -15.78
C SER C 435 -2.43 -58.54 -16.12
N SER C 436 -3.35 -59.40 -16.52
CA SER C 436 -4.72 -59.01 -16.78
C SER C 436 -5.40 -58.49 -15.55
N MET C 437 -4.80 -58.70 -14.38
CA MET C 437 -5.39 -58.23 -13.11
C MET C 437 -4.77 -56.94 -12.57
N ASN C 438 -3.82 -56.35 -13.30
CA ASN C 438 -3.07 -55.15 -12.85
C ASN C 438 -3.90 -53.87 -13.08
N THR C 439 -4.86 -53.61 -12.22
CA THR C 439 -5.66 -52.39 -12.30
C THR C 439 -4.95 -51.18 -11.71
N ALA C 440 -3.82 -51.39 -11.02
CA ALA C 440 -2.93 -50.31 -10.59
C ALA C 440 -2.17 -49.70 -11.76
N HIS C 441 -2.14 -50.42 -12.88
CA HIS C 441 -1.38 -50.05 -14.07
C HIS C 441 0.05 -49.75 -13.69
N TYR C 442 0.60 -50.61 -12.84
CA TYR C 442 1.99 -50.52 -12.35
C TYR C 442 2.85 -51.40 -13.23
N LYS C 443 3.85 -50.82 -13.88
CA LYS C 443 4.75 -51.59 -14.75
C LYS C 443 6.20 -51.30 -14.36
N SER C 444 6.89 -52.31 -13.83
CA SER C 444 8.26 -52.16 -13.36
C SER C 444 9.10 -53.34 -13.79
N PRO C 445 9.98 -53.16 -14.80
CA PRO C 445 10.86 -54.25 -15.18
C PRO C 445 11.60 -54.87 -13.99
N ALA C 446 12.06 -54.02 -13.09
CA ALA C 446 12.65 -54.49 -11.84
C ALA C 446 11.69 -55.38 -11.01
N PHE C 447 10.45 -54.95 -10.76
CA PHE C 447 9.49 -55.82 -10.07
C PHE C 447 9.30 -57.19 -10.79
N ASP C 448 9.17 -57.14 -12.12
CA ASP C 448 9.01 -58.33 -12.96
C ASP C 448 10.22 -59.30 -12.91
N SER C 449 11.44 -58.78 -12.92
CA SER C 449 12.60 -59.69 -12.90
C SER C 449 12.74 -60.39 -11.54
N ILE C 450 12.44 -59.71 -10.43
CA ILE C 450 12.43 -60.36 -9.12
C ILE C 450 11.44 -61.52 -9.09
N MET C 451 10.22 -61.31 -9.59
CA MET C 451 9.22 -62.38 -9.62
C MET C 451 9.69 -63.56 -10.48
N ALA C 452 10.39 -63.29 -11.58
CA ALA C 452 10.89 -64.35 -12.45
C ALA C 452 11.98 -65.16 -11.75
N GLU C 453 12.77 -64.52 -10.90
CA GLU C 453 13.77 -65.23 -10.08
C GLU C 453 13.08 -66.24 -9.13
N THR C 454 11.84 -65.97 -8.73
CA THR C 454 11.17 -66.84 -7.76
C THR C 454 10.92 -68.22 -8.34
N LEU C 455 11.01 -68.37 -9.67
CA LEU C 455 10.90 -69.70 -10.31
C LEU C 455 12.24 -70.40 -10.57
N LYS C 456 13.34 -69.77 -10.20
CA LYS C 456 14.64 -70.33 -10.49
C LYS C 456 15.36 -70.82 -9.23
N VAL C 457 14.65 -70.80 -8.09
CA VAL C 457 15.25 -71.00 -6.78
C VAL C 457 15.60 -72.48 -6.55
N THR C 458 16.61 -72.74 -5.70
CA THR C 458 16.96 -74.12 -5.34
C THR C 458 16.47 -74.56 -3.94
N ASP C 459 15.78 -73.67 -3.21
CA ASP C 459 15.08 -74.02 -1.96
C ASP C 459 14.02 -73.01 -1.59
N GLU C 460 13.17 -73.36 -0.63
CA GLU C 460 11.99 -72.56 -0.30
C GLU C 460 12.33 -71.28 0.47
N ALA C 461 13.47 -71.32 1.18
CA ALA C 461 13.92 -70.19 1.97
C ALA C 461 14.29 -69.00 1.09
N GLN C 462 14.92 -69.29 -0.05
CA GLN C 462 15.29 -68.26 -1.04
C GLN C 462 14.03 -67.68 -1.71
N ARG C 463 13.09 -68.55 -2.06
CA ARG C 463 11.83 -68.11 -2.68
C ARG C 463 11.23 -67.03 -1.79
N THR C 464 11.02 -67.36 -0.51
CA THR C 464 10.33 -66.45 0.41
C THR C 464 11.16 -65.18 0.69
N ALA C 465 12.49 -65.30 0.67
CA ALA C 465 13.37 -64.13 0.70
C ALA C 465 13.09 -63.24 -0.51
N LEU C 466 12.93 -63.85 -1.67
CA LEU C 466 12.65 -63.11 -2.90
C LEU C 466 11.30 -62.37 -2.82
N TYR C 467 10.27 -62.99 -2.25
CA TYR C 467 8.97 -62.30 -2.10
C TYR C 467 9.09 -61.01 -1.26
N THR C 468 9.88 -61.04 -0.18
CA THR C 468 10.10 -59.82 0.63
C THR C 468 10.84 -58.74 -0.19
N LYS C 469 11.86 -59.15 -0.93
CA LYS C 469 12.52 -58.25 -1.90
C LYS C 469 11.45 -57.64 -2.85
N ALA C 470 10.50 -58.44 -3.30
CA ALA C 470 9.46 -57.94 -4.23
C ALA C 470 8.53 -56.93 -3.58
N GLU C 471 8.13 -57.21 -2.34
CA GLU C 471 7.25 -56.30 -1.57
C GLU C 471 7.97 -55.00 -1.28
N GLN C 472 9.29 -55.09 -1.12
CA GLN C 472 10.11 -53.92 -0.82
C GLN C 472 10.20 -52.96 -2.01
N GLN C 473 10.35 -53.48 -3.22
CA GLN C 473 10.41 -52.65 -4.41
C GLN C 473 9.04 -52.07 -4.69
N LEU C 474 8.01 -52.88 -4.51
CA LEU C 474 6.62 -52.41 -4.62
C LEU C 474 6.40 -51.18 -3.70
N ASP C 475 6.94 -51.26 -2.49
CA ASP C 475 6.90 -50.18 -1.50
C ASP C 475 7.81 -49.03 -1.89
N LYS C 476 9.07 -49.33 -2.26
CA LYS C 476 9.98 -48.31 -2.81
C LYS C 476 9.34 -47.52 -3.95
N ASP C 477 8.43 -48.15 -4.71
CA ASP C 477 7.76 -47.52 -5.83
C ASP C 477 6.39 -46.91 -5.46
N SER C 478 5.97 -47.06 -4.22
CA SER C 478 4.65 -46.61 -3.76
C SER C 478 3.60 -46.88 -4.82
N ALA C 479 3.53 -48.14 -5.26
CA ALA C 479 2.54 -48.55 -6.22
C ALA C 479 1.14 -48.43 -5.64
N ILE C 480 0.99 -48.63 -4.32
CA ILE C 480 -0.32 -48.54 -3.64
C ILE C 480 -0.22 -47.84 -2.26
N VAL C 481 -1.38 -47.46 -1.71
CA VAL C 481 -1.48 -46.94 -0.33
C VAL C 481 -2.15 -48.08 0.50
N PRO C 482 -1.35 -48.97 1.12
CA PRO C 482 -1.98 -49.94 2.00
C PRO C 482 -2.71 -49.26 3.16
N VAL C 483 -3.87 -49.79 3.54
CA VAL C 483 -4.65 -49.27 4.66
C VAL C 483 -4.70 -50.29 5.81
N TYR C 484 -5.38 -51.41 5.60
CA TYR C 484 -5.45 -52.49 6.64
C TYR C 484 -5.71 -53.89 6.09
N TYR C 485 -5.36 -54.89 6.88
CA TYR C 485 -5.57 -56.29 6.52
C TYR C 485 -6.95 -56.69 7.06
N TYR C 486 -7.72 -57.35 6.20
CA TYR C 486 -9.12 -57.69 6.45
C TYR C 486 -9.28 -58.70 7.57
N VAL C 487 -10.52 -58.83 8.05
CA VAL C 487 -10.99 -60.02 8.74
C VAL C 487 -12.29 -60.47 8.09
N ASN C 488 -12.69 -61.73 8.35
CA ASN C 488 -13.93 -62.27 7.81
C ASN C 488 -14.99 -62.21 8.91
N ALA C 489 -15.81 -61.15 8.88
CA ALA C 489 -16.85 -60.96 9.89
C ALA C 489 -18.23 -61.00 9.24
N ARG C 490 -19.11 -61.88 9.73
CA ARG C 490 -20.51 -61.90 9.29
C ARG C 490 -21.45 -62.48 10.33
N LEU C 491 -22.75 -62.25 10.11
CA LEU C 491 -23.82 -62.77 10.95
C LEU C 491 -24.34 -64.09 10.35
N VAL C 492 -24.50 -65.11 11.18
CA VAL C 492 -25.00 -66.43 10.75
C VAL C 492 -26.08 -66.92 11.73
N LYS C 493 -27.28 -67.21 11.22
CA LYS C 493 -28.37 -67.65 12.08
C LYS C 493 -27.96 -68.95 12.75
N PRO C 494 -28.43 -69.17 13.99
CA PRO C 494 -27.94 -70.33 14.75
C PRO C 494 -28.34 -71.70 14.17
N TRP C 495 -29.38 -71.73 13.36
CA TRP C 495 -29.80 -72.96 12.66
C TRP C 495 -29.01 -73.27 11.40
N VAL C 496 -28.06 -72.42 11.00
CA VAL C 496 -27.14 -72.76 9.87
C VAL C 496 -25.93 -73.60 10.34
N GLY C 497 -25.76 -74.79 9.78
CA GLY C 497 -24.63 -75.68 10.09
C GLY C 497 -23.67 -75.86 8.93
N GLY C 498 -22.41 -76.16 9.23
CA GLY C 498 -21.39 -76.32 8.20
C GLY C 498 -20.55 -75.09 7.86
N TYR C 499 -20.83 -73.95 8.49
CA TYR C 499 -19.95 -72.76 8.36
C TYR C 499 -18.95 -72.78 9.52
N THR C 500 -17.68 -73.13 9.25
CA THR C 500 -16.66 -73.14 10.31
C THR C 500 -15.89 -71.81 10.36
N GLY C 501 -15.70 -71.17 9.21
CA GLY C 501 -14.90 -69.96 9.13
C GLY C 501 -13.38 -70.19 9.03
N LYS C 502 -12.92 -71.44 9.21
CA LYS C 502 -11.48 -71.73 9.35
C LYS C 502 -10.68 -71.69 8.03
N ASP C 503 -11.36 -71.47 6.90
CA ASP C 503 -10.69 -71.30 5.60
C ASP C 503 -10.32 -69.84 5.48
N PRO C 504 -9.02 -69.52 5.51
CA PRO C 504 -8.65 -68.12 5.38
C PRO C 504 -8.95 -67.50 4.00
N LEU C 505 -9.38 -68.30 3.01
CA LEU C 505 -9.85 -67.71 1.73
C LEU C 505 -11.37 -67.60 1.66
N ASP C 506 -12.05 -68.00 2.74
CA ASP C 506 -13.51 -68.04 2.78
C ASP C 506 -14.13 -68.70 1.51
N ASN C 507 -13.50 -69.76 1.02
CA ASN C 507 -14.04 -70.53 -0.11
C ASN C 507 -15.07 -71.56 0.34
N THR C 508 -16.29 -71.11 0.64
CA THR C 508 -17.32 -71.99 1.18
C THR C 508 -18.22 -72.51 0.04
N TYR C 509 -18.87 -73.66 0.30
CA TYR C 509 -19.80 -74.28 -0.64
C TYR C 509 -21.14 -74.63 -0.01
N THR C 510 -22.24 -74.26 -0.65
CA THR C 510 -23.57 -74.55 -0.11
C THR C 510 -23.78 -76.07 0.07
N ARG C 511 -23.17 -76.90 -0.78
CA ARG C 511 -23.17 -78.37 -0.60
C ARG C 511 -22.62 -78.82 0.76
N ASN C 512 -21.84 -77.98 1.45
CA ASN C 512 -21.32 -78.39 2.76
C ASN C 512 -22.17 -77.91 3.93
N MET C 513 -23.28 -77.24 3.65
CA MET C 513 -24.14 -76.72 4.72
C MET C 513 -25.47 -77.45 4.91
N TYR C 514 -26.16 -77.12 6.01
CA TYR C 514 -27.45 -77.75 6.38
C TYR C 514 -28.25 -76.90 7.38
N ILE C 515 -29.57 -76.97 7.31
CA ILE C 515 -30.43 -76.28 8.28
C ILE C 515 -30.90 -77.22 9.41
N VAL C 516 -30.56 -76.84 10.65
CA VAL C 516 -31.03 -77.54 11.85
C VAL C 516 -32.49 -77.15 12.13
N LYS C 517 -33.27 -78.07 12.70
CA LYS C 517 -34.70 -77.81 12.98
C LYS C 517 -34.85 -76.73 14.04
N HIS C 518 -35.78 -75.81 13.78
CA HIS C 518 -36.06 -74.71 14.68
C HIS C 518 -37.49 -74.27 14.49
N ALA D 2 -1.60 42.68 15.40
CA ALA D 2 -1.99 41.77 14.28
C ALA D 2 -3.12 40.83 14.73
N ASP D 3 -3.94 40.42 13.77
CA ASP D 3 -5.07 39.54 14.04
C ASP D 3 -4.83 38.26 13.28
N VAL D 4 -4.12 37.32 13.91
CA VAL D 4 -3.78 36.07 13.26
C VAL D 4 -5.03 35.17 13.19
N PRO D 5 -5.45 34.78 11.98
CA PRO D 5 -6.64 33.92 11.85
C PRO D 5 -6.52 32.55 12.53
N ALA D 6 -7.65 32.02 12.99
CA ALA D 6 -7.74 30.69 13.58
C ALA D 6 -7.07 29.65 12.66
N GLY D 7 -6.25 28.77 13.25
CA GLY D 7 -5.69 27.63 12.52
C GLY D 7 -4.39 27.87 11.75
N VAL D 8 -3.93 29.12 11.69
CA VAL D 8 -2.63 29.43 11.11
C VAL D 8 -1.53 29.07 12.10
N THR D 9 -0.48 28.37 11.64
CA THR D 9 0.68 28.11 12.48
C THR D 9 1.75 29.17 12.27
N LEU D 10 2.11 29.90 13.33
CA LEU D 10 3.14 30.93 13.26
C LEU D 10 4.54 30.31 13.21
N ALA D 11 5.43 30.89 12.39
CA ALA D 11 6.83 30.48 12.38
C ALA D 11 7.48 30.87 13.68
N GLU D 12 8.58 30.21 14.01
CA GLU D 12 9.28 30.54 15.25
C GLU D 12 10.09 31.83 15.18
N LYS D 13 10.72 32.10 14.04
CA LYS D 13 11.39 33.40 13.79
C LYS D 13 10.37 34.36 13.24
N GLN D 14 10.09 35.43 13.96
CA GLN D 14 9.12 36.41 13.51
C GLN D 14 9.87 37.66 13.08
N THR D 15 10.58 37.54 11.94
CA THR D 15 11.33 38.65 11.34
C THR D 15 10.83 38.99 9.91
N LEU D 16 10.94 40.26 9.52
CA LEU D 16 10.44 40.74 8.21
C LEU D 16 11.50 41.60 7.59
N VAL D 17 11.75 41.39 6.29
CA VAL D 17 12.65 42.25 5.54
C VAL D 17 11.88 42.90 4.40
N ARG D 18 11.93 44.24 4.32
CA ARG D 18 11.30 45.01 3.27
C ARG D 18 12.29 45.91 2.57
N ASN D 19 12.12 46.10 1.26
CA ASN D 19 12.83 47.18 0.56
C ASN D 19 11.97 48.41 0.62
N ASN D 20 12.57 49.51 1.10
CA ASN D 20 11.90 50.79 1.25
C ASN D 20 12.20 51.74 0.07
N GLY D 21 13.23 51.41 -0.70
CA GLY D 21 13.45 52.04 -2.02
C GLY D 21 14.48 53.15 -2.10
N SER D 22 14.79 53.75 -0.96
CA SER D 22 15.81 54.79 -0.90
C SER D 22 16.25 54.95 0.55
N GLU D 23 17.44 55.52 0.72
CA GLU D 23 17.92 56.01 2.00
C GLU D 23 17.04 57.18 2.46
N VAL D 24 16.53 57.12 3.70
CA VAL D 24 15.58 58.13 4.16
C VAL D 24 16.24 59.48 4.48
N GLN D 25 15.47 60.54 4.33
CA GLN D 25 15.90 61.88 4.69
C GLN D 25 16.30 61.96 6.16
N SER D 26 15.48 61.37 7.03
CA SER D 26 15.54 61.57 8.47
C SER D 26 14.60 60.55 9.13
N LEU D 27 14.76 60.35 10.44
CA LEU D 27 13.81 59.61 11.27
C LEU D 27 12.98 60.53 12.19
N ASP D 28 13.19 61.84 12.03
CA ASP D 28 12.50 62.88 12.75
C ASP D 28 11.24 63.21 11.96
N PRO D 29 10.06 62.94 12.52
CA PRO D 29 8.78 63.17 11.89
C PRO D 29 8.53 64.57 11.33
N HIS D 30 9.27 65.58 11.81
CA HIS D 30 9.18 66.96 11.31
C HIS D 30 10.20 67.31 10.25
N LYS D 31 11.03 66.34 9.88
CA LYS D 31 12.07 66.54 8.90
C LYS D 31 11.82 65.65 7.64
N ILE D 32 10.56 65.31 7.34
CA ILE D 32 10.28 64.32 6.27
C ILE D 32 9.14 64.67 5.31
N GLU D 33 9.26 64.17 4.07
CA GLU D 33 8.25 64.42 3.06
C GLU D 33 8.02 63.27 2.06
N GLY D 34 8.80 62.19 2.13
CA GLY D 34 8.66 61.09 1.19
C GLY D 34 7.91 59.87 1.71
N VAL D 35 7.51 59.03 0.77
CA VAL D 35 6.91 57.72 1.08
C VAL D 35 7.83 56.80 1.90
N PRO D 36 9.11 56.68 1.50
CA PRO D 36 10.04 55.86 2.29
C PRO D 36 10.16 56.30 3.76
N GLU D 37 10.24 57.63 3.96
CA GLU D 37 10.33 58.24 5.29
C GLU D 37 9.14 57.82 6.14
N SER D 38 7.95 58.06 5.60
CA SER D 38 6.70 57.69 6.25
C SER D 38 6.59 56.21 6.58
N ASN D 39 7.02 55.32 5.70
CA ASN D 39 6.92 53.86 5.99
C ASN D 39 7.60 53.54 7.30
N ILE D 40 8.78 54.11 7.51
CA ILE D 40 9.53 53.83 8.72
C ILE D 40 8.92 54.59 9.91
N SER D 41 8.50 55.83 9.68
CA SER D 41 7.86 56.62 10.74
C SER D 41 6.65 55.90 11.35
N ARG D 42 5.85 55.23 10.52
CA ARG D 42 4.64 54.54 10.99
C ARG D 42 4.92 53.42 12.01
N ASP D 43 6.10 52.80 11.94
CA ASP D 43 6.51 51.80 12.91
C ASP D 43 7.11 52.43 14.17
N LEU D 44 7.70 53.62 14.07
CA LEU D 44 8.33 54.27 15.23
C LEU D 44 7.43 55.19 16.01
N PHE D 45 6.50 55.89 15.37
CA PHE D 45 5.67 56.86 16.08
C PHE D 45 4.20 56.74 15.73
N GLU D 46 3.32 56.97 16.71
CA GLU D 46 1.89 56.80 16.53
C GLU D 46 1.14 58.09 16.87
N GLY D 47 0.33 58.57 15.92
CA GLY D 47 -0.44 59.80 16.09
C GLY D 47 -1.77 59.59 16.76
N LEU D 48 -2.67 60.56 16.60
CA LEU D 48 -3.98 60.48 17.25
C LEU D 48 -4.77 59.32 16.69
N LEU D 49 -4.73 59.18 15.37
CA LEU D 49 -5.39 58.11 14.64
C LEU D 49 -4.39 57.33 13.78
N VAL D 50 -4.84 56.17 13.33
CA VAL D 50 -4.10 55.31 12.40
C VAL D 50 -5.00 54.82 11.26
N SER D 51 -4.40 54.24 10.22
CA SER D 51 -5.19 53.68 9.13
C SER D 51 -5.44 52.19 9.34
N ASP D 52 -6.72 51.78 9.33
CA ASP D 52 -7.05 50.36 9.45
C ASP D 52 -6.72 49.65 8.14
N LEU D 53 -6.93 48.34 8.09
CA LEU D 53 -6.50 47.56 6.92
C LEU D 53 -7.18 48.00 5.62
N ASP D 54 -8.35 48.63 5.74
CA ASP D 54 -9.04 49.22 4.58
C ASP D 54 -8.76 50.72 4.40
N GLY D 55 -7.77 51.27 5.09
CA GLY D 55 -7.45 52.67 4.99
C GLY D 55 -8.43 53.65 5.61
N HIS D 56 -9.35 53.17 6.45
CA HIS D 56 -10.22 54.09 7.19
C HIS D 56 -9.56 54.54 8.48
N PRO D 57 -9.78 55.80 8.88
CA PRO D 57 -9.31 56.28 10.19
C PRO D 57 -9.82 55.42 11.36
N ALA D 58 -8.90 54.95 12.20
CA ALA D 58 -9.24 54.13 13.36
C ALA D 58 -8.48 54.71 14.54
N PRO D 59 -8.73 54.18 15.75
CA PRO D 59 -8.04 54.70 16.92
C PRO D 59 -6.53 54.47 16.93
N GLY D 60 -5.78 55.54 17.24
CA GLY D 60 -4.37 55.44 17.61
C GLY D 60 -4.24 55.74 19.09
N VAL D 61 -3.52 56.81 19.43
CA VAL D 61 -3.39 57.21 20.81
C VAL D 61 -4.76 57.71 21.27
N ALA D 62 -5.51 58.34 20.37
CA ALA D 62 -6.91 58.71 20.64
C ALA D 62 -7.80 57.47 20.51
N GLU D 63 -8.52 57.12 21.58
CA GLU D 63 -9.43 55.96 21.53
C GLU D 63 -10.83 56.36 21.05
N SER D 64 -11.16 57.65 21.17
CA SER D 64 -12.40 58.20 20.65
C SER D 64 -12.28 59.71 20.48
N TRP D 65 -13.21 60.30 19.73
CA TRP D 65 -13.21 61.73 19.44
C TRP D 65 -14.57 62.19 19.01
N ASP D 66 -14.73 63.50 18.94
CA ASP D 66 -15.99 64.11 18.56
C ASP D 66 -15.71 65.57 18.17
N ASN D 67 -16.73 66.22 17.59
CA ASN D 67 -16.62 67.62 17.20
C ASN D 67 -17.91 68.40 17.42
N LYS D 68 -17.76 69.72 17.54
CA LYS D 68 -18.87 70.65 17.43
C LYS D 68 -18.75 71.44 16.12
N ASP D 69 -19.70 71.19 15.21
CA ASP D 69 -19.79 71.88 13.89
C ASP D 69 -18.57 71.73 12.98
N ALA D 70 -17.73 70.73 13.25
CA ALA D 70 -16.50 70.45 12.49
C ALA D 70 -15.46 71.56 12.67
N LYS D 71 -15.55 72.28 13.79
CA LYS D 71 -14.68 73.44 14.03
C LYS D 71 -13.90 73.35 15.36
N VAL D 72 -14.47 72.66 16.35
CA VAL D 72 -13.79 72.34 17.61
C VAL D 72 -13.78 70.82 17.77
N TRP D 73 -12.57 70.25 17.83
CA TRP D 73 -12.35 68.81 17.87
C TRP D 73 -11.73 68.39 19.17
N THR D 74 -12.33 67.38 19.81
CA THR D 74 -11.85 66.87 21.09
C THR D 74 -11.44 65.41 20.94
N PHE D 75 -10.22 65.11 21.34
CA PHE D 75 -9.66 63.77 21.21
C PHE D 75 -9.38 63.22 22.58
N HIS D 76 -10.01 62.08 22.88
CA HIS D 76 -9.88 61.41 24.17
C HIS D 76 -8.78 60.37 24.08
N LEU D 77 -7.63 60.67 24.69
CA LEU D 77 -6.45 59.80 24.59
C LEU D 77 -6.54 58.63 25.57
N ARG D 78 -6.06 57.46 25.14
CA ARG D 78 -6.06 56.27 25.98
C ARG D 78 -5.04 56.45 27.09
N LYS D 79 -5.39 56.00 28.29
CA LYS D 79 -4.62 56.27 29.50
C LYS D 79 -3.34 55.45 29.63
N ASP D 80 -3.22 54.38 28.84
CA ASP D 80 -2.04 53.52 28.86
C ASP D 80 -1.02 53.74 27.71
N ALA D 81 -1.20 54.78 26.89
CA ALA D 81 -0.23 55.05 25.82
C ALA D 81 1.10 55.48 26.42
N LYS D 82 2.20 54.87 25.98
CA LYS D 82 3.53 55.11 26.59
C LYS D 82 4.64 55.30 25.56
N TRP D 83 5.66 56.04 25.98
CA TRP D 83 6.91 56.16 25.23
C TRP D 83 7.77 54.97 25.52
N SER D 84 8.81 54.80 24.73
CA SER D 84 9.76 53.69 24.91
C SER D 84 10.54 53.86 26.19
N ASP D 85 10.33 55.02 26.79
CA ASP D 85 10.73 55.41 28.15
C ASP D 85 10.07 54.74 29.34
N GLY D 86 8.85 54.28 29.15
CA GLY D 86 7.95 54.01 30.27
C GLY D 86 7.04 55.18 30.55
N THR D 87 7.42 56.38 30.13
CA THR D 87 6.70 57.59 30.51
C THR D 87 5.43 57.71 29.67
N PRO D 88 4.40 58.39 30.19
CA PRO D 88 3.13 58.40 29.44
C PRO D 88 3.14 59.33 28.24
N VAL D 89 2.37 58.97 27.21
CA VAL D 89 2.09 59.85 26.10
C VAL D 89 0.87 60.68 26.51
N THR D 90 1.05 62.00 26.53
CA THR D 90 0.04 62.94 27.00
C THR D 90 -0.37 63.94 25.93
N ALA D 91 -1.50 64.60 26.15
CA ALA D 91 -1.97 65.68 25.30
C ALA D 91 -0.92 66.80 25.13
N GLN D 92 -0.19 67.11 26.20
CA GLN D 92 0.92 68.07 26.14
C GLN D 92 1.98 67.65 25.11
N ASP D 93 2.18 66.34 24.92
CA ASP D 93 3.11 65.88 23.89
C ASP D 93 2.63 66.35 22.51
N PHE D 94 1.34 66.27 22.25
CA PHE D 94 0.77 66.69 20.96
C PHE D 94 0.74 68.22 20.78
N VAL D 95 0.53 68.98 21.86
CA VAL D 95 0.62 70.44 21.78
C VAL D 95 2.03 70.83 21.37
N TYR D 96 3.02 70.27 22.08
CA TYR D 96 4.42 70.57 21.82
C TYR D 96 4.81 70.20 20.41
N SER D 97 4.41 69.00 20.01
CA SER D 97 4.85 68.41 18.76
C SER D 97 4.32 69.17 17.56
N TRP D 98 3.03 69.53 17.61
CA TRP D 98 2.41 70.31 16.55
C TRP D 98 2.89 71.72 16.52
N GLN D 99 3.28 72.28 17.66
CA GLN D 99 3.89 73.61 17.70
C GLN D 99 5.26 73.55 16.98
N ARG D 100 6.04 72.51 17.25
CA ARG D 100 7.36 72.35 16.63
C ARG D 100 7.27 72.22 15.09
N SER D 101 6.26 71.48 14.63
N SER D 101 6.25 71.50 14.62
CA SER D 101 6.03 71.27 13.20
CA SER D 101 6.06 71.27 13.18
C SER D 101 5.82 72.56 12.42
C SER D 101 5.84 72.58 12.42
N VAL D 102 5.24 73.57 13.06
CA VAL D 102 4.92 74.84 12.38
C VAL D 102 5.89 75.99 12.71
N ASP D 103 6.89 75.72 13.55
CA ASP D 103 7.93 76.69 13.88
C ASP D 103 8.83 76.93 12.68
N PRO D 104 8.94 78.19 12.18
CA PRO D 104 9.86 78.44 11.08
C PRO D 104 11.26 77.90 11.35
N ASN D 105 11.73 77.99 12.59
CA ASN D 105 13.05 77.43 12.95
C ASN D 105 13.18 75.90 12.71
N THR D 106 12.07 75.16 12.71
CA THR D 106 12.12 73.72 12.39
C THR D 106 12.29 73.49 10.88
N ALA D 107 11.81 74.45 10.08
CA ALA D 107 11.91 74.39 8.63
C ALA D 107 11.47 73.03 8.08
N SER D 108 10.31 72.54 8.49
CA SER D 108 9.91 71.21 8.06
C SER D 108 9.37 71.33 6.65
N PRO D 109 9.68 70.36 5.77
CA PRO D 109 9.02 70.35 4.45
C PRO D 109 7.51 70.18 4.55
N TYR D 110 7.04 69.62 5.67
CA TYR D 110 5.60 69.52 5.97
C TYR D 110 5.02 70.59 6.90
N ALA D 111 5.65 71.76 6.96
CA ALA D 111 5.18 72.83 7.82
C ALA D 111 3.69 73.13 7.56
N SER D 112 3.30 73.13 6.29
CA SER D 112 1.94 73.54 5.92
C SER D 112 0.82 72.50 6.19
N TYR D 113 1.18 71.27 6.56
CA TYR D 113 0.21 70.18 6.65
C TYR D 113 -0.93 70.47 7.63
N LEU D 114 -0.60 70.95 8.82
CA LEU D 114 -1.64 71.31 9.79
C LEU D 114 -2.49 72.50 9.34
N GLN D 115 -1.92 73.35 8.47
CA GLN D 115 -2.64 74.49 7.87
C GLN D 115 -3.69 74.02 6.86
N TYR D 116 -3.48 72.87 6.24
CA TYR D 116 -4.56 72.22 5.48
C TYR D 116 -5.77 71.93 6.38
N GLY D 117 -5.52 71.76 7.68
CA GLY D 117 -6.59 71.62 8.68
C GLY D 117 -7.12 72.95 9.25
N HIS D 118 -6.43 74.04 8.93
CA HIS D 118 -6.79 75.41 9.34
C HIS D 118 -7.01 75.57 10.82
N ILE D 119 -6.03 75.10 11.60
CA ILE D 119 -6.03 75.30 13.04
C ILE D 119 -5.88 76.79 13.30
N ALA D 120 -6.76 77.35 14.14
CA ALA D 120 -6.75 78.79 14.42
C ALA D 120 -5.35 79.27 14.78
N GLY D 121 -5.02 80.51 14.38
CA GLY D 121 -3.71 81.10 14.63
C GLY D 121 -2.58 80.72 13.67
N ILE D 122 -2.75 79.64 12.90
CA ILE D 122 -1.64 79.02 12.18
C ILE D 122 -0.98 79.88 11.09
N ASP D 123 -1.78 80.61 10.31
CA ASP D 123 -1.25 81.35 9.17
C ASP D 123 -0.13 82.30 9.58
N GLU D 124 -0.41 83.18 10.54
CA GLU D 124 0.60 84.14 10.98
C GLU D 124 1.77 83.45 11.70
N ILE D 125 1.51 82.30 12.30
CA ILE D 125 2.55 81.48 12.92
C ILE D 125 3.52 80.97 11.87
N LEU D 126 3.00 80.45 10.76
CA LEU D 126 3.86 79.89 9.70
C LEU D 126 4.73 80.99 9.05
N GLU D 127 4.20 82.20 8.95
CA GLU D 127 4.96 83.35 8.41
C GLU D 127 5.94 83.96 9.41
N GLY D 128 5.90 83.53 10.66
CA GLY D 128 6.84 84.00 11.68
C GLY D 128 6.44 85.32 12.30
N LYS D 129 5.14 85.61 12.32
CA LYS D 129 4.60 86.86 12.86
C LYS D 129 4.09 86.70 14.28
N LYS D 130 3.52 85.53 14.59
CA LYS D 130 3.02 85.24 15.93
C LYS D 130 3.72 83.99 16.50
N PRO D 131 3.83 83.91 17.84
CA PRO D 131 4.57 82.80 18.43
C PRO D 131 3.84 81.46 18.26
N ILE D 132 4.59 80.37 18.21
CA ILE D 132 3.99 79.04 18.04
C ILE D 132 2.99 78.66 19.15
N THR D 133 3.19 79.21 20.35
CA THR D 133 2.28 78.98 21.47
C THR D 133 0.88 79.59 21.25
N ASP D 134 0.69 80.36 20.17
CA ASP D 134 -0.65 80.85 19.80
C ASP D 134 -1.46 79.83 18.98
N LEU D 135 -0.88 78.68 18.63
CA LEU D 135 -1.60 77.68 17.82
C LEU D 135 -2.80 77.11 18.58
N GLY D 136 -3.90 76.86 17.88
CA GLY D 136 -5.16 76.46 18.53
C GLY D 136 -5.30 75.00 18.95
N VAL D 137 -4.24 74.46 19.55
CA VAL D 137 -4.23 73.11 20.10
C VAL D 137 -4.05 73.24 21.60
N LYS D 138 -4.93 72.67 22.41
CA LYS D 138 -4.75 72.75 23.87
C LYS D 138 -5.07 71.46 24.60
N ALA D 139 -4.24 71.16 25.59
CA ALA D 139 -4.41 70.03 26.46
C ALA D 139 -5.38 70.41 27.58
N ILE D 140 -6.63 69.95 27.49
CA ILE D 140 -7.58 70.21 28.58
C ILE D 140 -7.06 69.52 29.84
N ASP D 141 -6.68 68.26 29.70
CA ASP D 141 -6.01 67.53 30.76
C ASP D 141 -5.02 66.55 30.12
N ASP D 142 -4.38 65.70 30.93
CA ASP D 142 -3.37 64.76 30.45
C ASP D 142 -3.84 63.85 29.31
N HIS D 143 -5.14 63.63 29.21
CA HIS D 143 -5.66 62.67 28.25
C HIS D 143 -6.75 63.24 27.37
N THR D 144 -6.82 64.56 27.24
CA THR D 144 -7.85 65.18 26.41
C THR D 144 -7.27 66.37 25.64
N LEU D 145 -7.21 66.24 24.31
CA LEU D 145 -6.68 67.28 23.42
C LEU D 145 -7.78 68.01 22.63
N GLU D 146 -7.85 69.33 22.79
CA GLU D 146 -8.83 70.14 22.06
C GLU D 146 -8.12 70.91 20.94
N VAL D 147 -8.66 70.77 19.74
CA VAL D 147 -8.16 71.48 18.58
C VAL D 147 -9.29 72.34 18.05
N THR D 148 -9.12 73.67 18.05
CA THR D 148 -10.13 74.54 17.42
C THR D 148 -9.58 75.12 16.11
N LEU D 149 -10.43 75.11 15.09
CA LEU D 149 -10.09 75.54 13.75
C LEU D 149 -10.77 76.88 13.41
N SER D 150 -10.13 77.65 12.54
CA SER D 150 -10.67 78.93 12.10
C SER D 150 -11.90 78.77 11.21
N GLU D 151 -12.08 77.57 10.63
CA GLU D 151 -13.22 77.27 9.78
C GLU D 151 -13.70 75.82 9.87
N PRO D 152 -14.94 75.53 9.41
CA PRO D 152 -15.44 74.15 9.41
C PRO D 152 -14.70 73.29 8.39
N VAL D 153 -14.19 72.15 8.85
CA VAL D 153 -13.40 71.22 8.05
C VAL D 153 -13.79 69.79 8.48
N PRO D 154 -14.88 69.24 7.91
CA PRO D 154 -15.38 67.89 8.26
C PRO D 154 -14.36 66.75 8.07
N TYR D 155 -13.42 66.90 7.15
CA TYR D 155 -12.41 65.88 6.92
C TYR D 155 -11.13 66.06 7.75
N PHE D 156 -11.15 66.95 8.74
CA PHE D 156 -9.95 67.26 9.54
C PHE D 156 -9.33 66.05 10.25
N TYR D 157 -10.17 65.14 10.73
CA TYR D 157 -9.69 63.94 11.42
C TYR D 157 -8.88 63.01 10.51
N LYS D 158 -9.23 62.97 9.24
CA LYS D 158 -8.52 62.13 8.28
C LYS D 158 -7.06 62.54 8.14
N LEU D 159 -6.75 63.81 8.41
CA LEU D 159 -5.35 64.27 8.34
C LEU D 159 -4.45 63.51 9.33
N LEU D 160 -5.03 63.14 10.46
CA LEU D 160 -4.23 62.94 11.66
C LEU D 160 -3.56 61.57 11.71
N VAL D 161 -3.69 60.79 10.63
CA VAL D 161 -2.95 59.53 10.44
C VAL D 161 -1.54 59.73 9.91
N HIS D 162 -1.23 60.94 9.45
CA HIS D 162 0.04 61.18 8.78
C HIS D 162 1.15 61.38 9.79
N PRO D 163 2.33 60.77 9.57
CA PRO D 163 3.48 60.87 10.48
C PRO D 163 3.89 62.27 10.91
N SER D 164 3.72 63.27 10.04
CA SER D 164 4.03 64.65 10.41
C SER D 164 3.14 65.17 11.56
N THR D 165 2.05 64.47 11.86
CA THR D 165 1.22 64.79 13.03
C THR D 165 1.49 63.85 14.22
N SER D 166 2.52 63.02 14.11
CA SER D 166 2.91 62.16 15.24
C SER D 166 3.55 62.99 16.35
N PRO D 167 3.46 62.50 17.60
CA PRO D 167 4.14 63.13 18.71
C PRO D 167 5.65 62.84 18.68
N VAL D 168 6.45 63.78 19.20
CA VAL D 168 7.90 63.60 19.34
C VAL D 168 8.31 63.97 20.77
N PRO D 169 9.44 63.43 21.25
CA PRO D 169 9.85 63.60 22.64
C PRO D 169 10.63 64.90 22.94
N LYS D 170 9.96 65.88 23.53
CA LYS D 170 10.63 67.12 23.98
C LYS D 170 11.97 66.89 24.69
N ALA D 171 11.98 66.07 25.72
CA ALA D 171 13.20 65.89 26.52
C ALA D 171 14.41 65.48 25.66
N ALA D 172 14.25 64.41 24.89
CA ALA D 172 15.31 63.94 23.99
C ALA D 172 15.74 65.00 22.95
N ILE D 173 14.76 65.71 22.40
CA ILE D 173 15.07 66.72 21.39
C ILE D 173 15.93 67.85 22.01
N GLU D 174 15.54 68.35 23.18
CA GLU D 174 16.27 69.44 23.84
C GLU D 174 17.63 69.01 24.42
N LYS D 175 17.74 67.76 24.82
CA LYS D 175 18.98 67.25 25.38
C LYS D 175 20.03 66.96 24.32
N PHE D 176 19.61 66.32 23.22
CA PHE D 176 20.54 65.82 22.19
C PHE D 176 20.51 66.59 20.87
N GLY D 177 19.50 67.44 20.67
CA GLY D 177 19.42 68.25 19.46
C GLY D 177 19.24 67.38 18.23
N GLU D 178 20.06 67.61 17.19
CA GLU D 178 20.00 66.82 15.95
C GLU D 178 20.48 65.36 16.11
N LYS D 179 21.09 65.01 17.24
CA LYS D 179 21.45 63.61 17.52
C LYS D 179 20.32 62.78 18.17
N TRP D 180 19.12 63.35 18.31
CA TRP D 180 18.05 62.71 19.07
C TRP D 180 17.49 61.45 18.48
N THR D 181 17.58 61.30 17.16
CA THR D 181 17.07 60.10 16.49
C THR D 181 18.12 58.97 16.39
N GLN D 182 19.29 59.17 17.00
CA GLN D 182 20.30 58.12 17.15
C GLN D 182 19.80 57.00 18.09
N PRO D 183 20.16 55.74 17.80
CA PRO D 183 19.75 54.59 18.62
C PRO D 183 19.97 54.67 20.14
N GLY D 184 21.02 55.30 20.61
CA GLY D 184 21.15 55.48 22.06
C GLY D 184 20.14 56.47 22.63
N ASN D 185 19.70 57.40 21.79
CA ASN D 185 19.06 58.61 22.25
C ASN D 185 17.59 58.68 21.95
N ILE D 186 17.12 57.93 20.95
CA ILE D 186 15.77 58.10 20.44
C ILE D 186 14.74 57.54 21.43
N VAL D 187 13.58 58.17 21.47
CA VAL D 187 12.48 57.74 22.32
C VAL D 187 11.24 57.73 21.43
N THR D 188 10.56 56.60 21.36
CA THR D 188 9.49 56.44 20.38
C THR D 188 8.17 55.99 20.99
N ASN D 189 7.13 56.15 20.18
CA ASN D 189 5.72 56.02 20.55
C ASN D 189 5.04 54.76 19.98
N GLY D 190 5.59 54.24 18.89
CA GLY D 190 4.96 53.15 18.12
C GLY D 190 5.32 51.72 18.54
N ALA D 191 4.87 50.76 17.73
CA ALA D 191 5.09 49.36 18.02
C ALA D 191 6.56 48.98 18.02
N TYR D 192 7.41 49.78 17.41
CA TYR D 192 8.83 49.46 17.26
C TYR D 192 9.68 50.62 17.73
N THR D 193 10.93 50.33 18.09
CA THR D 193 11.94 51.35 18.26
C THR D 193 13.10 51.02 17.37
N LEU D 194 14.08 51.91 17.35
CA LEU D 194 15.21 51.82 16.45
C LEU D 194 16.35 51.07 17.10
N LYS D 195 16.79 49.99 16.48
CA LYS D 195 17.97 49.26 16.95
C LYS D 195 19.24 49.72 16.26
N ASP D 196 19.19 49.82 14.93
CA ASP D 196 20.37 50.14 14.15
C ASP D 196 20.07 50.87 12.84
N TRP D 197 20.97 51.76 12.47
CA TRP D 197 20.90 52.49 11.22
C TRP D 197 22.27 52.45 10.62
N VAL D 198 22.42 51.66 9.55
CA VAL D 198 23.64 51.68 8.75
C VAL D 198 23.33 52.38 7.42
N VAL D 199 24.05 53.47 7.16
CA VAL D 199 23.79 54.33 6.01
C VAL D 199 23.99 53.57 4.69
N ASN D 200 23.00 53.68 3.82
CA ASN D 200 22.95 52.97 2.53
C ASN D 200 22.95 51.43 2.61
N GLU D 201 22.60 50.85 3.77
CA GLU D 201 22.54 49.39 3.92
C GLU D 201 21.24 48.90 4.54
N ARG D 202 20.95 49.35 5.76
CA ARG D 202 19.76 48.84 6.45
C ARG D 202 19.39 49.74 7.63
N ILE D 203 18.09 49.82 7.89
CA ILE D 203 17.57 50.33 9.15
C ILE D 203 16.82 49.16 9.83
N VAL D 204 17.26 48.79 11.03
CA VAL D 204 16.65 47.68 11.79
C VAL D 204 15.83 48.18 12.98
N LEU D 205 14.54 47.84 12.99
CA LEU D 205 13.63 48.19 14.09
C LEU D 205 13.32 46.97 14.98
N GLU D 206 13.25 47.20 16.29
CA GLU D 206 12.94 46.16 17.28
C GLU D 206 11.61 46.43 17.91
N ARG D 207 10.86 45.35 18.15
CA ARG D 207 9.57 45.42 18.82
C ARG D 207 9.77 46.13 20.15
N SER D 208 8.89 47.09 20.46
CA SER D 208 9.06 47.89 21.66
C SER D 208 8.01 47.50 22.67
N PRO D 209 8.43 46.86 23.75
CA PRO D 209 7.45 46.29 24.70
C PRO D 209 6.61 47.31 25.49
N THR D 210 7.00 48.58 25.48
CA THR D 210 6.18 49.61 26.12
C THR D 210 4.92 49.99 25.32
N TYR D 211 4.86 49.63 24.04
CA TYR D 211 3.72 50.00 23.18
C TYR D 211 2.40 49.50 23.78
N TRP D 212 1.34 50.31 23.72
CA TRP D 212 0.13 49.98 24.46
C TRP D 212 -0.51 48.74 23.95
N ASN D 213 -0.38 48.48 22.64
CA ASN D 213 -0.96 47.28 22.04
C ASN D 213 0.06 46.19 21.72
N ASN D 214 1.20 46.19 22.41
CA ASN D 214 2.30 45.23 22.19
C ASN D 214 1.86 43.76 22.23
N ALA D 215 0.89 43.45 23.08
CA ALA D 215 0.36 42.10 23.22
C ALA D 215 -0.08 41.52 21.87
N LYS D 216 -0.72 42.34 21.03
CA LYS D 216 -1.20 41.91 19.72
C LYS D 216 -0.12 41.98 18.63
N THR D 217 1.02 42.62 18.91
CA THR D 217 2.11 42.70 17.94
C THR D 217 2.76 41.31 17.78
N VAL D 218 3.04 40.89 16.54
CA VAL D 218 3.65 39.56 16.31
C VAL D 218 5.10 39.63 15.83
N ILE D 219 5.41 40.54 14.90
CA ILE D 219 6.76 40.57 14.32
C ILE D 219 7.75 41.19 15.28
N ASN D 220 8.86 40.50 15.51
CA ASN D 220 9.86 40.98 16.48
C ASN D 220 10.91 41.91 15.94
N GLN D 221 11.20 41.79 14.65
CA GLN D 221 12.23 42.58 14.02
C GLN D 221 11.94 42.77 12.54
N VAL D 222 11.91 44.03 12.10
CA VAL D 222 11.69 44.39 10.72
C VAL D 222 12.90 45.15 10.25
N THR D 223 13.42 44.75 9.09
CA THR D 223 14.51 45.46 8.43
C THR D 223 14.00 46.15 7.17
N TYR D 224 14.37 47.42 7.02
CA TYR D 224 14.03 48.19 5.84
C TYR D 224 15.32 48.45 5.06
N LEU D 225 15.27 48.17 3.75
CA LEU D 225 16.44 48.31 2.90
C LEU D 225 16.28 49.57 2.01
N PRO D 226 17.41 50.19 1.62
CA PRO D 226 17.46 51.41 0.81
C PRO D 226 17.80 51.23 -0.70
N ILE D 227 17.24 50.21 -1.36
CA ILE D 227 17.64 49.86 -2.74
C ILE D 227 16.78 50.60 -3.78
N ALA D 228 17.41 51.52 -4.51
CA ALA D 228 16.73 52.35 -5.53
C ALA D 228 16.50 51.62 -6.86
N SER D 229 17.36 50.64 -7.18
CA SER D 229 17.17 49.79 -8.38
C SER D 229 16.05 48.76 -8.22
N GLU D 230 14.95 48.91 -8.94
CA GLU D 230 13.84 47.95 -8.91
C GLU D 230 14.24 46.53 -9.36
N VAL D 231 15.24 46.44 -10.23
CA VAL D 231 15.73 45.18 -10.70
C VAL D 231 16.48 44.44 -9.59
N THR D 232 17.31 45.14 -8.85
CA THR D 232 18.05 44.52 -7.74
C THR D 232 17.12 44.13 -6.55
N ASP D 233 16.19 45.02 -6.22
CA ASP D 233 15.07 44.68 -5.33
C ASP D 233 14.50 43.31 -5.75
N VAL D 234 13.97 43.22 -6.97
CA VAL D 234 13.31 42.01 -7.41
C VAL D 234 14.27 40.80 -7.36
N ASN D 235 15.53 41.00 -7.75
CA ASN D 235 16.53 39.93 -7.68
C ASN D 235 16.76 39.40 -6.27
N ARG D 236 16.89 40.32 -5.33
CA ARG D 236 17.14 39.93 -3.96
C ARG D 236 15.89 39.34 -3.27
N TYR D 237 14.70 39.67 -3.79
CA TYR D 237 13.46 38.99 -3.40
C TYR D 237 13.45 37.52 -3.88
N ARG D 238 13.80 37.29 -5.14
CA ARG D 238 13.73 35.92 -5.70
C ARG D 238 14.79 34.95 -5.12
N SER D 239 15.95 35.47 -4.72
CA SER D 239 16.99 34.63 -4.12
C SER D 239 16.77 34.45 -2.62
N GLY D 240 15.80 35.15 -2.05
CA GLY D 240 15.27 34.79 -0.72
C GLY D 240 15.62 35.70 0.44
N GLU D 241 16.26 36.84 0.16
CA GLU D 241 16.62 37.77 1.22
C GLU D 241 15.44 38.70 1.57
N ILE D 242 14.71 39.18 0.57
CA ILE D 242 13.66 40.18 0.82
C ILE D 242 12.28 39.50 0.84
N ASP D 243 11.45 39.86 1.82
CA ASP D 243 10.10 39.31 1.96
C ASP D 243 9.02 40.14 1.26
N MET D 244 9.21 41.46 1.16
CA MET D 244 8.30 42.33 0.43
C MET D 244 9.12 43.34 -0.32
N THR D 245 8.98 43.39 -1.65
CA THR D 245 9.68 44.40 -2.44
C THR D 245 9.08 45.75 -2.15
N ASN D 246 9.78 46.81 -2.60
CA ASN D 246 9.19 48.12 -2.69
C ASN D 246 8.10 48.06 -3.76
N ASN D 247 7.14 48.96 -3.72
CA ASN D 247 6.09 48.94 -4.74
C ASN D 247 6.43 49.77 -5.98
N SER D 248 7.60 49.54 -6.55
CA SER D 248 7.82 49.96 -7.94
C SER D 248 8.46 48.82 -8.69
N MET D 249 7.95 48.55 -9.88
CA MET D 249 8.34 47.36 -10.64
C MET D 249 9.27 47.72 -11.79
N PRO D 250 10.28 46.86 -12.05
CA PRO D 250 11.06 47.03 -13.28
C PRO D 250 10.15 46.77 -14.47
N ILE D 251 10.00 47.78 -15.31
CA ILE D 251 9.13 47.69 -16.50
C ILE D 251 9.32 46.40 -17.26
N GLU D 252 10.58 46.08 -17.49
CA GLU D 252 10.98 44.94 -18.31
C GLU D 252 10.70 43.58 -17.66
N LEU D 253 10.69 43.49 -16.33
CA LEU D 253 10.55 42.18 -15.67
C LEU D 253 9.14 41.86 -15.15
N PHE D 254 8.22 42.83 -15.14
CA PHE D 254 6.87 42.58 -14.61
C PHE D 254 6.13 41.44 -15.32
N GLN D 255 6.10 41.46 -16.66
CA GLN D 255 5.48 40.35 -17.43
C GLN D 255 6.01 39.00 -17.00
N LYS D 256 7.34 38.86 -17.03
CA LYS D 256 8.04 37.65 -16.58
C LYS D 256 7.61 37.21 -15.17
N LEU D 257 7.53 38.17 -14.25
CA LEU D 257 7.20 37.88 -12.87
C LEU D 257 5.78 37.36 -12.74
N LYS D 258 4.85 37.96 -13.48
CA LYS D 258 3.45 37.54 -13.43
C LYS D 258 3.31 36.10 -13.92
N LYS D 259 4.13 35.73 -14.91
CA LYS D 259 4.17 34.36 -15.45
C LYS D 259 4.77 33.37 -14.45
N GLU D 260 5.84 33.75 -13.78
CA GLU D 260 6.63 32.82 -12.98
C GLU D 260 6.14 32.71 -11.52
N ILE D 261 5.78 33.82 -10.90
CA ILE D 261 5.29 33.76 -9.52
C ILE D 261 3.93 34.47 -9.37
N PRO D 262 2.93 34.04 -10.16
CA PRO D 262 1.65 34.75 -10.19
C PRO D 262 1.03 34.95 -8.79
N ASP D 263 1.14 33.96 -7.92
CA ASP D 263 0.48 34.05 -6.62
C ASP D 263 1.20 35.02 -5.63
N GLU D 264 2.36 35.54 -6.00
CA GLU D 264 3.09 36.51 -5.18
C GLU D 264 3.09 37.94 -5.75
N VAL D 265 2.44 38.14 -6.89
CA VAL D 265 2.32 39.48 -7.48
C VAL D 265 1.03 40.14 -6.99
N HIS D 266 1.18 41.26 -6.29
CA HIS D 266 0.04 42.03 -5.82
C HIS D 266 -0.07 43.31 -6.58
N VAL D 267 -1.26 43.60 -7.10
CA VAL D 267 -1.54 44.86 -7.77
C VAL D 267 -2.85 45.43 -7.26
N ASP D 268 -2.80 46.60 -6.62
CA ASP D 268 -3.97 47.23 -6.04
C ASP D 268 -4.05 48.72 -6.37
N PRO D 269 -5.26 49.32 -6.25
CA PRO D 269 -5.44 50.76 -6.43
C PRO D 269 -4.58 51.58 -5.48
N TYR D 270 -4.10 52.73 -5.97
CA TYR D 270 -3.11 53.54 -5.27
C TYR D 270 -3.30 55.02 -5.65
N LEU D 271 -3.61 55.86 -4.66
CA LEU D 271 -3.97 57.26 -4.91
C LEU D 271 -2.71 58.13 -5.05
N CYS D 272 -1.98 57.90 -6.15
CA CYS D 272 -0.78 58.65 -6.52
C CYS D 272 -0.85 59.03 -8.01
N THR D 273 -0.11 60.07 -8.38
CA THR D 273 -0.05 60.52 -9.78
C THR D 273 1.42 60.70 -10.17
N TYR D 274 1.82 60.09 -11.28
CA TYR D 274 3.15 60.24 -11.89
C TYR D 274 3.05 61.40 -12.87
N TYR D 275 4.00 62.33 -12.76
CA TYR D 275 4.03 63.53 -13.58
C TYR D 275 5.42 64.08 -13.71
N TYR D 276 5.58 64.97 -14.70
CA TYR D 276 6.80 65.78 -14.85
C TYR D 276 6.45 67.15 -14.31
N GLU D 277 7.14 67.47 -13.22
CA GLU D 277 7.03 68.72 -12.50
C GLU D 277 7.75 69.79 -13.29
N ILE D 278 7.06 70.87 -13.64
CA ILE D 278 7.74 72.02 -14.25
C ILE D 278 8.13 73.02 -13.16
N ASN D 279 9.40 73.41 -13.08
CA ASN D 279 9.79 74.59 -12.26
C ASN D 279 9.13 75.86 -12.86
N ASN D 280 7.94 76.23 -12.39
CA ASN D 280 7.24 77.42 -12.91
C ASN D 280 8.02 78.75 -12.75
N GLN D 281 9.08 78.76 -11.94
CA GLN D 281 9.80 80.00 -11.72
C GLN D 281 11.12 80.07 -12.47
N LYS D 282 11.45 79.02 -13.22
CA LYS D 282 12.71 79.02 -13.96
C LYS D 282 12.41 79.29 -15.43
N PRO D 283 12.97 80.38 -15.98
CA PRO D 283 12.78 80.62 -17.42
C PRO D 283 13.34 79.50 -18.28
N PRO D 284 12.64 79.12 -19.37
CA PRO D 284 11.45 79.74 -19.98
C PRO D 284 10.12 79.24 -19.46
N PHE D 285 10.15 78.50 -18.37
CA PHE D 285 8.99 77.79 -17.89
C PHE D 285 8.08 78.69 -17.05
N ASN D 286 8.45 79.98 -16.97
CA ASN D 286 7.56 81.01 -16.44
C ASN D 286 6.55 81.47 -17.49
N ASP D 287 6.70 80.92 -18.70
CA ASP D 287 5.81 81.21 -19.80
C ASP D 287 4.79 80.08 -19.95
N VAL D 288 3.51 80.42 -19.86
CA VAL D 288 2.45 79.41 -19.82
C VAL D 288 2.38 78.66 -21.14
N ARG D 289 2.72 79.34 -22.22
CA ARG D 289 2.72 78.72 -23.55
C ARG D 289 3.79 77.66 -23.68
N VAL D 290 4.95 77.91 -23.06
CA VAL D 290 6.04 76.91 -23.10
C VAL D 290 5.63 75.70 -22.25
N ARG D 291 5.03 75.96 -21.09
CA ARG D 291 4.59 74.90 -20.20
C ARG D 291 3.52 74.06 -20.88
N THR D 292 2.60 74.74 -21.56
CA THR D 292 1.51 74.08 -22.23
C THR D 292 2.06 73.21 -23.36
N ALA D 293 3.03 73.74 -24.09
CA ALA D 293 3.73 72.96 -25.13
C ALA D 293 4.35 71.67 -24.57
N LEU D 294 5.00 71.74 -23.43
CA LEU D 294 5.61 70.53 -22.82
C LEU D 294 4.53 69.53 -22.40
N LYS D 295 3.41 70.04 -21.91
CA LYS D 295 2.30 69.20 -21.44
C LYS D 295 1.66 68.44 -22.59
N LEU D 296 1.38 69.15 -23.68
CA LEU D 296 0.72 68.60 -24.86
C LEU D 296 1.64 67.67 -25.67
N GLY D 297 2.93 67.99 -25.72
CA GLY D 297 3.90 67.22 -26.51
C GLY D 297 4.22 65.84 -25.95
N MET D 298 3.99 65.64 -24.66
CA MET D 298 4.19 64.32 -24.04
C MET D 298 3.11 63.34 -24.55
N ASP D 299 3.53 62.14 -24.94
CA ASP D 299 2.61 61.08 -25.41
C ASP D 299 2.34 60.05 -24.32
N ARG D 300 1.23 60.26 -23.60
CA ARG D 300 0.83 59.41 -22.46
C ARG D 300 0.47 57.98 -22.84
N ASP D 301 -0.07 57.79 -24.05
CA ASP D 301 -0.41 56.46 -24.55
C ASP D 301 0.84 55.64 -24.84
N ILE D 302 1.87 56.27 -25.38
CA ILE D 302 3.16 55.61 -25.58
C ILE D 302 3.76 55.23 -24.24
N ILE D 303 3.81 56.16 -23.29
CA ILE D 303 4.34 55.85 -21.96
C ILE D 303 3.54 54.76 -21.23
N VAL D 304 2.22 54.91 -21.17
CA VAL D 304 1.36 53.96 -20.47
C VAL D 304 1.49 52.55 -21.05
N ASN D 305 1.65 52.45 -22.37
CA ASN D 305 1.85 51.15 -23.00
C ASN D 305 3.10 50.40 -22.50
N LYS D 306 4.12 51.11 -22.03
CA LYS D 306 5.30 50.47 -21.43
C LYS D 306 4.97 49.68 -20.17
N VAL D 307 3.99 50.16 -19.40
CA VAL D 307 3.62 49.52 -18.14
C VAL D 307 2.17 49.02 -18.13
N LYS D 308 1.58 48.75 -19.30
CA LYS D 308 0.14 48.43 -19.36
C LYS D 308 -0.22 47.08 -18.73
N ALA D 309 0.75 46.18 -18.60
CA ALA D 309 0.53 44.91 -17.88
C ALA D 309 0.20 45.17 -16.39
N GLN D 310 0.74 46.25 -15.84
CA GLN D 310 0.46 46.66 -14.48
C GLN D 310 -0.87 47.41 -14.37
N GLY D 311 -1.36 47.98 -15.47
CA GLY D 311 -2.73 48.50 -15.54
C GLY D 311 -2.90 50.00 -15.35
N ASN D 312 -1.78 50.73 -15.39
CA ASN D 312 -1.77 52.18 -15.23
C ASN D 312 -2.63 52.89 -16.26
N MET D 313 -3.43 53.86 -15.80
CA MET D 313 -4.26 54.69 -16.69
C MET D 313 -3.56 56.02 -16.98
N PRO D 314 -3.68 56.53 -18.23
CA PRO D 314 -3.06 57.81 -18.61
C PRO D 314 -3.70 59.01 -17.89
N ALA D 315 -2.88 59.97 -17.46
CA ALA D 315 -3.36 61.05 -16.60
C ALA D 315 -3.68 62.33 -17.38
N TYR D 316 -4.76 63.00 -16.98
CA TYR D 316 -5.17 64.29 -17.57
C TYR D 316 -5.15 65.43 -16.53
N GLY D 317 -4.68 65.11 -15.32
CA GLY D 317 -4.75 66.04 -14.19
C GLY D 317 -3.87 65.62 -13.02
N TYR D 318 -4.12 66.25 -11.88
CA TYR D 318 -3.26 66.10 -10.72
C TYR D 318 -3.93 65.21 -9.68
N THR D 319 -5.10 65.61 -9.19
CA THR D 319 -5.85 64.76 -8.27
C THR D 319 -6.32 63.51 -9.03
N PRO D 320 -6.04 62.30 -8.49
CA PRO D 320 -6.57 61.09 -9.12
C PRO D 320 -8.11 61.08 -9.14
N PRO D 321 -8.73 60.78 -10.31
CA PRO D 321 -10.20 60.92 -10.49
C PRO D 321 -11.07 60.11 -9.53
N TYR D 322 -10.47 59.10 -8.93
CA TYR D 322 -11.16 58.15 -8.05
C TYR D 322 -10.89 58.50 -6.58
N THR D 323 -10.19 59.62 -6.33
CA THR D 323 -10.10 60.17 -4.98
C THR D 323 -11.52 60.41 -4.45
N ASP D 324 -11.74 60.06 -3.20
CA ASP D 324 -13.04 60.26 -2.56
C ASP D 324 -13.34 61.76 -2.53
N GLY D 325 -14.46 62.16 -3.12
CA GLY D 325 -14.79 63.58 -3.28
C GLY D 325 -14.60 64.14 -4.68
N ALA D 326 -13.76 63.49 -5.49
CA ALA D 326 -13.51 63.94 -6.85
C ALA D 326 -14.64 63.53 -7.82
N LYS D 327 -15.16 64.50 -8.57
CA LYS D 327 -15.95 64.26 -9.79
C LYS D 327 -15.29 65.00 -10.96
N LEU D 328 -14.14 64.52 -11.42
CA LEU D 328 -13.32 65.26 -12.38
C LEU D 328 -13.83 65.13 -13.81
N THR D 329 -13.57 66.17 -14.60
CA THR D 329 -13.87 66.19 -16.03
C THR D 329 -12.55 66.25 -16.77
N GLN D 330 -12.48 65.65 -17.95
CA GLN D 330 -11.26 65.68 -18.75
C GLN D 330 -11.25 66.94 -19.61
N PRO D 331 -10.07 67.59 -19.75
CA PRO D 331 -9.94 68.75 -20.61
C PRO D 331 -9.97 68.39 -22.10
N GLU D 332 -10.26 69.36 -22.96
CA GLU D 332 -10.48 69.08 -24.39
C GLU D 332 -9.25 68.50 -25.09
N TRP D 333 -8.06 69.08 -24.84
CA TRP D 333 -6.84 68.60 -25.47
C TRP D 333 -6.62 67.12 -25.27
N PHE D 334 -7.11 66.59 -24.15
CA PHE D 334 -6.98 65.16 -23.84
C PHE D 334 -7.72 64.29 -24.86
N GLY D 335 -8.80 64.82 -25.45
CA GLY D 335 -9.57 64.13 -26.50
C GLY D 335 -9.06 64.29 -27.93
N TRP D 336 -8.05 65.13 -28.15
CA TRP D 336 -7.40 65.27 -29.48
C TRP D 336 -6.57 64.07 -29.85
N SER D 337 -6.17 64.01 -31.12
CA SER D 337 -5.13 63.09 -31.56
C SER D 337 -3.79 63.64 -31.09
N GLN D 338 -2.76 62.80 -31.07
CA GLN D 338 -1.43 63.24 -30.66
C GLN D 338 -0.81 64.20 -31.67
N GLU D 339 -1.12 64.01 -32.95
CA GLU D 339 -0.63 64.90 -34.01
C GLU D 339 -1.15 66.33 -33.80
N LYS D 340 -2.41 66.44 -33.39
CA LYS D 340 -3.04 67.75 -33.14
C LYS D 340 -2.40 68.42 -31.92
N ARG D 341 -2.14 67.62 -30.87
CA ARG D 341 -1.40 68.12 -29.71
C ARG D 341 0.02 68.60 -30.08
N ASN D 342 0.74 67.85 -30.91
CA ASN D 342 2.11 68.24 -31.30
C ASN D 342 2.12 69.56 -32.09
N GLU D 343 1.13 69.74 -32.99
CA GLU D 343 1.01 70.98 -33.79
C GLU D 343 0.71 72.19 -32.91
N GLU D 344 -0.26 72.08 -32.01
CA GLU D 344 -0.58 73.19 -31.10
C GLU D 344 0.62 73.56 -30.26
N ALA D 345 1.38 72.55 -29.83
CA ALA D 345 2.53 72.76 -28.95
C ALA D 345 3.64 73.53 -29.64
N LYS D 346 3.92 73.20 -30.91
CA LYS D 346 4.95 73.92 -31.67
C LYS D 346 4.59 75.37 -32.00
N LYS D 347 3.30 75.65 -32.26
CA LYS D 347 2.83 77.04 -32.43
C LYS D 347 3.05 77.81 -31.13
N LEU D 348 2.64 77.21 -30.01
CA LEU D 348 2.80 77.83 -28.71
C LEU D 348 4.27 78.13 -28.44
N LEU D 349 5.15 77.17 -28.73
CA LEU D 349 6.60 77.39 -28.58
C LEU D 349 7.07 78.55 -29.47
N ALA D 350 6.66 78.52 -30.73
CA ALA D 350 7.06 79.54 -31.71
C ALA D 350 6.59 80.91 -31.26
N GLU D 351 5.38 81.00 -30.74
CA GLU D 351 4.87 82.26 -30.14
C GLU D 351 5.80 82.84 -29.07
N ALA D 352 6.35 81.97 -28.23
CA ALA D 352 7.26 82.35 -27.16
C ALA D 352 8.69 82.55 -27.66
N GLY D 353 8.97 82.09 -28.89
CA GLY D 353 10.25 82.33 -29.57
C GLY D 353 11.19 81.13 -29.73
N TYR D 354 10.68 79.92 -29.53
CA TYR D 354 11.51 78.68 -29.59
C TYR D 354 11.08 77.87 -30.80
N THR D 355 12.03 77.67 -31.73
CA THR D 355 11.76 77.08 -33.05
C THR D 355 12.81 76.04 -33.44
N ALA D 356 12.55 75.34 -34.55
CA ALA D 356 13.50 74.39 -35.10
C ALA D 356 14.85 75.05 -35.14
N ASP D 357 14.89 76.20 -35.80
CA ASP D 357 16.15 76.91 -36.02
C ASP D 357 16.70 77.57 -34.75
N LYS D 358 15.83 78.01 -33.84
CA LYS D 358 16.27 78.55 -32.53
C LYS D 358 15.70 77.73 -31.36
N PRO D 359 16.22 76.51 -31.17
CA PRO D 359 15.54 75.54 -30.30
C PRO D 359 15.78 75.68 -28.79
N LEU D 360 14.79 75.19 -28.01
CA LEU D 360 14.84 75.13 -26.55
C LEU D 360 15.55 73.85 -26.11
N THR D 361 16.40 73.98 -25.11
CA THR D 361 17.14 72.85 -24.55
C THR D 361 16.97 72.91 -23.05
N ILE D 362 16.54 71.79 -22.45
CA ILE D 362 16.31 71.71 -21.02
C ILE D 362 16.95 70.49 -20.39
N ASN D 363 17.12 70.53 -19.07
CA ASN D 363 17.51 69.36 -18.28
C ASN D 363 16.29 68.70 -17.64
N LEU D 364 16.29 67.38 -17.62
CA LEU D 364 15.27 66.57 -16.97
C LEU D 364 15.94 65.87 -15.80
N LEU D 365 15.58 66.30 -14.60
CA LEU D 365 16.07 65.69 -13.37
C LEU D 365 15.23 64.47 -12.99
N TYR D 366 15.90 63.42 -12.53
CA TYR D 366 15.17 62.30 -11.93
C TYR D 366 15.97 61.63 -10.79
N ASN D 367 15.26 61.04 -9.83
CA ASN D 367 15.92 60.23 -8.78
C ASN D 367 16.29 58.84 -9.28
N THR D 368 17.50 58.40 -8.93
CA THR D 368 18.03 57.11 -9.34
C THR D 368 17.01 55.98 -9.23
N SER D 369 16.75 55.31 -10.36
CA SER D 369 15.70 54.28 -10.46
C SER D 369 15.69 53.67 -11.86
N ASP D 370 15.54 52.35 -11.95
CA ASP D 370 15.51 51.73 -13.28
C ASP D 370 14.20 52.17 -13.94
N LEU D 371 13.11 52.20 -13.19
CA LEU D 371 11.83 52.71 -13.71
C LEU D 371 12.01 54.14 -14.31
N HIS D 372 12.44 55.08 -13.47
CA HIS D 372 12.44 56.50 -13.86
C HIS D 372 13.42 56.83 -14.98
N LYS D 373 14.57 56.14 -15.00
CA LYS D 373 15.54 56.36 -16.04
C LYS D 373 14.96 55.96 -17.42
N LYS D 374 14.39 54.76 -17.50
CA LYS D 374 13.78 54.29 -18.74
C LYS D 374 12.67 55.20 -19.20
N LEU D 375 11.83 55.67 -18.30
CA LEU D 375 10.77 56.61 -18.69
C LEU D 375 11.33 58.01 -19.05
N ALA D 376 12.38 58.46 -18.38
CA ALA D 376 13.04 59.74 -18.73
C ALA D 376 13.64 59.70 -20.16
N ILE D 377 14.33 58.60 -20.48
CA ILE D 377 14.85 58.37 -21.85
C ILE D 377 13.71 58.37 -22.87
N ALA D 378 12.63 57.67 -22.55
CA ALA D 378 11.42 57.71 -23.35
C ALA D 378 10.85 59.13 -23.51
N ALA D 379 10.64 59.85 -22.40
CA ALA D 379 10.10 61.22 -22.46
C ALA D 379 11.00 62.15 -23.27
N SER D 380 12.30 62.07 -23.06
CA SER D 380 13.28 62.89 -23.78
C SER D 380 13.15 62.70 -25.28
N SER D 381 13.14 61.44 -25.70
CA SER D 381 12.96 61.08 -27.09
C SER D 381 11.62 61.63 -27.67
N LEU D 382 10.52 61.45 -26.91
CA LEU D 382 9.19 61.92 -27.36
C LEU D 382 9.15 63.44 -27.58
N TRP D 383 9.61 64.19 -26.58
CA TRP D 383 9.68 65.63 -26.68
C TRP D 383 10.54 66.13 -27.85
N LYS D 384 11.64 65.43 -28.17
CA LYS D 384 12.48 65.77 -29.36
C LYS D 384 11.71 65.66 -30.66
N LYS D 385 11.23 64.46 -30.96
CA LYS D 385 10.52 64.17 -32.19
C LYS D 385 9.20 64.92 -32.29
N ASN D 386 8.44 64.97 -31.20
CA ASN D 386 7.10 65.56 -31.22
C ASN D 386 7.08 67.08 -31.25
N ILE D 387 7.90 67.73 -30.41
CA ILE D 387 7.91 69.21 -30.36
C ILE D 387 9.28 69.89 -30.55
N GLY D 388 10.33 69.13 -30.84
CA GLY D 388 11.64 69.71 -31.12
C GLY D 388 12.35 70.36 -29.96
N VAL D 389 12.00 69.98 -28.73
CA VAL D 389 12.76 70.38 -27.55
C VAL D 389 13.81 69.31 -27.26
N ASN D 390 15.05 69.74 -27.10
CA ASN D 390 16.14 68.84 -26.70
C ASN D 390 16.12 68.69 -25.18
N VAL D 391 16.29 67.45 -24.69
CA VAL D 391 16.19 67.14 -23.26
C VAL D 391 17.40 66.29 -22.80
N LYS D 392 18.26 66.86 -21.97
CA LYS D 392 19.38 66.14 -21.36
C LYS D 392 18.94 65.63 -19.98
N LEU D 393 19.54 64.53 -19.53
CA LEU D 393 19.10 63.87 -18.30
C LEU D 393 20.05 64.14 -17.15
N VAL D 394 19.51 64.42 -15.96
CA VAL D 394 20.30 64.59 -14.74
C VAL D 394 19.73 63.68 -13.64
N ASN D 395 20.57 62.86 -13.03
CA ASN D 395 20.08 62.08 -11.91
C ASN D 395 20.84 62.29 -10.59
N GLN D 396 20.10 62.09 -9.51
CA GLN D 396 20.57 62.38 -8.16
C GLN D 396 19.95 61.37 -7.21
N GLU D 397 20.62 61.09 -6.11
CA GLU D 397 20.02 60.26 -5.08
C GLU D 397 18.82 60.97 -4.43
N TRP D 398 17.99 60.15 -3.80
CA TRP D 398 16.69 60.58 -3.31
C TRP D 398 16.72 61.85 -2.47
N LYS D 399 17.63 61.91 -1.48
CA LYS D 399 17.70 63.05 -0.57
C LYS D 399 18.10 64.34 -1.32
N THR D 400 19.21 64.30 -2.05
CA THR D 400 19.66 65.44 -2.85
C THR D 400 18.57 65.94 -3.85
N PHE D 401 17.94 64.99 -4.52
CA PHE D 401 16.85 65.18 -5.47
C PHE D 401 15.71 66.00 -4.87
N LEU D 402 15.26 65.63 -3.68
CA LEU D 402 14.23 66.40 -2.99
C LEU D 402 14.77 67.81 -2.64
N ASP D 403 16.03 67.89 -2.22
CA ASP D 403 16.63 69.18 -1.85
C ASP D 403 16.64 70.10 -3.07
N THR D 404 17.08 69.57 -4.21
CA THR D 404 17.17 70.31 -5.46
C THR D 404 15.80 70.87 -5.87
N ARG D 405 14.75 70.08 -5.71
CA ARG D 405 13.44 70.54 -6.09
C ARG D 405 12.96 71.73 -5.24
N HIS D 406 13.17 71.67 -3.93
CA HIS D 406 12.90 72.82 -3.05
C HIS D 406 13.70 74.05 -3.36
N GLN D 407 14.97 73.88 -3.71
CA GLN D 407 15.84 75.00 -4.02
C GLN D 407 15.53 75.62 -5.39
N GLY D 408 14.95 74.85 -6.31
CA GLY D 408 14.63 75.32 -7.65
C GLY D 408 15.79 75.34 -8.63
N THR D 409 16.83 74.57 -8.35
CA THR D 409 17.97 74.45 -9.25
C THR D 409 17.73 73.31 -10.29
N PHE D 410 16.55 73.36 -10.92
CA PHE D 410 16.16 72.37 -11.92
C PHE D 410 15.19 73.01 -12.92
N ASP D 411 15.08 72.39 -14.10
CA ASP D 411 14.13 72.80 -15.12
C ASP D 411 12.81 72.05 -15.01
N VAL D 412 12.88 70.73 -15.21
CA VAL D 412 11.72 69.86 -15.17
C VAL D 412 12.19 68.62 -14.44
N ALA D 413 11.33 68.06 -13.61
CA ALA D 413 11.71 66.91 -12.79
C ALA D 413 10.68 65.81 -12.87
N ARG D 414 11.15 64.57 -12.92
CA ARG D 414 10.26 63.41 -12.69
C ARG D 414 9.67 63.56 -11.29
N ALA D 415 8.35 63.51 -11.15
CA ALA D 415 7.74 63.60 -9.83
C ALA D 415 6.59 62.61 -9.63
N GLY D 416 6.22 62.46 -8.37
CA GLY D 416 5.11 61.63 -7.94
C GLY D 416 4.59 62.11 -6.58
N TRP D 417 3.28 62.35 -6.51
CA TRP D 417 2.58 62.69 -5.29
C TRP D 417 1.56 61.63 -4.93
N CYS D 418 1.63 61.14 -3.69
CA CYS D 418 0.62 60.24 -3.08
C CYS D 418 -0.24 60.97 -2.05
N ALA D 419 -1.54 60.68 -2.01
CA ALA D 419 -2.41 61.31 -1.00
C ALA D 419 -1.91 60.97 0.38
N ASP D 420 -1.99 61.96 1.27
CA ASP D 420 -1.77 61.76 2.68
C ASP D 420 -3.09 61.45 3.39
N TYR D 421 -4.20 61.93 2.82
CA TYR D 421 -5.54 61.57 3.26
C TYR D 421 -6.48 61.54 2.05
N ASN D 422 -7.46 60.64 2.06
CA ASN D 422 -8.31 60.44 0.89
C ASN D 422 -9.39 61.53 0.72
N GLU D 423 -8.93 62.70 0.27
CA GLU D 423 -9.79 63.85 -0.05
C GLU D 423 -9.01 64.74 -1.00
N PRO D 424 -9.69 65.43 -1.93
CA PRO D 424 -8.88 66.06 -2.98
C PRO D 424 -7.94 67.18 -2.51
N THR D 425 -8.22 67.79 -1.35
CA THR D 425 -7.38 68.87 -0.88
C THR D 425 -5.98 68.38 -0.53
N SER D 426 -5.82 67.07 -0.29
CA SER D 426 -4.51 66.45 -0.01
C SER D 426 -3.55 66.57 -1.19
N PHE D 427 -4.11 66.68 -2.40
CA PHE D 427 -3.34 67.04 -3.59
C PHE D 427 -3.35 68.55 -3.83
N LEU D 428 -4.54 69.11 -4.02
CA LEU D 428 -4.69 70.49 -4.45
C LEU D 428 -4.00 71.51 -3.55
N ASN D 429 -3.95 71.25 -2.24
CA ASN D 429 -3.28 72.17 -1.32
C ASN D 429 -1.75 72.28 -1.53
N THR D 430 -1.13 71.32 -2.22
CA THR D 430 0.32 71.40 -2.53
C THR D 430 0.63 72.41 -3.63
N MET D 431 -0.41 72.93 -4.29
CA MET D 431 -0.26 73.96 -5.34
C MET D 431 -0.61 75.39 -4.84
N LEU D 432 -0.94 75.53 -3.56
CA LEU D 432 -1.11 76.86 -2.95
C LEU D 432 0.23 77.63 -2.99
N SER D 433 0.13 78.94 -3.21
CA SER D 433 1.34 79.78 -3.29
C SER D 433 2.11 79.65 -2.00
N ASN D 434 1.39 79.55 -0.87
CA ASN D 434 2.02 79.47 0.44
C ASN D 434 2.50 78.08 0.91
N SER D 435 2.31 77.05 0.09
CA SER D 435 2.56 75.68 0.54
C SER D 435 4.05 75.32 0.59
N SER D 436 4.48 74.81 1.74
CA SER D 436 5.82 74.24 1.92
C SER D 436 6.12 73.06 0.98
N MET D 437 5.07 72.44 0.44
CA MET D 437 5.19 71.27 -0.44
C MET D 437 5.18 71.63 -1.94
N ASN D 438 5.07 72.92 -2.26
CA ASN D 438 4.91 73.37 -3.65
C ASN D 438 6.28 73.44 -4.36
N THR D 439 6.85 72.28 -4.68
CA THR D 439 8.12 72.23 -5.43
C THR D 439 7.95 72.57 -6.91
N ALA D 440 6.70 72.70 -7.39
CA ALA D 440 6.46 73.27 -8.72
C ALA D 440 6.78 74.80 -8.78
N HIS D 441 6.75 75.47 -7.62
CA HIS D 441 6.87 76.91 -7.57
C HIS D 441 5.75 77.57 -8.34
N TYR D 442 4.57 76.96 -8.30
CA TYR D 442 3.39 77.44 -9.01
C TYR D 442 2.63 78.40 -8.11
N LYS D 443 2.41 79.62 -8.58
CA LYS D 443 1.73 80.63 -7.76
C LYS D 443 0.64 81.36 -8.53
N SER D 444 -0.61 81.05 -8.23
CA SER D 444 -1.78 81.67 -8.89
C SER D 444 -2.74 82.21 -7.82
N PRO D 445 -2.86 83.55 -7.74
CA PRO D 445 -3.85 84.09 -6.81
C PRO D 445 -5.26 83.52 -7.08
N ALA D 446 -5.56 83.24 -8.36
CA ALA D 446 -6.85 82.67 -8.78
C ALA D 446 -7.07 81.29 -8.21
N PHE D 447 -6.05 80.42 -8.30
CA PHE D 447 -6.12 79.08 -7.73
C PHE D 447 -6.38 79.13 -6.22
N ASP D 448 -5.72 80.05 -5.53
CA ASP D 448 -5.84 80.14 -4.08
C ASP D 448 -7.24 80.56 -3.63
N SER D 449 -7.85 81.48 -4.37
CA SER D 449 -9.19 81.96 -4.04
C SER D 449 -10.23 80.86 -4.23
N ILE D 450 -10.04 80.00 -5.22
CA ILE D 450 -10.90 78.83 -5.43
C ILE D 450 -10.80 77.86 -4.24
N MET D 451 -9.57 77.55 -3.80
CA MET D 451 -9.39 76.67 -2.64
C MET D 451 -9.90 77.32 -1.35
N ALA D 452 -9.82 78.65 -1.24
CA ALA D 452 -10.40 79.35 -0.10
C ALA D 452 -11.92 79.21 -0.09
N GLU D 453 -12.53 79.16 -1.28
CA GLU D 453 -14.01 79.01 -1.37
C GLU D 453 -14.49 77.65 -0.91
N THR D 454 -13.66 76.62 -1.05
CA THR D 454 -14.03 75.25 -0.64
C THR D 454 -14.40 75.21 0.85
N LEU D 455 -13.74 76.02 1.67
CA LEU D 455 -14.02 76.06 3.11
C LEU D 455 -15.23 76.94 3.52
N LYS D 456 -15.88 77.61 2.57
CA LYS D 456 -17.08 78.42 2.87
C LYS D 456 -18.37 77.87 2.24
N VAL D 457 -18.28 76.63 1.76
CA VAL D 457 -19.40 75.89 1.16
C VAL D 457 -20.53 75.54 2.15
N THR D 458 -21.75 75.30 1.64
CA THR D 458 -22.89 74.81 2.47
C THR D 458 -23.37 73.37 2.17
N ASP D 459 -22.89 72.74 1.08
CA ASP D 459 -23.09 71.29 0.82
C ASP D 459 -21.81 70.69 0.24
N GLU D 460 -21.70 69.36 0.27
CA GLU D 460 -20.52 68.70 -0.32
C GLU D 460 -20.50 68.71 -1.86
N ALA D 461 -21.68 68.91 -2.46
CA ALA D 461 -21.80 69.01 -3.91
C ALA D 461 -21.02 70.23 -4.42
N GLN D 462 -21.21 71.37 -3.73
CA GLN D 462 -20.50 72.61 -4.04
C GLN D 462 -19.00 72.43 -3.99
N ARG D 463 -18.55 71.83 -2.89
CA ARG D 463 -17.14 71.62 -2.62
C ARG D 463 -16.54 70.77 -3.75
N THR D 464 -17.22 69.68 -4.11
CA THR D 464 -16.75 68.82 -5.19
C THR D 464 -16.67 69.59 -6.50
N ALA D 465 -17.69 70.40 -6.78
CA ALA D 465 -17.69 71.29 -7.94
C ALA D 465 -16.53 72.28 -7.93
N LEU D 466 -16.18 72.80 -6.76
CA LEU D 466 -15.09 73.74 -6.63
C LEU D 466 -13.74 73.03 -6.89
N TYR D 467 -13.62 71.79 -6.45
CA TYR D 467 -12.39 71.00 -6.70
C TYR D 467 -12.13 70.78 -8.19
N THR D 468 -13.18 70.51 -8.97
CA THR D 468 -13.00 70.44 -10.42
C THR D 468 -12.59 71.81 -11.05
N LYS D 469 -13.18 72.91 -10.56
CA LYS D 469 -12.78 74.25 -11.02
C LYS D 469 -11.32 74.54 -10.67
N ALA D 470 -10.88 74.09 -9.50
CA ALA D 470 -9.45 74.18 -9.13
C ALA D 470 -8.54 73.33 -10.03
N GLU D 471 -9.01 72.15 -10.46
CA GLU D 471 -8.23 71.31 -11.38
C GLU D 471 -8.16 71.93 -12.75
N GLN D 472 -9.28 72.52 -13.17
CA GLN D 472 -9.36 73.15 -14.48
C GLN D 472 -8.38 74.34 -14.58
N GLN D 473 -8.21 75.12 -13.51
CA GLN D 473 -7.29 76.26 -13.53
C GLN D 473 -5.82 75.81 -13.52
N LEU D 474 -5.53 74.77 -12.76
CA LEU D 474 -4.20 74.15 -12.80
C LEU D 474 -3.93 73.81 -14.26
N ASP D 475 -4.91 73.19 -14.93
CA ASP D 475 -4.73 72.75 -16.31
C ASP D 475 -4.58 73.90 -17.31
N LYS D 476 -5.47 74.90 -17.21
CA LYS D 476 -5.37 76.09 -18.08
C LYS D 476 -4.03 76.84 -17.90
N ASP D 477 -3.43 76.71 -16.72
CA ASP D 477 -2.08 77.24 -16.41
C ASP D 477 -0.92 76.29 -16.67
N SER D 478 -1.23 75.04 -17.03
CA SER D 478 -0.21 74.01 -17.30
C SER D 478 0.91 73.98 -16.27
N ALA D 479 0.48 73.90 -15.01
CA ALA D 479 1.40 73.85 -13.88
C ALA D 479 2.32 72.64 -13.97
N ILE D 480 1.80 71.51 -14.49
CA ILE D 480 2.55 70.25 -14.56
C ILE D 480 2.29 69.54 -15.88
N VAL D 481 3.08 68.52 -16.14
CA VAL D 481 2.89 67.53 -17.20
C VAL D 481 2.35 66.20 -16.63
N PRO D 482 1.02 66.03 -16.57
CA PRO D 482 0.53 64.77 -16.05
C PRO D 482 0.90 63.62 -16.97
N VAL D 483 1.17 62.45 -16.41
CA VAL D 483 1.60 61.30 -17.20
C VAL D 483 0.68 60.09 -16.99
N TYR D 484 0.66 59.56 -15.78
CA TYR D 484 -0.23 58.44 -15.46
C TYR D 484 -0.57 58.37 -13.99
N TYR D 485 -1.73 57.77 -13.69
CA TYR D 485 -2.09 57.48 -12.31
C TYR D 485 -1.43 56.15 -11.92
N TYR D 486 -0.96 56.10 -10.69
CA TYR D 486 -0.19 54.96 -10.17
C TYR D 486 -1.05 53.73 -9.93
N VAL D 487 -0.33 52.63 -9.73
CA VAL D 487 -0.88 51.39 -9.20
C VAL D 487 0.02 50.94 -8.00
N ASN D 488 -0.53 50.24 -7.01
CA ASN D 488 0.32 49.64 -5.95
C ASN D 488 0.64 48.23 -6.35
N ALA D 489 1.81 48.06 -6.96
CA ALA D 489 2.24 46.77 -7.46
C ALA D 489 3.49 46.34 -6.70
N ARG D 490 3.45 45.19 -6.03
CA ARG D 490 4.63 44.63 -5.35
C ARG D 490 4.59 43.12 -5.23
N LEU D 491 5.77 42.54 -5.00
CA LEU D 491 5.94 41.15 -4.67
C LEU D 491 5.88 40.92 -3.15
N VAL D 492 5.16 39.87 -2.74
CA VAL D 492 5.05 39.47 -1.33
C VAL D 492 5.14 37.94 -1.19
N LYS D 493 6.07 37.48 -0.33
CA LYS D 493 6.24 36.04 -0.13
C LYS D 493 4.99 35.37 0.45
N PRO D 494 4.76 34.08 0.09
CA PRO D 494 3.59 33.30 0.53
C PRO D 494 3.37 33.30 2.05
N TRP D 495 4.45 33.24 2.82
CA TRP D 495 4.40 33.21 4.29
C TRP D 495 4.20 34.54 5.00
N VAL D 496 4.10 35.66 4.27
CA VAL D 496 3.86 36.94 4.90
C VAL D 496 2.36 37.22 5.03
N GLY D 497 1.88 37.24 6.27
CA GLY D 497 0.48 37.50 6.57
C GLY D 497 0.21 38.94 6.98
N GLY D 498 -1.03 39.37 6.72
CA GLY D 498 -1.48 40.70 7.11
C GLY D 498 -1.35 41.78 6.05
N TYR D 499 -0.95 41.41 4.83
CA TYR D 499 -0.92 42.38 3.73
C TYR D 499 -2.14 42.22 2.85
N THR D 500 -3.10 43.14 2.95
CA THR D 500 -4.37 43.03 2.19
C THR D 500 -4.35 43.81 0.87
N GLY D 501 -3.57 44.90 0.83
CA GLY D 501 -3.51 45.78 -0.33
C GLY D 501 -4.73 46.68 -0.50
N LYS D 502 -5.73 46.58 0.37
CA LYS D 502 -6.99 47.33 0.22
C LYS D 502 -6.99 48.80 0.72
N ASP D 503 -5.86 49.29 1.23
CA ASP D 503 -5.74 50.71 1.57
C ASP D 503 -5.22 51.44 0.33
N PRO D 504 -6.02 52.33 -0.27
CA PRO D 504 -5.54 53.04 -1.45
C PRO D 504 -4.38 54.03 -1.18
N LEU D 505 -4.10 54.33 0.09
CA LEU D 505 -2.95 55.13 0.46
C LEU D 505 -1.71 54.28 0.82
N ASP D 506 -1.88 52.96 0.87
CA ASP D 506 -0.80 52.02 1.29
C ASP D 506 -0.11 52.33 2.64
N ASN D 507 -0.90 52.80 3.61
CA ASN D 507 -0.38 53.06 4.95
C ASN D 507 -0.42 51.82 5.84
N THR D 508 0.56 50.94 5.63
CA THR D 508 0.63 49.68 6.36
C THR D 508 1.47 49.89 7.59
N TYR D 509 1.45 48.87 8.45
CA TYR D 509 2.18 48.90 9.72
C TYR D 509 2.71 47.50 9.98
N THR D 510 3.96 47.39 10.36
CA THR D 510 4.51 46.06 10.69
C THR D 510 3.77 45.37 11.87
N ARG D 511 3.12 46.16 12.74
CA ARG D 511 2.35 45.59 13.86
C ARG D 511 1.14 44.76 13.41
N ASN D 512 0.72 44.92 12.16
CA ASN D 512 -0.41 44.18 11.63
C ASN D 512 -0.01 42.89 10.92
N MET D 513 1.29 42.64 10.77
CA MET D 513 1.75 41.51 9.98
C MET D 513 2.29 40.37 10.84
N TYR D 514 2.48 39.22 10.20
CA TYR D 514 2.89 37.99 10.88
C TYR D 514 3.48 37.01 9.88
N ILE D 515 4.46 36.24 10.32
CA ILE D 515 5.05 35.20 9.48
C ILE D 515 4.35 33.85 9.65
N VAL D 516 3.94 33.25 8.55
CA VAL D 516 3.38 31.89 8.57
C VAL D 516 4.52 30.86 8.59
N LYS D 517 4.31 29.74 9.28
CA LYS D 517 5.31 28.65 9.29
C LYS D 517 5.44 28.09 7.87
N HIS D 518 6.67 27.79 7.46
CA HIS D 518 6.96 27.51 6.07
C HIS D 518 8.31 26.86 5.95
N ALA E 2 -11.48 8.80 8.42
CA ALA E 2 -11.40 9.91 9.42
C ALA E 2 -11.54 11.26 8.73
N ASP E 3 -12.24 12.20 9.37
CA ASP E 3 -12.26 13.60 8.96
C ASP E 3 -11.51 14.44 10.03
N VAL E 4 -10.24 14.72 9.77
CA VAL E 4 -9.47 15.63 10.60
C VAL E 4 -10.08 17.03 10.43
N PRO E 5 -10.34 17.74 11.52
CA PRO E 5 -10.89 19.09 11.30
C PRO E 5 -9.86 20.06 10.70
N ALA E 6 -10.35 21.11 10.05
CA ALA E 6 -9.47 22.19 9.62
C ALA E 6 -8.77 22.75 10.85
N GLY E 7 -7.45 22.90 10.74
CA GLY E 7 -6.66 23.54 11.80
C GLY E 7 -5.93 22.60 12.74
N VAL E 8 -6.31 21.33 12.78
CA VAL E 8 -5.61 20.35 13.61
C VAL E 8 -4.31 19.94 12.94
N THR E 9 -3.21 19.93 13.68
CA THR E 9 -1.94 19.40 13.20
C THR E 9 -1.79 17.97 13.68
N LEU E 10 -1.56 17.06 12.74
CA LEU E 10 -1.40 15.65 13.08
C LEU E 10 0.02 15.37 13.61
N ALA E 11 0.09 14.51 14.62
CA ALA E 11 1.36 13.94 15.11
C ALA E 11 2.06 13.19 13.99
N GLU E 12 3.39 13.09 14.09
CA GLU E 12 4.15 12.31 13.11
C GLU E 12 3.82 10.82 13.20
N LYS E 13 3.83 10.27 14.42
CA LYS E 13 3.50 8.86 14.64
C LYS E 13 2.00 8.69 14.84
N GLN E 14 1.36 7.92 13.95
CA GLN E 14 -0.07 7.67 14.05
C GLN E 14 -0.35 6.23 14.55
N THR E 15 -0.19 6.04 15.85
CA THR E 15 -0.37 4.74 16.52
C THR E 15 -1.34 4.91 17.69
N LEU E 16 -2.01 3.83 18.10
CA LEU E 16 -3.01 3.90 19.18
C LEU E 16 -2.96 2.63 20.00
N VAL E 17 -3.01 2.75 21.33
CA VAL E 17 -3.12 1.58 22.23
C VAL E 17 -4.44 1.65 23.01
N ARG E 18 -5.27 0.63 22.88
CA ARG E 18 -6.55 0.55 23.58
C ARG E 18 -6.58 -0.69 24.44
N ASN E 19 -7.17 -0.59 25.64
CA ASN E 19 -7.55 -1.80 26.37
C ASN E 19 -8.88 -2.37 25.91
N ASN E 20 -8.84 -3.66 25.59
CA ASN E 20 -9.99 -4.38 25.10
C ASN E 20 -10.71 -5.19 26.19
N GLY E 21 -10.04 -5.35 27.34
CA GLY E 21 -10.70 -5.83 28.56
C GLY E 21 -10.64 -7.34 28.81
N SER E 22 -10.41 -8.13 27.77
CA SER E 22 -10.11 -9.57 27.92
C SER E 22 -9.51 -10.18 26.66
N GLU E 23 -9.07 -11.44 26.76
CA GLU E 23 -8.61 -12.20 25.61
C GLU E 23 -9.85 -12.62 24.83
N VAL E 24 -9.87 -12.30 23.53
CA VAL E 24 -11.02 -12.57 22.69
C VAL E 24 -11.22 -14.07 22.41
N GLN E 25 -12.48 -14.44 22.18
CA GLN E 25 -12.84 -15.83 21.81
C GLN E 25 -12.15 -16.27 20.53
N SER E 26 -12.08 -15.36 19.57
CA SER E 26 -11.77 -15.67 18.18
C SER E 26 -11.70 -14.39 17.36
N LEU E 27 -10.98 -14.43 16.23
CA LEU E 27 -11.06 -13.39 15.18
C LEU E 27 -12.01 -13.74 13.99
N ASP E 28 -12.67 -14.91 14.07
CA ASP E 28 -13.58 -15.38 13.05
C ASP E 28 -15.00 -14.79 13.28
N PRO E 29 -15.49 -13.91 12.41
CA PRO E 29 -16.80 -13.30 12.65
C PRO E 29 -17.97 -14.21 13.01
N HIS E 30 -17.90 -15.52 12.70
CA HIS E 30 -19.01 -16.47 13.01
C HIS E 30 -18.77 -17.22 14.30
N LYS E 31 -17.64 -16.94 14.97
CA LYS E 31 -17.27 -17.61 16.22
C LYS E 31 -17.31 -16.66 17.44
N ILE E 32 -18.11 -15.59 17.40
CA ILE E 32 -18.01 -14.55 18.42
C ILE E 32 -19.36 -14.07 18.93
N GLU E 33 -19.36 -13.64 20.20
CA GLU E 33 -20.57 -13.16 20.82
C GLU E 33 -20.36 -11.98 21.80
N GLY E 34 -19.11 -11.61 22.07
CA GLY E 34 -18.80 -10.54 23.06
C GLY E 34 -18.46 -9.16 22.48
N VAL E 35 -18.54 -8.14 23.32
CA VAL E 35 -18.12 -6.78 22.98
C VAL E 35 -16.64 -6.72 22.58
N PRO E 36 -15.75 -7.35 23.38
CA PRO E 36 -14.34 -7.27 22.99
C PRO E 36 -14.13 -7.79 21.59
N GLU E 37 -14.71 -8.96 21.30
CA GLU E 37 -14.56 -9.62 20.00
C GLU E 37 -15.00 -8.70 18.89
N SER E 38 -16.19 -8.11 19.04
CA SER E 38 -16.73 -7.21 18.06
C SER E 38 -15.84 -5.98 17.82
N ASN E 39 -15.22 -5.45 18.88
CA ASN E 39 -14.38 -4.25 18.78
C ASN E 39 -13.27 -4.45 17.77
N ILE E 40 -12.60 -5.58 17.89
CA ILE E 40 -11.53 -5.90 16.97
C ILE E 40 -12.12 -6.26 15.61
N SER E 41 -13.28 -6.92 15.61
CA SER E 41 -13.85 -7.39 14.32
C SER E 41 -14.16 -6.20 13.43
N ARG E 42 -14.53 -5.10 14.05
CA ARG E 42 -14.91 -3.88 13.33
C ARG E 42 -13.74 -3.25 12.58
N ASP E 43 -12.52 -3.50 13.05
CA ASP E 43 -11.33 -3.02 12.33
C ASP E 43 -10.94 -3.99 11.20
N LEU E 44 -11.26 -5.28 11.35
CA LEU E 44 -10.79 -6.30 10.39
C LEU E 44 -11.77 -6.64 9.26
N PHE E 45 -13.07 -6.52 9.52
CA PHE E 45 -14.05 -6.95 8.55
C PHE E 45 -15.17 -5.92 8.42
N GLU E 46 -15.61 -5.65 7.20
CA GLU E 46 -16.69 -4.65 6.93
C GLU E 46 -17.91 -5.26 6.24
N GLY E 47 -19.08 -5.04 6.82
CA GLY E 47 -20.34 -5.53 6.30
C GLY E 47 -21.02 -4.57 5.33
N LEU E 48 -22.31 -4.83 5.10
CA LEU E 48 -23.03 -4.07 4.13
C LEU E 48 -23.04 -2.60 4.57
N LEU E 49 -23.32 -2.39 5.86
CA LEU E 49 -23.48 -1.09 6.48
C LEU E 49 -22.56 -0.95 7.68
N VAL E 50 -22.31 0.30 8.08
CA VAL E 50 -21.54 0.62 9.31
C VAL E 50 -22.26 1.68 10.09
N SER E 51 -21.84 1.89 11.34
CA SER E 51 -22.42 2.93 12.18
C SER E 51 -21.60 4.20 12.05
N ASP E 52 -22.27 5.31 11.73
CA ASP E 52 -21.63 6.63 11.78
C ASP E 52 -21.39 7.08 13.24
N LEU E 53 -20.73 8.23 13.42
CA LEU E 53 -20.30 8.70 14.74
C LEU E 53 -21.46 8.92 15.71
N ASP E 54 -22.66 9.14 15.18
CA ASP E 54 -23.87 9.22 16.00
C ASP E 54 -24.61 7.87 16.15
N GLY E 55 -24.02 6.76 15.68
CA GLY E 55 -24.67 5.46 15.76
C GLY E 55 -25.73 5.14 14.72
N HIS E 56 -25.95 6.04 13.76
CA HIS E 56 -26.85 5.75 12.62
C HIS E 56 -26.21 4.91 11.55
N PRO E 57 -26.95 3.92 11.01
CA PRO E 57 -26.39 3.14 9.88
C PRO E 57 -25.97 4.01 8.70
N ALA E 58 -24.79 3.72 8.16
CA ALA E 58 -24.23 4.45 7.03
C ALA E 58 -23.61 3.45 6.06
N PRO E 59 -23.31 3.91 4.83
CA PRO E 59 -22.74 3.05 3.79
C PRO E 59 -21.46 2.30 4.21
N GLY E 60 -21.41 1.00 3.90
CA GLY E 60 -20.23 0.12 4.17
C GLY E 60 -19.76 -0.45 2.85
N VAL E 61 -19.80 -1.77 2.68
CA VAL E 61 -19.63 -2.31 1.33
C VAL E 61 -20.81 -1.90 0.42
N ALA E 62 -22.02 -1.85 0.97
CA ALA E 62 -23.18 -1.29 0.25
C ALA E 62 -23.06 0.22 0.17
N GLU E 63 -22.96 0.76 -1.04
CA GLU E 63 -22.97 2.22 -1.20
C GLU E 63 -24.38 2.79 -1.13
N SER E 64 -25.37 2.01 -1.55
CA SER E 64 -26.79 2.34 -1.38
C SER E 64 -27.66 1.08 -1.23
N TRP E 65 -28.93 1.26 -0.88
CA TRP E 65 -29.88 0.15 -0.71
C TRP E 65 -31.29 0.65 -0.80
N ASP E 66 -32.23 -0.27 -0.98
CA ASP E 66 -33.66 0.07 -1.04
C ASP E 66 -34.48 -1.18 -0.73
N ASN E 67 -35.80 -1.02 -0.59
CA ASN E 67 -36.65 -2.13 -0.22
C ASN E 67 -38.06 -1.97 -0.76
N LYS E 68 -38.77 -3.09 -0.85
CA LYS E 68 -40.19 -3.10 -1.16
C LYS E 68 -40.94 -3.71 0.02
N ASP E 69 -41.88 -2.94 0.57
CA ASP E 69 -42.79 -3.42 1.61
C ASP E 69 -42.05 -3.90 2.86
N ALA E 70 -40.81 -3.43 3.02
CA ALA E 70 -39.89 -3.89 4.08
C ALA E 70 -39.61 -5.39 4.03
N LYS E 71 -39.80 -6.01 2.87
CA LYS E 71 -39.79 -7.47 2.71
C LYS E 71 -38.75 -8.00 1.69
N VAL E 72 -38.47 -7.24 0.62
CA VAL E 72 -37.33 -7.53 -0.27
C VAL E 72 -36.31 -6.38 -0.20
N TRP E 73 -35.07 -6.69 0.16
CA TRP E 73 -34.02 -5.68 0.39
C TRP E 73 -32.90 -5.85 -0.60
N THR E 74 -32.59 -4.77 -1.32
CA THR E 74 -31.57 -4.80 -2.36
C THR E 74 -30.44 -3.87 -1.96
N PHE E 75 -29.23 -4.45 -1.94
CA PHE E 75 -28.03 -3.74 -1.58
C PHE E 75 -27.12 -3.60 -2.80
N HIS E 76 -26.78 -2.35 -3.12
CA HIS E 76 -25.95 -2.01 -4.28
C HIS E 76 -24.56 -1.81 -3.79
N LEU E 77 -23.67 -2.73 -4.15
CA LEU E 77 -22.33 -2.71 -3.62
C LEU E 77 -21.42 -1.79 -4.42
N ARG E 78 -20.74 -0.93 -3.68
CA ARG E 78 -19.44 -0.34 -4.03
C ARG E 78 -18.64 -1.24 -4.99
N LYS E 79 -18.24 -0.73 -6.15
CA LYS E 79 -17.48 -1.56 -7.13
C LYS E 79 -15.98 -1.71 -6.83
N ASP E 80 -15.42 -0.89 -5.95
CA ASP E 80 -13.98 -0.98 -5.64
C ASP E 80 -13.69 -1.55 -4.25
N ALA E 81 -14.70 -2.16 -3.63
CA ALA E 81 -14.50 -2.86 -2.36
C ALA E 81 -13.57 -4.07 -2.61
N LYS E 82 -12.56 -4.19 -1.75
CA LYS E 82 -11.53 -5.22 -1.90
C LYS E 82 -11.11 -5.90 -0.60
N TRP E 83 -10.64 -7.15 -0.74
CA TRP E 83 -9.98 -7.92 0.30
C TRP E 83 -8.52 -7.57 0.32
N SER E 84 -7.83 -7.88 1.42
CA SER E 84 -6.37 -7.60 1.57
C SER E 84 -5.49 -8.34 0.57
N ASP E 85 -6.09 -9.34 -0.08
N ASP E 85 -6.02 -9.33 -0.13
CA ASP E 85 -5.60 -10.02 -1.28
CA ASP E 85 -5.26 -9.95 -1.23
C ASP E 85 -5.42 -9.20 -2.54
C ASP E 85 -5.53 -9.29 -2.59
N GLY E 86 -6.09 -8.06 -2.58
CA GLY E 86 -6.36 -7.36 -3.83
C GLY E 86 -7.64 -7.80 -4.57
N THR E 87 -8.28 -8.90 -4.16
CA THR E 87 -9.43 -9.42 -4.89
C THR E 87 -10.73 -8.70 -4.52
N PRO E 88 -11.70 -8.64 -5.45
CA PRO E 88 -12.93 -7.88 -5.14
C PRO E 88 -13.82 -8.51 -4.06
N VAL E 89 -14.54 -7.66 -3.31
CA VAL E 89 -15.63 -8.09 -2.45
C VAL E 89 -16.91 -8.08 -3.27
N THR E 90 -17.58 -9.22 -3.34
CA THR E 90 -18.74 -9.36 -4.22
C THR E 90 -19.98 -9.74 -3.42
N ALA E 91 -21.12 -9.73 -4.10
CA ALA E 91 -22.38 -10.15 -3.49
C ALA E 91 -22.29 -11.63 -3.13
N GLN E 92 -21.57 -12.37 -3.95
CA GLN E 92 -21.36 -13.80 -3.71
C GLN E 92 -20.66 -14.06 -2.39
N ASP E 93 -19.77 -13.17 -1.98
CA ASP E 93 -19.09 -13.30 -0.66
C ASP E 93 -20.12 -13.25 0.47
N PHE E 94 -21.06 -12.32 0.38
CA PHE E 94 -22.13 -12.25 1.36
C PHE E 94 -23.04 -13.48 1.36
N VAL E 95 -23.34 -14.05 0.21
CA VAL E 95 -24.17 -15.25 0.16
C VAL E 95 -23.46 -16.42 0.87
N TYR E 96 -22.21 -16.66 0.52
CA TYR E 96 -21.41 -17.67 1.20
C TYR E 96 -21.36 -17.44 2.74
N SER E 97 -21.13 -16.19 3.16
CA SER E 97 -20.87 -15.90 4.59
C SER E 97 -22.09 -16.10 5.44
N TRP E 98 -23.22 -15.56 4.97
CA TRP E 98 -24.50 -15.68 5.69
C TRP E 98 -24.99 -17.11 5.78
N GLN E 99 -24.89 -17.87 4.67
CA GLN E 99 -25.08 -19.33 4.69
C GLN E 99 -24.19 -20.03 5.74
N ARG E 100 -22.94 -19.60 5.86
CA ARG E 100 -22.02 -20.18 6.84
C ARG E 100 -22.44 -19.85 8.30
N SER E 101 -22.84 -18.59 8.53
N SER E 101 -22.87 -18.59 8.51
CA SER E 101 -23.32 -18.14 9.84
CA SER E 101 -23.35 -18.09 9.82
C SER E 101 -24.52 -18.93 10.36
C SER E 101 -24.51 -18.94 10.35
N VAL E 102 -25.29 -19.50 9.44
CA VAL E 102 -26.52 -20.18 9.76
C VAL E 102 -26.37 -21.74 9.71
N ASP E 103 -25.20 -22.23 9.28
CA ASP E 103 -24.95 -23.67 9.17
C ASP E 103 -24.81 -24.29 10.57
N PRO E 104 -25.59 -25.35 10.88
CA PRO E 104 -25.40 -26.02 12.19
C PRO E 104 -23.96 -26.47 12.40
N ASN E 105 -23.28 -26.86 11.33
CA ASN E 105 -21.88 -27.30 11.42
C ASN E 105 -20.90 -26.21 11.86
N THR E 106 -21.23 -24.95 11.58
CA THR E 106 -20.43 -23.82 12.09
C THR E 106 -20.64 -23.61 13.60
N ALA E 107 -21.83 -23.90 14.11
CA ALA E 107 -22.12 -23.79 15.54
C ALA E 107 -21.84 -22.38 16.06
N SER E 108 -22.20 -21.36 15.29
CA SER E 108 -21.94 -19.99 15.68
C SER E 108 -22.77 -19.62 16.93
N PRO E 109 -22.16 -18.95 17.91
CA PRO E 109 -22.97 -18.34 18.98
C PRO E 109 -24.02 -17.34 18.49
N TYR E 110 -23.77 -16.71 17.34
CA TYR E 110 -24.69 -15.76 16.70
C TYR E 110 -25.52 -16.36 15.50
N ALA E 111 -25.83 -17.67 15.57
CA ALA E 111 -26.53 -18.35 14.46
C ALA E 111 -27.90 -17.74 14.27
N SER E 112 -28.56 -17.39 15.37
CA SER E 112 -29.94 -16.91 15.31
C SER E 112 -30.02 -15.40 14.97
N TYR E 113 -28.90 -14.71 14.85
CA TYR E 113 -28.94 -13.27 14.59
C TYR E 113 -29.61 -12.94 13.26
N LEU E 114 -29.27 -13.63 12.17
CA LEU E 114 -30.00 -13.40 10.91
C LEU E 114 -31.48 -13.85 10.99
N GLN E 115 -31.81 -14.77 11.90
CA GLN E 115 -33.22 -15.14 12.16
C GLN E 115 -34.02 -13.97 12.78
N TYR E 116 -33.33 -13.08 13.51
CA TYR E 116 -33.96 -11.86 14.04
C TYR E 116 -34.50 -10.94 12.94
N GLY E 117 -33.96 -11.06 11.73
CA GLY E 117 -34.48 -10.36 10.58
C GLY E 117 -35.43 -11.19 9.73
N HIS E 118 -35.64 -12.46 10.11
CA HIS E 118 -36.60 -13.37 9.47
C HIS E 118 -36.41 -13.56 7.98
N ILE E 119 -35.16 -13.69 7.59
CA ILE E 119 -34.78 -14.07 6.24
C ILE E 119 -35.51 -15.38 5.87
N ALA E 120 -36.02 -15.44 4.64
CA ALA E 120 -36.81 -16.61 4.21
C ALA E 120 -35.95 -17.89 4.21
N GLY E 121 -36.53 -18.98 4.68
CA GLY E 121 -35.87 -20.26 4.74
C GLY E 121 -35.13 -20.56 6.04
N ILE E 122 -34.83 -19.52 6.83
CA ILE E 122 -33.88 -19.65 7.92
C ILE E 122 -34.29 -20.63 9.02
N ASP E 123 -35.58 -20.65 9.38
CA ASP E 123 -36.05 -21.48 10.51
C ASP E 123 -35.65 -22.96 10.34
N GLU E 124 -36.01 -23.56 9.20
CA GLU E 124 -35.75 -24.97 8.97
C GLU E 124 -34.25 -25.22 8.74
N ILE E 125 -33.55 -24.20 8.25
CA ILE E 125 -32.08 -24.26 8.09
C ILE E 125 -31.40 -24.31 9.43
N LEU E 126 -31.79 -23.43 10.35
CA LEU E 126 -31.24 -23.46 11.70
C LEU E 126 -31.49 -24.81 12.43
N GLU E 127 -32.60 -25.48 12.11
CA GLU E 127 -32.95 -26.79 12.71
C GLU E 127 -32.24 -27.96 12.05
N GLY E 128 -31.57 -27.73 10.92
CA GLY E 128 -30.84 -28.78 10.21
C GLY E 128 -31.70 -29.61 9.28
N LYS E 129 -32.94 -29.16 9.05
CA LYS E 129 -33.88 -29.86 8.17
C LYS E 129 -33.71 -29.51 6.69
N LYS E 130 -33.32 -28.27 6.39
CA LYS E 130 -33.13 -27.83 5.00
C LYS E 130 -31.70 -27.33 4.80
N PRO E 131 -31.15 -27.51 3.59
CA PRO E 131 -29.78 -27.06 3.35
C PRO E 131 -29.64 -25.53 3.34
N ILE E 132 -28.42 -25.12 3.60
CA ILE E 132 -27.99 -23.73 3.71
C ILE E 132 -28.25 -22.90 2.46
N THR E 133 -28.18 -23.58 1.31
CA THR E 133 -28.37 -22.96 0.02
C THR E 133 -29.82 -22.53 -0.21
N ASP E 134 -30.73 -22.92 0.68
CA ASP E 134 -32.14 -22.45 0.63
C ASP E 134 -32.35 -21.02 1.20
N LEU E 135 -31.32 -20.45 1.87
CA LEU E 135 -31.44 -19.17 2.57
C LEU E 135 -31.84 -18.05 1.61
N GLY E 136 -32.75 -17.16 2.02
CA GLY E 136 -33.30 -16.14 1.13
C GLY E 136 -32.37 -14.97 0.81
N VAL E 137 -31.07 -15.27 0.58
CA VAL E 137 -30.08 -14.30 0.11
C VAL E 137 -29.55 -14.76 -1.23
N LYS E 138 -29.51 -13.87 -2.23
CA LYS E 138 -28.96 -14.19 -3.55
C LYS E 138 -28.18 -13.02 -4.19
N ALA E 139 -27.15 -13.39 -4.95
CA ALA E 139 -26.37 -12.47 -5.75
C ALA E 139 -27.03 -12.31 -7.11
N ILE E 140 -27.61 -11.15 -7.38
CA ILE E 140 -28.24 -10.90 -8.68
C ILE E 140 -27.15 -10.71 -9.72
N ASP E 141 -26.12 -9.97 -9.34
CA ASP E 141 -24.85 -9.91 -10.05
C ASP E 141 -23.75 -9.67 -9.00
N ASP E 142 -22.50 -9.51 -9.45
CA ASP E 142 -21.32 -9.31 -8.59
C ASP E 142 -21.43 -8.17 -7.58
N HIS E 143 -22.26 -7.18 -7.86
CA HIS E 143 -22.37 -6.00 -7.04
C HIS E 143 -23.81 -5.71 -6.61
N THR E 144 -24.65 -6.73 -6.65
CA THR E 144 -26.05 -6.56 -6.25
C THR E 144 -26.51 -7.74 -5.40
N LEU E 145 -26.76 -7.51 -4.11
CA LEU E 145 -27.20 -8.55 -3.18
C LEU E 145 -28.68 -8.36 -2.90
N GLU E 146 -29.48 -9.42 -3.03
CA GLU E 146 -30.94 -9.37 -2.75
C GLU E 146 -31.35 -10.28 -1.59
N VAL E 147 -31.91 -9.69 -0.54
CA VAL E 147 -32.38 -10.46 0.64
C VAL E 147 -33.92 -10.46 0.70
N THR E 148 -34.53 -11.64 0.81
CA THR E 148 -36.00 -11.79 0.91
C THR E 148 -36.38 -12.27 2.31
N LEU E 149 -37.31 -11.56 2.95
CA LEU E 149 -37.73 -11.88 4.31
C LEU E 149 -39.11 -12.51 4.30
N SER E 150 -39.38 -13.35 5.31
CA SER E 150 -40.67 -14.01 5.42
C SER E 150 -41.78 -13.05 5.92
N GLU E 151 -41.41 -11.92 6.51
CA GLU E 151 -42.37 -10.89 6.94
C GLU E 151 -41.74 -9.48 6.94
N PRO E 152 -42.58 -8.43 7.02
CA PRO E 152 -42.06 -7.05 7.00
C PRO E 152 -41.20 -6.71 8.21
N VAL E 153 -39.92 -6.40 7.98
CA VAL E 153 -39.04 -5.97 9.05
C VAL E 153 -38.36 -4.65 8.70
N PRO E 154 -39.03 -3.52 9.00
CA PRO E 154 -38.53 -2.19 8.63
C PRO E 154 -37.15 -1.90 9.21
N TYR E 155 -36.83 -2.53 10.32
CA TYR E 155 -35.54 -2.33 10.99
C TYR E 155 -34.46 -3.29 10.52
N PHE E 156 -34.74 -4.10 9.49
CA PHE E 156 -33.79 -5.11 9.01
C PHE E 156 -32.39 -4.55 8.72
N TYR E 157 -32.34 -3.37 8.08
CA TYR E 157 -31.07 -2.74 7.73
C TYR E 157 -30.15 -2.45 8.93
N LYS E 158 -30.75 -2.15 10.08
CA LYS E 158 -29.99 -1.77 11.26
C LYS E 158 -29.16 -2.92 11.80
N LEU E 159 -29.60 -4.16 11.57
CA LEU E 159 -28.86 -5.35 11.99
C LEU E 159 -27.48 -5.50 11.33
N LEU E 160 -27.32 -4.92 10.14
CA LEU E 160 -26.24 -5.34 9.23
C LEU E 160 -24.92 -4.62 9.48
N VAL E 161 -24.87 -3.81 10.55
CA VAL E 161 -23.63 -3.23 10.99
C VAL E 161 -22.90 -4.16 11.95
N HIS E 162 -23.53 -5.28 12.33
CA HIS E 162 -22.97 -6.19 13.32
C HIS E 162 -21.97 -7.13 12.71
N PRO E 163 -20.81 -7.26 13.35
CA PRO E 163 -19.74 -8.09 12.80
C PRO E 163 -20.13 -9.51 12.38
N SER E 164 -21.12 -10.13 13.03
CA SER E 164 -21.57 -11.48 12.61
C SER E 164 -22.13 -11.52 11.18
N THR E 165 -22.58 -10.37 10.66
CA THR E 165 -23.02 -10.25 9.27
C THR E 165 -21.90 -9.76 8.30
N SER E 166 -20.66 -9.67 8.75
CA SER E 166 -19.55 -9.33 7.88
C SER E 166 -19.21 -10.47 6.93
N PRO E 167 -18.66 -10.16 5.75
CA PRO E 167 -18.28 -11.25 4.87
C PRO E 167 -16.99 -11.86 5.40
N VAL E 168 -16.79 -13.14 5.11
CA VAL E 168 -15.54 -13.85 5.38
C VAL E 168 -15.10 -14.51 4.08
N PRO E 169 -13.79 -14.85 3.95
CA PRO E 169 -13.18 -15.37 2.73
C PRO E 169 -13.18 -16.90 2.62
N LYS E 170 -14.01 -17.41 1.73
CA LYS E 170 -14.15 -18.85 1.46
C LYS E 170 -12.80 -19.52 1.17
N ALA E 171 -12.02 -18.94 0.28
CA ALA E 171 -10.77 -19.59 -0.15
C ALA E 171 -9.86 -19.84 1.06
N ALA E 172 -9.64 -18.79 1.85
CA ALA E 172 -8.86 -18.91 3.07
C ALA E 172 -9.50 -19.91 4.07
N ILE E 173 -10.83 -19.85 4.26
CA ILE E 173 -11.48 -20.76 5.20
C ILE E 173 -11.30 -22.23 4.78
N GLU E 174 -11.48 -22.54 3.49
CA GLU E 174 -11.42 -23.94 3.02
C GLU E 174 -10.00 -24.49 2.93
N LYS E 175 -9.02 -23.60 2.79
CA LYS E 175 -7.61 -24.00 2.69
C LYS E 175 -7.01 -24.27 4.06
N PHE E 176 -7.27 -23.39 5.02
CA PHE E 176 -6.59 -23.43 6.32
C PHE E 176 -7.45 -23.90 7.50
N GLY E 177 -8.77 -24.05 7.32
CA GLY E 177 -9.65 -24.43 8.43
C GLY E 177 -9.56 -23.51 9.64
N GLU E 178 -9.47 -24.08 10.84
CA GLU E 178 -9.36 -23.30 12.08
C GLU E 178 -8.15 -22.36 12.10
N LYS E 179 -7.14 -22.61 11.26
CA LYS E 179 -5.96 -21.71 11.22
C LYS E 179 -6.11 -20.50 10.26
N TRP E 180 -7.31 -20.27 9.70
CA TRP E 180 -7.47 -19.19 8.69
C TRP E 180 -7.36 -17.78 9.20
N THR E 181 -7.71 -17.57 10.47
CA THR E 181 -7.52 -16.26 11.10
C THR E 181 -6.09 -16.00 11.63
N GLN E 182 -5.17 -16.90 11.33
CA GLN E 182 -3.76 -16.72 11.68
C GLN E 182 -3.08 -15.59 10.89
N PRO E 183 -2.05 -14.93 11.46
CA PRO E 183 -1.43 -13.86 10.70
C PRO E 183 -0.91 -14.23 9.31
N GLY E 184 -0.33 -15.41 9.15
CA GLY E 184 0.10 -15.82 7.81
C GLY E 184 -1.03 -15.98 6.78
N ASN E 185 -2.24 -16.30 7.26
CA ASN E 185 -3.29 -16.90 6.45
C ASN E 185 -4.52 -15.99 6.29
N ILE E 186 -4.68 -15.01 7.17
CA ILE E 186 -5.94 -14.28 7.27
C ILE E 186 -6.12 -13.36 6.05
N VAL E 187 -7.37 -13.16 5.62
CA VAL E 187 -7.68 -12.22 4.57
C VAL E 187 -8.85 -11.39 5.05
N THR E 188 -8.69 -10.06 5.00
CA THR E 188 -9.62 -9.12 5.63
C THR E 188 -10.15 -8.12 4.62
N ASN E 189 -11.33 -7.53 4.88
CA ASN E 189 -11.80 -6.42 4.06
C ASN E 189 -12.02 -5.07 4.80
N GLY E 190 -11.64 -5.01 6.08
CA GLY E 190 -11.77 -3.77 6.86
C GLY E 190 -10.63 -2.78 6.60
N ALA E 191 -10.61 -1.70 7.39
CA ALA E 191 -9.54 -0.70 7.27
C ALA E 191 -8.17 -1.25 7.72
N TYR E 192 -8.18 -2.35 8.48
CA TYR E 192 -6.98 -2.92 9.08
C TYR E 192 -6.86 -4.41 8.79
N THR E 193 -5.64 -4.94 8.86
CA THR E 193 -5.42 -6.37 8.82
C THR E 193 -4.65 -6.80 10.07
N LEU E 194 -4.70 -8.09 10.37
CA LEU E 194 -4.02 -8.62 11.56
C LEU E 194 -2.53 -8.64 11.30
N LYS E 195 -1.76 -8.18 12.26
CA LYS E 195 -0.31 -8.22 12.12
C LYS E 195 0.34 -9.14 13.14
N ASP E 196 -0.11 -9.09 14.40
CA ASP E 196 0.38 -9.93 15.49
C ASP E 196 -0.72 -10.31 16.48
N TRP E 197 -0.71 -11.57 16.92
CA TRP E 197 -1.57 -12.01 18.03
C TRP E 197 -0.76 -12.77 19.03
N VAL E 198 -0.40 -12.14 20.14
CA VAL E 198 0.25 -12.84 21.26
C VAL E 198 -0.81 -13.10 22.32
N VAL E 199 -1.03 -14.38 22.63
CA VAL E 199 -2.09 -14.80 23.57
C VAL E 199 -1.87 -14.14 24.94
N ASN E 200 -2.92 -13.50 25.47
CA ASN E 200 -2.87 -12.79 26.76
C ASN E 200 -1.90 -11.60 26.89
N GLU E 201 -1.35 -11.11 25.77
CA GLU E 201 -0.48 -9.92 25.76
C GLU E 201 -1.02 -8.74 24.90
N ARG E 202 -1.22 -9.00 23.60
CA ARG E 202 -1.66 -7.94 22.68
C ARG E 202 -2.15 -8.50 21.35
N ILE E 203 -3.07 -7.80 20.71
CA ILE E 203 -3.33 -8.01 19.30
C ILE E 203 -2.95 -6.68 18.60
N VAL E 204 -2.26 -6.78 17.46
CA VAL E 204 -1.71 -5.61 16.76
C VAL E 204 -2.24 -5.67 15.35
N LEU E 205 -2.83 -4.55 14.91
CA LEU E 205 -3.42 -4.45 13.59
C LEU E 205 -2.68 -3.37 12.79
N GLU E 206 -2.52 -3.62 11.50
CA GLU E 206 -1.89 -2.68 10.58
C GLU E 206 -2.89 -2.13 9.56
N ARG E 207 -2.76 -0.84 9.25
CA ARG E 207 -3.56 -0.21 8.20
C ARG E 207 -3.50 -1.09 6.97
N SER E 208 -4.66 -1.33 6.37
CA SER E 208 -4.75 -2.20 5.20
C SER E 208 -4.92 -1.33 3.94
N PRO E 209 -3.88 -1.23 3.12
CA PRO E 209 -3.95 -0.33 1.97
C PRO E 209 -4.95 -0.70 0.86
N THR E 210 -5.42 -1.95 0.84
CA THR E 210 -6.40 -2.36 -0.14
C THR E 210 -7.80 -1.83 0.20
N TYR E 211 -8.02 -1.43 1.45
CA TYR E 211 -9.33 -0.98 1.89
C TYR E 211 -9.83 0.17 0.99
N TRP E 212 -11.10 0.11 0.60
CA TRP E 212 -11.61 1.08 -0.35
C TRP E 212 -11.54 2.53 0.12
N ASN E 213 -11.61 2.79 1.42
CA ASN E 213 -11.51 4.17 1.92
C ASN E 213 -10.18 4.49 2.58
N ASN E 214 -9.14 3.75 2.22
CA ASN E 214 -7.85 3.86 2.87
C ASN E 214 -7.25 5.27 2.89
N ALA E 215 -7.47 6.06 1.84
CA ALA E 215 -6.98 7.43 1.77
C ALA E 215 -7.45 8.30 2.93
N LYS E 216 -8.62 8.01 3.49
CA LYS E 216 -9.18 8.76 4.62
C LYS E 216 -8.76 8.17 5.97
N THR E 217 -8.12 7.00 5.95
CA THR E 217 -7.64 6.39 7.17
C THR E 217 -6.39 7.15 7.65
N VAL E 218 -6.27 7.34 8.96
CA VAL E 218 -5.14 8.09 9.48
C VAL E 218 -4.22 7.25 10.38
N ILE E 219 -4.83 6.47 11.28
CA ILE E 219 -4.06 5.63 12.21
C ILE E 219 -3.40 4.47 11.48
N ASN E 220 -2.08 4.38 11.61
CA ASN E 220 -1.32 3.33 10.97
C ASN E 220 -1.34 1.98 11.70
N GLN E 221 -1.35 2.04 13.03
CA GLN E 221 -1.27 0.84 13.85
C GLN E 221 -2.14 1.02 15.09
N VAL E 222 -2.93 -0.01 15.40
CA VAL E 222 -3.73 -0.03 16.61
C VAL E 222 -3.45 -1.34 17.33
N THR E 223 -3.23 -1.22 18.64
CA THR E 223 -2.92 -2.35 19.49
C THR E 223 -4.03 -2.53 20.49
N TYR E 224 -4.55 -3.73 20.61
CA TYR E 224 -5.59 -4.02 21.60
C TYR E 224 -5.04 -4.92 22.69
N LEU E 225 -5.19 -4.50 23.95
CA LEU E 225 -4.70 -5.25 25.13
C LEU E 225 -5.85 -6.02 25.81
N PRO E 226 -5.52 -7.13 26.50
CA PRO E 226 -6.55 -7.98 27.12
C PRO E 226 -6.60 -7.90 28.67
N ILE E 227 -6.54 -6.69 29.22
CA ILE E 227 -6.45 -6.50 30.69
C ILE E 227 -7.84 -6.48 31.33
N ALA E 228 -8.10 -7.50 32.14
CA ALA E 228 -9.37 -7.69 32.82
C ALA E 228 -9.47 -6.88 34.14
N SER E 229 -8.32 -6.57 34.75
CA SER E 229 -8.31 -5.68 35.93
C SER E 229 -8.54 -4.20 35.52
N GLU E 230 -9.71 -3.64 35.78
CA GLU E 230 -9.92 -2.21 35.60
C GLU E 230 -8.83 -1.36 36.31
N VAL E 231 -8.39 -1.77 37.49
CA VAL E 231 -7.39 -1.01 38.23
C VAL E 231 -6.08 -0.99 37.44
N THR E 232 -5.69 -2.12 36.89
CA THR E 232 -4.46 -2.19 36.08
C THR E 232 -4.59 -1.37 34.79
N ASP E 233 -5.76 -1.45 34.15
CA ASP E 233 -6.05 -0.69 32.95
C ASP E 233 -5.81 0.79 33.25
N VAL E 234 -6.42 1.30 34.32
CA VAL E 234 -6.26 2.69 34.70
C VAL E 234 -4.79 3.03 35.03
N ASN E 235 -4.10 2.19 35.78
CA ASN E 235 -2.70 2.47 36.09
C ASN E 235 -1.83 2.60 34.84
N ARG E 236 -2.00 1.71 33.87
CA ARG E 236 -1.20 1.77 32.64
C ARG E 236 -1.57 2.91 31.69
N TYR E 237 -2.80 3.41 31.78
CA TYR E 237 -3.19 4.65 31.11
C TYR E 237 -2.45 5.83 31.73
N ARG E 238 -2.55 5.97 33.06
CA ARG E 238 -1.91 7.11 33.76
C ARG E 238 -0.39 7.16 33.62
N SER E 239 0.26 6.00 33.60
CA SER E 239 1.72 5.94 33.43
C SER E 239 2.16 6.13 31.98
N GLY E 240 1.23 6.14 31.03
CA GLY E 240 1.52 6.55 29.64
C GLY E 240 1.40 5.53 28.51
N GLU E 241 1.21 4.25 28.83
CA GLU E 241 1.16 3.20 27.82
C GLU E 241 -0.17 3.15 27.08
N ILE E 242 -1.28 3.25 27.79
CA ILE E 242 -2.59 3.12 27.16
C ILE E 242 -3.14 4.49 26.78
N ASP E 243 -3.72 4.58 25.58
CA ASP E 243 -4.33 5.82 25.07
C ASP E 243 -5.84 5.86 25.36
N MET E 244 -6.47 4.69 25.33
CA MET E 244 -7.89 4.57 25.67
C MET E 244 -8.11 3.34 26.53
N THR E 245 -8.57 3.54 27.76
CA THR E 245 -8.95 2.40 28.59
C THR E 245 -10.19 1.68 28.01
N ASN E 246 -10.47 0.48 28.52
CA ASN E 246 -11.76 -0.17 28.28
C ASN E 246 -12.83 0.63 28.99
N ASN E 247 -14.08 0.51 28.56
CA ASN E 247 -15.16 1.25 29.24
C ASN E 247 -15.73 0.51 30.46
N SER E 248 -14.83 0.01 31.31
CA SER E 248 -15.19 -0.52 32.63
C SER E 248 -14.27 0.17 33.68
N MET E 249 -14.91 0.84 34.63
CA MET E 249 -14.18 1.61 35.63
C MET E 249 -14.08 0.87 36.96
N PRO E 250 -12.91 0.98 37.63
CA PRO E 250 -12.80 0.54 39.02
C PRO E 250 -13.65 1.46 39.91
N ILE E 251 -14.57 0.86 40.67
CA ILE E 251 -15.51 1.60 41.53
C ILE E 251 -14.82 2.61 42.40
N GLU E 252 -13.68 2.21 42.97
CA GLU E 252 -13.02 3.00 44.01
C GLU E 252 -12.17 4.15 43.47
N LEU E 253 -11.77 4.10 42.20
CA LEU E 253 -10.91 5.13 41.61
C LEU E 253 -11.65 6.17 40.77
N PHE E 254 -12.87 5.86 40.32
CA PHE E 254 -13.59 6.79 39.46
C PHE E 254 -13.64 8.23 40.00
N GLN E 255 -14.03 8.41 41.25
CA GLN E 255 -14.15 9.78 41.81
C GLN E 255 -12.82 10.50 41.80
N LYS E 256 -11.76 9.80 42.16
CA LYS E 256 -10.41 10.32 42.08
C LYS E 256 -10.03 10.74 40.63
N LEU E 257 -10.36 9.89 39.66
CA LEU E 257 -10.02 10.14 38.27
C LEU E 257 -10.73 11.40 37.77
N LYS E 258 -12.02 11.51 38.07
CA LYS E 258 -12.80 12.68 37.68
C LYS E 258 -12.26 13.98 38.30
N LYS E 259 -11.72 13.90 39.52
CA LYS E 259 -11.11 15.09 40.15
C LYS E 259 -9.73 15.44 39.56
N GLU E 260 -8.91 14.41 39.31
CA GLU E 260 -7.52 14.61 38.91
C GLU E 260 -7.34 14.81 37.37
N ILE E 261 -8.10 14.10 36.55
CA ILE E 261 -8.03 14.27 35.09
C ILE E 261 -9.42 14.44 34.42
N PRO E 262 -10.17 15.48 34.83
CA PRO E 262 -11.56 15.66 34.38
C PRO E 262 -11.76 15.79 32.89
N ASP E 263 -10.81 16.41 32.18
CA ASP E 263 -10.92 16.60 30.72
C ASP E 263 -10.76 15.30 29.92
N GLU E 264 -10.31 14.22 30.57
CA GLU E 264 -10.06 12.93 29.93
C GLU E 264 -11.11 11.87 30.27
N VAL E 265 -12.04 12.19 31.17
CA VAL E 265 -13.08 11.27 31.57
C VAL E 265 -14.31 11.48 30.70
N HIS E 266 -14.65 10.46 29.93
CA HIS E 266 -15.84 10.49 29.05
C HIS E 266 -16.87 9.55 29.61
N VAL E 267 -18.09 10.04 29.78
CA VAL E 267 -19.22 9.22 30.23
C VAL E 267 -20.41 9.52 29.31
N ASP E 268 -20.84 8.52 28.54
CA ASP E 268 -21.96 8.70 27.61
C ASP E 268 -23.05 7.64 27.77
N PRO E 269 -24.28 7.91 27.25
CA PRO E 269 -25.31 6.86 27.27
C PRO E 269 -24.87 5.60 26.54
N TYR E 270 -25.31 4.45 27.04
CA TYR E 270 -24.86 3.14 26.56
C TYR E 270 -26.01 2.16 26.72
N LEU E 271 -26.43 1.54 25.62
CA LEU E 271 -27.62 0.71 25.64
C LEU E 271 -27.23 -0.74 26.05
N CYS E 272 -26.89 -0.89 27.33
CA CYS E 272 -26.61 -2.21 27.91
C CYS E 272 -27.22 -2.34 29.29
N THR E 273 -27.54 -3.58 29.68
CA THR E 273 -28.07 -3.87 31.00
C THR E 273 -27.15 -4.83 31.79
N TYR E 274 -26.90 -4.50 33.05
CA TYR E 274 -26.13 -5.32 33.97
C TYR E 274 -27.14 -6.12 34.80
N TYR E 275 -26.91 -7.41 34.94
CA TYR E 275 -27.86 -8.28 35.64
C TYR E 275 -27.25 -9.55 36.14
N TYR E 276 -27.98 -10.22 37.03
CA TYR E 276 -27.68 -11.61 37.39
C TYR E 276 -28.60 -12.55 36.62
N GLU E 277 -27.97 -13.29 35.72
CA GLU E 277 -28.60 -14.26 34.87
C GLU E 277 -28.77 -15.55 35.66
N ILE E 278 -30.01 -15.96 35.83
CA ILE E 278 -30.34 -17.21 36.49
C ILE E 278 -30.47 -18.29 35.43
N ASN E 279 -29.78 -19.41 35.61
CA ASN E 279 -29.97 -20.59 34.72
C ASN E 279 -31.35 -21.21 35.04
N ASN E 280 -32.36 -20.84 34.26
CA ASN E 280 -33.75 -21.29 34.46
C ASN E 280 -33.96 -22.82 34.38
N GLN E 281 -32.96 -23.58 33.92
CA GLN E 281 -33.08 -25.03 33.80
C GLN E 281 -32.29 -25.80 34.86
N LYS E 282 -31.64 -25.08 35.77
CA LYS E 282 -30.89 -25.72 36.82
C LYS E 282 -31.67 -25.65 38.11
N PRO E 283 -32.03 -26.82 38.68
CA PRO E 283 -32.76 -26.80 39.94
C PRO E 283 -31.95 -26.12 41.04
N PRO E 284 -32.61 -25.37 41.94
CA PRO E 284 -34.03 -25.12 42.09
C PRO E 284 -34.57 -23.97 41.26
N PHE E 285 -33.75 -23.44 40.38
CA PHE E 285 -34.10 -22.21 39.65
C PHE E 285 -35.10 -22.42 38.53
N ASN E 286 -35.47 -23.68 38.30
CA ASN E 286 -36.61 -24.02 37.43
C ASN E 286 -37.95 -23.68 38.08
N ASP E 287 -37.89 -23.21 39.34
CA ASP E 287 -39.06 -22.81 40.10
C ASP E 287 -39.16 -21.27 40.07
N VAL E 288 -40.29 -20.76 39.61
CA VAL E 288 -40.47 -19.33 39.42
C VAL E 288 -40.57 -18.58 40.74
N ARG E 289 -40.94 -19.27 41.82
CA ARG E 289 -40.98 -18.65 43.14
C ARG E 289 -39.56 -18.41 43.64
N VAL E 290 -38.66 -19.36 43.38
CA VAL E 290 -37.26 -19.19 43.76
C VAL E 290 -36.61 -18.01 43.02
N ARG E 291 -36.68 -18.02 41.69
CA ARG E 291 -36.20 -16.91 40.88
C ARG E 291 -36.71 -15.56 41.38
N THR E 292 -38.04 -15.46 41.57
CA THR E 292 -38.67 -14.21 42.02
C THR E 292 -38.13 -13.73 43.38
N ALA E 293 -37.90 -14.68 44.28
CA ALA E 293 -37.20 -14.39 45.54
C ALA E 293 -35.80 -13.77 45.29
N LEU E 294 -35.01 -14.35 44.39
CA LEU E 294 -33.66 -13.78 44.07
C LEU E 294 -33.75 -12.37 43.46
N LYS E 295 -34.77 -12.17 42.63
CA LYS E 295 -35.03 -10.89 41.99
C LYS E 295 -35.37 -9.80 43.03
N LEU E 296 -36.34 -10.09 43.88
CA LEU E 296 -36.78 -9.14 44.89
C LEU E 296 -35.72 -8.91 45.98
N GLY E 297 -35.02 -9.96 46.36
CA GLY E 297 -34.06 -9.87 47.47
C GLY E 297 -32.85 -8.98 47.21
N MET E 298 -32.52 -8.76 45.94
CA MET E 298 -31.42 -7.85 45.57
C MET E 298 -31.75 -6.38 45.85
N ASP E 299 -30.81 -5.66 46.47
CA ASP E 299 -30.99 -4.21 46.71
C ASP E 299 -30.28 -3.38 45.64
N ARG E 300 -31.07 -2.90 44.68
CA ARG E 300 -30.53 -2.15 43.53
C ARG E 300 -30.00 -0.80 43.93
N ASP E 301 -30.67 -0.18 44.89
CA ASP E 301 -30.24 1.12 45.40
C ASP E 301 -28.87 1.00 46.06
N ILE E 302 -28.68 -0.03 46.88
CA ILE E 302 -27.37 -0.24 47.51
C ILE E 302 -26.29 -0.46 46.44
N ILE E 303 -26.59 -1.25 45.42
CA ILE E 303 -25.61 -1.51 44.37
C ILE E 303 -25.26 -0.23 43.55
N VAL E 304 -26.28 0.52 43.15
CA VAL E 304 -26.07 1.71 42.30
C VAL E 304 -25.35 2.83 43.05
N ASN E 305 -25.58 2.93 44.35
CA ASN E 305 -24.86 3.86 45.23
C ASN E 305 -23.33 3.75 45.08
N LYS E 306 -22.84 2.53 44.89
CA LYS E 306 -21.41 2.33 44.72
C LYS E 306 -20.89 3.01 43.45
N VAL E 307 -21.71 3.05 42.41
CA VAL E 307 -21.30 3.63 41.12
C VAL E 307 -22.03 4.95 40.84
N LYS E 308 -22.53 5.59 41.88
CA LYS E 308 -23.41 6.76 41.71
C LYS E 308 -22.73 7.95 41.01
N ALA E 309 -21.43 8.11 41.23
CA ALA E 309 -20.64 9.12 40.52
C ALA E 309 -20.64 8.92 39.00
N GLN E 310 -20.87 7.69 38.54
CA GLN E 310 -20.95 7.42 37.09
C GLN E 310 -22.36 7.64 36.54
N GLY E 311 -23.37 7.59 37.40
CA GLY E 311 -24.73 7.99 37.04
C GLY E 311 -25.59 6.86 36.47
N ASN E 312 -25.28 5.62 36.84
CA ASN E 312 -26.09 4.47 36.41
C ASN E 312 -27.45 4.52 37.06
N MET E 313 -28.48 4.06 36.36
CA MET E 313 -29.83 4.00 36.94
C MET E 313 -30.21 2.56 37.32
N PRO E 314 -30.96 2.39 38.44
CA PRO E 314 -31.38 1.07 38.88
C PRO E 314 -32.33 0.42 37.86
N ALA E 315 -32.11 -0.86 37.56
CA ALA E 315 -32.85 -1.59 36.52
C ALA E 315 -34.08 -2.34 37.05
N TYR E 316 -35.19 -2.19 36.35
CA TYR E 316 -36.43 -2.91 36.65
C TYR E 316 -36.80 -3.93 35.55
N GLY E 317 -35.97 -4.04 34.53
CA GLY E 317 -36.22 -4.98 33.43
C GLY E 317 -34.96 -5.25 32.62
N TYR E 318 -35.14 -5.74 31.40
CA TYR E 318 -34.05 -6.22 30.58
C TYR E 318 -33.69 -5.20 29.49
N THR E 319 -34.64 -4.89 28.61
CA THR E 319 -34.49 -3.86 27.58
C THR E 319 -34.29 -2.47 28.21
N PRO E 320 -33.25 -1.73 27.81
CA PRO E 320 -33.14 -0.39 28.37
C PRO E 320 -34.33 0.52 28.00
N PRO E 321 -34.89 1.28 28.96
CA PRO E 321 -36.12 2.06 28.70
C PRO E 321 -35.90 3.17 27.67
N TYR E 322 -34.63 3.53 27.48
CA TYR E 322 -34.25 4.58 26.53
C TYR E 322 -33.95 3.99 25.14
N THR E 323 -34.09 2.66 24.96
CA THR E 323 -33.98 2.02 23.63
C THR E 323 -35.04 2.58 22.68
N ASP E 324 -34.65 2.80 21.44
CA ASP E 324 -35.51 3.33 20.39
C ASP E 324 -36.73 2.43 20.12
N GLY E 325 -37.93 2.97 20.27
CA GLY E 325 -39.16 2.19 20.08
C GLY E 325 -39.73 1.58 21.36
N ALA E 326 -39.05 1.78 22.49
CA ALA E 326 -39.44 1.21 23.76
C ALA E 326 -40.17 2.24 24.60
N LYS E 327 -41.26 1.82 25.22
CA LYS E 327 -42.01 2.64 26.18
C LYS E 327 -42.43 1.77 27.38
N LEU E 328 -41.46 1.50 28.25
CA LEU E 328 -41.62 0.50 29.30
C LEU E 328 -42.36 1.04 30.54
N THR E 329 -43.02 0.12 31.25
CA THR E 329 -43.69 0.43 32.50
C THR E 329 -42.89 -0.21 33.64
N GLN E 330 -42.84 0.46 34.79
CA GLN E 330 -42.22 -0.10 35.98
C GLN E 330 -43.18 -1.08 36.69
N PRO E 331 -42.72 -2.31 36.99
CA PRO E 331 -43.57 -3.26 37.73
C PRO E 331 -43.87 -2.81 39.16
N GLU E 332 -44.89 -3.38 39.77
CA GLU E 332 -45.33 -2.94 41.09
C GLU E 332 -44.25 -3.12 42.17
N TRP E 333 -43.60 -4.28 42.17
CA TRP E 333 -42.54 -4.58 43.15
C TRP E 333 -41.39 -3.60 43.18
N PHE E 334 -41.11 -2.94 42.06
CA PHE E 334 -40.06 -1.93 41.97
C PHE E 334 -40.44 -0.67 42.75
N GLY E 335 -41.72 -0.50 43.06
CA GLY E 335 -42.17 0.63 43.88
C GLY E 335 -42.21 0.36 45.39
N TRP E 336 -41.97 -0.88 45.79
CA TRP E 336 -42.03 -1.25 47.22
C TRP E 336 -40.79 -0.82 47.93
N SER E 337 -40.83 -0.89 49.25
CA SER E 337 -39.62 -0.75 50.06
C SER E 337 -38.82 -2.04 49.95
N GLN E 338 -37.53 -1.98 50.19
CA GLN E 338 -36.73 -3.19 50.17
C GLN E 338 -37.17 -4.15 51.28
N GLU E 339 -37.47 -3.63 52.47
CA GLU E 339 -38.08 -4.44 53.56
C GLU E 339 -39.24 -5.28 53.05
N LYS E 340 -40.17 -4.66 52.32
CA LYS E 340 -41.34 -5.38 51.82
C LYS E 340 -40.90 -6.43 50.79
N ARG E 341 -39.98 -6.08 49.90
CA ARG E 341 -39.44 -7.04 48.96
C ARG E 341 -38.79 -8.23 49.66
N ASN E 342 -38.11 -7.97 50.76
CA ASN E 342 -37.42 -9.05 51.51
C ASN E 342 -38.43 -10.04 52.13
N GLU E 343 -39.51 -9.48 52.67
CA GLU E 343 -40.54 -10.30 53.28
C GLU E 343 -41.18 -11.21 52.24
N GLU E 344 -41.58 -10.64 51.11
CA GLU E 344 -42.20 -11.43 50.02
C GLU E 344 -41.25 -12.50 49.51
N ALA E 345 -39.99 -12.15 49.34
CA ALA E 345 -38.96 -13.09 48.89
C ALA E 345 -38.89 -14.34 49.77
N LYS E 346 -38.84 -14.14 51.10
CA LYS E 346 -38.68 -15.25 52.04
C LYS E 346 -39.91 -16.19 52.07
N LYS E 347 -41.11 -15.62 51.91
CA LYS E 347 -42.35 -16.40 51.76
C LYS E 347 -42.28 -17.31 50.53
N LEU E 348 -41.94 -16.73 49.40
CA LEU E 348 -41.80 -17.48 48.15
C LEU E 348 -40.75 -18.60 48.28
N LEU E 349 -39.58 -18.31 48.86
CA LEU E 349 -38.61 -19.37 49.11
C LEU E 349 -39.19 -20.50 49.99
N ALA E 350 -39.90 -20.12 51.04
CA ALA E 350 -40.51 -21.08 51.97
C ALA E 350 -41.56 -21.94 51.30
N GLU E 351 -42.37 -21.35 50.42
CA GLU E 351 -43.37 -22.10 49.65
C GLU E 351 -42.75 -23.23 48.82
N ALA E 352 -41.54 -22.99 48.32
CA ALA E 352 -40.84 -23.93 47.45
C ALA E 352 -39.98 -24.91 48.23
N GLY E 353 -39.98 -24.77 49.54
CA GLY E 353 -39.30 -25.71 50.42
C GLY E 353 -37.94 -25.27 50.92
N TYR E 354 -37.57 -24.02 50.66
CA TYR E 354 -36.34 -23.42 51.15
C TYR E 354 -36.66 -22.48 52.32
N THR E 355 -36.58 -23.01 53.52
CA THR E 355 -36.97 -22.29 54.73
C THR E 355 -35.76 -21.81 55.52
N ALA E 356 -36.00 -21.11 56.64
CA ALA E 356 -34.92 -20.71 57.54
C ALA E 356 -34.15 -21.92 58.06
N ASP E 357 -34.86 -23.02 58.33
CA ASP E 357 -34.24 -24.27 58.82
C ASP E 357 -33.48 -25.01 57.73
N LYS E 358 -34.01 -24.98 56.51
CA LYS E 358 -33.42 -25.64 55.34
C LYS E 358 -33.19 -24.59 54.25
N PRO E 359 -32.20 -23.71 54.44
CA PRO E 359 -31.93 -22.62 53.51
C PRO E 359 -31.29 -23.08 52.18
N LEU E 360 -31.28 -22.18 51.20
CA LEU E 360 -30.71 -22.44 49.88
C LEU E 360 -29.26 -21.94 49.82
N THR E 361 -28.38 -22.76 49.24
CA THR E 361 -27.02 -22.36 48.90
C THR E 361 -26.83 -22.41 47.38
N ILE E 362 -26.31 -21.32 46.81
CA ILE E 362 -26.03 -21.24 45.36
C ILE E 362 -24.61 -20.80 45.09
N ASN E 363 -24.14 -21.07 43.87
CA ASN E 363 -22.91 -20.45 43.36
C ASN E 363 -23.15 -19.25 42.47
N LEU E 364 -22.29 -18.25 42.58
CA LEU E 364 -22.37 -17.09 41.71
C LEU E 364 -21.12 -17.05 40.88
N LEU E 365 -21.32 -17.23 39.58
CA LEU E 365 -20.24 -17.17 38.61
C LEU E 365 -20.03 -15.75 38.07
N TYR E 366 -18.77 -15.35 37.98
CA TYR E 366 -18.46 -14.08 37.35
C TYR E 366 -17.12 -14.16 36.62
N ASN E 367 -16.98 -13.36 35.56
CA ASN E 367 -15.71 -13.23 34.84
C ASN E 367 -14.76 -12.29 35.55
N THR E 368 -13.47 -12.64 35.52
CA THR E 368 -12.47 -11.88 36.23
C THR E 368 -12.57 -10.38 35.92
N SER E 369 -12.57 -9.59 36.98
CA SER E 369 -12.78 -8.14 36.89
C SER E 369 -12.79 -7.59 38.30
N ASP E 370 -12.16 -6.44 38.51
CA ASP E 370 -12.21 -5.83 39.82
C ASP E 370 -13.66 -5.40 40.07
N LEU E 371 -14.30 -4.85 39.05
CA LEU E 371 -15.69 -4.37 39.14
C LEU E 371 -16.58 -5.53 39.57
N HIS E 372 -16.57 -6.60 38.78
CA HIS E 372 -17.48 -7.72 39.01
C HIS E 372 -17.28 -8.45 40.31
N LYS E 373 -16.03 -8.61 40.76
CA LYS E 373 -15.75 -9.28 42.02
C LYS E 373 -16.28 -8.48 43.20
N LYS E 374 -16.07 -7.16 43.15
CA LYS E 374 -16.55 -6.28 44.18
C LYS E 374 -18.07 -6.28 44.19
N LEU E 375 -18.70 -6.25 43.01
CA LEU E 375 -20.15 -6.28 43.02
C LEU E 375 -20.71 -7.66 43.39
N ALA E 376 -19.95 -8.73 43.17
CA ALA E 376 -20.43 -10.08 43.49
C ALA E 376 -20.36 -10.29 44.99
N ILE E 377 -19.32 -9.74 45.62
CA ILE E 377 -19.22 -9.71 47.07
C ILE E 377 -20.42 -8.98 47.67
N ALA E 378 -20.78 -7.82 47.14
CA ALA E 378 -21.94 -7.10 47.66
C ALA E 378 -23.23 -7.89 47.48
N ALA E 379 -23.47 -8.40 46.27
CA ALA E 379 -24.61 -9.29 45.99
C ALA E 379 -24.72 -10.46 46.97
N SER E 380 -23.62 -11.15 47.18
CA SER E 380 -23.56 -12.28 48.09
C SER E 380 -24.01 -11.87 49.50
N SER E 381 -23.47 -10.75 49.94
CA SER E 381 -23.75 -10.23 51.25
C SER E 381 -25.22 -9.81 51.35
N LEU E 382 -25.76 -9.19 50.29
CA LEU E 382 -27.14 -8.73 50.35
C LEU E 382 -28.12 -9.90 50.36
N TRP E 383 -27.88 -10.91 49.53
CA TRP E 383 -28.78 -12.03 49.45
C TRP E 383 -28.82 -12.79 50.75
N LYS E 384 -27.67 -12.95 51.40
CA LYS E 384 -27.59 -13.59 52.71
C LYS E 384 -28.37 -12.81 53.77
N LYS E 385 -28.06 -11.52 53.91
CA LYS E 385 -28.70 -10.70 54.95
C LYS E 385 -30.18 -10.50 54.68
N ASN E 386 -30.57 -10.37 53.41
CA ASN E 386 -31.94 -9.98 53.08
C ASN E 386 -32.92 -11.14 52.96
N ILE E 387 -32.51 -12.24 52.33
CA ILE E 387 -33.41 -13.38 52.13
C ILE E 387 -32.84 -14.73 52.62
N GLY E 388 -31.68 -14.70 53.28
CA GLY E 388 -31.11 -15.89 53.89
C GLY E 388 -30.50 -16.91 52.97
N VAL E 389 -30.08 -16.50 51.77
CA VAL E 389 -29.50 -17.43 50.80
C VAL E 389 -27.97 -17.32 50.85
N ASN E 390 -27.30 -18.46 50.93
CA ASN E 390 -25.84 -18.50 50.98
C ASN E 390 -25.28 -18.54 49.56
N VAL E 391 -24.44 -17.56 49.21
CA VAL E 391 -23.85 -17.45 47.86
C VAL E 391 -22.34 -17.68 47.95
N LYS E 392 -21.80 -18.68 47.26
CA LYS E 392 -20.35 -18.85 47.13
C LYS E 392 -19.91 -18.30 45.77
N LEU E 393 -18.69 -17.77 45.71
CA LEU E 393 -18.25 -17.05 44.49
C LEU E 393 -17.40 -17.96 43.66
N VAL E 394 -17.67 -17.96 42.36
CA VAL E 394 -16.84 -18.67 41.43
C VAL E 394 -16.37 -17.73 40.32
N ASN E 395 -15.08 -17.72 40.06
CA ASN E 395 -14.62 -16.93 38.94
C ASN E 395 -13.75 -17.66 37.91
N GLN E 396 -13.95 -17.24 36.67
CA GLN E 396 -13.40 -17.86 35.48
C GLN E 396 -13.00 -16.78 34.47
N GLU E 397 -11.97 -17.03 33.69
CA GLU E 397 -11.63 -16.12 32.61
C GLU E 397 -12.75 -16.03 31.56
N TRP E 398 -12.73 -14.92 30.81
CA TRP E 398 -13.79 -14.52 29.88
C TRP E 398 -14.28 -15.63 28.97
N LYS E 399 -13.35 -16.26 28.27
CA LYS E 399 -13.71 -17.31 27.27
C LYS E 399 -14.41 -18.52 27.92
N THR E 400 -13.80 -19.08 28.94
CA THR E 400 -14.40 -20.15 29.77
C THR E 400 -15.80 -19.79 30.33
N PHE E 401 -15.88 -18.59 30.90
CA PHE E 401 -17.09 -17.99 31.46
C PHE E 401 -18.25 -18.02 30.47
N LEU E 402 -17.98 -17.64 29.22
CA LEU E 402 -18.95 -17.73 28.16
C LEU E 402 -19.36 -19.18 27.83
N ASP E 403 -18.37 -20.08 27.73
CA ASP E 403 -18.61 -21.51 27.52
C ASP E 403 -19.48 -22.12 28.63
N THR E 404 -19.14 -21.80 29.88
CA THR E 404 -19.86 -22.34 31.01
C THR E 404 -21.33 -21.95 30.90
N ARG E 405 -21.62 -20.71 30.54
CA ARG E 405 -23.03 -20.24 30.47
C ARG E 405 -23.86 -20.94 29.39
N HIS E 406 -23.30 -21.14 28.19
CA HIS E 406 -23.98 -21.94 27.14
C HIS E 406 -24.20 -23.38 27.57
N GLN E 407 -23.20 -23.97 28.22
CA GLN E 407 -23.30 -25.35 28.71
C GLN E 407 -24.21 -25.53 29.91
N GLY E 408 -24.60 -24.45 30.57
CA GLY E 408 -25.51 -24.56 31.72
C GLY E 408 -24.96 -25.08 33.04
N THR E 409 -23.63 -25.21 33.16
CA THR E 409 -22.99 -25.66 34.38
C THR E 409 -22.78 -24.51 35.40
N PHE E 410 -23.88 -23.84 35.75
CA PHE E 410 -23.86 -22.71 36.65
C PHE E 410 -25.26 -22.52 37.25
N ASP E 411 -25.32 -21.74 38.33
CA ASP E 411 -26.55 -21.50 39.06
C ASP E 411 -27.05 -20.10 38.65
N VAL E 412 -26.33 -19.08 39.11
CA VAL E 412 -26.59 -17.68 38.78
C VAL E 412 -25.25 -17.12 38.29
N ALA E 413 -25.31 -16.25 37.27
CA ALA E 413 -24.11 -15.60 36.70
C ALA E 413 -24.23 -14.10 36.53
N ARG E 414 -23.17 -13.40 36.91
CA ARG E 414 -22.98 -11.99 36.55
C ARG E 414 -23.17 -11.87 35.05
N ALA E 415 -24.07 -11.00 34.61
CA ALA E 415 -24.32 -10.85 33.19
C ALA E 415 -24.31 -9.40 32.73
N GLY E 416 -24.08 -9.24 31.44
CA GLY E 416 -24.28 -7.98 30.73
C GLY E 416 -24.60 -8.20 29.24
N TRP E 417 -25.73 -7.64 28.78
CA TRP E 417 -26.08 -7.60 27.35
C TRP E 417 -26.04 -6.18 26.89
N CYS E 418 -25.43 -5.96 25.71
CA CYS E 418 -25.42 -4.67 25.02
C CYS E 418 -26.18 -4.88 23.71
N ALA E 419 -26.98 -3.89 23.30
CA ALA E 419 -27.69 -3.95 22.03
C ALA E 419 -26.73 -4.07 20.84
N ASP E 420 -27.16 -4.85 19.84
CA ASP E 420 -26.48 -4.98 18.54
C ASP E 420 -27.03 -3.96 17.53
N TYR E 421 -28.31 -3.64 17.68
CA TYR E 421 -28.94 -2.56 16.95
C TYR E 421 -29.97 -1.89 17.86
N ASN E 422 -30.25 -0.61 17.61
CA ASN E 422 -31.06 0.18 18.50
C ASN E 422 -32.53 -0.07 18.23
N GLU E 423 -33.01 -1.24 18.65
CA GLU E 423 -34.45 -1.55 18.60
C GLU E 423 -34.71 -2.65 19.67
N PRO E 424 -35.89 -2.68 20.28
CA PRO E 424 -36.04 -3.56 21.43
C PRO E 424 -35.86 -5.05 21.14
N THR E 425 -36.19 -5.52 19.93
CA THR E 425 -35.98 -6.93 19.61
C THR E 425 -34.52 -7.38 19.76
N SER E 426 -33.57 -6.45 19.69
CA SER E 426 -32.14 -6.81 19.83
C SER E 426 -31.82 -7.34 21.25
N PHE E 427 -32.67 -6.98 22.21
CA PHE E 427 -32.67 -7.60 23.53
C PHE E 427 -33.62 -8.78 23.60
N LEU E 428 -34.89 -8.51 23.31
CA LEU E 428 -35.94 -9.48 23.59
C LEU E 428 -35.79 -10.81 22.86
N ASN E 429 -35.26 -10.76 21.64
CA ASN E 429 -35.09 -11.98 20.86
C ASN E 429 -34.10 -12.93 21.52
N THR E 430 -33.19 -12.43 22.34
CA THR E 430 -32.26 -13.31 23.08
C THR E 430 -32.96 -14.24 24.10
N MET E 431 -34.23 -13.94 24.43
CA MET E 431 -35.02 -14.73 25.38
C MET E 431 -36.08 -15.63 24.68
N LEU E 432 -36.03 -15.69 23.35
CA LEU E 432 -36.79 -16.66 22.62
C LEU E 432 -36.29 -18.07 22.93
N SER E 433 -37.21 -19.03 23.00
CA SER E 433 -36.85 -20.43 23.31
C SER E 433 -35.80 -20.93 22.31
N ASN E 434 -35.94 -20.55 21.05
CA ASN E 434 -35.00 -21.03 20.03
C ASN E 434 -33.65 -20.28 19.89
N SER E 435 -33.34 -19.29 20.72
CA SER E 435 -32.20 -18.41 20.40
C SER E 435 -30.89 -19.03 20.80
N SER E 436 -29.92 -19.01 19.89
CA SER E 436 -28.55 -19.38 20.23
C SER E 436 -27.93 -18.40 21.24
N MET E 437 -28.60 -17.28 21.54
CA MET E 437 -28.06 -16.36 22.56
C MET E 437 -28.69 -16.51 23.96
N ASN E 438 -29.58 -17.48 24.12
CA ASN E 438 -30.41 -17.58 25.33
C ASN E 438 -29.62 -18.34 26.38
N THR E 439 -28.69 -17.65 27.06
CA THR E 439 -27.86 -18.34 28.08
C THR E 439 -28.56 -18.37 29.45
N ALA E 440 -29.70 -17.68 29.57
CA ALA E 440 -30.60 -17.89 30.71
C ALA E 440 -31.31 -19.24 30.65
N HIS E 441 -31.33 -19.89 29.49
CA HIS E 441 -32.10 -21.11 29.27
C HIS E 441 -33.56 -20.89 29.62
N TYR E 442 -34.07 -19.72 29.25
CA TYR E 442 -35.47 -19.34 29.51
C TYR E 442 -36.31 -19.72 28.33
N LYS E 443 -37.41 -20.46 28.57
CA LYS E 443 -38.30 -20.96 27.50
C LYS E 443 -39.77 -20.79 27.88
N SER E 444 -40.40 -19.76 27.32
CA SER E 444 -41.85 -19.52 27.50
C SER E 444 -42.51 -19.44 26.15
N PRO E 445 -43.44 -20.37 25.84
CA PRO E 445 -44.26 -20.26 24.63
C PRO E 445 -45.07 -18.95 24.59
N ALA E 446 -45.57 -18.54 25.75
CA ALA E 446 -46.27 -17.28 25.91
C ALA E 446 -45.39 -16.11 25.47
N PHE E 447 -44.13 -16.10 25.93
CA PHE E 447 -43.19 -15.04 25.54
C PHE E 447 -42.96 -15.07 24.03
N ASP E 448 -42.59 -16.25 23.52
CA ASP E 448 -42.38 -16.48 22.10
C ASP E 448 -43.55 -15.97 21.23
N SER E 449 -44.78 -16.28 21.62
CA SER E 449 -45.95 -15.83 20.81
C SER E 449 -46.20 -14.32 20.89
N ILE E 450 -45.84 -13.69 22.00
CA ILE E 450 -45.91 -12.22 22.08
C ILE E 450 -45.01 -11.59 21.03
N MET E 451 -43.78 -12.07 20.98
CA MET E 451 -42.82 -11.62 20.00
C MET E 451 -43.23 -11.92 18.55
N ALA E 452 -43.88 -13.06 18.30
CA ALA E 452 -44.39 -13.35 16.94
C ALA E 452 -45.46 -12.34 16.55
N GLU E 453 -46.20 -11.80 17.53
CA GLU E 453 -47.20 -10.76 17.23
C GLU E 453 -46.54 -9.44 16.78
N THR E 454 -45.29 -9.20 17.19
CA THR E 454 -44.59 -7.94 16.85
C THR E 454 -44.42 -7.76 15.34
N LEU E 455 -44.34 -8.88 14.60
CA LEU E 455 -44.17 -8.88 13.13
C LEU E 455 -45.49 -8.76 12.33
N LYS E 456 -46.63 -9.00 12.95
CA LYS E 456 -47.95 -8.95 12.26
C LYS E 456 -48.72 -7.65 12.57
N VAL E 457 -47.99 -6.62 12.99
CA VAL E 457 -48.57 -5.36 13.45
C VAL E 457 -48.85 -4.41 12.25
N THR E 458 -49.85 -3.55 12.38
CA THR E 458 -50.17 -2.54 11.36
C THR E 458 -49.70 -1.08 11.69
N ASP E 459 -49.45 -0.79 12.97
CA ASP E 459 -48.94 0.53 13.45
C ASP E 459 -47.69 0.29 14.29
N GLU E 460 -46.82 1.30 14.39
CA GLU E 460 -45.62 1.16 15.27
C GLU E 460 -46.00 1.29 16.76
N ALA E 461 -47.10 1.98 17.03
CA ALA E 461 -47.75 2.04 18.34
C ALA E 461 -48.00 0.66 18.94
N GLN E 462 -48.54 -0.25 18.14
CA GLN E 462 -48.93 -1.60 18.56
C GLN E 462 -47.70 -2.44 18.83
N ARG E 463 -46.67 -2.22 18.02
CA ARG E 463 -45.38 -2.92 18.12
C ARG E 463 -44.72 -2.54 19.44
N THR E 464 -44.53 -1.23 19.64
CA THR E 464 -44.05 -0.69 20.92
C THR E 464 -44.80 -1.28 22.10
N ALA E 465 -46.12 -1.25 22.03
CA ALA E 465 -46.95 -1.81 23.08
C ALA E 465 -46.69 -3.30 23.29
N LEU E 466 -46.53 -4.05 22.20
CA LEU E 466 -46.25 -5.49 22.33
C LEU E 466 -44.95 -5.74 23.10
N TYR E 467 -43.95 -4.88 22.88
CA TYR E 467 -42.67 -5.02 23.58
C TYR E 467 -42.77 -4.80 25.09
N THR E 468 -43.73 -3.99 25.53
CA THR E 468 -43.91 -3.79 26.95
C THR E 468 -44.61 -5.00 27.58
N LYS E 469 -45.48 -5.68 26.83
CA LYS E 469 -46.10 -6.94 27.28
C LYS E 469 -45.04 -8.04 27.38
N ALA E 470 -44.15 -8.09 26.39
CA ALA E 470 -43.06 -9.06 26.41
C ALA E 470 -42.24 -8.87 27.69
N GLU E 471 -41.81 -7.62 27.93
CA GLU E 471 -41.08 -7.30 29.17
C GLU E 471 -41.92 -7.62 30.42
N GLN E 472 -43.21 -7.32 30.35
CA GLN E 472 -44.10 -7.62 31.48
C GLN E 472 -44.10 -9.15 31.75
N GLN E 473 -44.12 -9.98 30.70
CA GLN E 473 -44.10 -11.44 30.93
C GLN E 473 -42.74 -11.93 31.42
N LEU E 474 -41.66 -11.38 30.87
CA LEU E 474 -40.29 -11.75 31.29
C LEU E 474 -40.16 -11.47 32.80
N ASP E 475 -40.74 -10.35 33.24
CA ASP E 475 -40.70 -9.96 34.66
C ASP E 475 -41.59 -10.88 35.53
N LYS E 476 -42.83 -11.14 35.09
CA LYS E 476 -43.72 -12.10 35.78
C LYS E 476 -43.09 -13.48 35.97
N ASP E 477 -42.22 -13.87 35.03
CA ASP E 477 -41.51 -15.16 35.08
C ASP E 477 -40.18 -15.08 35.84
N SER E 478 -39.79 -13.89 36.28
CA SER E 478 -38.45 -13.60 36.81
C SER E 478 -37.35 -14.39 36.09
N ALA E 479 -37.25 -14.21 34.77
CA ALA E 479 -36.22 -14.89 33.99
C ALA E 479 -34.82 -14.45 34.43
N ILE E 480 -34.66 -13.18 34.82
CA ILE E 480 -33.37 -12.64 35.28
C ILE E 480 -33.52 -11.76 36.54
N VAL E 481 -32.39 -11.35 37.10
CA VAL E 481 -32.34 -10.40 38.22
C VAL E 481 -31.73 -9.07 37.69
N PRO E 482 -32.58 -8.12 37.30
CA PRO E 482 -32.04 -6.88 36.80
C PRO E 482 -31.34 -6.08 37.90
N VAL E 483 -30.19 -5.49 37.58
CA VAL E 483 -29.43 -4.66 38.53
C VAL E 483 -29.38 -3.18 38.13
N TYR E 484 -28.69 -2.86 37.03
CA TYR E 484 -28.59 -1.48 36.60
C TYR E 484 -28.32 -1.35 35.11
N TYR E 485 -28.71 -0.19 34.58
CA TYR E 485 -28.46 0.12 33.19
C TYR E 485 -27.08 0.77 33.09
N TYR E 486 -26.34 0.35 32.08
CA TYR E 486 -24.96 0.79 31.89
C TYR E 486 -24.85 2.26 31.54
N VAL E 487 -23.65 2.74 31.72
CA VAL E 487 -23.15 4.00 31.21
C VAL E 487 -21.85 3.60 30.47
N ASN E 488 -21.43 4.38 29.48
CA ASN E 488 -20.17 4.16 28.74
C ASN E 488 -19.08 5.11 29.27
N ALA E 489 -18.29 4.62 30.22
CA ALA E 489 -17.33 5.46 30.94
C ALA E 489 -15.91 5.01 30.63
N ARG E 490 -15.09 5.86 30.04
CA ARG E 490 -13.69 5.49 29.80
C ARG E 490 -12.80 6.71 29.80
N LEU E 491 -11.51 6.47 29.95
CA LEU E 491 -10.48 7.46 29.88
C LEU E 491 -9.90 7.52 28.44
N VAL E 492 -9.71 8.74 27.91
CA VAL E 492 -9.13 8.96 26.58
C VAL E 492 -8.11 10.11 26.63
N LYS E 493 -6.88 9.84 26.20
CA LYS E 493 -5.86 10.88 26.19
C LYS E 493 -6.25 12.08 25.31
N PRO E 494 -5.83 13.29 25.72
CA PRO E 494 -6.21 14.53 25.04
C PRO E 494 -5.82 14.61 23.55
N TRP E 495 -4.77 13.90 23.15
CA TRP E 495 -4.36 13.87 21.74
C TRP E 495 -5.13 12.90 20.85
N VAL E 496 -6.01 12.06 21.41
CA VAL E 496 -6.80 11.15 20.60
C VAL E 496 -8.02 11.84 20.03
N GLY E 497 -8.06 11.99 18.71
CA GLY E 497 -9.18 12.59 18.01
C GLY E 497 -10.14 11.58 17.39
N GLY E 498 -11.38 12.01 17.23
CA GLY E 498 -12.40 11.22 16.55
C GLY E 498 -13.26 10.33 17.44
N TYR E 499 -13.05 10.35 18.75
CA TYR E 499 -13.96 9.68 19.67
C TYR E 499 -15.00 10.68 20.13
N THR E 500 -16.24 10.46 19.73
CA THR E 500 -17.33 11.35 20.14
C THR E 500 -18.15 10.78 21.29
N GLY E 501 -18.26 9.46 21.36
CA GLY E 501 -19.18 8.78 22.26
C GLY E 501 -20.63 9.23 22.15
N LYS E 502 -21.05 9.69 20.97
CA LYS E 502 -22.48 10.01 20.75
C LYS E 502 -23.21 8.76 20.23
N ASP E 503 -22.47 7.67 20.03
CA ASP E 503 -23.07 6.41 19.61
C ASP E 503 -23.46 5.56 20.84
N PRO E 504 -24.77 5.40 21.10
CA PRO E 504 -25.24 4.68 22.27
C PRO E 504 -24.94 3.17 22.26
N LEU E 505 -24.56 2.64 21.11
CA LEU E 505 -24.04 1.27 21.02
C LEU E 505 -22.49 1.22 21.07
N ASP E 506 -21.84 2.37 21.07
CA ASP E 506 -20.37 2.46 21.12
C ASP E 506 -19.69 1.58 20.07
N ASN E 507 -20.25 1.59 18.85
CA ASN E 507 -19.60 0.93 17.72
C ASN E 507 -18.62 1.81 17.01
N THR E 508 -17.44 1.96 17.60
CA THR E 508 -16.42 2.84 17.04
C THR E 508 -15.50 2.05 16.13
N TYR E 509 -14.81 2.75 15.23
CA TYR E 509 -13.84 2.16 14.31
C TYR E 509 -12.54 2.94 14.38
N THR E 510 -11.41 2.26 14.35
CA THR E 510 -10.10 2.92 14.34
C THR E 510 -9.89 3.87 13.12
N ARG E 511 -10.53 3.55 11.99
CA ARG E 511 -10.39 4.36 10.78
C ARG E 511 -11.01 5.76 10.91
N ASN E 512 -11.82 6.00 11.94
CA ASN E 512 -12.35 7.35 12.21
C ASN E 512 -11.50 8.20 13.16
N MET E 513 -10.38 7.65 13.66
CA MET E 513 -9.60 8.33 14.69
C MET E 513 -8.21 8.79 14.21
N TYR E 514 -7.58 9.66 15.00
CA TYR E 514 -6.34 10.32 14.61
C TYR E 514 -5.64 10.86 15.85
N ILE E 515 -4.31 10.90 15.81
CA ILE E 515 -3.51 11.46 16.88
C ILE E 515 -3.13 12.91 16.53
N VAL E 516 -3.49 13.81 17.45
CA VAL E 516 -3.18 15.23 17.33
C VAL E 516 -1.78 15.44 17.86
N LYS E 517 -1.03 16.32 17.22
CA LYS E 517 0.34 16.62 17.59
C LYS E 517 0.44 17.02 19.06
N HIS E 518 1.43 16.48 19.74
CA HIS E 518 1.67 16.78 21.14
C HIS E 518 3.10 16.42 21.43
N ALA F 2 5.82 -3.15 -5.26
CA ALA F 2 6.89 -4.08 -4.81
C ALA F 2 6.32 -5.49 -4.67
N ASP F 3 7.15 -6.48 -4.91
CA ASP F 3 6.79 -7.89 -4.74
C ASP F 3 7.86 -8.47 -3.84
N VAL F 4 7.52 -8.62 -2.56
CA VAL F 4 8.42 -9.12 -1.55
C VAL F 4 8.39 -10.65 -1.55
N PRO F 5 9.56 -11.31 -1.74
CA PRO F 5 9.60 -12.78 -1.77
C PRO F 5 9.03 -13.47 -0.53
N ALA F 6 8.51 -14.68 -0.71
CA ALA F 6 8.11 -15.53 0.43
C ALA F 6 9.30 -15.72 1.36
N GLY F 7 9.07 -15.57 2.67
CA GLY F 7 10.09 -15.83 3.68
C GLY F 7 10.98 -14.67 4.09
N VAL F 8 10.74 -13.50 3.52
CA VAL F 8 11.49 -12.29 3.88
C VAL F 8 10.73 -11.55 4.99
N THR F 9 11.44 -11.18 6.05
CA THR F 9 10.84 -10.36 7.09
C THR F 9 11.19 -8.90 6.81
N LEU F 10 10.16 -8.07 6.65
CA LEU F 10 10.32 -6.64 6.42
C LEU F 10 10.70 -5.94 7.71
N ALA F 11 11.52 -4.89 7.63
CA ALA F 11 11.83 -4.09 8.82
C ALA F 11 10.65 -3.22 9.24
N GLU F 12 10.63 -2.82 10.51
CA GLU F 12 9.62 -1.88 11.03
C GLU F 12 9.65 -0.55 10.27
N LYS F 13 10.84 -0.01 10.06
CA LYS F 13 10.98 1.29 9.42
C LYS F 13 11.22 1.14 7.92
N GLN F 14 10.26 1.55 7.10
CA GLN F 14 10.42 1.47 5.64
C GLN F 14 10.84 2.83 5.05
N THR F 15 12.12 3.12 5.21
CA THR F 15 12.69 4.38 4.73
C THR F 15 13.94 4.09 3.89
N LEU F 16 14.15 4.90 2.86
CA LEU F 16 15.28 4.73 1.96
C LEU F 16 15.99 6.05 1.72
N VAL F 17 17.31 6.04 1.81
CA VAL F 17 18.08 7.22 1.50
C VAL F 17 19.01 6.96 0.33
N ARG F 18 18.85 7.76 -0.73
CA ARG F 18 19.60 7.62 -1.98
C ARG F 18 20.31 8.91 -2.34
N ASN F 19 21.55 8.80 -2.82
CA ASN F 19 22.17 9.93 -3.51
C ASN F 19 21.73 10.03 -4.98
N ASN F 20 21.31 11.25 -5.35
CA ASN F 20 20.86 11.56 -6.69
C ASN F 20 21.90 12.27 -7.54
N GLY F 21 23.03 12.67 -6.93
CA GLY F 21 24.21 13.14 -7.66
C GLY F 21 24.38 14.64 -7.88
N SER F 22 23.29 15.38 -7.85
CA SER F 22 23.32 16.83 -7.99
C SER F 22 21.95 17.39 -7.65
N GLU F 23 21.86 18.71 -7.54
CA GLU F 23 20.59 19.41 -7.33
C GLU F 23 19.76 19.44 -8.63
N VAL F 24 18.48 19.05 -8.57
CA VAL F 24 17.66 18.91 -9.77
C VAL F 24 17.36 20.27 -10.45
N GLN F 25 17.27 20.28 -11.79
CA GLN F 25 16.96 21.51 -12.53
C GLN F 25 15.60 22.03 -12.11
N SER F 26 14.69 21.06 -11.92
CA SER F 26 13.27 21.31 -11.69
C SER F 26 12.57 20.01 -11.34
N LEU F 27 11.33 20.13 -10.86
CA LEU F 27 10.45 18.97 -10.66
C LEU F 27 9.27 19.01 -11.63
N ASP F 28 9.25 20.06 -12.47
CA ASP F 28 8.30 20.20 -13.56
C ASP F 28 8.71 19.26 -14.70
N PRO F 29 7.88 18.24 -15.00
CA PRO F 29 8.20 17.27 -16.07
C PRO F 29 8.52 17.84 -17.49
N HIS F 30 8.14 19.08 -17.75
CA HIS F 30 8.43 19.76 -19.00
C HIS F 30 9.64 20.68 -18.94
N LYS F 31 10.26 20.80 -17.75
CA LYS F 31 11.44 21.64 -17.56
C LYS F 31 12.71 20.82 -17.29
N ILE F 32 12.74 19.56 -17.67
CA ILE F 32 13.82 18.67 -17.22
C ILE F 32 14.43 17.90 -18.36
N GLU F 33 15.72 17.58 -18.24
CA GLU F 33 16.40 16.79 -19.28
C GLU F 33 17.54 15.90 -18.78
N GLY F 34 17.81 15.86 -17.48
CA GLY F 34 18.87 15.02 -16.93
C GLY F 34 18.36 13.77 -16.24
N VAL F 35 19.29 12.86 -15.94
CA VAL F 35 19.00 11.64 -15.18
C VAL F 35 18.52 11.91 -13.75
N PRO F 36 19.25 12.74 -12.98
CA PRO F 36 18.84 13.02 -11.61
C PRO F 36 17.38 13.51 -11.53
N GLU F 37 17.01 14.39 -12.46
CA GLU F 37 15.63 14.90 -12.54
C GLU F 37 14.59 13.80 -12.76
N SER F 38 14.88 12.93 -13.73
CA SER F 38 14.01 11.83 -14.06
C SER F 38 13.86 10.86 -12.89
N ASN F 39 14.97 10.57 -12.19
CA ASN F 39 14.91 9.75 -10.97
C ASN F 39 13.82 10.15 -9.97
N ILE F 40 13.70 11.43 -9.68
CA ILE F 40 12.68 11.90 -8.75
C ILE F 40 11.30 11.98 -9.43
N SER F 41 11.28 12.34 -10.70
CA SER F 41 10.03 12.45 -11.46
C SER F 41 9.27 11.11 -11.49
N ARG F 42 10.01 10.02 -11.63
CA ARG F 42 9.40 8.67 -11.65
C ARG F 42 8.65 8.31 -10.37
N ASP F 43 9.08 8.86 -9.23
CA ASP F 43 8.38 8.63 -7.98
C ASP F 43 7.13 9.51 -7.88
N LEU F 44 7.15 10.68 -8.50
CA LEU F 44 6.09 11.68 -8.36
C LEU F 44 4.98 11.64 -9.40
N PHE F 45 5.33 11.33 -10.66
CA PHE F 45 4.32 11.33 -11.72
C PHE F 45 4.42 10.06 -12.57
N GLU F 46 3.26 9.64 -13.09
CA GLU F 46 3.16 8.41 -13.87
C GLU F 46 2.43 8.64 -15.16
N GLY F 47 3.07 8.26 -16.27
CA GLY F 47 2.49 8.39 -17.57
C GLY F 47 1.68 7.17 -18.00
N LEU F 48 1.49 7.04 -19.30
CA LEU F 48 0.70 5.96 -19.85
C LEU F 48 1.31 4.61 -19.49
N LEU F 49 2.62 4.52 -19.68
CA LEU F 49 3.34 3.27 -19.44
C LEU F 49 4.49 3.50 -18.52
N VAL F 50 4.93 2.40 -17.91
CA VAL F 50 6.10 2.41 -17.03
C VAL F 50 7.00 1.28 -17.46
N SER F 51 8.25 1.33 -16.99
CA SER F 51 9.20 0.24 -17.15
C SER F 51 9.10 -0.82 -16.03
N ASP F 52 8.91 -2.09 -16.40
CA ASP F 52 8.95 -3.21 -15.46
C ASP F 52 10.43 -3.41 -15.02
N LEU F 53 10.67 -4.44 -14.21
CA LEU F 53 12.01 -4.64 -13.60
C LEU F 53 13.09 -5.03 -14.59
N ASP F 54 12.70 -5.47 -15.79
CA ASP F 54 13.67 -5.87 -16.82
C ASP F 54 13.75 -4.80 -17.91
N GLY F 55 13.08 -3.69 -17.65
CA GLY F 55 13.12 -2.53 -18.53
C GLY F 55 12.04 -2.49 -19.61
N HIS F 56 11.13 -3.46 -19.64
CA HIS F 56 10.12 -3.54 -20.69
C HIS F 56 8.95 -2.69 -20.35
N PRO F 57 8.37 -2.04 -21.37
CA PRO F 57 7.18 -1.24 -21.12
C PRO F 57 6.05 -2.04 -20.50
N ALA F 58 5.44 -1.46 -19.46
CA ALA F 58 4.34 -2.06 -18.74
C ALA F 58 3.22 -1.02 -18.43
N PRO F 59 2.05 -1.50 -18.01
CA PRO F 59 0.93 -0.54 -17.77
C PRO F 59 1.24 0.46 -16.63
N GLY F 60 0.99 1.73 -16.92
CA GLY F 60 0.98 2.80 -15.92
C GLY F 60 -0.48 3.21 -15.79
N VAL F 61 -0.80 4.45 -16.13
CA VAL F 61 -2.20 4.91 -16.16
C VAL F 61 -3.00 4.11 -17.18
N ALA F 62 -2.37 3.78 -18.30
CA ALA F 62 -3.01 2.92 -19.28
C ALA F 62 -2.94 1.46 -18.84
N GLU F 63 -4.11 0.84 -18.72
CA GLU F 63 -4.17 -0.57 -18.34
C GLU F 63 -4.12 -1.49 -19.58
N SER F 64 -4.64 -1.00 -20.72
CA SER F 64 -4.53 -1.71 -22.00
C SER F 64 -4.37 -0.71 -23.13
N TRP F 65 -3.92 -1.18 -24.29
CA TRP F 65 -3.86 -0.32 -25.48
C TRP F 65 -4.01 -1.08 -26.79
N ASP F 66 -4.17 -0.30 -27.84
CA ASP F 66 -4.48 -0.75 -29.18
C ASP F 66 -3.63 0.05 -30.16
N ASN F 67 -3.35 -0.52 -31.34
CA ASN F 67 -2.82 0.28 -32.44
C ASN F 67 -3.33 -0.19 -33.81
N LYS F 68 -3.58 0.77 -34.71
CA LYS F 68 -3.82 0.48 -36.11
C LYS F 68 -2.60 0.93 -36.91
N ASP F 69 -1.96 -0.04 -37.56
CA ASP F 69 -0.81 0.20 -38.43
C ASP F 69 0.38 0.94 -37.76
N ALA F 70 0.49 0.81 -36.43
CA ALA F 70 1.52 1.52 -35.64
C ALA F 70 1.48 3.05 -35.80
N LYS F 71 0.28 3.56 -36.09
CA LYS F 71 0.08 4.94 -36.52
C LYS F 71 -1.04 5.62 -35.70
N VAL F 72 -2.11 4.90 -35.39
CA VAL F 72 -3.16 5.39 -34.47
C VAL F 72 -3.19 4.51 -33.21
N TRP F 73 -2.91 5.11 -32.07
CA TRP F 73 -2.78 4.35 -30.82
C TRP F 73 -3.83 4.78 -29.84
N THR F 74 -4.52 3.81 -29.24
CA THR F 74 -5.56 4.10 -28.30
C THR F 74 -5.20 3.50 -26.95
N PHE F 75 -5.22 4.34 -25.92
CA PHE F 75 -4.93 3.89 -24.55
C PHE F 75 -6.18 3.94 -23.69
N HIS F 76 -6.45 2.84 -22.98
CA HIS F 76 -7.63 2.77 -22.13
C HIS F 76 -7.12 2.94 -20.73
N LEU F 77 -7.47 4.08 -20.13
CA LEU F 77 -6.94 4.48 -18.84
C LEU F 77 -7.73 3.78 -17.74
N ARG F 78 -7.01 3.31 -16.73
CA ARG F 78 -7.66 2.67 -15.58
C ARG F 78 -8.56 3.66 -14.84
N LYS F 79 -9.73 3.17 -14.40
CA LYS F 79 -10.77 4.03 -13.88
C LYS F 79 -10.44 4.55 -12.47
N ASP F 80 -9.49 3.89 -11.80
CA ASP F 80 -9.17 4.28 -10.43
C ASP F 80 -7.86 5.06 -10.34
N ALA F 81 -7.41 5.62 -11.47
CA ALA F 81 -6.16 6.39 -11.48
C ALA F 81 -6.49 7.77 -10.86
N LYS F 82 -5.66 8.23 -9.92
CA LYS F 82 -6.01 9.44 -9.15
C LYS F 82 -4.82 10.35 -8.89
N TRP F 83 -5.10 11.64 -8.76
CA TRP F 83 -4.10 12.61 -8.26
C TRP F 83 -4.10 12.63 -6.75
N SER F 84 -3.06 13.23 -6.15
CA SER F 84 -2.93 13.32 -4.68
C SER F 84 -4.03 14.13 -3.97
N ASP F 85 -4.80 14.90 -4.73
CA ASP F 85 -5.94 15.61 -4.17
C ASP F 85 -7.24 14.82 -4.36
N GLY F 86 -7.13 13.52 -4.63
CA GLY F 86 -8.30 12.67 -4.78
C GLY F 86 -9.04 12.73 -6.12
N THR F 87 -8.70 13.67 -6.99
CA THR F 87 -9.39 13.82 -8.27
C THR F 87 -8.83 12.82 -9.33
N PRO F 88 -9.67 12.43 -10.30
CA PRO F 88 -9.23 11.41 -11.26
C PRO F 88 -8.23 11.94 -12.30
N VAL F 89 -7.25 11.11 -12.66
CA VAL F 89 -6.41 11.38 -13.83
C VAL F 89 -7.26 11.02 -15.04
N THR F 90 -7.36 11.93 -16.01
CA THR F 90 -8.20 11.70 -17.18
C THR F 90 -7.43 11.81 -18.51
N ALA F 91 -8.11 11.43 -19.59
CA ALA F 91 -7.57 11.61 -20.93
C ALA F 91 -7.33 13.09 -21.20
N GLN F 92 -8.13 13.98 -20.61
CA GLN F 92 -7.90 15.43 -20.81
C GLN F 92 -6.60 15.91 -20.18
N ASP F 93 -6.21 15.27 -19.07
CA ASP F 93 -4.97 15.63 -18.40
C ASP F 93 -3.81 15.42 -19.35
N PHE F 94 -3.85 14.32 -20.11
CA PHE F 94 -2.81 14.02 -21.10
C PHE F 94 -2.80 14.96 -22.33
N VAL F 95 -3.99 15.34 -22.80
CA VAL F 95 -4.14 16.28 -23.91
C VAL F 95 -3.48 17.58 -23.49
N TYR F 96 -3.84 18.08 -22.31
CA TYR F 96 -3.28 19.31 -21.77
C TYR F 96 -1.76 19.21 -21.64
N SER F 97 -1.28 18.10 -21.10
CA SER F 97 0.13 17.96 -20.76
C SER F 97 0.99 17.88 -21.99
N TRP F 98 0.57 17.06 -22.96
CA TRP F 98 1.40 16.88 -24.16
C TRP F 98 1.42 18.15 -24.97
N GLN F 99 0.27 18.82 -25.08
CA GLN F 99 0.20 20.13 -25.70
C GLN F 99 1.14 21.13 -25.03
N ARG F 100 1.13 21.17 -23.69
CA ARG F 100 2.03 22.08 -22.95
C ARG F 100 3.52 21.73 -23.21
N SER F 101 3.81 20.44 -23.36
N SER F 101 3.80 20.45 -23.40
CA SER F 101 5.18 19.97 -23.65
CA SER F 101 5.19 19.99 -23.64
C SER F 101 5.73 20.52 -24.97
C SER F 101 5.73 20.50 -24.97
N VAL F 102 4.84 20.83 -25.90
CA VAL F 102 5.23 21.27 -27.27
C VAL F 102 5.06 22.77 -27.52
N ASP F 103 4.44 23.47 -26.56
CA ASP F 103 4.27 24.92 -26.63
C ASP F 103 5.62 25.64 -26.59
N PRO F 104 5.92 26.44 -27.64
CA PRO F 104 7.13 27.30 -27.60
C PRO F 104 7.20 28.10 -26.29
N ASN F 105 6.04 28.51 -25.79
CA ASN F 105 5.96 29.27 -24.55
C ASN F 105 6.51 28.52 -23.33
N THR F 106 6.41 27.20 -23.30
CA THR F 106 6.99 26.38 -22.23
C THR F 106 8.54 26.27 -22.32
N ALA F 107 9.09 26.39 -23.53
CA ALA F 107 10.53 26.27 -23.75
C ALA F 107 11.14 25.00 -23.15
N SER F 108 10.50 23.83 -23.36
CA SER F 108 10.99 22.61 -22.75
C SER F 108 12.31 22.15 -23.40
N PRO F 109 13.31 21.76 -22.60
CA PRO F 109 14.47 21.16 -23.25
C PRO F 109 14.15 19.81 -23.94
N TYR F 110 12.99 19.21 -23.62
CA TYR F 110 12.47 17.99 -24.29
C TYR F 110 11.23 18.26 -25.19
N ALA F 111 11.10 19.48 -25.73
CA ALA F 111 9.97 19.82 -26.62
C ALA F 111 9.91 18.81 -27.78
N SER F 112 11.08 18.35 -28.24
CA SER F 112 11.16 17.51 -29.44
C SER F 112 10.90 16.00 -29.18
N TYR F 113 10.75 15.61 -27.92
CA TYR F 113 10.56 14.18 -27.59
C TYR F 113 9.37 13.54 -28.30
N LEU F 114 8.17 14.12 -28.24
CA LEU F 114 7.03 13.55 -28.93
C LEU F 114 7.16 13.65 -30.47
N GLN F 115 8.03 14.53 -30.95
CA GLN F 115 8.33 14.59 -32.39
C GLN F 115 9.12 13.38 -32.85
N TYR F 116 9.94 12.82 -31.96
CA TYR F 116 10.61 11.56 -32.26
C TYR F 116 9.58 10.44 -32.53
N GLY F 117 8.37 10.60 -32.01
CA GLY F 117 7.23 9.68 -32.28
C GLY F 117 6.23 10.17 -33.33
N HIS F 118 6.40 11.41 -33.80
CA HIS F 118 5.80 11.90 -35.02
C HIS F 118 4.31 12.05 -34.92
N ILE F 119 3.85 12.63 -33.82
CA ILE F 119 2.46 12.90 -33.60
C ILE F 119 1.98 13.90 -34.65
N ALA F 120 0.78 13.68 -35.18
CA ALA F 120 0.26 14.50 -36.28
C ALA F 120 0.36 15.98 -35.91
N GLY F 121 0.77 16.80 -36.89
CA GLY F 121 0.84 18.25 -36.72
C GLY F 121 1.94 18.80 -35.85
N ILE F 122 2.79 17.95 -35.27
CA ILE F 122 3.80 18.43 -34.30
C ILE F 122 4.86 19.40 -34.87
N ASP F 123 5.26 19.17 -36.12
CA ASP F 123 6.36 19.90 -36.74
C ASP F 123 6.15 21.42 -36.82
N GLU F 124 4.98 21.82 -37.32
CA GLU F 124 4.60 23.21 -37.41
C GLU F 124 4.31 23.80 -36.02
N ILE F 125 3.78 22.97 -35.11
CA ILE F 125 3.49 23.42 -33.74
C ILE F 125 4.77 23.82 -33.00
N LEU F 126 5.80 23.00 -33.12
CA LEU F 126 7.05 23.32 -32.47
C LEU F 126 7.63 24.61 -33.03
N GLU F 127 7.54 24.84 -34.34
CA GLU F 127 8.05 26.09 -34.95
C GLU F 127 7.13 27.30 -34.71
N GLY F 128 6.05 27.13 -33.95
CA GLY F 128 5.14 28.24 -33.68
C GLY F 128 4.29 28.70 -34.85
N LYS F 129 4.12 27.84 -35.86
CA LYS F 129 3.28 28.18 -37.02
C LYS F 129 1.83 27.77 -36.83
N LYS F 130 1.57 26.81 -35.93
CA LYS F 130 0.19 26.34 -35.67
C LYS F 130 -0.07 26.25 -34.18
N PRO F 131 -1.36 26.34 -33.79
CA PRO F 131 -1.65 26.31 -32.38
C PRO F 131 -1.49 24.91 -31.80
N ILE F 132 -1.40 24.89 -30.48
CA ILE F 132 -1.13 23.71 -29.70
C ILE F 132 -2.28 22.70 -29.77
N THR F 133 -3.50 23.20 -29.88
CA THR F 133 -4.68 22.37 -29.97
C THR F 133 -4.77 21.56 -31.30
N ASP F 134 -4.00 21.93 -32.33
CA ASP F 134 -3.85 21.10 -33.55
C ASP F 134 -3.02 19.81 -33.37
N LEU F 135 -2.43 19.60 -32.20
CA LEU F 135 -1.64 18.38 -31.94
C LEU F 135 -2.53 17.13 -31.99
N GLY F 136 -2.02 16.05 -32.57
CA GLY F 136 -2.82 14.84 -32.81
C GLY F 136 -2.99 13.96 -31.58
N VAL F 137 -3.57 14.53 -30.52
CA VAL F 137 -3.89 13.79 -29.30
C VAL F 137 -5.27 14.20 -28.84
N LYS F 138 -6.14 13.22 -28.67
CA LYS F 138 -7.52 13.53 -28.34
C LYS F 138 -8.11 12.59 -27.28
N ALA F 139 -8.90 13.19 -26.38
CA ALA F 139 -9.65 12.47 -25.37
C ALA F 139 -11.00 12.04 -25.93
N ILE F 140 -11.12 10.77 -26.32
CA ILE F 140 -12.38 10.26 -26.85
C ILE F 140 -13.47 10.36 -25.79
N ASP F 141 -13.12 9.92 -24.58
CA ASP F 141 -13.87 10.16 -23.35
C ASP F 141 -12.84 10.30 -22.19
N ASP F 142 -13.34 10.45 -20.96
CA ASP F 142 -12.53 10.67 -19.75
C ASP F 142 -11.41 9.62 -19.58
N HIS F 143 -11.63 8.40 -20.08
CA HIS F 143 -10.73 7.27 -19.85
C HIS F 143 -10.14 6.69 -21.12
N THR F 144 -10.26 7.42 -22.22
CA THR F 144 -9.77 6.94 -23.51
C THR F 144 -8.97 8.02 -24.27
N LEU F 145 -7.67 7.79 -24.45
CA LEU F 145 -6.82 8.71 -25.18
C LEU F 145 -6.39 8.14 -26.55
N GLU F 146 -6.75 8.82 -27.64
CA GLU F 146 -6.29 8.44 -28.98
C GLU F 146 -5.17 9.32 -29.51
N VAL F 147 -4.06 8.69 -29.88
CA VAL F 147 -2.93 9.41 -30.46
C VAL F 147 -2.72 9.07 -31.95
N THR F 148 -2.83 10.08 -32.82
CA THR F 148 -2.61 9.92 -34.28
C THR F 148 -1.26 10.48 -34.66
N LEU F 149 -0.40 9.60 -35.23
CA LEU F 149 0.88 9.99 -35.82
C LEU F 149 0.73 10.18 -37.35
N SER F 150 1.66 10.93 -37.96
CA SER F 150 1.68 11.16 -39.41
C SER F 150 2.25 9.98 -40.25
N GLU F 151 2.80 8.96 -39.59
CA GLU F 151 3.35 7.77 -40.25
C GLU F 151 3.51 6.63 -39.20
N PRO F 152 3.63 5.36 -39.64
CA PRO F 152 3.82 4.26 -38.71
C PRO F 152 5.14 4.38 -37.96
N VAL F 153 5.10 4.20 -36.63
CA VAL F 153 6.31 4.23 -35.78
C VAL F 153 6.21 3.03 -34.84
N PRO F 154 6.77 1.88 -35.25
CA PRO F 154 6.49 0.64 -34.48
C PRO F 154 6.87 0.75 -33.01
N TYR F 155 7.88 1.56 -32.70
CA TYR F 155 8.35 1.72 -31.33
C TYR F 155 7.76 2.92 -30.57
N PHE F 156 6.72 3.60 -31.10
CA PHE F 156 6.13 4.72 -30.40
C PHE F 156 5.86 4.45 -28.91
N TYR F 157 5.24 3.30 -28.59
CA TYR F 157 4.91 2.96 -27.21
C TYR F 157 6.08 2.97 -26.24
N LYS F 158 7.28 2.62 -26.68
CA LYS F 158 8.43 2.63 -25.79
C LYS F 158 8.77 4.05 -25.28
N LEU F 159 8.39 5.09 -26.05
CA LEU F 159 8.66 6.47 -25.63
C LEU F 159 7.95 6.83 -24.33
N LEU F 160 6.86 6.14 -24.05
CA LEU F 160 5.79 6.71 -23.21
C LEU F 160 6.03 6.44 -21.74
N VAL F 161 7.18 5.84 -21.44
CA VAL F 161 7.67 5.70 -20.10
C VAL F 161 8.48 6.92 -19.62
N HIS F 162 8.87 7.81 -20.54
CA HIS F 162 9.71 8.96 -20.19
C HIS F 162 8.94 9.97 -19.39
N PRO F 163 9.56 10.50 -18.33
CA PRO F 163 8.92 11.52 -17.51
C PRO F 163 8.35 12.73 -18.23
N SER F 164 8.95 13.16 -19.35
CA SER F 164 8.38 14.31 -20.12
C SER F 164 6.97 14.06 -20.69
N THR F 165 6.56 12.80 -20.76
CA THR F 165 5.25 12.42 -21.22
C THR F 165 4.23 12.14 -20.09
N SER F 166 4.59 12.43 -18.83
CA SER F 166 3.72 12.27 -17.68
C SER F 166 2.68 13.39 -17.66
N PRO F 167 1.52 13.14 -17.02
CA PRO F 167 0.53 14.22 -16.94
C PRO F 167 0.97 15.22 -15.86
N VAL F 168 0.48 16.45 -15.96
CA VAL F 168 0.80 17.54 -15.02
C VAL F 168 -0.48 18.32 -14.72
N PRO F 169 -0.57 18.90 -13.50
CA PRO F 169 -1.83 19.50 -13.07
C PRO F 169 -2.06 20.96 -13.48
N LYS F 170 -2.92 21.13 -14.47
CA LYS F 170 -3.32 22.44 -14.98
C LYS F 170 -3.62 23.49 -13.88
N ALA F 171 -4.56 23.19 -12.98
CA ALA F 171 -4.98 24.14 -11.96
C ALA F 171 -3.80 24.68 -11.13
N ALA F 172 -2.92 23.78 -10.68
CA ALA F 172 -1.75 24.14 -9.88
C ALA F 172 -0.76 24.97 -10.66
N ILE F 173 -0.49 24.54 -11.89
CA ILE F 173 0.44 25.26 -12.78
C ILE F 173 0.00 26.72 -13.04
N GLU F 174 -1.30 26.95 -13.20
CA GLU F 174 -1.81 28.26 -13.58
C GLU F 174 -1.91 29.21 -12.37
N LYS F 175 -2.28 28.66 -11.22
CA LYS F 175 -2.34 29.42 -9.98
C LYS F 175 -0.95 29.80 -9.46
N PHE F 176 0.00 28.86 -9.53
CA PHE F 176 1.30 29.03 -8.89
C PHE F 176 2.51 29.28 -9.79
N GLY F 177 2.37 29.10 -11.11
CA GLY F 177 3.51 29.32 -12.01
C GLY F 177 4.64 28.38 -11.62
N GLU F 178 5.90 28.83 -11.65
CA GLU F 178 7.03 27.96 -11.32
C GLU F 178 6.97 27.43 -9.88
N LYS F 179 6.19 28.07 -9.01
CA LYS F 179 6.05 27.56 -7.65
C LYS F 179 5.07 26.40 -7.54
N TRP F 180 4.55 25.86 -8.64
CA TRP F 180 3.57 24.78 -8.51
C TRP F 180 4.17 23.51 -7.94
N THR F 181 5.50 23.37 -8.00
CA THR F 181 6.14 22.16 -7.49
C THR F 181 6.54 22.20 -6.02
N GLN F 182 6.30 23.33 -5.34
CA GLN F 182 6.60 23.47 -3.90
C GLN F 182 5.73 22.55 -3.03
N PRO F 183 6.30 22.01 -1.94
CA PRO F 183 5.54 21.14 -1.02
C PRO F 183 4.05 21.48 -0.78
N GLY F 184 3.66 22.72 -0.65
CA GLY F 184 2.23 23.01 -0.44
C GLY F 184 1.34 23.00 -1.67
N ASN F 185 1.93 23.20 -2.84
CA ASN F 185 1.19 23.50 -4.05
C ASN F 185 1.06 22.29 -4.99
N ILE F 186 2.09 21.44 -5.00
CA ILE F 186 2.19 20.29 -5.91
C ILE F 186 1.05 19.29 -5.76
N VAL F 187 0.55 18.84 -6.92
CA VAL F 187 -0.41 17.77 -7.03
C VAL F 187 0.22 16.69 -7.94
N THR F 188 0.24 15.46 -7.46
CA THR F 188 1.01 14.39 -8.10
C THR F 188 0.17 13.12 -8.32
N ASN F 189 0.63 12.25 -9.23
CA ASN F 189 -0.05 10.95 -9.49
C ASN F 189 0.86 9.71 -9.54
N GLY F 190 2.11 9.84 -9.11
CA GLY F 190 2.95 8.67 -8.90
C GLY F 190 2.73 8.08 -7.50
N ALA F 191 3.58 7.13 -7.11
CA ALA F 191 3.42 6.42 -5.83
C ALA F 191 3.73 7.31 -4.61
N TYR F 192 4.44 8.43 -4.85
CA TYR F 192 4.85 9.38 -3.81
C TYR F 192 4.39 10.81 -4.12
N THR F 193 4.28 11.63 -3.08
CA THR F 193 4.20 13.08 -3.24
C THR F 193 5.42 13.69 -2.57
N LEU F 194 5.58 15.02 -2.69
CA LEU F 194 6.73 15.74 -2.18
C LEU F 194 6.44 16.23 -0.75
N LYS F 195 7.28 15.88 0.20
CA LYS F 195 7.09 16.34 1.59
C LYS F 195 7.99 17.54 1.93
N ASP F 196 9.25 17.47 1.55
CA ASP F 196 10.15 18.58 1.78
C ASP F 196 11.15 18.76 0.64
N TRP F 197 11.57 20.00 0.42
CA TRP F 197 12.56 20.34 -0.60
C TRP F 197 13.49 21.43 -0.09
N VAL F 198 14.71 21.03 0.25
CA VAL F 198 15.72 21.94 0.76
C VAL F 198 16.88 21.96 -0.24
N VAL F 199 16.92 23.03 -1.03
CA VAL F 199 17.86 23.14 -2.16
C VAL F 199 19.25 22.87 -1.63
N ASN F 200 20.03 22.09 -2.39
CA ASN F 200 21.40 21.65 -2.01
C ASN F 200 21.54 20.76 -0.78
N GLU F 201 20.42 20.34 -0.18
CA GLU F 201 20.50 19.42 0.93
C GLU F 201 19.71 18.14 0.72
N ARG F 202 18.41 18.24 0.46
CA ARG F 202 17.59 17.04 0.38
C ARG F 202 16.24 17.27 -0.30
N ILE F 203 15.75 16.20 -0.94
CA ILE F 203 14.37 16.07 -1.37
C ILE F 203 13.79 14.86 -0.64
N VAL F 204 12.61 15.03 -0.03
CA VAL F 204 12.01 13.98 0.76
C VAL F 204 10.62 13.75 0.19
N LEU F 205 10.32 12.49 -0.16
CA LEU F 205 9.00 12.09 -0.66
C LEU F 205 8.28 11.14 0.30
N GLU F 206 6.95 11.23 0.32
CA GLU F 206 6.09 10.45 1.20
C GLU F 206 5.13 9.60 0.37
N ARG F 207 5.01 8.32 0.74
CA ARG F 207 4.07 7.40 0.13
C ARG F 207 2.68 8.03 -0.01
N SER F 208 2.06 7.86 -1.19
CA SER F 208 0.81 8.56 -1.51
C SER F 208 -0.42 7.62 -1.56
N PRO F 209 -1.29 7.69 -0.55
CA PRO F 209 -2.39 6.69 -0.47
C PRO F 209 -3.44 6.73 -1.60
N THR F 210 -3.51 7.85 -2.33
CA THR F 210 -4.41 8.01 -3.47
C THR F 210 -3.92 7.29 -4.73
N TYR F 211 -2.64 6.94 -4.79
CA TYR F 211 -2.06 6.25 -5.94
C TYR F 211 -2.79 4.91 -6.16
N TRP F 212 -3.15 4.62 -7.42
CA TRP F 212 -4.01 3.46 -7.72
C TRP F 212 -3.41 2.16 -7.24
N ASN F 213 -2.09 2.05 -7.30
CA ASN F 213 -1.39 0.81 -6.90
C ASN F 213 -0.67 0.91 -5.55
N ASN F 214 -1.16 1.78 -4.67
CA ASN F 214 -0.59 1.96 -3.31
C ASN F 214 -0.56 0.66 -2.48
N ALA F 215 -1.47 -0.27 -2.76
CA ALA F 215 -1.50 -1.54 -2.04
C ALA F 215 -0.18 -2.29 -2.21
N LYS F 216 0.53 -2.07 -3.32
CA LYS F 216 1.76 -2.84 -3.57
C LYS F 216 3.06 -2.14 -3.17
N THR F 217 2.98 -0.85 -2.90
CA THR F 217 4.15 -0.07 -2.53
C THR F 217 4.50 -0.40 -1.10
N VAL F 218 5.80 -0.45 -0.78
CA VAL F 218 6.25 -0.78 0.56
C VAL F 218 6.96 0.36 1.31
N ILE F 219 7.86 1.06 0.62
CA ILE F 219 8.64 2.12 1.25
C ILE F 219 7.74 3.33 1.53
N ASN F 220 7.73 3.78 2.79
CA ASN F 220 6.89 4.91 3.21
C ASN F 220 7.52 6.29 2.95
N GLN F 221 8.86 6.34 2.93
CA GLN F 221 9.56 7.60 2.73
C GLN F 221 10.93 7.36 2.10
N VAL F 222 11.23 8.12 1.05
CA VAL F 222 12.54 8.05 0.38
C VAL F 222 13.17 9.43 0.34
N THR F 223 14.46 9.48 0.59
CA THR F 223 15.19 10.75 0.62
C THR F 223 16.24 10.73 -0.46
N TYR F 224 16.25 11.81 -1.25
CA TYR F 224 17.16 12.01 -2.37
C TYR F 224 18.13 13.16 -2.02
N LEU F 225 19.43 12.85 -2.01
CA LEU F 225 20.46 13.83 -1.74
C LEU F 225 21.05 14.33 -3.07
N PRO F 226 21.67 15.53 -3.07
CA PRO F 226 22.26 16.12 -4.26
C PRO F 226 23.80 16.21 -4.21
N ILE F 227 24.45 15.14 -3.78
CA ILE F 227 25.91 15.13 -3.55
C ILE F 227 26.71 14.83 -4.84
N ALA F 228 27.44 15.81 -5.36
CA ALA F 228 28.19 15.66 -6.64
C ALA F 228 29.54 14.94 -6.50
N SER F 229 30.09 14.97 -5.30
CA SER F 229 31.36 14.32 -5.02
C SER F 229 31.14 12.82 -4.83
N GLU F 230 31.68 12.03 -5.76
CA GLU F 230 31.60 10.57 -5.65
C GLU F 230 32.28 10.06 -4.38
N VAL F 231 33.31 10.76 -3.90
CA VAL F 231 34.03 10.30 -2.70
C VAL F 231 33.17 10.53 -1.45
N THR F 232 32.51 11.68 -1.36
CA THR F 232 31.60 11.97 -0.25
C THR F 232 30.39 11.02 -0.25
N ASP F 233 29.85 10.74 -1.44
CA ASP F 233 28.72 9.82 -1.60
C ASP F 233 29.06 8.48 -0.95
N VAL F 234 30.19 7.91 -1.37
CA VAL F 234 30.67 6.64 -0.81
C VAL F 234 30.82 6.77 0.71
N ASN F 235 31.58 7.77 1.14
CA ASN F 235 31.93 7.96 2.56
C ASN F 235 30.72 7.92 3.50
N ARG F 236 29.65 8.59 3.09
CA ARG F 236 28.40 8.62 3.87
C ARG F 236 27.54 7.37 3.73
N TYR F 237 27.70 6.66 2.62
CA TYR F 237 27.23 5.28 2.51
C TYR F 237 27.95 4.39 3.53
N ARG F 238 29.29 4.41 3.51
CA ARG F 238 30.07 3.53 4.41
C ARG F 238 29.94 3.90 5.88
N SER F 239 29.67 5.17 6.17
CA SER F 239 29.38 5.61 7.53
C SER F 239 27.91 5.38 7.90
N GLY F 240 27.08 4.94 6.95
CA GLY F 240 25.72 4.45 7.25
C GLY F 240 24.54 5.39 6.97
N GLU F 241 24.80 6.59 6.47
CA GLU F 241 23.72 7.53 6.16
C GLU F 241 22.99 7.17 4.85
N ILE F 242 23.73 6.73 3.84
CA ILE F 242 23.15 6.51 2.49
C ILE F 242 22.95 5.02 2.20
N ASP F 243 21.76 4.64 1.72
CA ASP F 243 21.45 3.23 1.45
C ASP F 243 21.85 2.77 0.06
N MET F 244 21.75 3.69 -0.90
CA MET F 244 22.15 3.43 -2.28
C MET F 244 22.90 4.65 -2.78
N THR F 245 24.14 4.48 -3.22
CA THR F 245 24.88 5.59 -3.82
C THR F 245 24.31 5.99 -5.18
N ASN F 246 24.81 7.10 -5.73
CA ASN F 246 24.62 7.41 -7.13
C ASN F 246 25.43 6.41 -7.95
N ASN F 247 25.01 6.14 -9.18
CA ASN F 247 25.76 5.24 -10.06
C ASN F 247 26.94 5.92 -10.76
N SER F 248 27.86 6.43 -9.94
CA SER F 248 29.09 7.05 -10.41
C SER F 248 30.06 6.81 -9.30
N MET F 249 31.14 6.08 -9.62
CA MET F 249 32.09 5.64 -8.64
C MET F 249 33.35 6.51 -8.65
N PRO F 250 33.97 6.69 -7.48
CA PRO F 250 35.26 7.34 -7.47
C PRO F 250 36.30 6.34 -7.96
N ILE F 251 37.03 6.73 -9.00
CA ILE F 251 37.98 5.86 -9.68
C ILE F 251 38.94 5.14 -8.72
N GLU F 252 39.38 5.83 -7.67
CA GLU F 252 40.41 5.31 -6.74
C GLU F 252 39.88 4.40 -5.61
N LEU F 253 38.58 4.44 -5.35
CA LEU F 253 38.02 3.69 -4.21
C LEU F 253 37.28 2.43 -4.66
N PHE F 254 37.15 2.20 -5.96
CA PHE F 254 36.30 1.10 -6.45
C PHE F 254 36.91 -0.29 -6.20
N GLN F 255 38.19 -0.44 -6.49
CA GLN F 255 38.91 -1.68 -6.18
C GLN F 255 38.71 -2.04 -4.72
N LYS F 256 39.03 -1.09 -3.85
CA LYS F 256 38.88 -1.25 -2.41
C LYS F 256 37.46 -1.72 -2.07
N LEU F 257 36.46 -1.01 -2.61
CA LEU F 257 35.06 -1.31 -2.32
C LEU F 257 34.72 -2.75 -2.75
N LYS F 258 35.18 -3.16 -3.94
CA LYS F 258 34.87 -4.51 -4.42
C LYS F 258 35.61 -5.59 -3.62
N LYS F 259 36.79 -5.26 -3.10
CA LYS F 259 37.54 -6.21 -2.28
C LYS F 259 36.96 -6.33 -0.86
N GLU F 260 36.51 -5.20 -0.32
CA GLU F 260 36.06 -5.16 1.06
C GLU F 260 34.60 -5.54 1.21
N ILE F 261 33.76 -5.09 0.28
CA ILE F 261 32.32 -5.24 0.39
C ILE F 261 31.74 -5.71 -0.95
N PRO F 262 32.23 -6.85 -1.46
CA PRO F 262 31.89 -7.33 -2.79
C PRO F 262 30.39 -7.35 -3.08
N ASP F 263 29.59 -7.92 -2.17
CA ASP F 263 28.19 -8.22 -2.48
C ASP F 263 27.31 -6.98 -2.49
N GLU F 264 27.83 -5.86 -2.00
CA GLU F 264 27.13 -4.60 -2.10
C GLU F 264 27.56 -3.85 -3.37
N VAL F 265 28.64 -4.29 -4.02
CA VAL F 265 29.05 -3.69 -5.30
C VAL F 265 28.25 -4.31 -6.45
N HIS F 266 27.34 -3.52 -7.03
CA HIS F 266 26.55 -3.92 -8.20
C HIS F 266 27.06 -3.20 -9.42
N VAL F 267 27.26 -3.95 -10.51
CA VAL F 267 27.60 -3.37 -11.81
C VAL F 267 26.76 -4.06 -12.88
N ASP F 268 26.07 -3.28 -13.69
CA ASP F 268 25.17 -3.82 -14.70
C ASP F 268 25.28 -3.03 -15.99
N PRO F 269 24.86 -3.64 -17.12
CA PRO F 269 24.99 -2.92 -18.37
C PRO F 269 24.14 -1.64 -18.35
N TYR F 270 24.61 -0.61 -19.05
CA TYR F 270 24.02 0.73 -18.97
C TYR F 270 24.13 1.37 -20.36
N LEU F 271 23.00 1.80 -20.93
CA LEU F 271 22.93 2.37 -22.29
C LEU F 271 23.10 3.90 -22.34
N CYS F 272 24.30 4.29 -21.94
CA CYS F 272 24.78 5.64 -21.95
C CYS F 272 26.16 5.68 -22.57
N THR F 273 26.51 6.85 -23.11
CA THR F 273 27.86 7.07 -23.62
C THR F 273 28.47 8.36 -23.05
N TYR F 274 29.74 8.27 -22.64
CA TYR F 274 30.53 9.37 -22.09
C TYR F 274 31.36 9.94 -23.25
N TYR F 275 31.19 11.23 -23.52
CA TYR F 275 31.89 11.85 -24.63
C TYR F 275 32.23 13.29 -24.32
N TYR F 276 33.06 13.88 -25.18
CA TYR F 276 33.33 15.31 -25.14
C TYR F 276 32.61 15.92 -26.31
N GLU F 277 31.62 16.73 -25.97
CA GLU F 277 30.74 17.38 -26.91
C GLU F 277 31.48 18.61 -27.43
N ILE F 278 31.57 18.74 -28.76
CA ILE F 278 32.15 19.94 -29.39
C ILE F 278 31.00 20.89 -29.74
N ASN F 279 31.15 22.18 -29.45
CA ASN F 279 30.16 23.19 -29.91
C ASN F 279 30.42 23.44 -31.40
N ASN F 280 29.69 22.72 -32.26
CA ASN F 280 29.93 22.73 -33.71
C ASN F 280 29.75 24.12 -34.40
N GLN F 281 29.01 25.04 -33.75
CA GLN F 281 28.81 26.43 -34.22
C GLN F 281 29.71 27.53 -33.56
N LYS F 282 30.75 27.15 -32.80
CA LYS F 282 31.69 28.15 -32.25
C LYS F 282 33.08 27.99 -32.85
N PRO F 283 33.53 28.99 -33.63
CA PRO F 283 34.81 28.88 -34.28
C PRO F 283 35.94 28.68 -33.27
N PRO F 284 36.95 27.86 -33.61
CA PRO F 284 37.21 27.19 -34.87
C PRO F 284 36.59 25.83 -34.99
N PHE F 285 35.57 25.53 -34.17
CA PHE F 285 34.92 24.23 -34.15
C PHE F 285 33.79 24.09 -35.17
N ASN F 286 33.55 25.16 -35.91
CA ASN F 286 32.86 25.03 -37.19
C ASN F 286 33.73 24.39 -38.27
N ASP F 287 35.02 24.19 -37.99
CA ASP F 287 35.90 23.57 -38.95
C ASP F 287 36.05 22.10 -38.67
N VAL F 288 35.59 21.27 -39.62
CA VAL F 288 35.53 19.82 -39.41
C VAL F 288 36.91 19.20 -39.23
N ARG F 289 37.92 19.84 -39.79
CA ARG F 289 39.31 19.40 -39.60
C ARG F 289 39.74 19.53 -38.15
N VAL F 290 39.42 20.67 -37.52
CA VAL F 290 39.68 20.89 -36.08
C VAL F 290 38.97 19.86 -35.17
N ARG F 291 37.66 19.66 -35.41
CA ARG F 291 36.89 18.63 -34.67
C ARG F 291 37.51 17.22 -34.78
N THR F 292 37.95 16.86 -36.00
CA THR F 292 38.46 15.54 -36.27
C THR F 292 39.78 15.33 -35.56
N ALA F 293 40.63 16.36 -35.55
CA ALA F 293 41.84 16.39 -34.74
C ALA F 293 41.59 16.22 -33.23
N LEU F 294 40.56 16.87 -32.68
CA LEU F 294 40.27 16.70 -31.26
C LEU F 294 39.76 15.29 -31.00
N LYS F 295 39.12 14.68 -32.00
CA LYS F 295 38.58 13.32 -31.88
C LYS F 295 39.68 12.26 -31.87
N LEU F 296 40.68 12.40 -32.76
CA LEU F 296 41.74 11.42 -32.95
C LEU F 296 42.82 11.55 -31.87
N GLY F 297 43.12 12.79 -31.47
CA GLY F 297 44.14 13.06 -30.44
C GLY F 297 43.81 12.57 -29.04
N MET F 298 42.53 12.34 -28.75
CA MET F 298 42.15 11.79 -27.44
C MET F 298 42.52 10.31 -27.40
N ASP F 299 43.12 9.89 -26.30
CA ASP F 299 43.56 8.50 -26.15
C ASP F 299 42.62 7.74 -25.22
N ARG F 300 41.73 6.99 -25.85
CA ARG F 300 40.63 6.28 -25.17
C ARG F 300 41.15 5.12 -24.31
N ASP F 301 42.31 4.59 -24.69
CA ASP F 301 42.94 3.48 -23.97
C ASP F 301 43.51 3.92 -22.62
N ILE F 302 44.10 5.11 -22.56
CA ILE F 302 44.57 5.64 -21.29
C ILE F 302 43.40 6.04 -20.39
N ILE F 303 42.34 6.64 -20.96
CA ILE F 303 41.24 7.09 -20.13
C ILE F 303 40.50 5.89 -19.53
N VAL F 304 40.08 4.95 -20.38
CA VAL F 304 39.30 3.78 -19.92
C VAL F 304 40.06 2.87 -18.97
N ASN F 305 41.39 2.84 -19.11
CA ASN F 305 42.22 2.07 -18.20
C ASN F 305 42.13 2.59 -16.78
N LYS F 306 41.77 3.86 -16.61
CA LYS F 306 41.56 4.43 -15.28
C LYS F 306 40.33 3.79 -14.62
N VAL F 307 39.31 3.52 -15.43
CA VAL F 307 38.04 2.92 -14.98
C VAL F 307 37.86 1.43 -15.35
N LYS F 308 38.93 0.74 -15.78
CA LYS F 308 38.77 -0.58 -16.42
C LYS F 308 38.40 -1.73 -15.47
N ALA F 309 38.53 -1.53 -14.16
CA ALA F 309 38.06 -2.54 -13.22
C ALA F 309 36.53 -2.57 -13.13
N GLN F 310 35.87 -1.48 -13.55
CA GLN F 310 34.41 -1.37 -13.54
C GLN F 310 33.73 -2.02 -14.76
N GLY F 311 34.50 -2.30 -15.82
CA GLY F 311 33.96 -2.93 -17.02
C GLY F 311 33.88 -2.10 -18.30
N ASN F 312 34.20 -0.81 -18.25
CA ASN F 312 33.91 0.11 -19.37
C ASN F 312 34.67 -0.20 -20.67
N MET F 313 33.97 -0.03 -21.80
CA MET F 313 34.58 -0.25 -23.13
C MET F 313 34.81 1.07 -23.87
N PRO F 314 35.96 1.21 -24.55
CA PRO F 314 36.26 2.47 -25.28
C PRO F 314 35.26 2.70 -26.39
N ALA F 315 34.82 3.95 -26.56
CA ALA F 315 33.79 4.28 -27.53
C ALA F 315 34.34 4.77 -28.89
N TYR F 316 33.74 4.25 -29.97
CA TYR F 316 34.05 4.67 -31.32
C TYR F 316 32.89 5.41 -31.95
N GLY F 317 31.78 5.56 -31.22
CA GLY F 317 30.58 6.25 -31.71
C GLY F 317 29.70 6.82 -30.63
N TYR F 318 28.50 7.29 -31.02
CA TYR F 318 27.52 7.87 -30.13
C TYR F 318 26.57 6.78 -29.57
N THR F 319 25.74 6.21 -30.43
CA THR F 319 24.86 5.10 -30.06
C THR F 319 25.68 3.95 -29.44
N PRO F 320 25.31 3.47 -28.23
CA PRO F 320 26.00 2.31 -27.70
C PRO F 320 25.66 1.07 -28.52
N PRO F 321 26.69 0.25 -28.83
CA PRO F 321 26.53 -0.91 -29.71
C PRO F 321 25.58 -2.00 -29.23
N TYR F 322 25.31 -2.04 -27.93
N TYR F 322 25.27 -2.05 -27.94
CA TYR F 322 24.38 -3.01 -27.35
CA TYR F 322 24.33 -3.06 -27.45
C TYR F 322 22.93 -2.50 -27.29
C TYR F 322 22.92 -2.48 -27.27
N THR F 323 22.68 -1.32 -27.87
CA THR F 323 21.33 -0.82 -28.03
C THR F 323 20.53 -1.83 -28.86
N ASP F 324 19.31 -2.11 -28.43
CA ASP F 324 18.40 -2.95 -29.22
C ASP F 324 18.23 -2.32 -30.61
N GLY F 325 18.50 -3.09 -31.66
CA GLY F 325 18.36 -2.61 -33.06
C GLY F 325 19.64 -2.10 -33.71
N ALA F 326 20.73 -2.07 -32.97
CA ALA F 326 21.96 -1.52 -33.49
C ALA F 326 22.88 -2.68 -33.82
N LYS F 327 23.47 -2.65 -35.01
CA LYS F 327 24.56 -3.55 -35.41
C LYS F 327 25.67 -2.65 -36.02
N LEU F 328 26.38 -1.93 -35.16
CA LEU F 328 27.32 -0.88 -35.58
C LEU F 328 28.64 -1.44 -36.09
N THR F 329 29.38 -0.61 -36.81
CA THR F 329 30.74 -0.90 -37.31
C THR F 329 31.72 0.06 -36.66
N GLN F 330 32.97 -0.38 -36.49
CA GLN F 330 34.04 0.50 -36.06
C GLN F 330 34.60 1.22 -37.28
N PRO F 331 34.75 2.55 -37.22
CA PRO F 331 35.40 3.22 -38.34
C PRO F 331 36.90 2.92 -38.30
N GLU F 332 37.60 3.08 -39.42
CA GLU F 332 39.00 2.66 -39.56
C GLU F 332 39.98 3.35 -38.57
N TRP F 333 39.75 4.62 -38.26
CA TRP F 333 40.62 5.33 -37.33
C TRP F 333 40.70 4.67 -35.98
N PHE F 334 39.59 4.12 -35.48
CA PHE F 334 39.60 3.37 -34.22
C PHE F 334 40.62 2.23 -34.17
N GLY F 335 40.92 1.62 -35.32
CA GLY F 335 41.89 0.52 -35.39
C GLY F 335 43.36 0.93 -35.53
N TRP F 336 43.63 2.22 -35.71
CA TRP F 336 45.04 2.71 -35.79
C TRP F 336 45.73 2.69 -34.44
N SER F 337 47.06 2.75 -34.45
CA SER F 337 47.84 3.15 -33.29
C SER F 337 47.50 4.60 -32.91
N GLN F 338 47.64 4.95 -31.62
CA GLN F 338 47.36 6.34 -31.21
C GLN F 338 48.34 7.31 -31.87
N GLU F 339 49.55 6.83 -32.15
CA GLU F 339 50.58 7.64 -32.80
C GLU F 339 50.18 8.06 -34.21
N LYS F 340 49.57 7.12 -34.95
CA LYS F 340 49.10 7.41 -36.30
C LYS F 340 47.95 8.42 -36.22
N ARG F 341 47.08 8.24 -35.23
CA ARG F 341 45.99 9.19 -34.94
C ARG F 341 46.50 10.60 -34.62
N ASN F 342 47.52 10.67 -33.74
CA ASN F 342 48.19 11.92 -33.39
C ASN F 342 48.68 12.70 -34.62
N GLU F 343 49.50 12.04 -35.46
CA GLU F 343 50.08 12.60 -36.70
C GLU F 343 49.01 13.22 -37.63
N GLU F 344 48.06 12.38 -38.02
CA GLU F 344 46.91 12.82 -38.80
C GLU F 344 46.26 14.04 -38.12
N ALA F 345 46.12 13.98 -36.80
CA ALA F 345 45.50 15.07 -36.04
C ALA F 345 46.27 16.38 -36.23
N LYS F 346 47.61 16.31 -36.12
CA LYS F 346 48.47 17.46 -36.34
C LYS F 346 48.37 18.01 -37.77
N LYS F 347 48.28 17.15 -38.78
CA LYS F 347 48.16 17.58 -40.18
C LYS F 347 46.86 18.36 -40.37
N LEU F 348 45.80 17.86 -39.78
CA LEU F 348 44.48 18.47 -39.96
C LEU F 348 44.48 19.89 -39.35
N LEU F 349 44.95 20.02 -38.11
CA LEU F 349 45.10 21.35 -37.45
C LEU F 349 45.95 22.34 -38.26
N ALA F 350 47.04 21.85 -38.83
CA ALA F 350 47.92 22.63 -39.69
C ALA F 350 47.17 23.12 -40.93
N GLU F 351 46.57 22.20 -41.68
CA GLU F 351 45.71 22.57 -42.80
C GLU F 351 44.78 23.71 -42.40
N ALA F 352 44.16 23.60 -41.22
CA ALA F 352 43.18 24.58 -40.72
C ALA F 352 43.77 25.94 -40.28
N GLY F 353 45.09 26.01 -40.12
CA GLY F 353 45.79 27.25 -39.78
C GLY F 353 46.38 27.29 -38.38
N TYR F 354 46.33 26.15 -37.69
CA TYR F 354 46.75 26.04 -36.28
C TYR F 354 48.00 25.19 -36.21
N THR F 355 49.11 25.82 -35.82
CA THR F 355 50.43 25.20 -35.85
C THR F 355 51.16 25.33 -34.52
N ALA F 356 52.31 24.67 -34.44
CA ALA F 356 53.17 24.73 -33.27
C ALA F 356 53.38 26.19 -32.87
N ASP F 357 53.76 27.02 -33.85
CA ASP F 357 54.03 28.44 -33.59
C ASP F 357 52.79 29.28 -33.30
N LYS F 358 51.64 28.85 -33.82
CA LYS F 358 50.37 29.56 -33.63
C LYS F 358 49.29 28.55 -33.21
N PRO F 359 49.38 28.03 -31.96
CA PRO F 359 48.57 26.88 -31.51
C PRO F 359 47.12 27.22 -31.21
N LEU F 360 46.31 26.18 -31.03
CA LEU F 360 44.92 26.35 -30.61
C LEU F 360 44.84 26.24 -29.09
N THR F 361 44.17 27.19 -28.44
CA THR F 361 43.82 27.05 -27.04
C THR F 361 42.29 26.91 -26.89
N ILE F 362 41.89 26.03 -25.96
CA ILE F 362 40.52 25.56 -25.82
C ILE F 362 40.03 25.61 -24.36
N ASN F 363 38.75 25.94 -24.16
CA ASN F 363 38.09 25.78 -22.85
C ASN F 363 37.29 24.47 -22.75
N LEU F 364 37.60 23.64 -21.74
CA LEU F 364 36.84 22.39 -21.46
C LEU F 364 35.83 22.58 -20.31
N LEU F 365 34.54 22.51 -20.60
CA LEU F 365 33.49 22.67 -19.60
C LEU F 365 33.13 21.29 -18.99
N TYR F 366 33.04 21.20 -17.66
CA TYR F 366 32.60 19.96 -17.00
C TYR F 366 31.76 20.30 -15.77
N ASN F 367 30.71 19.51 -15.49
CA ASN F 367 29.94 19.68 -14.27
C ASN F 367 30.73 19.18 -13.06
N THR F 368 30.61 19.90 -11.94
CA THR F 368 31.33 19.55 -10.71
C THR F 368 31.17 18.07 -10.35
N SER F 369 32.31 17.39 -10.19
CA SER F 369 32.35 15.94 -9.96
C SER F 369 33.78 15.53 -9.78
N ASP F 370 34.03 14.56 -8.88
CA ASP F 370 35.39 14.02 -8.71
C ASP F 370 35.80 13.33 -10.02
N LEU F 371 34.90 12.52 -10.56
CA LEU F 371 35.17 11.72 -11.76
C LEU F 371 35.56 12.63 -12.94
N HIS F 372 34.69 13.59 -13.25
CA HIS F 372 34.87 14.45 -14.43
C HIS F 372 36.06 15.36 -14.30
N LYS F 373 36.32 15.84 -13.08
CA LYS F 373 37.49 16.69 -12.85
C LYS F 373 38.74 15.90 -13.23
N LYS F 374 38.87 14.69 -12.65
CA LYS F 374 40.01 13.79 -12.90
C LYS F 374 40.16 13.49 -14.38
N LEU F 375 39.05 13.10 -15.02
CA LEU F 375 39.04 12.82 -16.46
C LEU F 375 39.34 14.06 -17.30
N ALA F 376 38.93 15.24 -16.83
CA ALA F 376 39.11 16.48 -17.58
C ALA F 376 40.58 16.89 -17.57
N ILE F 377 41.24 16.64 -16.44
CA ILE F 377 42.66 16.94 -16.27
C ILE F 377 43.56 16.00 -17.09
N ALA F 378 43.15 14.76 -17.30
CA ALA F 378 43.97 13.83 -18.11
C ALA F 378 43.77 14.16 -19.58
N ALA F 379 42.53 14.41 -19.96
CA ALA F 379 42.21 14.84 -21.32
C ALA F 379 43.03 16.07 -21.72
N SER F 380 43.14 17.01 -20.80
CA SER F 380 43.84 18.26 -20.99
C SER F 380 45.35 17.97 -21.13
N SER F 381 45.84 17.02 -20.36
CA SER F 381 47.25 16.56 -20.47
C SER F 381 47.48 15.88 -21.82
N LEU F 382 46.55 15.01 -22.23
CA LEU F 382 46.72 14.22 -23.46
C LEU F 382 46.60 15.10 -24.71
N TRP F 383 45.60 15.98 -24.77
CA TRP F 383 45.47 16.87 -25.92
C TRP F 383 46.71 17.75 -26.14
N LYS F 384 47.33 18.23 -25.06
CA LYS F 384 48.55 19.06 -25.19
C LYS F 384 49.75 18.27 -25.75
N LYS F 385 50.08 17.15 -25.11
CA LYS F 385 51.22 16.32 -25.54
C LYS F 385 51.01 15.69 -26.90
N ASN F 386 49.79 15.23 -27.18
CA ASN F 386 49.51 14.47 -28.39
C ASN F 386 49.37 15.35 -29.63
N ILE F 387 48.55 16.41 -29.52
CA ILE F 387 48.26 17.29 -30.67
C ILE F 387 48.56 18.79 -30.48
N GLY F 388 49.21 19.18 -29.38
CA GLY F 388 49.61 20.57 -29.15
C GLY F 388 48.46 21.55 -28.93
N VAL F 389 47.33 21.06 -28.42
CA VAL F 389 46.20 21.92 -28.12
C VAL F 389 46.23 22.25 -26.62
N ASN F 390 46.25 23.55 -26.32
CA ASN F 390 46.16 24.03 -24.94
C ASN F 390 44.71 23.92 -24.48
N VAL F 391 44.49 23.30 -23.31
CA VAL F 391 43.14 23.11 -22.78
C VAL F 391 43.04 23.69 -21.38
N LYS F 392 42.14 24.65 -21.20
CA LYS F 392 41.88 25.25 -19.89
C LYS F 392 40.55 24.73 -19.37
N LEU F 393 40.47 24.42 -18.08
CA LEU F 393 39.28 23.83 -17.49
C LEU F 393 38.34 24.87 -16.87
N VAL F 394 37.05 24.68 -17.04
CA VAL F 394 36.02 25.50 -16.42
C VAL F 394 35.00 24.55 -15.79
N ASN F 395 34.63 24.78 -14.53
CA ASN F 395 33.65 23.90 -13.90
C ASN F 395 32.44 24.70 -13.41
N GLN F 396 31.27 24.08 -13.49
CA GLN F 396 30.01 24.73 -13.19
C GLN F 396 29.07 23.75 -12.49
N GLU F 397 28.22 24.28 -11.61
CA GLU F 397 27.08 23.53 -11.07
C GLU F 397 26.24 22.91 -12.19
N TRP F 398 25.68 21.75 -11.89
CA TRP F 398 24.93 20.95 -12.84
C TRP F 398 23.87 21.74 -13.57
N LYS F 399 23.05 22.49 -12.84
CA LYS F 399 21.94 23.21 -13.45
C LYS F 399 22.46 24.21 -14.48
N THR F 400 23.50 24.95 -14.09
CA THR F 400 24.11 26.03 -14.89
C THR F 400 24.85 25.50 -16.12
N PHE F 401 25.64 24.45 -15.87
CA PHE F 401 26.27 23.61 -16.90
C PHE F 401 25.33 23.20 -18.04
N LEU F 402 24.16 22.70 -17.71
CA LEU F 402 23.19 22.30 -18.76
C LEU F 402 22.73 23.52 -19.54
N ASP F 403 22.43 24.62 -18.82
CA ASP F 403 21.99 25.87 -19.46
C ASP F 403 23.08 26.46 -20.39
N THR F 404 24.34 26.32 -19.99
CA THR F 404 25.47 26.79 -20.78
C THR F 404 25.61 26.07 -22.14
N ARG F 405 25.33 24.77 -22.15
CA ARG F 405 25.47 23.98 -23.35
C ARG F 405 24.37 24.38 -24.34
N HIS F 406 23.15 24.56 -23.84
CA HIS F 406 22.08 25.09 -24.66
C HIS F 406 22.32 26.47 -25.20
N GLN F 407 22.92 27.34 -24.39
CA GLN F 407 23.22 28.70 -24.84
C GLN F 407 24.43 28.79 -25.77
N GLY F 408 25.28 27.76 -25.80
CA GLY F 408 26.42 27.74 -26.71
C GLY F 408 27.60 28.58 -26.26
N THR F 409 27.58 29.04 -25.01
CA THR F 409 28.71 29.79 -24.43
C THR F 409 29.82 28.83 -23.92
N PHE F 410 30.24 27.91 -24.79
CA PHE F 410 31.29 26.95 -24.47
C PHE F 410 31.99 26.50 -25.75
N ASP F 411 33.19 25.96 -25.59
CA ASP F 411 33.94 25.38 -26.70
C ASP F 411 33.67 23.87 -26.81
N VAL F 412 34.10 23.15 -25.77
CA VAL F 412 34.03 21.69 -25.67
C VAL F 412 33.59 21.38 -24.26
N ALA F 413 32.74 20.38 -24.09
CA ALA F 413 32.22 20.03 -22.78
C ALA F 413 32.27 18.54 -22.56
N ARG F 414 32.56 18.14 -21.33
CA ARG F 414 32.25 16.77 -20.86
C ARG F 414 30.74 16.58 -21.03
N ALA F 415 30.33 15.42 -21.57
CA ALA F 415 28.91 15.13 -21.79
C ALA F 415 28.63 13.62 -21.56
N GLY F 416 27.35 13.31 -21.35
CA GLY F 416 26.93 11.93 -21.18
C GLY F 416 25.50 11.86 -21.62
N TRP F 417 25.20 10.96 -22.55
CA TRP F 417 23.81 10.77 -22.98
C TRP F 417 23.35 9.39 -22.60
N CYS F 418 22.11 9.29 -22.09
CA CYS F 418 21.52 8.00 -21.74
C CYS F 418 20.26 7.74 -22.51
N ALA F 419 20.12 6.51 -23.01
CA ALA F 419 18.92 6.15 -23.74
C ALA F 419 17.71 6.45 -22.88
N ASP F 420 16.69 7.00 -23.53
CA ASP F 420 15.38 7.25 -22.91
C ASP F 420 14.36 6.11 -23.22
N TYR F 421 14.49 5.56 -24.41
CA TYR F 421 13.89 4.27 -24.72
C TYR F 421 14.96 3.46 -25.44
N ASN F 422 14.80 2.14 -25.47
CA ASN F 422 15.84 1.25 -25.98
C ASN F 422 15.75 0.98 -27.49
N GLU F 423 16.15 1.98 -28.29
CA GLU F 423 16.10 1.87 -29.74
C GLU F 423 17.06 2.97 -30.24
N PRO F 424 17.68 2.81 -31.43
CA PRO F 424 18.84 3.70 -31.63
C PRO F 424 18.48 5.16 -31.90
N THR F 425 17.24 5.43 -32.30
CA THR F 425 16.83 6.78 -32.48
C THR F 425 16.78 7.59 -31.18
N SER F 426 16.71 6.93 -30.02
CA SER F 426 16.70 7.71 -28.77
C SER F 426 17.98 8.50 -28.54
N PHE F 427 19.10 7.99 -29.07
CA PHE F 427 20.32 8.75 -29.29
C PHE F 427 20.36 9.61 -30.58
N LEU F 428 20.19 8.98 -31.73
CA LEU F 428 20.49 9.62 -33.00
C LEU F 428 19.59 10.84 -33.25
N ASN F 429 18.36 10.80 -32.78
CA ASN F 429 17.46 11.93 -32.94
C ASN F 429 17.98 13.18 -32.23
N THR F 430 18.85 13.02 -31.23
CA THR F 430 19.36 14.18 -30.52
C THR F 430 20.30 14.97 -31.42
N MET F 431 20.63 14.44 -32.61
CA MET F 431 21.59 15.11 -33.51
C MET F 431 20.92 15.69 -34.74
N LEU F 432 19.61 15.51 -34.85
CA LEU F 432 18.86 16.23 -35.85
C LEU F 432 19.05 17.77 -35.71
N SER F 433 19.14 18.44 -36.84
CA SER F 433 19.29 19.88 -36.88
C SER F 433 18.23 20.55 -36.04
N ASN F 434 17.04 19.98 -35.99
CA ASN F 434 15.92 20.64 -35.34
C ASN F 434 15.69 20.23 -33.87
N SER F 435 16.58 19.44 -33.27
CA SER F 435 16.25 18.89 -31.98
C SER F 435 16.53 19.85 -30.81
N SER F 436 15.55 19.98 -29.93
CA SER F 436 15.73 20.66 -28.61
C SER F 436 16.90 20.05 -27.80
N MET F 437 17.28 18.82 -28.10
CA MET F 437 18.38 18.15 -27.36
C MET F 437 19.76 18.28 -27.98
N ASN F 438 19.83 18.98 -29.11
CA ASN F 438 21.08 19.08 -29.87
C ASN F 438 21.97 20.19 -29.29
N THR F 439 22.70 19.84 -28.23
CA THR F 439 23.56 20.81 -27.56
C THR F 439 24.94 20.79 -28.23
N ALA F 440 25.18 19.78 -29.10
CA ALA F 440 26.36 19.78 -29.97
C ALA F 440 26.26 20.83 -31.10
N HIS F 441 25.07 21.42 -31.30
CA HIS F 441 24.82 22.41 -32.36
C HIS F 441 25.21 21.92 -33.72
N TYR F 442 24.94 20.63 -33.95
CA TYR F 442 25.34 19.93 -35.16
C TYR F 442 24.17 19.92 -36.13
N LYS F 443 24.40 20.52 -37.31
CA LYS F 443 23.36 20.59 -38.31
C LYS F 443 23.93 20.05 -39.64
N SER F 444 23.36 18.93 -40.10
CA SER F 444 23.81 18.27 -41.35
C SER F 444 22.58 17.77 -42.08
N PRO F 445 22.29 18.36 -43.25
CA PRO F 445 21.17 17.86 -44.06
C PRO F 445 21.30 16.37 -44.43
N ALA F 446 22.54 15.90 -44.65
CA ALA F 446 22.83 14.50 -44.93
C ALA F 446 22.37 13.55 -43.81
N PHE F 447 22.67 13.94 -42.56
CA PHE F 447 22.28 13.18 -41.41
C PHE F 447 20.76 13.19 -41.31
N ASP F 448 20.20 14.39 -41.39
CA ASP F 448 18.77 14.54 -41.27
C ASP F 448 18.09 13.58 -42.26
N SER F 449 18.53 13.58 -43.51
CA SER F 449 17.89 12.80 -44.57
C SER F 449 18.03 11.28 -44.39
N ILE F 450 19.16 10.79 -43.91
CA ILE F 450 19.27 9.36 -43.57
C ILE F 450 18.20 8.97 -42.54
N MET F 451 18.07 9.75 -41.48
CA MET F 451 17.18 9.44 -40.40
C MET F 451 15.74 9.53 -40.88
N ALA F 452 15.47 10.43 -41.81
CA ALA F 452 14.10 10.52 -42.35
C ALA F 452 13.78 9.22 -43.09
N GLU F 453 14.82 8.55 -43.63
CA GLU F 453 14.60 7.28 -44.37
C GLU F 453 14.18 6.16 -43.44
N THR F 454 14.70 6.18 -42.20
CA THR F 454 14.47 5.11 -41.26
C THR F 454 12.98 4.82 -41.05
N LEU F 455 12.11 5.80 -41.20
CA LEU F 455 10.65 5.54 -41.07
C LEU F 455 9.92 5.44 -42.42
N LYS F 456 10.69 5.20 -43.48
CA LYS F 456 10.15 4.90 -44.80
C LYS F 456 10.40 3.44 -45.21
N VAL F 457 11.35 2.76 -44.58
CA VAL F 457 11.66 1.38 -44.97
C VAL F 457 10.61 0.41 -44.46
N THR F 458 10.54 -0.77 -45.04
CA THR F 458 9.52 -1.74 -44.65
C THR F 458 10.00 -2.71 -43.56
N ASP F 459 11.30 -3.05 -43.56
CA ASP F 459 11.85 -4.04 -42.62
C ASP F 459 12.60 -3.40 -41.45
N GLU F 460 12.47 -3.99 -40.28
CA GLU F 460 13.31 -3.60 -39.15
C GLU F 460 14.83 -3.75 -39.45
N ALA F 461 15.21 -4.75 -40.23
CA ALA F 461 16.64 -4.95 -40.57
C ALA F 461 17.16 -3.84 -41.49
N GLN F 462 16.27 -3.26 -42.28
CA GLN F 462 16.60 -2.07 -43.08
C GLN F 462 16.75 -0.82 -42.20
N ARG F 463 15.93 -0.67 -41.15
CA ARG F 463 16.16 0.37 -40.13
C ARG F 463 17.57 0.22 -39.52
N THR F 464 17.88 -1.00 -39.15
CA THR F 464 19.13 -1.27 -38.51
C THR F 464 20.27 -0.81 -39.41
N ALA F 465 20.34 -1.31 -40.63
CA ALA F 465 21.43 -0.92 -41.55
C ALA F 465 21.51 0.61 -41.74
N LEU F 466 20.37 1.32 -41.79
CA LEU F 466 20.38 2.77 -41.90
C LEU F 466 20.89 3.49 -40.64
N TYR F 467 20.62 2.94 -39.46
CA TYR F 467 21.16 3.51 -38.24
C TYR F 467 22.69 3.49 -38.27
N THR F 468 23.28 2.50 -38.92
N THR F 468 23.27 2.49 -38.90
CA THR F 468 24.74 2.41 -38.99
CA THR F 468 24.74 2.39 -39.02
C THR F 468 25.34 3.32 -40.05
C THR F 468 25.26 3.46 -39.96
N LYS F 469 24.53 3.68 -41.06
CA LYS F 469 24.88 4.75 -41.99
C LYS F 469 24.78 6.11 -41.29
N ALA F 470 23.78 6.31 -40.43
CA ALA F 470 23.70 7.54 -39.62
C ALA F 470 24.96 7.74 -38.75
N GLU F 471 25.29 6.73 -37.95
CA GLU F 471 26.52 6.77 -37.15
C GLU F 471 27.75 7.07 -38.00
N GLN F 472 27.84 6.46 -39.17
CA GLN F 472 29.03 6.64 -40.02
C GLN F 472 29.19 8.11 -40.44
N GLN F 473 28.06 8.78 -40.67
CA GLN F 473 28.08 10.17 -41.12
C GLN F 473 28.35 11.14 -39.97
N LEU F 474 27.83 10.83 -38.78
CA LEU F 474 28.13 11.61 -37.58
C LEU F 474 29.65 11.51 -37.38
N ASP F 475 30.18 10.31 -37.59
CA ASP F 475 31.64 10.06 -37.42
C ASP F 475 32.46 10.85 -38.44
N LYS F 476 32.20 10.66 -39.73
CA LYS F 476 32.90 11.46 -40.75
C LYS F 476 32.81 12.96 -40.52
N ASP F 477 31.71 13.43 -39.92
CA ASP F 477 31.59 14.85 -39.54
C ASP F 477 32.32 15.21 -38.23
N SER F 478 32.96 14.23 -37.57
CA SER F 478 33.46 14.37 -36.20
C SER F 478 32.59 15.30 -35.33
N ALA F 479 31.31 14.97 -35.19
CA ALA F 479 30.43 15.81 -34.39
C ALA F 479 30.88 15.87 -32.91
N ILE F 480 31.43 14.77 -32.42
CA ILE F 480 31.76 14.62 -31.03
C ILE F 480 33.07 13.85 -30.90
N VAL F 481 33.60 13.81 -29.68
CA VAL F 481 34.73 12.93 -29.30
C VAL F 481 34.16 11.82 -28.40
N PRO F 482 33.92 10.62 -28.97
CA PRO F 482 33.53 9.48 -28.12
C PRO F 482 34.67 9.13 -27.19
N VAL F 483 34.38 8.79 -25.93
CA VAL F 483 35.41 8.41 -24.97
C VAL F 483 35.19 6.96 -24.49
N TYR F 484 34.09 6.68 -23.78
CA TYR F 484 33.80 5.29 -23.40
C TYR F 484 32.30 5.05 -23.25
N TYR F 485 31.90 3.78 -23.26
CA TYR F 485 30.51 3.39 -23.02
C TYR F 485 30.31 3.16 -21.52
N TYR F 486 29.22 3.68 -20.98
CA TYR F 486 29.02 3.58 -19.54
C TYR F 486 28.80 2.14 -19.08
N VAL F 487 28.83 2.01 -17.77
CA VAL F 487 28.40 0.84 -17.06
C VAL F 487 27.57 1.41 -15.89
N ASN F 488 26.63 0.64 -15.33
CA ASN F 488 25.82 1.10 -14.20
C ASN F 488 26.32 0.55 -12.87
N ALA F 489 27.21 1.28 -12.21
CA ALA F 489 27.92 0.78 -11.01
C ALA F 489 27.51 1.55 -9.75
N ARG F 490 27.00 0.85 -8.75
CA ARG F 490 26.60 1.49 -7.50
C ARG F 490 26.62 0.53 -6.31
N LEU F 491 26.80 1.09 -5.12
CA LEU F 491 26.76 0.32 -3.88
C LEU F 491 25.32 0.33 -3.38
N VAL F 492 24.85 -0.81 -2.90
CA VAL F 492 23.51 -0.94 -2.32
C VAL F 492 23.60 -1.78 -1.05
N LYS F 493 22.99 -1.30 0.04
CA LYS F 493 23.08 -2.00 1.33
C LYS F 493 22.33 -3.36 1.23
N PRO F 494 22.88 -4.41 1.88
CA PRO F 494 22.32 -5.77 1.81
C PRO F 494 20.83 -5.86 2.13
N TRP F 495 20.29 -4.90 2.88
CA TRP F 495 18.90 -4.91 3.33
C TRP F 495 17.96 -4.20 2.41
N VAL F 496 18.48 -3.62 1.32
CA VAL F 496 17.63 -3.03 0.29
C VAL F 496 17.36 -4.15 -0.71
N GLY F 497 16.08 -4.46 -0.86
CA GLY F 497 15.62 -5.42 -1.83
C GLY F 497 14.82 -4.68 -2.87
N GLY F 498 14.66 -5.30 -4.03
CA GLY F 498 13.90 -4.75 -5.14
C GLY F 498 14.77 -4.12 -6.21
N TYR F 499 16.08 -4.07 -5.98
CA TYR F 499 17.01 -3.55 -6.99
C TYR F 499 17.68 -4.69 -7.73
N THR F 500 17.22 -4.96 -8.95
CA THR F 500 17.80 -6.02 -9.79
C THR F 500 18.91 -5.47 -10.70
N GLY F 501 18.73 -4.24 -11.16
CA GLY F 501 19.66 -3.63 -12.09
C GLY F 501 19.57 -4.17 -13.52
N LYS F 502 18.54 -5.00 -13.80
CA LYS F 502 18.38 -5.64 -15.12
C LYS F 502 17.77 -4.76 -16.20
N ASP F 503 17.38 -3.55 -15.83
CA ASP F 503 16.94 -2.57 -16.80
C ASP F 503 18.17 -1.81 -17.29
N PRO F 504 18.54 -1.96 -18.58
CA PRO F 504 19.77 -1.31 -19.04
C PRO F 504 19.66 0.22 -19.22
N LEU F 505 18.45 0.76 -19.09
CA LEU F 505 18.25 2.20 -18.92
C LEU F 505 18.22 2.63 -17.44
N ASP F 506 18.21 1.66 -16.52
CA ASP F 506 18.07 1.89 -15.07
C ASP F 506 16.91 2.82 -14.68
N ASN F 507 15.74 2.58 -15.25
CA ASN F 507 14.52 3.28 -14.86
C ASN F 507 13.83 2.58 -13.68
N THR F 508 14.39 2.74 -12.48
CA THR F 508 13.88 2.10 -11.26
C THR F 508 12.89 2.99 -10.53
N TYR F 509 12.08 2.38 -9.67
CA TYR F 509 11.03 3.09 -8.96
C TYR F 509 11.11 2.69 -7.51
N THR F 510 10.96 3.65 -6.60
N THR F 510 10.96 3.67 -6.60
CA THR F 510 10.98 3.34 -5.17
CA THR F 510 10.96 3.38 -5.16
C THR F 510 9.79 2.43 -4.78
C THR F 510 9.80 2.43 -4.79
N ARG F 511 8.67 2.52 -5.50
CA ARG F 511 7.52 1.63 -5.27
C ARG F 511 7.81 0.14 -5.53
N ASN F 512 8.94 -0.17 -6.15
CA ASN F 512 9.34 -1.57 -6.31
C ASN F 512 10.30 -2.04 -5.24
N MET F 513 10.67 -1.15 -4.33
CA MET F 513 11.68 -1.51 -3.35
C MET F 513 11.13 -1.73 -1.93
N TYR F 514 11.97 -2.28 -1.06
CA TYR F 514 11.59 -2.64 0.32
C TYR F 514 12.83 -2.88 1.18
N ILE F 515 12.72 -2.66 2.49
CA ILE F 515 13.84 -2.89 3.41
C ILE F 515 13.61 -4.14 4.24
N VAL F 516 14.64 -4.98 4.30
CA VAL F 516 14.59 -6.25 4.99
C VAL F 516 15.05 -6.03 6.42
N LYS F 517 14.36 -6.65 7.38
CA LYS F 517 14.75 -6.54 8.78
C LYS F 517 16.25 -6.77 8.90
N HIS F 518 16.92 -5.86 9.63
CA HIS F 518 18.36 -5.89 9.86
C HIS F 518 18.69 -5.16 11.13
N ALA G 2 -48.59 -74.55 46.57
CA ALA G 2 -50.01 -74.21 46.87
C ALA G 2 -50.51 -75.09 48.02
N ASP G 3 -51.58 -74.63 48.68
CA ASP G 3 -52.20 -75.41 49.75
C ASP G 3 -53.65 -75.68 49.42
N VAL G 4 -53.95 -76.91 49.04
CA VAL G 4 -55.30 -77.33 48.72
C VAL G 4 -56.02 -77.79 49.99
N PRO G 5 -57.13 -77.10 50.37
CA PRO G 5 -57.88 -77.53 51.55
C PRO G 5 -58.44 -78.93 51.43
N ALA G 6 -58.61 -79.60 52.56
CA ALA G 6 -59.21 -80.92 52.60
C ALA G 6 -60.68 -80.78 52.21
N GLY G 7 -61.16 -81.67 51.35
CA GLY G 7 -62.52 -81.61 50.82
C GLY G 7 -62.58 -81.29 49.33
N VAL G 8 -61.59 -80.55 48.84
CA VAL G 8 -61.53 -80.16 47.42
C VAL G 8 -60.94 -81.30 46.60
N THR G 9 -61.67 -81.73 45.57
CA THR G 9 -61.14 -82.69 44.63
C THR G 9 -60.62 -81.90 43.43
N LEU G 10 -59.35 -82.11 43.09
CA LEU G 10 -58.72 -81.41 41.98
C LEU G 10 -59.25 -81.88 40.62
N ALA G 11 -59.27 -80.97 39.65
CA ALA G 11 -59.61 -81.30 38.28
C ALA G 11 -58.47 -82.10 37.64
N GLU G 12 -58.78 -82.86 36.60
CA GLU G 12 -57.78 -83.64 35.88
C GLU G 12 -56.80 -82.74 35.14
N LYS G 13 -57.33 -81.81 34.35
CA LYS G 13 -56.51 -80.82 33.65
C LYS G 13 -56.23 -79.66 34.60
N GLN G 14 -54.96 -79.37 34.86
CA GLN G 14 -54.57 -78.26 35.75
C GLN G 14 -53.82 -77.20 34.93
N THR G 15 -54.60 -76.39 34.23
CA THR G 15 -54.08 -75.36 33.34
C THR G 15 -54.82 -74.06 33.67
N LEU G 16 -54.16 -72.94 33.45
CA LEU G 16 -54.72 -71.62 33.77
C LEU G 16 -54.48 -70.68 32.60
N VAL G 17 -55.47 -69.88 32.28
CA VAL G 17 -55.32 -68.79 31.33
C VAL G 17 -55.70 -67.49 32.05
N ARG G 18 -54.77 -66.54 32.09
CA ARG G 18 -54.97 -65.19 32.63
C ARG G 18 -54.71 -64.13 31.56
N ASN G 19 -55.51 -63.07 31.55
CA ASN G 19 -55.13 -61.87 30.78
C ASN G 19 -54.11 -61.02 31.56
N ASN G 20 -53.03 -60.66 30.87
CA ASN G 20 -51.96 -59.84 31.45
C ASN G 20 -52.08 -58.35 31.11
N GLY G 21 -53.04 -57.99 30.25
CA GLY G 21 -53.33 -56.58 29.95
C GLY G 21 -52.55 -55.97 28.78
N SER G 22 -51.35 -56.49 28.50
CA SER G 22 -50.55 -56.03 27.36
C SER G 22 -49.32 -56.93 27.08
N GLU G 23 -48.72 -56.72 25.90
CA GLU G 23 -47.48 -57.38 25.52
C GLU G 23 -46.37 -56.87 26.40
N VAL G 24 -45.64 -57.77 27.03
CA VAL G 24 -44.60 -57.35 27.97
C VAL G 24 -43.40 -56.72 27.28
N GLN G 25 -42.75 -55.79 28.01
CA GLN G 25 -41.51 -55.15 27.57
C GLN G 25 -40.43 -56.16 27.27
N SER G 26 -40.27 -57.12 28.18
CA SER G 26 -39.19 -58.09 28.13
C SER G 26 -39.44 -59.19 29.19
N LEU G 27 -38.70 -60.30 29.08
CA LEU G 27 -38.65 -61.34 30.11
C LEU G 27 -37.32 -61.29 30.88
N ASP G 28 -36.41 -60.40 30.48
CA ASP G 28 -35.21 -60.11 31.28
C ASP G 28 -35.52 -59.27 32.54
N PRO G 29 -35.34 -59.84 33.74
CA PRO G 29 -35.66 -59.11 34.98
C PRO G 29 -35.05 -57.69 35.10
N HIS G 30 -33.91 -57.45 34.45
CA HIS G 30 -33.23 -56.14 34.49
C HIS G 30 -33.66 -55.19 33.39
N LYS G 31 -34.72 -55.52 32.65
CA LYS G 31 -35.20 -54.67 31.54
C LYS G 31 -36.70 -54.40 31.69
N ILE G 32 -37.14 -54.33 32.95
CA ILE G 32 -38.57 -54.45 33.28
C ILE G 32 -39.00 -53.39 34.31
N GLU G 33 -40.19 -52.81 34.10
CA GLU G 33 -40.71 -51.78 35.02
C GLU G 33 -42.23 -51.81 35.28
N GLY G 34 -42.97 -52.72 34.66
CA GLY G 34 -44.43 -52.68 34.71
C GLY G 34 -45.03 -53.85 35.45
N VAL G 35 -46.29 -53.70 35.84
CA VAL G 35 -47.04 -54.75 36.52
C VAL G 35 -47.15 -56.01 35.65
N PRO G 36 -47.49 -55.86 34.35
CA PRO G 36 -47.57 -57.03 33.47
C PRO G 36 -46.24 -57.80 33.39
N GLU G 37 -45.14 -57.06 33.30
CA GLU G 37 -43.81 -57.63 33.22
C GLU G 37 -43.53 -58.44 34.48
N SER G 38 -43.76 -57.84 35.65
CA SER G 38 -43.57 -58.51 36.94
C SER G 38 -44.41 -59.76 37.11
N ASN G 39 -45.68 -59.69 36.68
CA ASN G 39 -46.61 -60.83 36.79
C ASN G 39 -46.01 -62.09 36.18
N ILE G 40 -45.36 -61.96 35.03
CA ILE G 40 -44.68 -63.11 34.42
C ILE G 40 -43.33 -63.46 35.11
N SER G 41 -42.55 -62.45 35.48
CA SER G 41 -41.22 -62.69 36.08
C SER G 41 -41.27 -63.53 37.37
N ARG G 42 -42.33 -63.31 38.14
CA ARG G 42 -42.59 -64.03 39.41
C ARG G 42 -42.86 -65.55 39.26
N ASP G 43 -43.36 -65.99 38.11
CA ASP G 43 -43.50 -67.43 37.81
C ASP G 43 -42.16 -67.99 37.32
N LEU G 44 -41.35 -67.15 36.66
CA LEU G 44 -40.08 -67.59 36.02
C LEU G 44 -38.83 -67.52 36.92
N PHE G 45 -38.75 -66.49 37.74
CA PHE G 45 -37.54 -66.21 38.49
C PHE G 45 -37.92 -65.95 39.95
N GLU G 46 -37.04 -66.35 40.87
CA GLU G 46 -37.30 -66.26 42.33
C GLU G 46 -36.10 -65.69 43.08
N GLY G 47 -36.35 -64.64 43.87
CA GLY G 47 -35.28 -63.96 44.60
C GLY G 47 -35.10 -64.51 45.99
N LEU G 48 -34.47 -63.70 46.85
CA LEU G 48 -34.11 -64.11 48.20
C LEU G 48 -35.36 -64.42 48.99
N LEU G 49 -36.42 -63.64 48.73
CA LEU G 49 -37.66 -63.72 49.46
C LEU G 49 -38.83 -63.63 48.48
N VAL G 50 -40.01 -64.06 48.91
CA VAL G 50 -41.23 -63.96 48.10
C VAL G 50 -42.35 -63.36 48.93
N SER G 51 -43.47 -62.99 48.32
CA SER G 51 -44.64 -62.53 49.06
C SER G 51 -45.59 -63.71 49.35
N ASP G 52 -46.00 -63.84 50.62
CA ASP G 52 -46.98 -64.84 51.00
C ASP G 52 -48.36 -64.33 50.62
N LEU G 53 -49.38 -65.15 50.86
CA LEU G 53 -50.75 -64.85 50.47
C LEU G 53 -51.34 -63.57 51.07
N ASP G 54 -50.75 -63.06 52.16
CA ASP G 54 -51.24 -61.85 52.82
C ASP G 54 -50.39 -60.63 52.52
N GLY G 55 -49.38 -60.80 51.68
CA GLY G 55 -48.48 -59.72 51.31
C GLY G 55 -47.15 -59.66 52.05
N HIS G 56 -46.90 -60.55 53.02
CA HIS G 56 -45.71 -60.45 53.88
C HIS G 56 -44.52 -61.13 53.28
N PRO G 57 -43.30 -60.61 53.52
CA PRO G 57 -42.13 -61.27 52.98
C PRO G 57 -41.91 -62.64 53.59
N ALA G 58 -41.60 -63.60 52.73
CA ALA G 58 -41.38 -64.98 53.16
C ALA G 58 -40.15 -65.55 52.49
N PRO G 59 -39.62 -66.67 52.99
CA PRO G 59 -38.47 -67.34 52.39
C PRO G 59 -38.65 -67.72 50.91
N GLY G 60 -37.68 -67.30 50.09
CA GLY G 60 -37.60 -67.64 48.68
C GLY G 60 -36.42 -68.54 48.56
N VAL G 61 -35.40 -68.12 47.82
CA VAL G 61 -34.14 -68.86 47.80
C VAL G 61 -33.52 -68.85 49.18
N ALA G 62 -33.68 -67.73 49.88
CA ALA G 62 -33.19 -67.60 51.25
C ALA G 62 -34.13 -68.31 52.21
N GLU G 63 -33.59 -69.26 52.97
CA GLU G 63 -34.39 -70.01 53.97
C GLU G 63 -34.44 -69.32 55.33
N SER G 64 -33.38 -68.59 55.67
CA SER G 64 -33.32 -67.78 56.88
C SER G 64 -32.40 -66.58 56.63
N TRP G 65 -32.45 -65.61 57.54
CA TRP G 65 -31.57 -64.47 57.48
C TRP G 65 -31.35 -63.77 58.81
N ASP G 66 -30.34 -62.90 58.82
CA ASP G 66 -29.84 -62.22 60.02
C ASP G 66 -29.69 -60.77 59.64
N ASN G 67 -29.64 -59.89 60.64
CA ASN G 67 -29.23 -58.51 60.39
C ASN G 67 -28.55 -57.93 61.62
N LYS G 68 -27.51 -57.11 61.39
CA LYS G 68 -26.90 -56.27 62.42
C LYS G 68 -27.25 -54.81 62.16
N ASP G 69 -27.88 -54.16 63.13
CA ASP G 69 -28.22 -52.76 63.04
C ASP G 69 -28.95 -52.37 61.76
N ALA G 70 -29.73 -53.28 61.18
CA ALA G 70 -30.43 -53.05 59.91
C ALA G 70 -29.46 -52.57 58.83
N LYS G 71 -28.18 -52.90 59.01
CA LYS G 71 -27.11 -52.33 58.23
C LYS G 71 -26.28 -53.41 57.54
N VAL G 72 -26.06 -54.55 58.21
CA VAL G 72 -25.44 -55.70 57.55
C VAL G 72 -26.43 -56.88 57.57
N TRP G 73 -26.76 -57.37 56.39
CA TRP G 73 -27.80 -58.36 56.24
C TRP G 73 -27.22 -59.62 55.67
N THR G 74 -27.55 -60.77 56.24
CA THR G 74 -26.99 -62.06 55.80
C THR G 74 -28.06 -63.09 55.52
N PHE G 75 -28.01 -63.62 54.30
CA PHE G 75 -29.02 -64.56 53.86
C PHE G 75 -28.48 -65.97 53.67
N HIS G 76 -29.13 -66.94 54.32
CA HIS G 76 -28.74 -68.35 54.25
C HIS G 76 -29.58 -69.09 53.22
N LEU G 77 -28.94 -69.39 52.09
CA LEU G 77 -29.65 -69.92 50.94
C LEU G 77 -29.82 -71.45 51.06
N ARG G 78 -31.03 -71.91 50.75
CA ARG G 78 -31.41 -73.32 50.85
C ARG G 78 -30.58 -74.16 49.91
N LYS G 79 -30.00 -75.24 50.41
CA LYS G 79 -29.06 -76.03 49.60
C LYS G 79 -29.66 -76.65 48.30
N ASP G 80 -30.97 -76.84 48.27
CA ASP G 80 -31.62 -77.46 47.10
C ASP G 80 -32.25 -76.48 46.10
N ALA G 81 -31.93 -75.20 46.21
CA ALA G 81 -32.37 -74.21 45.21
C ALA G 81 -31.70 -74.49 43.83
N LYS G 82 -32.53 -74.54 42.79
CA LYS G 82 -32.06 -75.00 41.46
C LYS G 82 -32.58 -74.20 40.25
N TRP G 83 -31.65 -73.91 39.34
CA TRP G 83 -32.00 -73.47 37.97
C TRP G 83 -32.59 -74.61 37.17
N SER G 84 -33.41 -74.28 36.18
CA SER G 84 -34.01 -75.28 35.26
C SER G 84 -32.95 -76.11 34.51
N ASP G 85 -31.72 -75.63 34.58
CA ASP G 85 -30.52 -76.39 34.30
C ASP G 85 -30.26 -77.69 35.04
N GLY G 86 -30.77 -77.80 36.25
CA GLY G 86 -30.27 -78.76 37.23
C GLY G 86 -29.17 -78.19 38.14
N THR G 87 -28.56 -77.07 37.75
CA THR G 87 -27.38 -76.53 38.44
C THR G 87 -27.82 -75.67 39.63
N PRO G 88 -26.95 -75.53 40.64
CA PRO G 88 -27.42 -74.89 41.86
C PRO G 88 -27.60 -73.38 41.68
N VAL G 89 -28.53 -72.79 42.43
CA VAL G 89 -28.58 -71.36 42.56
C VAL G 89 -27.71 -71.05 43.77
N THR G 90 -26.73 -70.17 43.60
CA THR G 90 -25.72 -69.88 44.59
C THR G 90 -25.70 -68.38 44.94
N ALA G 91 -24.88 -68.00 45.92
CA ALA G 91 -24.74 -66.60 46.34
C ALA G 91 -24.09 -65.74 45.25
N GLN G 92 -23.18 -66.36 44.51
CA GLN G 92 -22.52 -65.73 43.36
C GLN G 92 -23.51 -65.32 42.25
N ASP G 93 -24.50 -66.19 41.99
CA ASP G 93 -25.60 -65.82 41.09
C ASP G 93 -26.16 -64.46 41.53
N PHE G 94 -26.47 -64.33 42.82
CA PHE G 94 -26.93 -63.04 43.37
C PHE G 94 -25.93 -61.89 43.23
N VAL G 95 -24.65 -62.12 43.54
CA VAL G 95 -23.63 -61.08 43.40
C VAL G 95 -23.57 -60.58 41.94
N TYR G 96 -23.34 -61.51 41.00
CA TYR G 96 -23.41 -61.18 39.59
C TYR G 96 -24.68 -60.39 39.24
N SER G 97 -25.83 -60.87 39.70
CA SER G 97 -27.09 -60.31 39.25
C SER G 97 -27.33 -58.89 39.74
N TRP G 98 -26.95 -58.60 40.98
CA TRP G 98 -27.15 -57.26 41.54
C TRP G 98 -26.22 -56.23 40.92
N GLN G 99 -24.96 -56.62 40.72
CA GLN G 99 -24.00 -55.84 39.96
C GLN G 99 -24.54 -55.45 38.56
N ARG G 100 -25.09 -56.44 37.84
CA ARG G 100 -25.66 -56.24 36.50
C ARG G 100 -26.81 -55.24 36.50
N SER G 101 -27.66 -55.32 37.51
N SER G 101 -27.66 -55.31 37.53
CA SER G 101 -28.79 -54.39 37.64
CA SER G 101 -28.80 -54.39 37.62
C SER G 101 -28.35 -52.93 37.75
C SER G 101 -28.36 -52.91 37.77
N VAL G 102 -27.15 -52.71 38.27
CA VAL G 102 -26.65 -51.36 38.58
C VAL G 102 -25.62 -50.84 37.54
N ASP G 103 -25.18 -51.72 36.64
CA ASP G 103 -24.23 -51.37 35.57
C ASP G 103 -24.91 -50.40 34.64
N PRO G 104 -24.34 -49.20 34.47
CA PRO G 104 -24.80 -48.27 33.44
C PRO G 104 -24.99 -48.93 32.06
N ASN G 105 -24.12 -49.87 31.73
CA ASN G 105 -24.21 -50.58 30.45
C ASN G 105 -25.48 -51.42 30.29
N THR G 106 -26.06 -51.84 31.41
CA THR G 106 -27.31 -52.59 31.40
C THR G 106 -28.49 -51.66 31.15
N ALA G 107 -28.39 -50.42 31.64
CA ALA G 107 -29.44 -49.42 31.44
C ALA G 107 -30.79 -49.86 31.95
N SER G 108 -30.83 -50.50 33.12
N SER G 108 -30.83 -50.49 33.13
CA SER G 108 -32.09 -51.00 33.67
CA SER G 108 -32.09 -50.99 33.65
C SER G 108 -33.01 -49.81 33.94
C SER G 108 -33.02 -49.84 34.00
N PRO G 109 -34.31 -49.94 33.63
CA PRO G 109 -35.23 -48.93 34.14
C PRO G 109 -35.39 -49.00 35.67
N TYR G 110 -34.96 -50.12 36.26
CA TYR G 110 -34.94 -50.35 37.72
C TYR G 110 -33.52 -50.31 38.34
N ALA G 111 -32.56 -49.69 37.65
CA ALA G 111 -31.20 -49.47 38.18
C ALA G 111 -31.12 -48.81 39.57
N SER G 112 -32.08 -47.94 39.87
CA SER G 112 -32.16 -47.19 41.14
C SER G 112 -32.81 -47.98 42.27
N TYR G 113 -33.39 -49.13 41.96
CA TYR G 113 -34.16 -49.87 42.99
C TYR G 113 -33.30 -50.30 44.19
N LEU G 114 -32.08 -50.79 43.95
CA LEU G 114 -31.24 -51.21 45.07
C LEU G 114 -30.63 -50.03 45.82
N GLN G 115 -30.70 -48.85 45.20
CA GLN G 115 -30.25 -47.63 45.84
C GLN G 115 -31.26 -47.21 46.86
N TYR G 116 -32.53 -47.54 46.64
CA TYR G 116 -33.57 -47.31 47.63
C TYR G 116 -33.25 -48.06 48.95
N GLY G 117 -32.39 -49.07 48.84
CA GLY G 117 -31.86 -49.82 49.98
C GLY G 117 -30.44 -49.44 50.42
N HIS G 118 -29.77 -48.59 49.65
CA HIS G 118 -28.51 -47.94 50.05
C HIS G 118 -27.40 -48.90 50.34
N ILE G 119 -27.30 -49.89 49.47
CA ILE G 119 -26.20 -50.84 49.52
C ILE G 119 -24.92 -50.06 49.38
N ALA G 120 -23.91 -50.45 50.14
CA ALA G 120 -22.62 -49.77 50.10
C ALA G 120 -22.13 -49.58 48.67
N GLY G 121 -21.69 -48.37 48.34
CA GLY G 121 -21.15 -48.08 47.00
C GLY G 121 -22.11 -47.81 45.84
N ILE G 122 -23.42 -48.08 45.96
CA ILE G 122 -24.29 -47.89 44.77
C ILE G 122 -24.18 -46.48 44.15
N ASP G 123 -24.07 -45.42 44.95
CA ASP G 123 -24.22 -44.03 44.44
C ASP G 123 -23.20 -43.73 43.32
N GLU G 124 -21.91 -44.03 43.56
CA GLU G 124 -20.83 -43.81 42.59
C GLU G 124 -20.91 -44.77 41.39
N ILE G 125 -21.43 -45.96 41.64
CA ILE G 125 -21.58 -46.97 40.61
C ILE G 125 -22.62 -46.57 39.61
N LEU G 126 -23.76 -46.12 40.12
CA LEU G 126 -24.86 -45.70 39.27
C LEU G 126 -24.51 -44.46 38.44
N GLU G 127 -23.63 -43.60 38.96
CA GLU G 127 -23.14 -42.43 38.22
C GLU G 127 -22.00 -42.75 37.25
N GLY G 128 -21.55 -44.01 37.23
CA GLY G 128 -20.50 -44.45 36.31
C GLY G 128 -19.09 -44.16 36.77
N LYS G 129 -18.95 -43.74 38.02
CA LYS G 129 -17.66 -43.27 38.53
C LYS G 129 -16.83 -44.37 39.17
N LYS G 130 -17.46 -45.46 39.58
CA LYS G 130 -16.77 -46.56 40.24
C LYS G 130 -17.24 -47.88 39.65
N PRO G 131 -16.37 -48.90 39.67
CA PRO G 131 -16.74 -50.19 39.09
C PRO G 131 -17.92 -50.92 39.79
N ILE G 132 -18.63 -51.70 38.99
CA ILE G 132 -19.68 -52.61 39.46
C ILE G 132 -19.28 -53.54 40.62
N THR G 133 -18.01 -53.90 40.64
CA THR G 133 -17.47 -54.80 41.64
C THR G 133 -17.27 -54.13 43.01
N ASP G 134 -17.52 -52.83 43.10
CA ASP G 134 -17.47 -52.13 44.38
C ASP G 134 -18.79 -52.27 45.19
N LEU G 135 -19.83 -52.86 44.59
CA LEU G 135 -21.13 -52.92 45.24
C LEU G 135 -20.98 -53.75 46.51
N GLY G 136 -21.69 -53.37 47.58
CA GLY G 136 -21.54 -54.02 48.89
C GLY G 136 -22.30 -55.33 49.06
N VAL G 137 -22.21 -56.25 48.08
CA VAL G 137 -22.83 -57.56 48.21
C VAL G 137 -21.76 -58.59 47.98
N LYS G 138 -21.67 -59.59 48.82
CA LYS G 138 -20.66 -60.61 48.59
C LYS G 138 -21.07 -62.02 49.05
N ALA G 139 -20.51 -63.03 48.38
CA ALA G 139 -20.77 -64.41 48.73
C ALA G 139 -19.69 -64.89 49.72
N ILE G 140 -20.06 -65.06 50.99
CA ILE G 140 -19.17 -65.65 52.02
C ILE G 140 -18.84 -67.10 51.65
N ASP G 141 -19.80 -67.78 51.03
CA ASP G 141 -19.61 -69.11 50.45
C ASP G 141 -20.83 -69.35 49.57
N ASP G 142 -20.97 -70.54 49.02
CA ASP G 142 -22.03 -70.84 48.06
C ASP G 142 -23.43 -70.53 48.54
N HIS G 143 -23.71 -70.76 49.82
CA HIS G 143 -25.06 -70.71 50.35
C HIS G 143 -25.30 -69.53 51.26
N THR G 144 -24.44 -68.52 51.16
CA THR G 144 -24.39 -67.41 52.13
C THR G 144 -24.01 -66.03 51.55
N LEU G 145 -25.00 -65.17 51.43
CA LEU G 145 -24.87 -63.83 50.85
C LEU G 145 -24.89 -62.74 51.94
N GLU G 146 -23.91 -61.82 51.89
CA GLU G 146 -23.79 -60.72 52.86
C GLU G 146 -23.92 -59.39 52.14
N VAL G 147 -24.99 -58.64 52.46
CA VAL G 147 -25.25 -57.30 51.89
C VAL G 147 -24.92 -56.24 52.94
N THR G 148 -24.06 -55.29 52.60
CA THR G 148 -23.66 -54.19 53.50
C THR G 148 -24.27 -52.89 53.01
N LEU G 149 -25.01 -52.23 53.89
CA LEU G 149 -25.66 -50.98 53.56
C LEU G 149 -24.79 -49.84 54.08
N SER G 150 -24.94 -48.63 53.53
CA SER G 150 -24.13 -47.48 54.00
C SER G 150 -24.71 -46.87 55.29
N GLU G 151 -25.97 -47.19 55.59
CA GLU G 151 -26.65 -46.74 56.79
C GLU G 151 -27.72 -47.82 57.17
N PRO G 152 -28.28 -47.78 58.41
CA PRO G 152 -29.36 -48.71 58.73
C PRO G 152 -30.62 -48.46 57.88
N VAL G 153 -31.23 -49.53 57.35
CA VAL G 153 -32.51 -49.44 56.57
C VAL G 153 -33.47 -50.57 57.00
N PRO G 154 -34.28 -50.32 58.05
CA PRO G 154 -35.04 -51.43 58.66
C PRO G 154 -35.92 -52.23 57.70
N TYR G 155 -36.42 -51.57 56.67
CA TYR G 155 -37.29 -52.18 55.66
C TYR G 155 -36.53 -52.83 54.50
N PHE G 156 -35.21 -52.91 54.57
CA PHE G 156 -34.45 -53.36 53.43
C PHE G 156 -34.97 -54.69 52.89
N TYR G 157 -35.29 -55.59 53.81
CA TYR G 157 -35.69 -56.92 53.42
C TYR G 157 -36.94 -56.89 52.57
N LYS G 158 -37.85 -55.95 52.79
CA LYS G 158 -39.10 -55.88 52.02
C LYS G 158 -38.91 -55.66 50.50
N LEU G 159 -37.80 -55.02 50.12
CA LEU G 159 -37.47 -54.79 48.71
C LEU G 159 -37.27 -56.09 47.93
N LEU G 160 -36.85 -57.13 48.64
CA LEU G 160 -36.20 -58.28 48.00
C LEU G 160 -37.18 -59.33 47.44
N VAL G 161 -38.49 -59.05 47.51
CA VAL G 161 -39.50 -59.81 46.76
C VAL G 161 -39.69 -59.34 45.31
N HIS G 162 -39.09 -58.21 44.94
CA HIS G 162 -39.36 -57.61 43.64
C HIS G 162 -38.50 -58.23 42.57
N PRO G 163 -39.11 -58.62 41.43
CA PRO G 163 -38.42 -59.31 40.32
C PRO G 163 -37.04 -58.77 39.88
N SER G 164 -36.84 -57.43 39.90
CA SER G 164 -35.54 -56.85 39.53
C SER G 164 -34.38 -57.25 40.46
N THR G 165 -34.70 -57.81 41.62
CA THR G 165 -33.70 -58.39 42.54
C THR G 165 -33.56 -59.92 42.45
N SER G 166 -34.26 -60.56 41.50
CA SER G 166 -34.10 -61.99 41.25
C SER G 166 -32.71 -62.28 40.65
N PRO G 167 -32.18 -63.49 40.86
CA PRO G 167 -30.95 -63.86 40.18
C PRO G 167 -31.20 -64.14 38.70
N VAL G 168 -30.18 -63.97 37.88
CA VAL G 168 -30.23 -64.26 36.44
C VAL G 168 -28.97 -65.05 36.05
N PRO G 169 -29.10 -65.95 35.04
CA PRO G 169 -28.03 -66.87 34.69
C PRO G 169 -26.94 -66.23 33.84
N LYS G 170 -25.73 -66.13 34.39
CA LYS G 170 -24.63 -65.49 33.70
C LYS G 170 -24.28 -66.10 32.34
N ALA G 171 -24.15 -67.42 32.30
CA ALA G 171 -23.69 -68.12 31.08
C ALA G 171 -24.59 -67.86 29.89
N ALA G 172 -25.88 -68.05 30.07
CA ALA G 172 -26.90 -67.76 29.03
C ALA G 172 -26.87 -66.31 28.54
N ILE G 173 -26.76 -65.36 29.47
CA ILE G 173 -26.71 -63.94 29.11
C ILE G 173 -25.47 -63.61 28.30
N GLU G 174 -24.31 -64.10 28.71
CA GLU G 174 -23.07 -63.74 28.03
C GLU G 174 -22.93 -64.46 26.66
N LYS G 175 -23.37 -65.71 26.58
CA LYS G 175 -23.33 -66.47 25.32
C LYS G 175 -24.35 -65.94 24.30
N PHE G 176 -25.55 -65.58 24.79
CA PHE G 176 -26.67 -65.26 23.91
C PHE G 176 -27.11 -63.78 23.82
N GLY G 177 -26.61 -62.89 24.69
CA GLY G 177 -27.01 -61.48 24.61
C GLY G 177 -28.53 -61.40 24.73
N GLU G 178 -29.17 -60.55 23.94
CA GLU G 178 -30.63 -60.36 24.08
C GLU G 178 -31.49 -61.61 23.77
N LYS G 179 -30.93 -62.61 23.08
CA LYS G 179 -31.69 -63.84 22.82
C LYS G 179 -31.63 -64.88 23.97
N TRP G 180 -31.15 -64.47 25.15
CA TRP G 180 -31.10 -65.43 26.28
C TRP G 180 -32.46 -65.81 26.78
N THR G 181 -33.44 -64.92 26.63
CA THR G 181 -34.81 -65.21 27.08
C THR G 181 -35.65 -66.05 26.10
N GLN G 182 -35.10 -66.36 24.92
CA GLN G 182 -35.75 -67.30 23.98
C GLN G 182 -35.91 -68.73 24.55
N PRO G 183 -37.08 -69.36 24.31
CA PRO G 183 -37.37 -70.74 24.71
C PRO G 183 -36.19 -71.73 24.68
N GLY G 184 -35.33 -71.67 23.67
CA GLY G 184 -34.19 -72.60 23.63
C GLY G 184 -33.05 -72.29 24.57
N ASN G 185 -32.90 -71.00 24.90
CA ASN G 185 -31.71 -70.49 25.58
C ASN G 185 -31.94 -70.21 27.07
N ILE G 186 -33.18 -69.87 27.43
CA ILE G 186 -33.52 -69.38 28.77
C ILE G 186 -33.27 -70.40 29.86
N VAL G 187 -32.78 -69.90 31.00
CA VAL G 187 -32.56 -70.71 32.21
C VAL G 187 -33.25 -69.97 33.36
N THR G 188 -34.13 -70.66 34.10
CA THR G 188 -34.98 -70.02 35.09
C THR G 188 -34.93 -70.73 36.44
N ASN G 189 -35.28 -70.03 37.52
CA ASN G 189 -35.38 -70.67 38.85
C ASN G 189 -36.75 -70.52 39.51
N GLY G 190 -37.76 -70.14 38.73
CA GLY G 190 -39.10 -70.01 39.26
C GLY G 190 -39.75 -71.38 39.34
N ALA G 191 -41.03 -71.37 39.71
CA ALA G 191 -41.83 -72.59 39.69
C ALA G 191 -42.17 -73.01 38.24
N TYR G 192 -41.93 -72.11 37.28
CA TYR G 192 -42.22 -72.34 35.87
C TYR G 192 -41.05 -71.95 34.95
N THR G 193 -40.99 -72.51 33.74
CA THR G 193 -40.11 -72.01 32.67
C THR G 193 -40.92 -71.63 31.45
N LEU G 194 -40.27 -70.91 30.54
CA LEU G 194 -40.88 -70.50 29.28
C LEU G 194 -41.01 -71.69 28.32
N LYS G 195 -42.22 -71.88 27.82
CA LYS G 195 -42.46 -72.81 26.70
C LYS G 195 -42.60 -72.05 25.38
N ASP G 196 -43.58 -71.15 25.32
CA ASP G 196 -43.91 -70.38 24.11
C ASP G 196 -43.97 -68.88 24.37
N TRP G 197 -43.65 -68.12 23.33
CA TRP G 197 -43.85 -66.69 23.32
C TRP G 197 -44.22 -66.30 21.90
N VAL G 198 -45.50 -66.01 21.69
CA VAL G 198 -46.01 -65.54 20.40
C VAL G 198 -46.41 -64.07 20.52
N VAL G 199 -45.64 -63.20 19.88
CA VAL G 199 -45.80 -61.76 20.07
C VAL G 199 -47.24 -61.32 19.73
N ASN G 200 -47.84 -60.55 20.63
CA ASN G 200 -49.25 -60.09 20.54
C ASN G 200 -50.35 -61.15 20.61
N GLU G 201 -50.01 -62.38 20.98
CA GLU G 201 -50.98 -63.47 21.10
C GLU G 201 -50.95 -64.16 22.47
N ARG G 202 -49.83 -64.77 22.84
CA ARG G 202 -49.73 -65.51 24.11
C ARG G 202 -48.31 -65.79 24.59
N ILE G 203 -48.17 -65.90 25.92
CA ILE G 203 -46.97 -66.42 26.59
C ILE G 203 -47.34 -67.61 27.49
N VAL G 204 -46.83 -68.80 27.14
CA VAL G 204 -47.15 -70.06 27.84
C VAL G 204 -45.97 -70.51 28.70
N LEU G 205 -46.27 -70.88 29.94
CA LEU G 205 -45.25 -71.33 30.86
C LEU G 205 -45.54 -72.73 31.34
N GLU G 206 -44.49 -73.52 31.51
CA GLU G 206 -44.65 -74.85 32.09
C GLU G 206 -43.91 -75.05 33.38
N ARG G 207 -44.60 -75.75 34.28
CA ARG G 207 -44.07 -76.16 35.59
C ARG G 207 -42.67 -76.80 35.49
N SER G 208 -41.75 -76.37 36.36
CA SER G 208 -40.38 -76.90 36.38
C SER G 208 -40.24 -77.93 37.47
N PRO G 209 -39.94 -79.18 37.10
CA PRO G 209 -39.64 -80.17 38.14
C PRO G 209 -38.30 -79.93 38.86
N THR G 210 -37.47 -79.01 38.36
CA THR G 210 -36.19 -78.65 39.01
C THR G 210 -36.35 -77.66 40.21
N TYR G 211 -37.51 -77.00 40.32
CA TYR G 211 -37.74 -75.97 41.35
C TYR G 211 -37.89 -76.61 42.73
N TRP G 212 -37.15 -76.08 43.71
CA TRP G 212 -37.04 -76.75 45.03
C TRP G 212 -38.36 -77.10 45.66
N ASN G 213 -39.37 -76.26 45.47
CA ASN G 213 -40.68 -76.48 46.05
C ASN G 213 -41.72 -77.01 45.06
N ASN G 214 -41.26 -77.63 43.97
CA ASN G 214 -42.16 -78.25 42.96
C ASN G 214 -43.21 -79.16 43.57
N ALA G 215 -42.86 -79.84 44.66
CA ALA G 215 -43.78 -80.74 45.35
C ALA G 215 -45.08 -80.03 45.76
N LYS G 216 -45.02 -78.70 45.96
CA LYS G 216 -46.22 -77.95 46.35
C LYS G 216 -47.00 -77.30 45.19
N THR G 217 -46.42 -77.26 43.99
CA THR G 217 -47.11 -76.67 42.84
C THR G 217 -48.23 -77.60 42.35
N VAL G 218 -49.34 -77.02 41.88
CA VAL G 218 -50.49 -77.79 41.39
C VAL G 218 -50.81 -77.49 39.92
N ILE G 219 -50.66 -76.24 39.49
CA ILE G 219 -50.84 -75.87 38.08
C ILE G 219 -49.67 -76.36 37.19
N ASN G 220 -50.01 -77.11 36.13
CA ASN G 220 -49.03 -77.66 35.16
C ASN G 220 -48.64 -76.67 34.03
N GLN G 221 -49.60 -75.84 33.63
CA GLN G 221 -49.42 -74.86 32.54
C GLN G 221 -50.24 -73.61 32.82
N VAL G 222 -49.64 -72.45 32.52
CA VAL G 222 -50.32 -71.18 32.64
C VAL G 222 -50.05 -70.33 31.41
N THR G 223 -51.13 -69.75 30.88
CA THR G 223 -51.05 -68.88 29.71
C THR G 223 -51.36 -67.42 30.10
N TYR G 224 -50.52 -66.49 29.68
CA TYR G 224 -50.76 -65.05 29.83
C TYR G 224 -51.14 -64.44 28.47
N LEU G 225 -52.29 -63.77 28.42
CA LEU G 225 -52.74 -63.07 27.21
C LEU G 225 -52.40 -61.56 27.31
N PRO G 226 -52.24 -60.84 26.16
CA PRO G 226 -51.86 -59.43 26.18
C PRO G 226 -52.98 -58.48 25.71
N ILE G 227 -54.20 -58.69 26.21
CA ILE G 227 -55.39 -57.96 25.74
C ILE G 227 -55.54 -56.63 26.48
N ALA G 228 -55.21 -55.53 25.80
CA ALA G 228 -55.34 -54.21 26.41
C ALA G 228 -56.79 -53.69 26.47
N SER G 229 -57.72 -54.30 25.73
CA SER G 229 -59.13 -53.91 25.81
C SER G 229 -59.87 -54.63 26.94
N GLU G 230 -60.35 -53.90 27.95
CA GLU G 230 -61.05 -54.54 29.09
C GLU G 230 -62.42 -55.06 28.66
N VAL G 231 -63.02 -54.45 27.63
CA VAL G 231 -64.27 -54.95 27.08
C VAL G 231 -64.12 -56.38 26.57
N THR G 232 -63.05 -56.65 25.81
CA THR G 232 -62.86 -57.96 25.18
C THR G 232 -62.30 -58.97 26.18
N ASP G 233 -61.49 -58.50 27.11
CA ASP G 233 -61.05 -59.31 28.26
C ASP G 233 -62.27 -59.99 28.91
N VAL G 234 -63.27 -59.17 29.26
CA VAL G 234 -64.52 -59.63 29.85
C VAL G 234 -65.32 -60.52 28.90
N ASN G 235 -65.30 -60.21 27.60
CA ASN G 235 -65.98 -61.05 26.60
C ASN G 235 -65.39 -62.47 26.54
N ARG G 236 -64.06 -62.58 26.46
CA ARG G 236 -63.39 -63.89 26.38
C ARG G 236 -63.38 -64.62 27.73
N TYR G 237 -63.51 -63.89 28.83
CA TYR G 237 -63.80 -64.51 30.13
C TYR G 237 -65.18 -65.17 30.06
N ARG G 238 -66.19 -64.41 29.66
CA ARG G 238 -67.58 -64.88 29.72
C ARG G 238 -67.92 -65.94 28.69
N SER G 239 -67.19 -65.98 27.57
CA SER G 239 -67.37 -67.03 26.57
C SER G 239 -66.56 -68.29 26.91
N GLY G 240 -65.67 -68.21 27.89
CA GLY G 240 -65.01 -69.42 28.42
C GLY G 240 -63.54 -69.64 28.12
N GLU G 241 -62.87 -68.68 27.46
CA GLU G 241 -61.43 -68.82 27.20
C GLU G 241 -60.55 -68.41 28.38
N ILE G 242 -60.91 -67.31 29.05
CA ILE G 242 -60.11 -66.74 30.15
C ILE G 242 -60.60 -67.13 31.55
N ASP G 243 -59.69 -67.63 32.39
CA ASP G 243 -60.01 -67.99 33.78
C ASP G 243 -59.98 -66.78 34.74
N MET G 244 -58.94 -65.95 34.64
CA MET G 244 -58.81 -64.73 35.44
C MET G 244 -58.59 -63.52 34.52
N THR G 245 -59.50 -62.54 34.59
CA THR G 245 -59.31 -61.28 33.86
C THR G 245 -58.15 -60.50 34.44
N ASN G 246 -57.63 -59.55 33.66
CA ASN G 246 -56.71 -58.58 34.20
C ASN G 246 -57.49 -57.73 35.18
N ASN G 247 -56.79 -57.07 36.10
CA ASN G 247 -57.49 -56.28 37.11
C ASN G 247 -57.70 -54.83 36.72
N SER G 248 -58.27 -54.63 35.51
CA SER G 248 -58.97 -53.39 35.21
C SER G 248 -60.26 -53.70 34.49
N MET G 249 -61.29 -52.94 34.82
CA MET G 249 -62.64 -53.23 34.35
C MET G 249 -63.11 -52.19 33.34
N PRO G 250 -63.96 -52.61 32.39
CA PRO G 250 -64.64 -51.62 31.58
C PRO G 250 -65.71 -50.93 32.42
N ILE G 251 -65.69 -49.60 32.39
CA ILE G 251 -66.57 -48.79 33.24
C ILE G 251 -68.05 -49.18 33.09
N GLU G 252 -68.51 -49.40 31.86
CA GLU G 252 -69.94 -49.65 31.60
C GLU G 252 -70.41 -51.10 31.78
N LEU G 253 -69.51 -52.02 32.11
CA LEU G 253 -69.90 -53.42 32.34
C LEU G 253 -69.96 -53.82 33.82
N PHE G 254 -69.10 -53.24 34.67
CA PHE G 254 -68.94 -53.70 36.06
C PHE G 254 -70.27 -53.89 36.81
N GLN G 255 -71.16 -52.91 36.70
CA GLN G 255 -72.46 -53.01 37.35
C GLN G 255 -73.27 -54.19 36.81
N LYS G 256 -73.20 -54.40 35.49
CA LYS G 256 -73.85 -55.55 34.84
C LYS G 256 -73.22 -56.86 35.31
N LEU G 257 -71.89 -56.86 35.41
CA LEU G 257 -71.14 -58.03 35.91
C LEU G 257 -71.50 -58.38 37.35
N LYS G 258 -71.51 -57.38 38.24
CA LYS G 258 -71.81 -57.63 39.65
C LYS G 258 -73.26 -58.09 39.86
N LYS G 259 -74.21 -57.60 39.07
CA LYS G 259 -75.58 -58.09 39.16
C LYS G 259 -75.65 -59.56 38.76
N GLU G 260 -75.05 -59.89 37.62
CA GLU G 260 -75.20 -61.21 37.01
C GLU G 260 -74.38 -62.29 37.71
N ILE G 261 -73.07 -62.06 37.80
CA ILE G 261 -72.20 -62.99 38.49
C ILE G 261 -71.48 -62.29 39.65
N PRO G 262 -72.18 -62.11 40.79
CA PRO G 262 -71.56 -61.43 41.92
C PRO G 262 -70.43 -62.23 42.56
N ASP G 263 -70.55 -63.55 42.55
CA ASP G 263 -69.57 -64.42 43.23
C ASP G 263 -68.21 -64.50 42.54
N GLU G 264 -68.16 -64.24 41.23
CA GLU G 264 -66.89 -64.26 40.49
C GLU G 264 -66.17 -62.90 40.51
N VAL G 265 -66.89 -61.82 40.84
CA VAL G 265 -66.29 -60.48 40.93
C VAL G 265 -65.54 -60.33 42.25
N HIS G 266 -64.25 -60.03 42.16
CA HIS G 266 -63.41 -59.75 43.33
C HIS G 266 -62.94 -58.33 43.33
N VAL G 267 -63.15 -57.64 44.46
CA VAL G 267 -62.68 -56.26 44.65
C VAL G 267 -61.94 -56.22 46.00
N ASP G 268 -60.69 -55.79 45.95
CA ASP G 268 -59.83 -55.78 47.12
C ASP G 268 -58.99 -54.48 47.15
N PRO G 269 -58.43 -54.14 48.32
CA PRO G 269 -57.50 -53.01 48.39
C PRO G 269 -56.26 -53.19 47.47
N TYR G 270 -55.73 -52.09 46.95
CA TYR G 270 -54.61 -52.13 45.99
C TYR G 270 -53.81 -50.82 46.12
N LEU G 271 -52.51 -50.94 46.38
CA LEU G 271 -51.66 -49.77 46.69
C LEU G 271 -51.09 -49.16 45.42
N CYS G 272 -51.97 -48.49 44.67
CA CYS G 272 -51.65 -47.85 43.41
C CYS G 272 -52.47 -46.59 43.26
N THR G 273 -51.88 -45.64 42.55
CA THR G 273 -52.49 -44.36 42.37
C THR G 273 -52.58 -44.10 40.86
N TYR G 274 -53.79 -43.74 40.42
CA TYR G 274 -54.02 -43.30 39.05
C TYR G 274 -53.81 -41.79 39.01
N TYR G 275 -52.94 -41.31 38.10
CA TYR G 275 -52.71 -39.87 37.97
C TYR G 275 -52.39 -39.45 36.55
N TYR G 276 -52.34 -38.13 36.35
CA TYR G 276 -51.87 -37.58 35.08
C TYR G 276 -50.50 -37.01 35.38
N GLU G 277 -49.53 -37.60 34.72
CA GLU G 277 -48.14 -37.25 34.92
C GLU G 277 -47.81 -36.05 34.07
N ILE G 278 -47.36 -34.97 34.70
CA ILE G 278 -46.89 -33.79 34.00
C ILE G 278 -45.40 -33.99 33.69
N ASN G 279 -44.96 -33.75 32.45
CA ASN G 279 -43.52 -33.73 32.12
C ASN G 279 -42.96 -32.39 32.59
N ASN G 280 -42.27 -32.42 33.72
CA ASN G 280 -41.87 -31.20 34.41
C ASN G 280 -40.78 -30.38 33.68
N GLN G 281 -40.10 -31.00 32.71
CA GLN G 281 -39.03 -30.37 31.94
C GLN G 281 -39.50 -29.91 30.55
N LYS G 282 -40.80 -29.97 30.27
CA LYS G 282 -41.36 -29.65 28.95
C LYS G 282 -42.17 -28.36 29.00
N PRO G 283 -41.70 -27.32 28.30
CA PRO G 283 -42.43 -26.09 28.40
C PRO G 283 -43.82 -26.25 27.79
N PRO G 284 -44.83 -25.61 28.39
CA PRO G 284 -44.78 -24.70 29.52
C PRO G 284 -44.93 -25.35 30.92
N PHE G 285 -44.72 -26.67 31.04
CA PHE G 285 -44.92 -27.40 32.32
C PHE G 285 -43.74 -27.34 33.27
N ASN G 286 -42.68 -26.67 32.83
CA ASN G 286 -41.65 -26.20 33.73
C ASN G 286 -42.14 -25.00 34.57
N ASP G 287 -43.36 -24.52 34.31
CA ASP G 287 -43.90 -23.44 35.13
C ASP G 287 -44.86 -23.99 36.19
N VAL G 288 -44.57 -23.70 37.47
CA VAL G 288 -45.31 -24.29 38.59
C VAL G 288 -46.76 -23.81 38.62
N ARG G 289 -47.00 -22.58 38.14
CA ARG G 289 -48.38 -22.07 38.10
C ARG G 289 -49.22 -22.87 37.11
N VAL G 290 -48.61 -23.25 35.99
CA VAL G 290 -49.30 -24.02 34.93
C VAL G 290 -49.62 -25.44 35.42
N ARG G 291 -48.63 -26.12 36.01
CA ARG G 291 -48.88 -27.44 36.61
C ARG G 291 -50.01 -27.40 37.63
N THR G 292 -49.98 -26.39 38.51
CA THR G 292 -50.98 -26.23 39.57
C THR G 292 -52.37 -25.97 38.97
N ALA G 293 -52.43 -25.25 37.83
CA ALA G 293 -53.74 -25.05 37.12
C ALA G 293 -54.31 -26.37 36.64
N LEU G 294 -53.46 -27.23 36.06
CA LEU G 294 -53.93 -28.55 35.60
C LEU G 294 -54.39 -29.39 36.79
N LYS G 295 -53.57 -29.40 37.84
CA LYS G 295 -53.92 -30.08 39.08
C LYS G 295 -55.30 -29.63 39.55
N LEU G 296 -55.44 -28.32 39.75
CA LEU G 296 -56.64 -27.75 40.35
C LEU G 296 -57.83 -27.90 39.41
N GLY G 297 -57.58 -27.82 38.11
CA GLY G 297 -58.62 -27.79 37.09
C GLY G 297 -59.38 -29.10 36.87
N MET G 298 -58.70 -30.21 37.13
CA MET G 298 -59.29 -31.53 36.98
C MET G 298 -60.35 -31.71 38.06
N ASP G 299 -61.45 -32.36 37.69
CA ASP G 299 -62.57 -32.60 38.62
C ASP G 299 -62.65 -34.09 38.94
N ARG G 300 -62.18 -34.45 40.14
CA ARG G 300 -61.99 -35.84 40.53
C ARG G 300 -63.28 -36.57 40.87
N ASP G 301 -64.18 -35.90 41.56
CA ASP G 301 -65.51 -36.44 41.83
C ASP G 301 -66.20 -36.90 40.54
N ILE G 302 -66.01 -36.14 39.45
CA ILE G 302 -66.64 -36.47 38.17
C ILE G 302 -66.08 -37.77 37.58
N ILE G 303 -64.75 -37.88 37.58
CA ILE G 303 -64.09 -39.10 37.06
C ILE G 303 -64.35 -40.31 37.96
N VAL G 304 -64.31 -40.12 39.27
CA VAL G 304 -64.54 -41.23 40.21
C VAL G 304 -65.98 -41.73 40.12
N ASN G 305 -66.93 -40.83 39.85
CA ASN G 305 -68.31 -41.25 39.61
C ASN G 305 -68.46 -42.17 38.42
N LYS G 306 -67.49 -42.15 37.52
CA LYS G 306 -67.52 -43.10 36.41
C LYS G 306 -67.15 -44.51 36.91
N VAL G 307 -66.29 -44.57 37.92
CA VAL G 307 -65.87 -45.85 38.48
C VAL G 307 -66.44 -46.12 39.90
N LYS G 308 -67.47 -45.38 40.29
CA LYS G 308 -68.03 -45.46 41.67
C LYS G 308 -68.34 -46.86 42.16
N ALA G 309 -69.03 -47.63 41.31
CA ALA G 309 -69.40 -48.99 41.64
C ALA G 309 -68.21 -49.85 42.14
N GLN G 310 -67.01 -49.57 41.64
CA GLN G 310 -65.80 -50.26 42.08
C GLN G 310 -65.29 -49.75 43.44
N GLY G 311 -65.62 -48.50 43.77
CA GLY G 311 -65.38 -47.95 45.11
C GLY G 311 -64.08 -47.17 45.27
N ASN G 312 -63.50 -46.68 44.17
CA ASN G 312 -62.24 -45.91 44.20
C ASN G 312 -62.42 -44.60 44.95
N MET G 313 -61.41 -44.17 45.69
CA MET G 313 -61.49 -42.89 46.36
C MET G 313 -60.76 -41.82 45.55
N PRO G 314 -61.26 -40.56 45.60
CA PRO G 314 -60.57 -39.46 44.91
C PRO G 314 -59.19 -39.24 45.52
N ALA G 315 -58.18 -38.95 44.68
CA ALA G 315 -56.80 -38.83 45.13
C ALA G 315 -56.37 -37.38 45.26
N TYR G 316 -55.71 -37.09 46.37
CA TYR G 316 -55.19 -35.76 46.69
C TYR G 316 -53.65 -35.76 46.70
N GLY G 317 -53.05 -36.86 46.28
CA GLY G 317 -51.58 -37.00 46.36
C GLY G 317 -51.14 -38.26 45.65
N TYR G 318 -49.84 -38.60 45.81
CA TYR G 318 -49.20 -39.71 45.14
C TYR G 318 -49.22 -41.00 45.99
N THR G 319 -48.47 -41.02 47.11
CA THR G 319 -48.49 -42.18 48.03
C THR G 319 -49.92 -42.44 48.49
N PRO G 320 -50.38 -43.70 48.34
CA PRO G 320 -51.70 -44.09 48.82
C PRO G 320 -51.84 -43.91 50.32
N PRO G 321 -52.95 -43.29 50.79
CA PRO G 321 -53.12 -42.99 52.22
C PRO G 321 -53.06 -44.21 53.14
N TYR G 322 -53.24 -45.41 52.58
CA TYR G 322 -53.33 -46.65 53.38
C TYR G 322 -52.01 -47.45 53.31
N THR G 323 -50.99 -46.86 52.67
CA THR G 323 -49.70 -47.49 52.62
C THR G 323 -49.23 -47.66 54.08
N ASP G 324 -48.62 -48.79 54.38
CA ASP G 324 -48.04 -49.04 55.69
C ASP G 324 -47.01 -47.94 55.99
N GLY G 325 -47.16 -47.26 57.13
CA GLY G 325 -46.25 -46.16 57.51
C GLY G 325 -46.64 -44.76 57.06
N ALA G 326 -47.77 -44.62 56.37
CA ALA G 326 -48.22 -43.33 55.89
C ALA G 326 -49.31 -42.81 56.78
N LYS G 327 -49.16 -41.57 57.23
CA LYS G 327 -50.23 -40.84 57.93
C LYS G 327 -50.42 -39.48 57.26
N LEU G 328 -51.10 -39.47 56.11
CA LEU G 328 -51.09 -38.30 55.23
C LEU G 328 -52.13 -37.23 55.56
N THR G 329 -51.80 -36.01 55.17
CA THR G 329 -52.69 -34.85 55.32
C THR G 329 -53.27 -34.50 53.95
N GLN G 330 -54.50 -34.00 53.92
CA GLN G 330 -55.09 -33.53 52.67
C GLN G 330 -54.78 -32.04 52.50
N PRO G 331 -54.24 -31.63 51.34
CA PRO G 331 -53.95 -30.21 51.15
C PRO G 331 -55.23 -29.35 51.13
N GLU G 332 -55.08 -28.05 51.38
CA GLU G 332 -56.23 -27.14 51.55
C GLU G 332 -57.10 -27.06 50.28
N TRP G 333 -56.48 -27.20 49.11
CA TRP G 333 -57.22 -27.05 47.86
C TRP G 333 -58.20 -28.17 47.65
N PHE G 334 -57.89 -29.35 48.18
CA PHE G 334 -58.72 -30.53 47.95
C PHE G 334 -60.10 -30.37 48.60
N GLY G 335 -60.19 -29.49 49.61
CA GLY G 335 -61.46 -29.17 50.27
C GLY G 335 -62.28 -28.05 49.67
N TRP G 336 -61.72 -27.29 48.72
CA TRP G 336 -62.47 -26.19 48.10
C TRP G 336 -63.67 -26.71 47.34
N SER G 337 -64.48 -25.80 46.82
CA SER G 337 -65.44 -26.15 45.78
C SER G 337 -64.68 -26.23 44.45
N GLN G 338 -65.25 -26.98 43.50
CA GLN G 338 -64.60 -27.12 42.19
C GLN G 338 -64.57 -25.81 41.41
N GLU G 339 -65.59 -24.97 41.55
CA GLU G 339 -65.55 -23.65 40.89
C GLU G 339 -64.47 -22.73 41.44
N LYS G 340 -64.31 -22.72 42.77
CA LYS G 340 -63.24 -21.97 43.41
C LYS G 340 -61.89 -22.50 42.91
N ARG G 341 -61.82 -23.82 42.70
CA ARG G 341 -60.60 -24.43 42.15
C ARG G 341 -60.34 -23.92 40.73
N ASN G 342 -61.41 -23.80 39.94
CA ASN G 342 -61.28 -23.40 38.52
C ASN G 342 -60.84 -21.95 38.39
N GLU G 343 -61.54 -21.05 39.08
CA GLU G 343 -61.14 -19.64 39.15
C GLU G 343 -59.66 -19.54 39.55
N GLU G 344 -59.24 -20.31 40.55
CA GLU G 344 -57.85 -20.23 40.99
C GLU G 344 -56.91 -20.69 39.88
N ALA G 345 -57.30 -21.73 39.14
CA ALA G 345 -56.54 -22.24 38.00
C ALA G 345 -56.41 -21.24 36.84
N LYS G 346 -57.51 -20.60 36.47
CA LYS G 346 -57.47 -19.57 35.44
C LYS G 346 -56.59 -18.38 35.84
N LYS G 347 -56.66 -17.99 37.12
CA LYS G 347 -55.80 -16.94 37.67
C LYS G 347 -54.32 -17.27 37.40
N LEU G 348 -53.94 -18.49 37.76
CA LEU G 348 -52.54 -18.97 37.63
C LEU G 348 -52.08 -19.06 36.17
N LEU G 349 -52.87 -19.66 35.29
CA LEU G 349 -52.53 -19.68 33.85
C LEU G 349 -52.28 -18.26 33.30
N ALA G 350 -53.14 -17.32 33.69
CA ALA G 350 -53.08 -15.94 33.16
C ALA G 350 -51.81 -15.23 33.62
N GLU G 351 -51.47 -15.39 34.88
CA GLU G 351 -50.19 -14.90 35.43
C GLU G 351 -49.00 -15.34 34.58
N ALA G 352 -49.08 -16.58 34.09
CA ALA G 352 -48.02 -17.21 33.30
C ALA G 352 -48.10 -16.85 31.81
N GLY G 353 -49.18 -16.17 31.43
CA GLY G 353 -49.39 -15.67 30.07
C GLY G 353 -50.37 -16.45 29.21
N TYR G 354 -51.08 -17.42 29.80
CA TYR G 354 -52.05 -18.23 29.03
C TYR G 354 -53.48 -17.81 29.39
N THR G 355 -54.17 -17.19 28.43
CA THR G 355 -55.47 -16.55 28.70
C THR G 355 -56.55 -16.97 27.70
N ALA G 356 -57.74 -16.39 27.87
CA ALA G 356 -58.88 -16.65 26.99
C ALA G 356 -58.51 -16.49 25.52
N ASP G 357 -57.94 -15.34 25.16
CA ASP G 357 -57.64 -15.02 23.76
C ASP G 357 -56.26 -15.52 23.30
N LYS G 358 -55.47 -16.05 24.23
CA LYS G 358 -54.16 -16.62 23.90
C LYS G 358 -54.02 -17.94 24.65
N PRO G 359 -54.88 -18.91 24.28
CA PRO G 359 -55.07 -20.11 25.07
C PRO G 359 -53.92 -21.10 24.95
N LEU G 360 -53.94 -22.08 25.85
CA LEU G 360 -52.92 -23.10 25.95
C LEU G 360 -53.42 -24.41 25.33
N THR G 361 -52.63 -25.00 24.44
CA THR G 361 -52.96 -26.28 23.81
C THR G 361 -51.97 -27.40 24.17
N ILE G 362 -52.49 -28.54 24.62
CA ILE G 362 -51.74 -29.67 25.18
C ILE G 362 -51.98 -31.01 24.48
N ASN G 363 -50.99 -31.91 24.52
CA ASN G 363 -51.20 -33.31 24.17
C ASN G 363 -51.27 -34.24 25.39
N LEU G 364 -52.38 -34.98 25.49
CA LEU G 364 -52.52 -36.01 26.53
C LEU G 364 -52.16 -37.38 25.94
N LEU G 365 -51.06 -37.96 26.41
CA LEU G 365 -50.67 -39.31 26.00
C LEU G 365 -51.31 -40.36 26.94
N TYR G 366 -51.80 -41.47 26.36
CA TYR G 366 -52.25 -42.64 27.12
C TYR G 366 -51.97 -43.95 26.40
N ASN G 367 -51.97 -45.05 27.17
CA ASN G 367 -51.75 -46.38 26.60
C ASN G 367 -53.07 -47.05 26.27
N THR G 368 -53.09 -47.79 25.17
CA THR G 368 -54.33 -48.36 24.63
C THR G 368 -55.11 -49.16 25.67
N SER G 369 -56.36 -48.75 25.85
CA SER G 369 -57.23 -49.27 26.90
C SER G 369 -58.58 -48.59 26.73
N ASP G 370 -59.65 -49.33 26.90
CA ASP G 370 -61.00 -48.74 26.88
C ASP G 370 -61.15 -47.79 28.06
N LEU G 371 -60.55 -48.17 29.19
CA LEU G 371 -60.66 -47.41 30.44
C LEU G 371 -59.91 -46.07 30.30
N HIS G 372 -58.65 -46.11 29.90
CA HIS G 372 -57.84 -44.90 29.81
C HIS G 372 -58.36 -43.94 28.78
N LYS G 373 -59.06 -44.45 27.76
CA LYS G 373 -59.59 -43.61 26.69
C LYS G 373 -60.86 -42.88 27.13
N LYS G 374 -61.79 -43.61 27.74
CA LYS G 374 -62.99 -42.99 28.28
C LYS G 374 -62.59 -41.90 29.28
N LEU G 375 -61.64 -42.22 30.16
CA LEU G 375 -61.19 -41.26 31.15
C LEU G 375 -60.40 -40.09 30.53
N ALA G 376 -59.70 -40.32 29.41
CA ALA G 376 -58.90 -39.24 28.78
C ALA G 376 -59.77 -38.25 28.00
N ILE G 377 -60.87 -38.74 27.43
CA ILE G 377 -61.86 -37.89 26.76
C ILE G 377 -62.58 -37.02 27.79
N ALA G 378 -62.83 -37.60 28.96
CA ALA G 378 -63.43 -36.87 30.06
C ALA G 378 -62.44 -35.82 30.58
N ALA G 379 -61.19 -36.22 30.76
CA ALA G 379 -60.18 -35.29 31.26
C ALA G 379 -60.09 -34.06 30.35
N SER G 380 -60.07 -34.33 29.05
CA SER G 380 -59.98 -33.30 28.03
C SER G 380 -61.20 -32.39 28.05
N SER G 381 -62.37 -32.97 28.30
CA SER G 381 -63.62 -32.20 28.37
C SER G 381 -63.60 -31.25 29.56
N LEU G 382 -63.19 -31.78 30.72
CA LEU G 382 -63.14 -31.02 31.99
C LEU G 382 -62.14 -29.85 31.94
N TRP G 383 -60.92 -30.13 31.49
CA TRP G 383 -59.90 -29.09 31.39
C TRP G 383 -60.32 -27.97 30.46
N LYS G 384 -60.86 -28.35 29.30
CA LYS G 384 -61.41 -27.39 28.36
C LYS G 384 -62.50 -26.52 29.01
N LYS G 385 -63.55 -27.13 29.58
CA LYS G 385 -64.67 -26.38 30.18
C LYS G 385 -64.29 -25.60 31.44
N ASN G 386 -63.48 -26.21 32.31
CA ASN G 386 -63.11 -25.64 33.61
C ASN G 386 -62.07 -24.51 33.56
N ILE G 387 -60.93 -24.77 32.92
CA ILE G 387 -59.80 -23.84 32.89
C ILE G 387 -59.37 -23.35 31.48
N GLY G 388 -60.14 -23.73 30.45
CA GLY G 388 -59.91 -23.25 29.08
C GLY G 388 -58.63 -23.77 28.42
N VAL G 389 -58.19 -24.96 28.79
CA VAL G 389 -56.99 -25.56 28.20
C VAL G 389 -57.43 -26.58 27.13
N ASN G 390 -56.90 -26.41 25.92
CA ASN G 390 -57.18 -27.32 24.82
C ASN G 390 -56.31 -28.56 24.91
N VAL G 391 -56.94 -29.74 24.92
CA VAL G 391 -56.23 -31.01 25.04
C VAL G 391 -56.45 -31.90 23.81
N LYS G 392 -55.37 -32.47 23.27
CA LYS G 392 -55.49 -33.41 22.16
C LYS G 392 -55.00 -34.79 22.58
N LEU G 393 -55.75 -35.83 22.25
CA LEU G 393 -55.37 -37.19 22.66
C LEU G 393 -54.38 -37.83 21.69
N VAL G 394 -53.44 -38.58 22.26
CA VAL G 394 -52.48 -39.38 21.50
C VAL G 394 -52.39 -40.74 22.20
N ASN G 395 -52.49 -41.83 21.45
CA ASN G 395 -52.33 -43.17 22.03
C ASN G 395 -51.24 -44.04 21.40
N GLN G 396 -50.51 -44.77 22.24
CA GLN G 396 -49.42 -45.64 21.81
C GLN G 396 -49.53 -46.97 22.55
N GLU G 397 -48.97 -48.01 21.96
CA GLU G 397 -48.89 -49.31 22.62
C GLU G 397 -48.10 -49.19 23.91
N TRP G 398 -48.36 -50.12 24.82
CA TRP G 398 -47.76 -50.13 26.15
C TRP G 398 -46.27 -49.91 26.16
N LYS G 399 -45.53 -50.76 25.44
CA LYS G 399 -44.06 -50.73 25.47
C LYS G 399 -43.51 -49.41 24.86
N THR G 400 -44.16 -48.90 23.82
CA THR G 400 -43.79 -47.58 23.25
C THR G 400 -44.12 -46.42 24.21
N PHE G 401 -45.33 -46.47 24.78
CA PHE G 401 -45.80 -45.53 25.82
C PHE G 401 -44.79 -45.39 26.96
N LEU G 402 -44.28 -46.51 27.44
CA LEU G 402 -43.24 -46.47 28.47
C LEU G 402 -41.99 -45.75 27.96
N ASP G 403 -41.54 -46.06 26.73
CA ASP G 403 -40.35 -45.41 26.18
C ASP G 403 -40.49 -43.90 25.99
N THR G 404 -41.63 -43.47 25.45
CA THR G 404 -41.94 -42.04 25.31
C THR G 404 -41.75 -41.24 26.62
N ARG G 405 -42.29 -41.78 27.72
CA ARG G 405 -42.20 -41.10 29.01
C ARG G 405 -40.75 -40.96 29.47
N HIS G 406 -39.97 -42.03 29.38
CA HIS G 406 -38.52 -41.92 29.62
C HIS G 406 -37.82 -40.93 28.75
N GLN G 407 -38.16 -40.87 27.46
CA GLN G 407 -37.48 -39.96 26.54
C GLN G 407 -38.01 -38.54 26.67
N GLY G 408 -39.16 -38.37 27.31
CA GLY G 408 -39.69 -37.05 27.59
C GLY G 408 -40.34 -36.38 26.41
N THR G 409 -40.79 -37.19 25.44
CA THR G 409 -41.42 -36.69 24.25
C THR G 409 -42.94 -36.68 24.48
N PHE G 410 -43.36 -35.95 25.51
CA PHE G 410 -44.79 -35.83 25.86
C PHE G 410 -45.03 -34.59 26.70
N ASP G 411 -46.28 -34.15 26.75
CA ASP G 411 -46.67 -33.04 27.60
C ASP G 411 -47.22 -33.57 28.95
N VAL G 412 -48.36 -34.25 28.87
CA VAL G 412 -49.04 -34.81 30.03
C VAL G 412 -49.45 -36.22 29.63
N ALA G 413 -49.48 -37.13 30.61
CA ALA G 413 -49.67 -38.54 30.32
C ALA G 413 -50.46 -39.25 31.42
N ARG G 414 -51.44 -40.03 31.00
CA ARG G 414 -52.10 -40.97 31.85
C ARG G 414 -51.01 -41.86 32.42
N ALA G 415 -51.09 -42.10 33.74
CA ALA G 415 -50.06 -42.87 34.46
C ALA G 415 -50.67 -43.57 35.67
N GLY G 416 -49.99 -44.62 36.13
CA GLY G 416 -50.36 -45.30 37.35
C GLY G 416 -49.11 -45.92 37.91
N TRP G 417 -48.91 -45.81 39.22
CA TRP G 417 -47.77 -46.46 39.90
C TRP G 417 -48.28 -47.33 40.99
N CYS G 418 -47.73 -48.55 41.06
CA CYS G 418 -48.06 -49.53 42.09
C CYS G 418 -46.81 -49.78 42.93
N ALA G 419 -47.01 -49.78 44.25
CA ALA G 419 -45.89 -50.02 45.18
C ALA G 419 -45.20 -51.34 44.85
N ASP G 420 -43.89 -51.40 45.04
CA ASP G 420 -43.14 -52.67 44.93
C ASP G 420 -42.87 -53.31 46.31
N TYR G 421 -42.95 -52.50 47.36
CA TYR G 421 -42.88 -52.99 48.72
C TYR G 421 -43.74 -52.07 49.57
N ASN G 422 -44.36 -52.57 50.64
CA ASN G 422 -45.39 -51.77 51.35
C ASN G 422 -44.79 -50.77 52.35
N GLU G 423 -44.24 -49.67 51.80
CA GLU G 423 -43.58 -48.66 52.62
C GLU G 423 -43.51 -47.37 51.76
N PRO G 424 -43.67 -46.18 52.37
CA PRO G 424 -43.94 -45.04 51.47
C PRO G 424 -42.80 -44.67 50.49
N THR G 425 -41.58 -45.10 50.76
CA THR G 425 -40.48 -44.76 49.85
C THR G 425 -40.58 -45.49 48.54
N SER G 426 -41.28 -46.59 48.50
CA SER G 426 -41.49 -47.27 47.22
C SER G 426 -42.20 -46.34 46.18
N PHE G 427 -43.01 -45.39 46.69
CA PHE G 427 -43.59 -44.31 45.89
C PHE G 427 -42.70 -43.05 45.87
N LEU G 428 -42.38 -42.53 47.04
CA LEU G 428 -41.61 -41.26 47.15
C LEU G 428 -40.23 -41.27 46.47
N ASN G 429 -39.54 -42.41 46.45
CA ASN G 429 -38.20 -42.46 45.87
C ASN G 429 -38.21 -42.34 44.34
N THR G 430 -39.41 -42.49 43.74
CA THR G 430 -39.55 -42.40 42.31
C THR G 430 -39.47 -40.94 41.88
N MET G 431 -39.65 -40.03 42.84
CA MET G 431 -39.58 -38.60 42.56
C MET G 431 -38.25 -37.93 42.90
N LEU G 432 -37.26 -38.73 43.28
CA LEU G 432 -35.93 -38.21 43.51
C LEU G 432 -35.29 -37.77 42.20
N SER G 433 -34.49 -36.70 42.28
CA SER G 433 -33.81 -36.15 41.11
C SER G 433 -33.09 -37.20 40.32
N ASN G 434 -32.40 -38.09 41.03
CA ASN G 434 -31.51 -39.10 40.43
C ASN G 434 -32.15 -40.46 40.07
N SER G 435 -33.47 -40.57 40.16
CA SER G 435 -34.10 -41.92 40.07
C SER G 435 -34.35 -42.34 38.61
N SER G 436 -33.94 -43.57 38.28
CA SER G 436 -34.30 -44.21 36.99
C SER G 436 -35.82 -44.25 36.69
N MET G 437 -36.64 -44.21 37.74
CA MET G 437 -38.10 -44.28 37.57
C MET G 437 -38.81 -42.91 37.41
N ASN G 438 -38.05 -41.80 37.47
CA ASN G 438 -38.62 -40.45 37.42
C ASN G 438 -38.97 -40.02 35.97
N THR G 439 -40.17 -40.42 35.55
CA THR G 439 -40.69 -40.10 34.25
C THR G 439 -41.52 -38.80 34.31
N ALA G 440 -41.78 -38.31 35.52
CA ALA G 440 -42.16 -36.94 35.76
C ALA G 440 -41.09 -35.92 35.37
N HIS G 441 -39.83 -36.31 35.34
CA HIS G 441 -38.72 -35.39 35.17
C HIS G 441 -38.76 -34.29 36.21
N TYR G 442 -39.05 -34.69 37.45
CA TYR G 442 -39.22 -33.80 38.60
C TYR G 442 -37.95 -33.80 39.39
N LYS G 443 -37.38 -32.60 39.51
CA LYS G 443 -36.15 -32.40 40.23
C LYS G 443 -36.27 -31.23 41.22
N SER G 444 -36.39 -31.55 42.51
CA SER G 444 -36.45 -30.57 43.60
C SER G 444 -35.39 -30.96 44.64
N PRO G 445 -34.37 -30.12 44.84
CA PRO G 445 -33.37 -30.32 45.88
C PRO G 445 -34.00 -30.39 47.29
N ALA G 446 -35.07 -29.61 47.49
CA ALA G 446 -35.85 -29.60 48.74
C ALA G 446 -36.47 -30.96 49.03
N PHE G 447 -37.10 -31.58 48.02
CA PHE G 447 -37.73 -32.91 48.18
C PHE G 447 -36.64 -33.97 48.47
N ASP G 448 -35.58 -33.95 47.67
CA ASP G 448 -34.48 -34.88 47.87
C ASP G 448 -34.00 -34.86 49.33
N SER G 449 -33.73 -33.67 49.88
CA SER G 449 -33.18 -33.58 51.23
C SER G 449 -34.18 -34.04 52.30
N ILE G 450 -35.46 -33.83 52.11
CA ILE G 450 -36.45 -34.43 53.01
C ILE G 450 -36.25 -35.96 53.01
N MET G 451 -36.15 -36.57 51.83
CA MET G 451 -35.97 -38.02 51.73
C MET G 451 -34.62 -38.47 52.30
N ALA G 452 -33.58 -37.66 52.15
CA ALA G 452 -32.29 -38.00 52.77
C ALA G 452 -32.46 -37.97 54.32
N GLU G 453 -33.39 -37.14 54.81
CA GLU G 453 -33.58 -36.98 56.27
C GLU G 453 -34.23 -38.25 56.86
N THR G 454 -35.00 -38.97 56.03
CA THR G 454 -35.79 -40.10 56.49
C THR G 454 -34.89 -41.22 57.00
N LEU G 455 -33.67 -41.36 56.49
CA LEU G 455 -32.80 -42.38 57.03
C LEU G 455 -31.78 -41.89 58.07
N LYS G 456 -32.00 -40.70 58.64
CA LYS G 456 -31.10 -40.23 59.70
C LYS G 456 -31.79 -40.19 61.05
N VAL G 457 -33.11 -40.36 61.02
CA VAL G 457 -33.99 -40.08 62.12
C VAL G 457 -34.00 -41.40 62.93
N THR G 458 -34.23 -41.37 64.24
CA THR G 458 -34.14 -42.62 65.04
C THR G 458 -35.44 -43.41 65.15
N ASP G 459 -36.59 -42.73 65.10
CA ASP G 459 -37.92 -43.33 65.29
C ASP G 459 -38.66 -43.56 63.98
N GLU G 460 -39.38 -44.67 63.91
CA GLU G 460 -40.28 -44.92 62.79
C GLU G 460 -41.40 -43.86 62.72
N ALA G 461 -41.86 -43.36 63.86
CA ALA G 461 -42.86 -42.27 63.88
C ALA G 461 -42.32 -40.98 63.25
N GLN G 462 -41.02 -40.71 63.43
CA GLN G 462 -40.34 -39.58 62.79
C GLN G 462 -40.28 -39.77 61.27
N ARG G 463 -40.09 -41.01 60.81
CA ARG G 463 -40.10 -41.30 59.37
C ARG G 463 -41.46 -41.01 58.75
N THR G 464 -42.51 -41.55 59.35
CA THR G 464 -43.87 -41.25 58.93
C THR G 464 -44.09 -39.74 58.78
N ALA G 465 -43.70 -38.96 59.79
CA ALA G 465 -43.91 -37.51 59.76
C ALA G 465 -43.11 -36.84 58.63
N LEU G 466 -41.92 -37.33 58.32
CA LEU G 466 -41.15 -36.80 57.16
C LEU G 466 -41.83 -37.13 55.82
N TYR G 467 -42.36 -38.35 55.68
CA TYR G 467 -43.02 -38.75 54.44
C TYR G 467 -44.23 -37.84 54.14
N THR G 468 -44.92 -37.39 55.19
CA THR G 468 -45.99 -36.41 54.99
C THR G 468 -45.43 -35.08 54.46
N LYS G 469 -44.26 -34.66 54.96
CA LYS G 469 -43.60 -33.42 54.50
C LYS G 469 -43.24 -33.53 53.01
N ALA G 470 -42.79 -34.71 52.59
CA ALA G 470 -42.42 -34.96 51.19
C ALA G 470 -43.63 -34.85 50.26
N GLU G 471 -44.72 -35.49 50.67
CA GLU G 471 -45.96 -35.38 49.95
C GLU G 471 -46.33 -33.93 49.88
N GLN G 472 -46.25 -33.22 51.00
CA GLN G 472 -46.63 -31.81 51.06
C GLN G 472 -45.86 -30.95 50.04
N GLN G 473 -44.56 -31.22 49.90
CA GLN G 473 -43.69 -30.51 48.96
C GLN G 473 -43.95 -30.94 47.54
N LEU G 474 -44.15 -32.24 47.34
CA LEU G 474 -44.58 -32.75 46.03
C LEU G 474 -45.81 -31.99 45.55
N ASP G 475 -46.78 -31.81 46.45
CA ASP G 475 -48.03 -31.09 46.11
C ASP G 475 -47.89 -29.57 45.93
N LYS G 476 -47.01 -28.94 46.73
CA LYS G 476 -46.72 -27.50 46.56
C LYS G 476 -46.04 -27.19 45.22
N ASP G 477 -45.21 -28.13 44.73
CA ASP G 477 -44.62 -28.08 43.37
C ASP G 477 -45.54 -28.57 42.25
N SER G 478 -46.72 -29.09 42.59
CA SER G 478 -47.63 -29.66 41.61
C SER G 478 -46.88 -30.56 40.60
N ALA G 479 -46.08 -31.49 41.13
CA ALA G 479 -45.41 -32.48 40.29
C ALA G 479 -46.38 -33.21 39.37
N ILE G 480 -47.59 -33.49 39.84
CA ILE G 480 -48.53 -34.38 39.16
C ILE G 480 -49.99 -33.92 39.35
N VAL G 481 -50.89 -34.53 38.59
CA VAL G 481 -52.32 -34.41 38.84
C VAL G 481 -52.80 -35.73 39.40
N PRO G 482 -52.96 -35.82 40.72
CA PRO G 482 -53.58 -37.03 41.22
C PRO G 482 -55.02 -37.06 40.78
N VAL G 483 -55.54 -38.26 40.50
CA VAL G 483 -56.91 -38.45 40.07
C VAL G 483 -57.71 -39.30 41.07
N TYR G 484 -57.37 -40.58 41.20
CA TYR G 484 -57.99 -41.48 42.19
C TYR G 484 -57.03 -42.60 42.64
N TYR G 485 -57.35 -43.23 43.77
CA TYR G 485 -56.55 -44.38 44.23
C TYR G 485 -57.20 -45.66 43.70
N TYR G 486 -56.36 -46.62 43.31
CA TYR G 486 -56.79 -47.86 42.69
C TYR G 486 -57.57 -48.75 43.65
N VAL G 487 -58.29 -49.68 43.04
CA VAL G 487 -58.92 -50.82 43.68
C VAL G 487 -58.41 -52.00 42.85
N ASN G 488 -58.39 -53.20 43.42
CA ASN G 488 -57.99 -54.41 42.66
C ASN G 488 -59.24 -55.22 42.36
N ALA G 489 -59.84 -54.93 41.20
CA ALA G 489 -61.09 -55.54 40.76
C ALA G 489 -60.85 -56.43 39.56
N ARG G 490 -61.20 -57.72 39.70
CA ARG G 490 -61.19 -58.66 38.57
C ARG G 490 -62.22 -59.79 38.73
N LEU G 491 -62.53 -60.41 37.59
CA LEU G 491 -63.36 -61.61 37.53
C LEU G 491 -62.48 -62.84 37.65
N VAL G 492 -62.87 -63.76 38.54
CA VAL G 492 -62.22 -65.06 38.67
C VAL G 492 -63.27 -66.16 38.64
N LYS G 493 -63.07 -67.14 37.76
CA LYS G 493 -64.02 -68.23 37.59
C LYS G 493 -64.11 -69.03 38.88
N PRO G 494 -65.26 -69.72 39.11
CA PRO G 494 -65.48 -70.40 40.38
C PRO G 494 -64.51 -71.53 40.71
N TRP G 495 -63.94 -72.15 39.69
CA TRP G 495 -63.06 -73.34 39.85
C TRP G 495 -61.60 -73.03 40.06
N VAL G 496 -61.22 -71.76 39.98
CA VAL G 496 -59.83 -71.35 40.29
C VAL G 496 -59.67 -71.07 41.79
N GLY G 497 -58.78 -71.82 42.43
CA GLY G 497 -58.52 -71.67 43.85
C GLY G 497 -57.15 -71.09 44.09
N GLY G 498 -56.93 -70.58 45.29
CA GLY G 498 -55.64 -70.01 45.68
C GLY G 498 -55.49 -68.53 45.37
N TYR G 499 -56.60 -67.86 45.04
CA TYR G 499 -56.62 -66.41 44.89
C TYR G 499 -57.41 -65.77 46.03
N THR G 500 -56.70 -65.22 47.01
CA THR G 500 -57.35 -64.61 48.18
C THR G 500 -57.62 -63.13 47.98
N GLY G 501 -56.75 -62.47 47.20
CA GLY G 501 -56.86 -61.04 47.00
C GLY G 501 -56.41 -60.23 48.22
N LYS G 502 -55.68 -60.86 49.14
CA LYS G 502 -55.35 -60.22 50.43
C LYS G 502 -53.97 -59.56 50.48
N ASP G 503 -53.22 -59.68 49.39
CA ASP G 503 -51.97 -58.95 49.24
C ASP G 503 -52.28 -57.60 48.60
N PRO G 504 -52.09 -56.49 49.33
CA PRO G 504 -52.37 -55.18 48.71
C PRO G 504 -51.40 -54.76 47.60
N LEU G 505 -50.32 -55.53 47.37
CA LEU G 505 -49.43 -55.33 46.22
C LEU G 505 -49.80 -56.23 45.02
N ASP G 506 -50.78 -57.12 45.22
CA ASP G 506 -51.22 -58.11 44.22
C ASP G 506 -50.07 -58.89 43.57
N ASN G 507 -49.03 -59.20 44.36
CA ASN G 507 -47.97 -60.09 43.90
C ASN G 507 -48.37 -61.56 44.04
N THR G 508 -49.22 -62.03 43.13
CA THR G 508 -49.65 -63.44 43.12
C THR G 508 -48.64 -64.33 42.38
N TYR G 509 -48.62 -65.61 42.73
CA TYR G 509 -47.81 -66.60 42.01
C TYR G 509 -48.70 -67.77 41.56
N THR G 510 -48.46 -68.27 40.35
CA THR G 510 -49.24 -69.40 39.83
C THR G 510 -49.04 -70.66 40.70
N ARG G 511 -47.84 -70.85 41.26
CA ARG G 511 -47.56 -71.99 42.17
C ARG G 511 -48.46 -72.06 43.43
N ASN G 512 -49.21 -71.00 43.72
CA ASN G 512 -50.18 -70.97 44.81
C ASN G 512 -51.62 -71.33 44.38
N MET G 513 -51.83 -71.53 43.08
CA MET G 513 -53.17 -71.72 42.53
C MET G 513 -53.52 -73.19 42.32
N TYR G 514 -54.79 -73.45 42.06
CA TYR G 514 -55.25 -74.77 41.65
C TYR G 514 -56.64 -74.71 41.02
N ILE G 515 -56.98 -75.74 40.24
CA ILE G 515 -58.29 -75.85 39.62
C ILE G 515 -59.16 -76.89 40.35
N VAL G 516 -60.30 -76.46 40.88
CA VAL G 516 -61.28 -77.34 41.51
C VAL G 516 -62.01 -78.14 40.42
N LYS G 517 -62.40 -79.37 40.74
CA LYS G 517 -63.10 -80.22 39.78
C LYS G 517 -64.42 -79.57 39.36
N HIS G 518 -64.72 -79.63 38.07
CA HIS G 518 -65.97 -79.07 37.53
C HIS G 518 -66.29 -79.66 36.18
N ALA H 2 37.18 71.14 -62.96
CA ALA H 2 37.63 70.49 -64.21
C ALA H 2 38.75 71.29 -64.84
N ASP H 3 39.68 70.60 -65.48
CA ASP H 3 40.82 71.22 -66.16
C ASP H 3 40.76 71.07 -67.69
N VAL H 4 40.12 72.04 -68.33
CA VAL H 4 39.91 72.02 -69.77
C VAL H 4 41.24 72.31 -70.47
N PRO H 5 41.76 71.36 -71.29
CA PRO H 5 42.99 71.65 -72.03
C PRO H 5 42.83 72.89 -72.91
N ALA H 6 43.93 73.58 -73.19
CA ALA H 6 43.89 74.80 -74.00
C ALA H 6 43.53 74.45 -75.45
N GLY H 7 42.70 75.29 -76.07
CA GLY H 7 42.22 75.06 -77.41
C GLY H 7 41.19 73.95 -77.54
N VAL H 8 40.46 73.67 -76.46
CA VAL H 8 39.24 72.89 -76.55
C VAL H 8 38.07 73.86 -76.45
N THR H 9 37.10 73.75 -77.34
CA THR H 9 35.89 74.58 -77.30
C THR H 9 34.78 73.85 -76.56
N LEU H 10 34.29 74.44 -75.47
CA LEU H 10 33.23 73.81 -74.68
C LEU H 10 31.87 74.02 -75.33
N ALA H 11 30.99 73.03 -75.18
CA ALA H 11 29.61 73.16 -75.66
C ALA H 11 28.87 74.20 -74.83
N GLU H 12 27.83 74.78 -75.41
CA GLU H 12 26.97 75.73 -74.69
C GLU H 12 26.07 75.00 -73.66
N LYS H 13 25.54 73.83 -74.00
CA LYS H 13 24.76 73.05 -73.04
C LYS H 13 25.66 72.02 -72.38
N GLN H 14 25.88 72.21 -71.07
CA GLN H 14 26.75 71.32 -70.29
C GLN H 14 25.93 70.34 -69.43
N THR H 15 25.45 69.26 -70.06
CA THR H 15 24.72 68.23 -69.34
C THR H 15 25.35 66.87 -69.62
N LEU H 16 25.17 65.95 -68.68
CA LEU H 16 25.76 64.62 -68.77
C LEU H 16 24.69 63.64 -68.29
N VAL H 17 24.49 62.55 -69.02
CA VAL H 17 23.65 61.47 -68.55
C VAL H 17 24.48 60.17 -68.46
N ARG H 18 24.58 59.61 -67.24
CA ARG H 18 25.25 58.35 -66.97
C ARG H 18 24.28 57.25 -66.46
N ASN H 19 24.40 56.05 -67.03
CA ASN H 19 23.81 54.87 -66.35
C ASN H 19 24.60 54.49 -65.10
N ASN H 20 23.87 54.32 -64.00
CA ASN H 20 24.43 53.94 -62.71
C ASN H 20 24.29 52.43 -62.40
N GLY H 21 23.50 51.71 -63.18
CA GLY H 21 23.42 50.24 -63.08
C GLY H 21 22.23 49.71 -62.29
N SER H 22 21.82 50.46 -61.28
CA SER H 22 20.71 50.12 -60.40
C SER H 22 20.08 51.36 -59.77
N GLU H 23 18.89 51.14 -59.19
CA GLU H 23 18.30 52.03 -58.19
C GLU H 23 19.10 51.93 -56.90
N VAL H 24 19.62 53.06 -56.43
CA VAL H 24 20.48 53.06 -55.24
C VAL H 24 19.69 52.65 -53.99
N GLN H 25 20.44 52.14 -53.00
CA GLN H 25 19.90 51.83 -51.68
C GLN H 25 19.28 53.08 -51.07
N SER H 26 19.98 54.19 -51.26
CA SER H 26 19.81 55.36 -50.43
C SER H 26 20.70 56.46 -50.98
N LEU H 27 20.38 57.70 -50.62
CA LEU H 27 21.31 58.81 -50.83
C LEU H 27 21.99 59.24 -49.52
N ASP H 28 21.71 58.51 -48.43
CA ASP H 28 22.29 58.75 -47.11
C ASP H 28 23.64 58.05 -47.01
N PRO H 29 24.74 58.82 -46.87
CA PRO H 29 26.11 58.29 -46.78
C PRO H 29 26.41 57.22 -45.74
N HIS H 30 25.51 57.00 -44.80
CA HIS H 30 25.65 55.96 -43.78
C HIS H 30 24.74 54.77 -43.99
N LYS H 31 23.89 54.81 -45.01
CA LYS H 31 22.98 53.70 -45.31
C LYS H 31 23.38 52.99 -46.61
N ILE H 32 24.66 53.02 -46.98
CA ILE H 32 25.08 52.57 -48.32
C ILE H 32 26.35 51.69 -48.33
N GLU H 33 26.42 50.75 -49.30
CA GLU H 33 27.59 49.87 -49.42
C GLU H 33 28.03 49.53 -50.86
N GLY H 34 27.34 50.09 -51.85
CA GLY H 34 27.54 49.70 -53.23
C GLY H 34 28.24 50.72 -54.08
N VAL H 35 28.77 50.26 -55.22
CA VAL H 35 29.42 51.16 -56.16
C VAL H 35 28.41 52.17 -56.73
N PRO H 36 27.19 51.70 -57.06
CA PRO H 36 26.19 52.68 -57.52
C PRO H 36 25.92 53.84 -56.53
N GLU H 37 25.78 53.50 -55.25
CA GLU H 37 25.53 54.47 -54.19
C GLU H 37 26.67 55.48 -54.09
N SER H 38 27.90 54.97 -54.04
CA SER H 38 29.09 55.82 -54.03
C SER H 38 29.17 56.81 -55.20
N ASN H 39 28.86 56.34 -56.42
CA ASN H 39 28.97 57.19 -57.60
C ASN H 39 28.12 58.45 -57.37
N ILE H 40 26.87 58.26 -56.96
CA ILE H 40 25.99 59.40 -56.79
C ILE H 40 26.42 60.20 -55.56
N SER H 41 26.99 59.52 -54.59
CA SER H 41 27.38 60.16 -53.32
C SER H 41 28.58 61.11 -53.50
N ARG H 42 29.51 60.75 -54.39
CA ARG H 42 30.71 61.61 -54.58
C ARG H 42 30.38 62.95 -55.30
N ASP H 43 29.26 63.00 -56.03
CA ASP H 43 28.74 64.29 -56.54
C ASP H 43 27.96 65.12 -55.49
N LEU H 44 27.27 64.43 -54.57
CA LEU H 44 26.42 65.09 -53.57
C LEU H 44 27.18 65.53 -52.33
N PHE H 45 28.09 64.69 -51.84
CA PHE H 45 28.78 64.97 -50.57
C PHE H 45 30.30 64.86 -50.76
N GLU H 46 31.03 65.75 -50.10
CA GLU H 46 32.50 65.73 -50.13
C GLU H 46 33.15 65.53 -48.78
N GLY H 47 34.05 64.55 -48.75
CA GLY H 47 34.75 64.17 -47.54
C GLY H 47 35.90 65.08 -47.21
N LEU H 48 36.85 64.55 -46.44
CA LEU H 48 38.03 65.27 -46.00
C LEU H 48 39.02 65.32 -47.16
N LEU H 49 39.25 64.16 -47.77
CA LEU H 49 40.07 64.05 -48.99
C LEU H 49 39.24 63.48 -50.14
N VAL H 50 39.72 63.69 -51.37
CA VAL H 50 39.15 63.11 -52.60
C VAL H 50 40.23 62.38 -53.42
N SER H 51 39.79 61.65 -54.45
CA SER H 51 40.71 61.01 -55.41
C SER H 51 40.87 61.87 -56.65
N ASP H 52 42.12 62.10 -57.07
CA ASP H 52 42.40 62.82 -58.31
C ASP H 52 42.26 61.85 -59.53
N LEU H 53 42.71 62.28 -60.71
CA LEU H 53 42.52 61.52 -61.97
C LEU H 53 43.30 60.20 -62.05
N ASP H 54 44.41 60.13 -61.31
CA ASP H 54 45.18 58.88 -61.19
C ASP H 54 44.80 58.04 -59.97
N GLY H 55 43.76 58.44 -59.23
CA GLY H 55 43.31 57.70 -58.04
C GLY H 55 44.08 57.98 -56.75
N HIS H 56 44.86 59.06 -56.74
CA HIS H 56 45.67 59.38 -55.55
C HIS H 56 44.94 60.33 -54.63
N PRO H 57 45.07 60.13 -53.30
CA PRO H 57 44.56 61.10 -52.34
C PRO H 57 45.02 62.54 -52.60
N ALA H 58 44.06 63.46 -52.54
CA ALA H 58 44.27 64.88 -52.81
C ALA H 58 43.25 65.68 -51.95
N PRO H 59 43.46 67.00 -51.85
CA PRO H 59 42.61 67.85 -51.00
C PRO H 59 41.10 67.80 -51.27
N GLY H 60 40.31 67.69 -50.18
CA GLY H 60 38.84 67.84 -50.24
C GLY H 60 38.39 68.97 -49.32
N VAL H 61 37.49 68.69 -48.37
CA VAL H 61 37.14 69.66 -47.33
C VAL H 61 38.42 70.08 -46.60
N ALA H 62 39.31 69.10 -46.38
CA ALA H 62 40.65 69.34 -45.85
C ALA H 62 41.59 69.86 -46.93
N GLU H 63 42.08 71.09 -46.75
CA GLU H 63 43.04 71.72 -47.70
C GLU H 63 44.49 71.26 -47.45
N SER H 64 44.76 70.75 -46.23
CA SER H 64 46.06 70.22 -45.86
C SER H 64 45.95 69.38 -44.58
N TRP H 65 46.93 68.50 -44.36
CA TRP H 65 46.89 67.56 -43.25
C TRP H 65 48.25 67.05 -42.89
N ASP H 66 48.36 66.51 -41.67
CA ASP H 66 49.59 65.91 -41.17
C ASP H 66 49.28 64.97 -40.01
N ASN H 67 50.27 64.17 -39.63
CA ASN H 67 50.16 63.27 -38.47
C ASN H 67 51.41 63.28 -37.58
N LYS H 68 51.31 62.57 -36.46
CA LYS H 68 52.47 62.17 -35.65
C LYS H 68 52.34 60.67 -35.33
N ASP H 69 53.40 59.90 -35.62
CA ASP H 69 53.47 58.45 -35.37
C ASP H 69 52.36 57.64 -36.08
N ALA H 70 51.80 58.22 -37.14
CA ALA H 70 50.62 57.68 -37.85
C ALA H 70 49.43 57.32 -36.94
N LYS H 71 49.41 57.88 -35.73
CA LYS H 71 48.39 57.59 -34.72
C LYS H 71 47.45 58.78 -34.47
N VAL H 72 47.92 60.00 -34.76
CA VAL H 72 47.16 61.24 -34.54
C VAL H 72 47.18 62.10 -35.80
N TRP H 73 46.01 62.26 -36.43
CA TRP H 73 45.89 62.97 -37.70
C TRP H 73 45.08 64.23 -37.51
N THR H 74 45.65 65.38 -37.83
CA THR H 74 44.90 66.64 -37.74
C THR H 74 44.66 67.20 -39.14
N PHE H 75 43.40 67.58 -39.41
CA PHE H 75 42.98 67.99 -40.76
C PHE H 75 42.61 69.48 -40.78
N HIS H 76 43.34 70.25 -41.57
CA HIS H 76 43.14 71.69 -41.68
C HIS H 76 42.13 71.99 -42.76
N LEU H 77 40.93 72.39 -42.34
CA LEU H 77 39.76 72.50 -43.22
C LEU H 77 39.63 73.83 -44.00
N ARG H 78 39.12 73.72 -45.23
CA ARG H 78 38.75 74.87 -46.07
C ARG H 78 37.85 75.83 -45.31
N LYS H 79 38.31 77.06 -45.08
CA LYS H 79 37.50 78.07 -44.39
C LYS H 79 36.23 78.43 -45.17
N ASP H 80 36.31 78.40 -46.50
CA ASP H 80 35.14 78.71 -47.33
C ASP H 80 34.34 77.46 -47.76
N ALA H 81 34.54 76.33 -47.08
CA ALA H 81 33.73 75.12 -47.30
C ALA H 81 32.30 75.31 -46.81
N LYS H 82 31.33 74.87 -47.61
CA LYS H 82 29.92 75.24 -47.40
C LYS H 82 28.91 74.18 -47.83
N TRP H 83 27.75 74.19 -47.17
CA TRP H 83 26.59 73.40 -47.56
C TRP H 83 25.75 74.16 -48.54
N SER H 84 24.87 73.44 -49.24
CA SER H 84 23.92 74.04 -50.19
C SER H 84 22.94 75.04 -49.53
N ASP H 85 22.88 75.00 -48.19
CA ASP H 85 22.27 76.07 -47.36
C ASP H 85 22.94 77.44 -47.44
N GLY H 86 24.24 77.45 -47.78
CA GLY H 86 25.10 78.61 -47.54
C GLY H 86 25.72 78.61 -46.13
N THR H 87 25.36 77.64 -45.29
CA THR H 87 25.97 77.48 -43.97
C THR H 87 27.32 76.76 -44.11
N PRO H 88 28.31 77.11 -43.26
CA PRO H 88 29.64 76.54 -43.44
C PRO H 88 29.72 75.06 -43.07
N VAL H 89 30.73 74.41 -43.62
CA VAL H 89 31.09 73.07 -43.19
C VAL H 89 32.17 73.23 -42.12
N THR H 90 31.95 72.58 -40.99
CA THR H 90 32.84 72.72 -39.84
C THR H 90 33.40 71.37 -39.39
N ALA H 91 34.38 71.44 -38.47
CA ALA H 91 34.96 70.24 -37.91
C ALA H 91 33.90 69.47 -37.11
N GLN H 92 33.06 70.18 -36.34
CA GLN H 92 31.93 69.55 -35.62
C GLN H 92 30.94 68.80 -36.54
N ASP H 93 30.85 69.20 -37.80
CA ASP H 93 30.07 68.43 -38.80
C ASP H 93 30.62 67.00 -38.96
N PHE H 94 31.95 66.87 -39.00
CA PHE H 94 32.61 65.56 -39.14
C PHE H 94 32.55 64.73 -37.84
N VAL H 95 32.61 65.40 -36.70
CA VAL H 95 32.45 64.71 -35.42
C VAL H 95 31.04 64.10 -35.38
N TYR H 96 30.02 64.94 -35.60
CA TYR H 96 28.64 64.48 -35.63
C TYR H 96 28.43 63.29 -36.58
N SER H 97 28.91 63.44 -37.82
CA SER H 97 28.68 62.44 -38.88
C SER H 97 29.36 61.09 -38.65
N TRP H 98 30.64 61.10 -38.28
CA TRP H 98 31.39 59.86 -38.01
C TRP H 98 30.78 59.11 -36.84
N GLN H 99 30.42 59.86 -35.78
CA GLN H 99 29.68 59.32 -34.63
C GLN H 99 28.39 58.63 -35.07
N ARG H 100 27.63 59.28 -35.96
CA ARG H 100 26.41 58.70 -36.52
C ARG H 100 26.73 57.42 -37.27
N SER H 101 27.84 57.43 -38.01
N SER H 101 27.85 57.44 -37.99
CA SER H 101 28.25 56.28 -38.81
CA SER H 101 28.27 56.31 -38.81
C SER H 101 28.43 55.02 -37.95
C SER H 101 28.43 55.04 -37.95
N VAL H 102 29.02 55.18 -36.76
CA VAL H 102 29.28 54.03 -35.87
C VAL H 102 28.12 53.71 -34.87
N ASP H 103 27.21 54.66 -34.66
CA ASP H 103 26.02 54.42 -33.79
C ASP H 103 25.23 53.15 -34.22
N PRO H 104 25.12 52.15 -33.32
CA PRO H 104 24.39 50.94 -33.69
C PRO H 104 22.95 51.20 -34.19
N ASN H 105 22.33 52.27 -33.70
CA ASN H 105 20.98 52.66 -34.14
C ASN H 105 20.93 53.15 -35.61
N THR H 106 22.05 53.64 -36.13
CA THR H 106 22.13 53.97 -37.56
C THR H 106 22.18 52.70 -38.41
N ALA H 107 22.73 51.64 -37.83
CA ALA H 107 22.74 50.30 -38.46
C ALA H 107 23.39 50.37 -39.84
N SER H 108 24.53 51.06 -39.91
CA SER H 108 25.26 51.27 -41.17
C SER H 108 25.93 49.97 -41.60
N PRO H 109 25.79 49.60 -42.89
CA PRO H 109 26.57 48.48 -43.40
C PRO H 109 28.06 48.83 -43.46
N TYR H 110 28.35 50.13 -43.46
CA TYR H 110 29.75 50.62 -43.38
C TYR H 110 30.18 51.05 -41.98
N ALA H 111 29.44 50.63 -40.96
CA ALA H 111 29.80 50.86 -39.54
C ALA H 111 31.24 50.48 -39.20
N SER H 112 31.74 49.39 -39.79
CA SER H 112 33.09 48.90 -39.52
C SER H 112 34.21 49.63 -40.26
N TYR H 113 33.88 50.50 -41.20
CA TYR H 113 34.93 51.16 -42.01
C TYR H 113 35.92 52.01 -41.16
N LEU H 114 35.40 52.83 -40.26
CA LEU H 114 36.29 53.65 -39.43
C LEU H 114 37.17 52.79 -38.53
N GLN H 115 36.68 51.60 -38.17
CA GLN H 115 37.47 50.55 -37.50
C GLN H 115 38.65 49.99 -38.32
N TYR H 116 38.57 50.09 -39.65
CA TYR H 116 39.69 49.72 -40.48
C TYR H 116 40.86 50.68 -40.23
N GLY H 117 40.51 51.93 -39.87
CA GLY H 117 41.49 52.96 -39.48
C GLY H 117 41.76 53.06 -37.99
N HIS H 118 41.11 52.19 -37.21
CA HIS H 118 41.45 51.97 -35.79
C HIS H 118 41.45 53.21 -34.93
N ILE H 119 40.46 54.07 -35.20
CA ILE H 119 40.15 55.27 -34.39
C ILE H 119 39.84 54.83 -32.95
N ALA H 120 40.44 55.53 -31.97
CA ALA H 120 40.35 55.11 -30.57
C ALA H 120 38.91 55.18 -30.05
N GLY H 121 38.52 54.15 -29.29
CA GLY H 121 37.17 54.05 -28.70
C GLY H 121 36.18 53.20 -29.49
N ILE H 122 36.44 52.99 -30.78
CA ILE H 122 35.45 52.40 -31.68
C ILE H 122 35.09 50.92 -31.41
N ASP H 123 36.09 50.09 -31.05
CA ASP H 123 35.82 48.66 -30.75
C ASP H 123 34.57 48.54 -29.86
N GLU H 124 34.60 49.21 -28.70
CA GLU H 124 33.48 49.13 -27.73
C GLU H 124 32.22 49.93 -28.13
N ILE H 125 32.39 50.95 -28.96
CA ILE H 125 31.27 51.76 -29.46
C ILE H 125 30.43 50.99 -30.49
N LEU H 126 31.10 50.29 -31.40
CA LEU H 126 30.42 49.47 -32.40
C LEU H 126 29.64 48.33 -31.74
N GLU H 127 30.18 47.79 -30.66
CA GLU H 127 29.48 46.77 -29.88
C GLU H 127 28.34 47.37 -29.04
N GLY H 128 28.41 48.69 -28.80
CA GLY H 128 27.38 49.40 -28.04
C GLY H 128 27.59 49.36 -26.54
N LYS H 129 28.86 49.35 -26.13
CA LYS H 129 29.24 49.28 -24.71
C LYS H 129 29.71 50.62 -24.13
N LYS H 130 30.09 51.55 -25.01
CA LYS H 130 30.46 52.90 -24.61
C LYS H 130 29.76 53.91 -25.51
N PRO H 131 29.44 55.12 -24.98
CA PRO H 131 28.72 56.10 -25.79
C PRO H 131 29.41 56.45 -27.12
N ILE H 132 28.61 56.90 -28.08
CA ILE H 132 29.13 57.29 -29.39
C ILE H 132 30.11 58.46 -29.28
N THR H 133 29.93 59.29 -28.25
CA THR H 133 30.79 60.45 -27.99
C THR H 133 32.19 60.11 -27.42
N ASP H 134 32.51 58.83 -27.26
CA ASP H 134 33.85 58.39 -26.84
C ASP H 134 34.87 58.22 -27.98
N LEU H 135 34.41 58.27 -29.22
CA LEU H 135 35.30 58.19 -30.41
C LEU H 135 36.33 59.34 -30.46
N GLY H 136 37.58 58.99 -30.74
CA GLY H 136 38.68 59.94 -30.80
C GLY H 136 38.64 60.81 -32.05
N VAL H 137 37.64 61.69 -32.12
CA VAL H 137 37.45 62.63 -33.22
C VAL H 137 36.80 63.90 -32.66
N LYS H 138 37.54 65.00 -32.63
CA LYS H 138 37.10 66.25 -31.96
C LYS H 138 37.40 67.51 -32.78
N ALA H 139 36.55 68.51 -32.63
CA ALA H 139 36.74 69.81 -33.28
C ALA H 139 37.57 70.74 -32.40
N ILE H 140 38.84 70.94 -32.78
CA ILE H 140 39.73 71.83 -32.01
C ILE H 140 39.31 73.28 -32.25
N ASP H 141 39.18 73.62 -33.53
CA ASP H 141 38.52 74.84 -34.00
C ASP H 141 37.37 74.46 -34.93
N ASP H 142 36.72 75.49 -35.50
CA ASP H 142 35.83 75.32 -36.64
C ASP H 142 36.46 74.50 -37.78
N HIS H 143 37.77 74.64 -37.94
CA HIS H 143 38.49 74.15 -39.13
C HIS H 143 39.70 73.31 -38.83
N THR H 144 39.73 72.68 -37.65
CA THR H 144 40.86 71.81 -37.27
C THR H 144 40.35 70.48 -36.64
N LEU H 145 40.18 69.45 -37.46
CA LEU H 145 39.74 68.13 -36.98
C LEU H 145 40.91 67.27 -36.55
N GLU H 146 40.78 66.64 -35.38
CA GLU H 146 41.80 65.77 -34.79
C GLU H 146 41.30 64.33 -34.62
N VAL H 147 41.95 63.40 -35.30
CA VAL H 147 41.54 62.00 -35.29
C VAL H 147 42.63 61.21 -34.56
N THR H 148 42.26 60.65 -33.41
CA THR H 148 43.20 59.93 -32.55
C THR H 148 42.95 58.44 -32.72
N LEU H 149 43.99 57.69 -33.13
CA LEU H 149 43.84 56.25 -33.41
C LEU H 149 44.47 55.38 -32.30
N SER H 150 43.98 54.14 -32.17
CA SER H 150 44.50 53.18 -31.17
C SER H 150 45.80 52.46 -31.59
N GLU H 151 46.27 52.72 -32.80
CA GLU H 151 47.63 52.32 -33.23
C GLU H 151 48.01 52.94 -34.58
N PRO H 152 49.31 52.93 -34.90
CA PRO H 152 49.76 53.49 -36.16
C PRO H 152 49.12 52.84 -37.39
N VAL H 153 48.47 53.67 -38.23
CA VAL H 153 47.84 53.23 -39.49
C VAL H 153 48.31 54.15 -40.64
N PRO H 154 49.47 53.83 -41.24
CA PRO H 154 50.06 54.74 -42.22
C PRO H 154 49.16 55.02 -43.43
N TYR H 155 48.27 54.10 -43.77
CA TYR H 155 47.34 54.29 -44.88
C TYR H 155 46.01 54.95 -44.46
N PHE H 156 45.89 55.40 -43.21
CA PHE H 156 44.61 55.98 -42.71
C PHE H 156 43.99 57.04 -43.64
N TYR H 157 44.83 57.93 -44.17
CA TYR H 157 44.35 58.96 -45.08
C TYR H 157 43.65 58.37 -46.31
N LYS H 158 44.20 57.29 -46.86
CA LYS H 158 43.61 56.64 -48.05
C LYS H 158 42.10 56.36 -47.89
N LEU H 159 41.70 55.98 -46.68
CA LEU H 159 40.30 55.64 -46.39
C LEU H 159 39.30 56.79 -46.63
N LEU H 160 39.75 58.02 -46.35
CA LEU H 160 38.87 59.21 -46.23
C LEU H 160 38.34 59.74 -47.58
N VAL H 161 38.71 59.10 -48.67
CA VAL H 161 38.03 59.32 -49.95
C VAL H 161 36.62 58.68 -49.98
N HIS H 162 36.41 57.61 -49.21
CA HIS H 162 35.19 56.82 -49.33
C HIS H 162 33.98 57.56 -48.80
N PRO H 163 32.87 57.63 -49.58
CA PRO H 163 31.71 58.46 -49.20
C PRO H 163 31.08 58.28 -47.80
N SER H 164 31.19 57.07 -47.22
CA SER H 164 30.67 56.85 -45.85
C SER H 164 31.36 57.73 -44.82
N THR H 165 32.48 58.33 -45.19
CA THR H 165 33.24 59.23 -44.30
C THR H 165 33.00 60.73 -44.62
N SER H 166 32.07 61.00 -45.55
CA SER H 166 31.59 62.35 -45.83
C SER H 166 30.66 62.86 -44.70
N PRO H 167 30.63 64.19 -44.52
CA PRO H 167 29.75 64.81 -43.52
C PRO H 167 28.28 64.74 -43.95
N VAL H 168 27.36 64.72 -42.98
CA VAL H 168 25.90 64.82 -43.25
C VAL H 168 25.28 65.97 -42.43
N PRO H 169 24.16 66.57 -42.91
CA PRO H 169 23.59 67.73 -42.19
C PRO H 169 22.67 67.33 -41.02
N LYS H 170 23.01 67.78 -39.80
CA LYS H 170 22.17 67.52 -38.64
C LYS H 170 20.73 67.99 -38.86
N ALA H 171 20.56 69.30 -39.07
CA ALA H 171 19.23 69.94 -39.08
C ALA H 171 18.22 69.20 -39.94
N ALA H 172 18.62 68.85 -41.17
CA ALA H 172 17.75 68.13 -42.08
C ALA H 172 17.41 66.74 -41.53
N ILE H 173 18.42 66.05 -40.98
CA ILE H 173 18.21 64.71 -40.43
C ILE H 173 17.24 64.73 -39.25
N GLU H 174 17.32 65.79 -38.43
CA GLU H 174 16.44 65.94 -37.29
C GLU H 174 15.01 66.32 -37.71
N LYS H 175 14.88 67.32 -38.58
CA LYS H 175 13.58 67.79 -39.09
C LYS H 175 12.78 66.73 -39.87
N PHE H 176 13.38 66.20 -40.94
CA PHE H 176 12.68 65.30 -41.87
C PHE H 176 12.92 63.80 -41.64
N GLY H 177 13.83 63.44 -40.73
CA GLY H 177 14.12 62.03 -40.44
C GLY H 177 14.63 61.26 -41.65
N GLU H 178 14.00 60.12 -41.92
CA GLU H 178 14.39 59.27 -43.06
C GLU H 178 14.00 59.88 -44.43
N LYS H 179 13.27 61.00 -44.42
CA LYS H 179 12.90 61.70 -45.64
C LYS H 179 13.82 62.90 -45.94
N TRP H 180 14.96 62.98 -45.25
CA TRP H 180 15.86 64.13 -45.41
C TRP H 180 16.54 64.17 -46.77
N THR H 181 16.56 63.05 -47.48
CA THR H 181 17.25 62.94 -48.76
C THR H 181 16.37 63.27 -49.98
N GLN H 182 15.08 63.55 -49.77
CA GLN H 182 14.18 64.00 -50.85
C GLN H 182 14.67 65.29 -51.51
N PRO H 183 14.35 65.47 -52.80
CA PRO H 183 14.69 66.60 -53.67
C PRO H 183 14.76 68.02 -53.07
N GLY H 184 13.81 68.36 -52.19
CA GLY H 184 13.74 69.70 -51.60
C GLY H 184 13.90 69.72 -50.08
N ASN H 185 14.32 68.60 -49.51
CA ASN H 185 14.65 68.49 -48.07
C ASN H 185 16.17 68.37 -47.82
N ILE H 186 16.84 67.70 -48.76
CA ILE H 186 18.24 67.35 -48.61
C ILE H 186 19.11 68.61 -48.60
N VAL H 187 20.20 68.56 -47.85
CA VAL H 187 21.21 69.62 -47.85
C VAL H 187 22.57 68.97 -48.11
N THR H 188 23.18 69.35 -49.25
CA THR H 188 24.34 68.67 -49.84
C THR H 188 25.64 69.48 -49.72
N ASN H 189 26.77 68.77 -49.78
CA ASN H 189 28.11 69.33 -49.58
C ASN H 189 28.95 69.42 -50.88
N GLY H 190 28.61 68.57 -51.87
CA GLY H 190 29.44 68.34 -53.06
C GLY H 190 29.27 69.40 -54.13
N ALA H 191 29.82 69.15 -55.32
CA ALA H 191 29.71 70.10 -56.42
C ALA H 191 28.29 70.21 -56.99
N TYR H 192 27.39 69.36 -56.49
CA TYR H 192 26.04 69.17 -57.02
C TYR H 192 25.04 68.94 -55.87
N THR H 193 23.78 69.35 -56.08
CA THR H 193 22.66 69.07 -55.17
C THR H 193 21.64 68.21 -55.90
N LEU H 194 20.71 67.61 -55.16
CA LEU H 194 19.63 66.82 -55.76
C LEU H 194 18.47 67.71 -56.20
N LYS H 195 18.06 67.55 -57.47
CA LYS H 195 16.92 68.28 -58.03
C LYS H 195 15.71 67.37 -58.24
N ASP H 196 15.93 66.19 -58.80
CA ASP H 196 14.85 65.26 -59.14
C ASP H 196 15.20 63.80 -58.82
N TRP H 197 14.19 63.04 -58.40
CA TRP H 197 14.34 61.63 -58.03
C TRP H 197 13.06 60.88 -58.31
N VAL H 198 12.94 60.37 -59.54
CA VAL H 198 11.84 59.47 -59.90
C VAL H 198 12.36 58.04 -59.83
N VAL H 199 11.80 57.27 -58.89
CA VAL H 199 12.27 55.93 -58.55
C VAL H 199 12.14 54.99 -59.77
N ASN H 200 13.20 54.22 -60.00
CA ASN H 200 13.32 53.35 -61.18
C ASN H 200 13.28 54.07 -62.54
N GLU H 201 13.60 55.36 -62.59
CA GLU H 201 13.63 56.10 -63.86
C GLU H 201 14.88 56.95 -64.02
N ARG H 202 15.12 57.86 -63.07
CA ARG H 202 16.25 58.80 -63.12
C ARG H 202 16.51 59.46 -61.77
N ILE H 203 17.77 59.87 -61.57
CA ILE H 203 18.13 60.87 -60.56
C ILE H 203 18.79 62.02 -61.34
N VAL H 204 18.36 63.26 -61.09
CA VAL H 204 18.93 64.44 -61.73
C VAL H 204 19.55 65.37 -60.67
N LEU H 205 20.85 65.61 -60.79
CA LEU H 205 21.59 66.50 -59.90
C LEU H 205 21.92 67.86 -60.58
N GLU H 206 21.80 68.96 -59.83
CA GLU H 206 22.16 70.31 -60.31
C GLU H 206 23.44 70.87 -59.71
N ARG H 207 24.27 71.50 -60.54
CA ARG H 207 25.45 72.25 -60.11
C ARG H 207 25.09 73.18 -58.95
N SER H 208 25.85 73.14 -57.86
CA SER H 208 25.52 73.92 -56.67
C SER H 208 26.50 75.08 -56.54
N PRO H 209 25.99 76.31 -56.66
CA PRO H 209 26.88 77.47 -56.61
C PRO H 209 27.55 77.73 -55.25
N THR H 210 27.06 77.12 -54.18
CA THR H 210 27.74 77.22 -52.87
C THR H 210 29.01 76.33 -52.73
N TYR H 211 29.22 75.36 -53.64
CA TYR H 211 30.41 74.50 -53.57
C TYR H 211 31.67 75.35 -53.63
N TRP H 212 32.60 75.05 -52.75
CA TRP H 212 33.77 75.89 -52.57
C TRP H 212 34.63 76.08 -53.82
N ASN H 213 34.58 75.12 -54.73
CA ASN H 213 35.34 75.17 -56.00
C ASN H 213 34.42 75.14 -57.20
N ASN H 214 33.22 75.71 -57.06
CA ASN H 214 32.24 75.74 -58.15
C ASN H 214 32.78 76.40 -59.43
N ALA H 215 33.66 77.39 -59.26
CA ALA H 215 34.27 78.11 -60.40
C ALA H 215 35.00 77.17 -61.38
N LYS H 216 35.53 76.07 -60.85
CA LYS H 216 36.28 75.09 -61.65
C LYS H 216 35.41 73.97 -62.22
N THR H 217 34.14 73.86 -61.80
CA THR H 217 33.26 72.84 -62.36
C THR H 217 32.71 73.35 -63.69
N VAL H 218 32.53 72.43 -64.66
CA VAL H 218 31.95 72.78 -65.95
C VAL H 218 30.52 72.24 -66.12
N ILE H 219 30.29 70.95 -65.82
CA ILE H 219 28.99 70.35 -66.11
C ILE H 219 27.93 71.00 -65.21
N ASN H 220 26.78 71.36 -65.79
CA ASN H 220 25.70 72.05 -65.05
C ASN H 220 24.69 71.10 -64.41
N GLN H 221 24.32 70.03 -65.12
CA GLN H 221 23.36 69.03 -64.65
C GLN H 221 23.86 67.65 -65.04
N VAL H 222 23.89 66.72 -64.07
CA VAL H 222 24.15 65.29 -64.39
C VAL H 222 22.94 64.45 -63.96
N THR H 223 22.55 63.52 -64.82
CA THR H 223 21.48 62.57 -64.55
C THR H 223 22.08 61.18 -64.39
N TYR H 224 21.60 60.45 -63.38
CA TYR H 224 21.99 59.05 -63.18
C TYR H 224 20.78 58.14 -63.44
N LEU H 225 20.91 57.22 -64.38
CA LEU H 225 19.87 56.23 -64.66
C LEU H 225 20.09 54.92 -63.89
N PRO H 226 19.01 54.16 -63.62
CA PRO H 226 19.13 52.94 -62.82
C PRO H 226 18.91 51.66 -63.64
N ILE H 227 19.53 51.58 -64.82
CA ILE H 227 19.28 50.51 -65.77
C ILE H 227 20.11 49.28 -65.40
N ALA H 228 19.42 48.20 -65.02
CA ALA H 228 20.07 46.98 -64.60
C ALA H 228 20.39 46.13 -65.81
N SER H 229 19.62 46.25 -66.88
CA SER H 229 19.94 45.53 -68.10
C SER H 229 21.08 46.21 -68.87
N GLU H 230 22.25 45.55 -68.89
CA GLU H 230 23.37 46.01 -69.69
C GLU H 230 22.97 46.19 -71.16
N VAL H 231 22.20 45.25 -71.70
CA VAL H 231 21.72 45.37 -73.09
C VAL H 231 20.99 46.70 -73.29
N THR H 232 20.09 47.03 -72.37
CA THR H 232 19.27 48.25 -72.45
C THR H 232 20.13 49.51 -72.25
N ASP H 233 21.12 49.40 -71.37
CA ASP H 233 22.11 50.44 -71.18
C ASP H 233 22.75 50.78 -72.52
N VAL H 234 23.35 49.79 -73.16
CA VAL H 234 24.05 50.01 -74.42
C VAL H 234 23.11 50.47 -75.54
N ASN H 235 21.91 49.90 -75.61
CA ASN H 235 20.97 50.30 -76.67
C ASN H 235 20.61 51.78 -76.60
N ARG H 236 20.41 52.27 -75.38
CA ARG H 236 20.05 53.64 -75.12
C ARG H 236 21.22 54.62 -75.29
N TYR H 237 22.43 54.14 -75.06
CA TYR H 237 23.63 54.92 -75.36
C TYR H 237 23.73 55.09 -76.89
N ARG H 238 23.49 54.01 -77.63
CA ARG H 238 23.64 54.03 -79.07
C ARG H 238 22.56 54.85 -79.78
N SER H 239 21.38 54.91 -79.18
CA SER H 239 20.24 55.67 -79.74
C SER H 239 20.44 57.16 -79.52
N GLY H 240 21.21 57.51 -78.49
CA GLY H 240 21.61 58.88 -78.25
C GLY H 240 21.30 59.43 -76.87
N GLU H 241 20.58 58.70 -76.04
CA GLU H 241 20.15 59.24 -74.74
C GLU H 241 21.22 59.29 -73.66
N ILE H 242 22.12 58.32 -73.61
CA ILE H 242 23.07 58.18 -72.48
C ILE H 242 24.46 58.56 -72.93
N ASP H 243 25.22 59.27 -72.10
CA ASP H 243 26.55 59.75 -72.51
C ASP H 243 27.65 58.80 -72.04
N MET H 244 27.47 58.19 -70.88
CA MET H 244 28.38 57.14 -70.42
C MET H 244 27.61 55.94 -69.87
N THR H 245 27.89 54.75 -70.39
CA THR H 245 27.29 53.54 -69.84
C THR H 245 27.86 53.22 -68.46
N ASN H 246 27.18 52.34 -67.75
CA ASN H 246 27.77 51.74 -66.57
C ASN H 246 28.89 50.83 -67.07
N ASN H 247 29.87 50.54 -66.21
CA ASN H 247 30.97 49.66 -66.58
C ASN H 247 30.64 48.18 -66.39
N SER H 248 29.51 47.77 -66.95
CA SER H 248 29.19 46.37 -67.06
C SER H 248 28.73 46.14 -68.50
N MET H 249 29.44 45.28 -69.22
CA MET H 249 29.17 45.00 -70.64
C MET H 249 28.30 43.73 -70.86
N PRO H 250 27.38 43.79 -71.83
CA PRO H 250 26.69 42.55 -72.20
C PRO H 250 27.68 41.65 -72.94
N ILE H 251 27.87 40.44 -72.43
CA ILE H 251 28.89 39.49 -72.95
C ILE H 251 28.82 39.33 -74.46
N GLU H 252 27.59 39.30 -74.97
CA GLU H 252 27.38 39.00 -76.37
C GLU H 252 27.58 40.21 -77.28
N LEU H 253 27.47 41.43 -76.75
CA LEU H 253 27.52 42.64 -77.58
C LEU H 253 28.91 43.24 -77.67
N PHE H 254 29.80 42.89 -76.75
CA PHE H 254 31.11 43.55 -76.69
C PHE H 254 31.91 43.48 -77.99
N GLN H 255 32.04 42.29 -78.56
CA GLN H 255 32.77 42.14 -79.83
C GLN H 255 32.20 43.04 -80.93
N LYS H 256 30.89 43.08 -81.04
CA LYS H 256 30.17 43.97 -81.95
C LYS H 256 30.41 45.46 -81.67
N LEU H 257 30.35 45.85 -80.39
CA LEU H 257 30.60 47.23 -80.02
C LEU H 257 32.00 47.67 -80.40
N LYS H 258 32.97 46.81 -80.13
CA LYS H 258 34.37 47.12 -80.41
C LYS H 258 34.65 47.21 -81.93
N LYS H 259 33.86 46.52 -82.75
CA LYS H 259 34.00 46.62 -84.21
C LYS H 259 33.30 47.88 -84.75
N GLU H 260 32.10 48.19 -84.25
CA GLU H 260 31.29 49.29 -84.75
C GLU H 260 31.67 50.68 -84.17
N ILE H 261 32.00 50.76 -82.89
CA ILE H 261 32.38 52.05 -82.30
C ILE H 261 33.68 51.95 -81.49
N PRO H 262 34.77 51.51 -82.16
CA PRO H 262 36.03 51.24 -81.48
C PRO H 262 36.58 52.41 -80.67
N ASP H 263 36.43 53.64 -81.17
CA ASP H 263 36.98 54.81 -80.47
C ASP H 263 36.17 55.26 -79.24
N GLU H 264 35.02 54.65 -78.98
CA GLU H 264 34.19 54.97 -77.81
C GLU H 264 34.24 53.87 -76.75
N VAL H 265 34.90 52.76 -77.07
CA VAL H 265 35.05 51.62 -76.18
C VAL H 265 36.30 51.81 -75.35
N HIS H 266 36.12 51.95 -74.02
CA HIS H 266 37.17 52.12 -73.04
C HIS H 266 37.22 50.89 -72.18
N VAL H 267 38.40 50.28 -72.07
CA VAL H 267 38.64 49.16 -71.18
C VAL H 267 39.91 49.45 -70.36
N ASP H 268 39.79 49.58 -69.05
CA ASP H 268 40.93 49.89 -68.18
C ASP H 268 40.99 48.97 -66.96
N PRO H 269 42.19 48.84 -66.34
CA PRO H 269 42.32 48.01 -65.14
C PRO H 269 41.43 48.47 -64.00
N TYR H 270 40.92 47.51 -63.23
CA TYR H 270 39.91 47.80 -62.19
C TYR H 270 40.22 46.88 -61.01
N LEU H 271 40.25 47.41 -59.79
CA LEU H 271 40.55 46.59 -58.60
C LEU H 271 39.32 45.95 -57.93
N CYS H 272 38.65 45.08 -58.69
CA CYS H 272 37.51 44.32 -58.20
C CYS H 272 37.61 42.85 -58.60
N THR H 273 36.93 41.98 -57.85
CA THR H 273 36.94 40.55 -58.13
C THR H 273 35.53 39.93 -58.20
N TYR H 274 35.30 39.12 -59.23
CA TYR H 274 34.04 38.43 -59.47
C TYR H 274 34.12 37.09 -58.75
N TYR H 275 33.17 36.83 -57.85
CA TYR H 275 33.14 35.54 -57.17
C TYR H 275 31.75 35.08 -56.82
N TYR H 276 31.66 33.77 -56.54
CA TYR H 276 30.47 33.19 -55.95
C TYR H 276 30.74 33.11 -54.45
N GLU H 277 29.95 33.90 -53.73
CA GLU H 277 30.02 33.99 -52.28
C GLU H 277 29.24 32.84 -51.67
N ILE H 278 29.90 32.06 -50.83
CA ILE H 278 29.26 31.01 -50.01
C ILE H 278 28.82 31.53 -48.63
N ASN H 279 27.59 31.21 -48.23
CA ASN H 279 27.16 31.47 -46.86
C ASN H 279 27.76 30.39 -45.96
N ASN H 280 28.86 30.73 -45.31
CA ASN H 280 29.63 29.78 -44.51
C ASN H 280 28.88 29.27 -43.26
N GLN H 281 27.76 29.91 -42.91
CA GLN H 281 26.96 29.54 -41.73
C GLN H 281 25.60 28.89 -42.05
N LYS H 282 25.34 28.64 -43.33
CA LYS H 282 24.15 27.89 -43.76
C LYS H 282 24.54 26.46 -44.11
N PRO H 283 24.03 25.47 -43.33
CA PRO H 283 24.24 24.07 -43.67
C PRO H 283 23.83 23.77 -45.11
N PRO H 284 24.64 22.99 -45.84
CA PRO H 284 25.86 22.28 -45.47
C PRO H 284 27.14 23.00 -45.85
N PHE H 285 27.06 24.30 -46.07
CA PHE H 285 28.24 25.06 -46.49
C PHE H 285 29.07 25.48 -45.26
N ASN H 286 28.61 25.10 -44.07
CA ASN H 286 29.44 25.10 -42.85
C ASN H 286 30.48 23.98 -42.85
N ASP H 287 30.41 23.11 -43.85
CA ASP H 287 31.37 22.04 -44.00
C ASP H 287 32.39 22.47 -45.02
N VAL H 288 33.67 22.47 -44.65
CA VAL H 288 34.68 22.99 -45.55
C VAL H 288 34.85 22.13 -46.81
N ARG H 289 34.58 20.83 -46.73
CA ARG H 289 34.68 19.94 -47.90
C ARG H 289 33.64 20.26 -49.02
N VAL H 290 32.41 20.58 -48.61
CA VAL H 290 31.39 21.04 -49.55
C VAL H 290 31.78 22.41 -50.16
N ARG H 291 32.28 23.34 -49.33
CA ARG H 291 32.76 24.63 -49.87
C ARG H 291 33.92 24.45 -50.85
N THR H 292 34.85 23.56 -50.50
CA THR H 292 36.01 23.28 -51.34
C THR H 292 35.60 22.60 -52.64
N ALA H 293 34.61 21.72 -52.57
CA ALA H 293 34.11 21.04 -53.75
C ALA H 293 33.53 22.03 -54.77
N LEU H 294 32.77 23.01 -54.29
CA LEU H 294 32.22 24.04 -55.19
C LEU H 294 33.31 24.96 -55.76
N LYS H 295 34.28 25.32 -54.93
CA LYS H 295 35.43 26.11 -55.40
C LYS H 295 36.15 25.42 -56.54
N LEU H 296 36.46 24.14 -56.35
CA LEU H 296 37.27 23.41 -57.31
C LEU H 296 36.48 23.06 -58.55
N GLY H 297 35.20 22.73 -58.37
CA GLY H 297 34.36 22.24 -59.47
C GLY H 297 33.97 23.27 -60.53
N MET H 298 34.11 24.56 -60.20
CA MET H 298 33.82 25.65 -61.13
C MET H 298 34.97 25.76 -62.11
N ASP H 299 34.64 25.97 -63.38
CA ASP H 299 35.67 26.04 -64.43
C ASP H 299 35.90 27.48 -64.91
N ARG H 300 36.98 28.08 -64.41
CA ARG H 300 37.26 29.50 -64.64
C ARG H 300 37.64 29.82 -66.10
N ASP H 301 38.26 28.86 -66.77
CA ASP H 301 38.63 29.02 -68.18
C ASP H 301 37.41 29.05 -69.10
N ILE H 302 36.39 28.27 -68.80
CA ILE H 302 35.14 28.33 -69.58
C ILE H 302 34.40 29.64 -69.35
N ILE H 303 34.33 30.08 -68.09
CA ILE H 303 33.67 31.34 -67.77
C ILE H 303 34.44 32.50 -68.44
N VAL H 304 35.76 32.57 -68.23
CA VAL H 304 36.56 33.69 -68.74
C VAL H 304 36.55 33.78 -70.27
N ASN H 305 36.50 32.63 -70.94
CA ASN H 305 36.42 32.58 -72.39
C ASN H 305 35.17 33.21 -73.01
N LYS H 306 34.10 33.35 -72.22
CA LYS H 306 32.91 34.08 -72.70
C LYS H 306 33.15 35.59 -72.74
N VAL H 307 34.06 36.06 -71.88
CA VAL H 307 34.39 37.49 -71.81
C VAL H 307 35.84 37.77 -72.22
N LYS H 308 36.44 36.88 -73.01
CA LYS H 308 37.86 37.00 -73.37
C LYS H 308 38.20 38.35 -74.01
N ALA H 309 37.38 38.78 -74.97
CA ALA H 309 37.61 40.04 -75.68
C ALA H 309 37.69 41.24 -74.73
N GLN H 310 37.08 41.13 -73.56
CA GLN H 310 37.23 42.16 -72.54
C GLN H 310 38.56 42.01 -71.80
N GLY H 311 39.16 40.82 -71.85
CA GLY H 311 40.50 40.59 -71.29
C GLY H 311 40.57 40.29 -69.80
N ASN H 312 39.52 39.68 -69.25
CA ASN H 312 39.50 39.33 -67.82
C ASN H 312 40.43 38.15 -67.53
N MET H 313 41.05 38.19 -66.35
CA MET H 313 41.96 37.10 -65.92
C MET H 313 41.26 36.17 -64.91
N PRO H 314 41.48 34.83 -65.03
CA PRO H 314 40.89 33.85 -64.11
C PRO H 314 41.38 34.04 -62.67
N ALA H 315 40.47 33.98 -61.71
CA ALA H 315 40.80 34.34 -60.33
C ALA H 315 41.13 33.13 -59.46
N TYR H 316 42.15 33.29 -58.63
CA TYR H 316 42.61 32.24 -57.73
C TYR H 316 42.55 32.69 -56.27
N GLY H 317 41.93 33.83 -56.00
CA GLY H 317 41.87 34.35 -54.65
C GLY H 317 40.92 35.53 -54.57
N TYR H 318 40.96 36.22 -53.45
CA TYR H 318 40.05 37.32 -53.18
C TYR H 318 40.67 38.69 -53.55
N THR H 319 41.79 39.01 -52.90
CA THR H 319 42.49 40.25 -53.14
C THR H 319 43.09 40.20 -54.55
N PRO H 320 42.84 41.22 -55.36
CA PRO H 320 43.45 41.22 -56.69
C PRO H 320 44.95 41.40 -56.61
N PRO H 321 45.72 40.54 -57.33
CA PRO H 321 47.18 40.54 -57.24
C PRO H 321 47.84 41.90 -57.57
N TYR H 322 47.22 42.69 -58.43
CA TYR H 322 47.76 44.00 -58.80
C TYR H 322 47.44 45.11 -57.78
N THR H 323 46.74 44.78 -56.67
CA THR H 323 46.55 45.74 -55.57
C THR H 323 47.91 46.24 -55.06
N ASP H 324 47.98 47.52 -54.72
CA ASP H 324 49.20 48.10 -54.17
C ASP H 324 49.54 47.43 -52.82
N GLY H 325 50.75 46.90 -52.69
CA GLY H 325 51.22 46.31 -51.43
C GLY H 325 50.99 44.81 -51.31
N ALA H 326 50.38 44.21 -52.33
CA ALA H 326 50.15 42.77 -52.36
C ALA H 326 51.20 42.08 -53.23
N LYS H 327 51.74 40.96 -52.73
CA LYS H 327 52.54 40.03 -53.52
C LYS H 327 51.93 38.64 -53.38
N LEU H 328 50.88 38.35 -54.14
CA LEU H 328 50.11 37.09 -53.97
C LEU H 328 50.80 35.89 -54.60
N THR H 329 50.47 34.71 -54.09
CA THR H 329 50.98 33.45 -54.59
C THR H 329 49.80 32.58 -55.02
N GLN H 330 49.98 31.81 -56.10
CA GLN H 330 48.92 30.95 -56.62
C GLN H 330 48.84 29.63 -55.85
N PRO H 331 47.62 29.24 -55.42
CA PRO H 331 47.48 27.96 -54.75
C PRO H 331 47.66 26.77 -55.71
N GLU H 332 48.07 25.65 -55.13
CA GLU H 332 48.41 24.42 -55.83
C GLU H 332 47.27 23.96 -56.75
N TRP H 333 46.04 23.95 -56.23
CA TRP H 333 44.87 23.54 -57.02
C TRP H 333 44.66 24.31 -58.30
N PHE H 334 45.04 25.59 -58.31
CA PHE H 334 44.91 26.46 -59.52
C PHE H 334 45.74 25.98 -60.71
N GLY H 335 46.82 25.26 -60.43
CA GLY H 335 47.70 24.70 -61.45
C GLY H 335 47.27 23.34 -61.98
N TRP H 336 46.38 22.65 -61.25
CA TRP H 336 45.85 21.37 -61.71
C TRP H 336 45.00 21.54 -62.94
N SER H 337 44.66 20.45 -63.60
CA SER H 337 43.67 20.51 -64.67
C SER H 337 42.28 20.48 -64.03
N GLN H 338 41.26 20.91 -64.79
CA GLN H 338 39.87 20.91 -64.31
C GLN H 338 39.38 19.51 -63.93
N GLU H 339 39.85 18.50 -64.66
CA GLU H 339 39.43 17.11 -64.44
C GLU H 339 39.93 16.62 -63.08
N LYS H 340 41.15 17.02 -62.71
CA LYS H 340 41.70 16.69 -61.41
C LYS H 340 40.93 17.40 -60.29
N ARG H 341 40.58 18.67 -60.50
CA ARG H 341 39.71 19.41 -59.57
C ARG H 341 38.35 18.73 -59.38
N ASN H 342 37.75 18.30 -60.49
CA ASN H 342 36.45 17.62 -60.45
C ASN H 342 36.46 16.37 -59.57
N GLU H 343 37.45 15.51 -59.79
CA GLU H 343 37.58 14.27 -59.02
C GLU H 343 37.68 14.57 -57.53
N GLU H 344 38.58 15.49 -57.17
CA GLU H 344 38.78 15.89 -55.79
C GLU H 344 37.47 16.38 -55.17
N ALA H 345 36.79 17.28 -55.89
CA ALA H 345 35.52 17.85 -55.44
C ALA H 345 34.47 16.75 -55.21
N LYS H 346 34.38 15.80 -56.12
CA LYS H 346 33.43 14.69 -55.97
C LYS H 346 33.75 13.85 -54.73
N LYS H 347 35.01 13.47 -54.57
CA LYS H 347 35.46 12.76 -53.39
C LYS H 347 34.99 13.52 -52.16
N LEU H 348 35.39 14.79 -52.07
CA LEU H 348 35.06 15.65 -50.94
C LEU H 348 33.55 15.66 -50.62
N LEU H 349 32.70 15.79 -51.65
CA LEU H 349 31.26 15.81 -51.45
C LEU H 349 30.74 14.49 -50.84
N ALA H 350 31.21 13.36 -51.38
CA ALA H 350 30.91 12.02 -50.87
C ALA H 350 31.25 11.84 -49.37
N GLU H 351 32.46 12.25 -48.96
CA GLU H 351 32.87 12.21 -47.55
C GLU H 351 31.86 12.89 -46.63
N ALA H 352 31.40 14.09 -47.01
CA ALA H 352 30.37 14.80 -46.25
C ALA H 352 28.99 14.19 -46.42
N GLY H 353 28.87 13.11 -47.21
CA GLY H 353 27.61 12.39 -47.40
C GLY H 353 26.74 12.83 -48.57
N TYR H 354 27.30 13.63 -49.48
CA TYR H 354 26.58 14.07 -50.66
C TYR H 354 27.08 13.22 -51.87
N THR H 355 26.35 12.15 -52.14
CA THR H 355 26.82 11.07 -53.05
C THR H 355 26.09 11.11 -54.39
N ALA H 356 26.47 10.21 -55.29
CA ALA H 356 25.80 10.09 -56.59
C ALA H 356 24.32 9.78 -56.44
N ASP H 357 23.98 8.92 -55.47
CA ASP H 357 22.58 8.56 -55.20
C ASP H 357 21.84 9.58 -54.33
N LYS H 358 22.58 10.33 -53.53
CA LYS H 358 22.01 11.37 -52.68
C LYS H 358 22.75 12.70 -52.91
N PRO H 359 22.54 13.33 -54.08
CA PRO H 359 23.34 14.51 -54.44
C PRO H 359 22.89 15.81 -53.77
N LEU H 360 23.78 16.80 -53.76
CA LEU H 360 23.54 18.11 -53.17
C LEU H 360 22.74 19.01 -54.12
N THR H 361 21.72 19.68 -53.59
CA THR H 361 20.99 20.73 -54.30
C THR H 361 21.21 22.08 -53.62
N ILE H 362 21.47 23.14 -54.40
CA ILE H 362 21.69 24.49 -53.85
C ILE H 362 20.91 25.57 -54.59
N ASN H 363 20.65 26.70 -53.91
CA ASN H 363 20.13 27.88 -54.57
C ASN H 363 21.24 28.88 -54.86
N LEU H 364 21.27 29.42 -56.09
CA LEU H 364 22.23 30.47 -56.49
C LEU H 364 21.50 31.81 -56.65
N LEU H 365 21.83 32.73 -55.75
CA LEU H 365 21.32 34.09 -55.79
C LEU H 365 22.19 35.00 -56.68
N TYR H 366 21.53 35.85 -57.45
CA TYR H 366 22.20 36.93 -58.17
C TYR H 366 21.30 38.17 -58.25
N ASN H 367 21.91 39.34 -58.43
CA ASN H 367 21.17 40.58 -58.66
C ASN H 367 20.86 40.81 -60.14
N THR H 368 19.64 41.22 -60.42
CA THR H 368 19.14 41.35 -61.80
C THR H 368 20.17 42.07 -62.69
N SER H 369 20.43 41.47 -63.85
CA SER H 369 21.54 41.83 -64.73
C SER H 369 21.58 40.79 -65.82
N ASP H 370 21.81 41.24 -67.05
CA ASP H 370 22.00 40.34 -68.17
C ASP H 370 23.32 39.55 -68.02
N LEU H 371 24.36 40.20 -67.52
CA LEU H 371 25.66 39.55 -67.34
C LEU H 371 25.62 38.44 -66.29
N HIS H 372 25.02 38.72 -65.14
CA HIS H 372 25.05 37.78 -64.03
C HIS H 372 24.15 36.59 -64.28
N LYS H 373 23.00 36.81 -64.93
CA LYS H 373 22.10 35.72 -65.28
C LYS H 373 22.77 34.75 -66.25
N LYS H 374 23.42 35.27 -67.28
CA LYS H 374 24.14 34.44 -68.25
C LYS H 374 25.23 33.61 -67.58
N LEU H 375 26.02 34.23 -66.73
CA LEU H 375 27.11 33.51 -66.07
C LEU H 375 26.59 32.59 -64.96
N ALA H 376 25.43 32.88 -64.36
CA ALA H 376 24.82 31.98 -63.37
C ALA H 376 24.28 30.73 -64.05
N ILE H 377 23.69 30.90 -65.23
CA ILE H 377 23.22 29.78 -66.04
C ILE H 377 24.39 28.87 -66.37
N ALA H 378 25.50 29.44 -66.84
CA ALA H 378 26.69 28.64 -67.14
C ALA H 378 27.27 27.94 -65.90
N ALA H 379 27.41 28.66 -64.79
CA ALA H 379 27.90 28.07 -63.56
C ALA H 379 27.08 26.87 -63.13
N SER H 380 25.76 26.99 -63.28
CA SER H 380 24.85 25.92 -62.95
C SER H 380 25.12 24.67 -63.80
N SER H 381 25.14 24.87 -65.12
CA SER H 381 25.52 23.84 -66.07
C SER H 381 26.83 23.18 -65.70
N LEU H 382 27.84 23.98 -65.40
CA LEU H 382 29.17 23.46 -65.09
C LEU H 382 29.18 22.65 -63.79
N TRP H 383 28.49 23.16 -62.77
CA TRP H 383 28.51 22.45 -61.49
C TRP H 383 27.81 21.13 -61.60
N LYS H 384 26.73 21.07 -62.39
CA LYS H 384 25.95 19.83 -62.55
C LYS H 384 26.76 18.78 -63.29
N LYS H 385 27.31 19.15 -64.44
CA LYS H 385 28.13 18.22 -65.24
C LYS H 385 29.46 17.87 -64.61
N ASN H 386 30.12 18.82 -63.96
CA ASN H 386 31.42 18.55 -63.39
C ASN H 386 31.35 17.82 -62.06
N ILE H 387 30.42 18.21 -61.18
CA ILE H 387 30.38 17.61 -59.84
C ILE H 387 29.01 17.12 -59.34
N GLY H 388 28.01 17.05 -60.21
CA GLY H 388 26.72 16.48 -59.83
C GLY H 388 25.89 17.27 -58.84
N VAL H 389 26.19 18.56 -58.67
CA VAL H 389 25.40 19.42 -57.80
C VAL H 389 24.29 20.11 -58.59
N ASN H 390 23.05 19.97 -58.14
CA ASN H 390 21.92 20.69 -58.73
C ASN H 390 21.78 22.12 -58.20
N VAL H 391 21.78 23.11 -59.09
CA VAL H 391 21.74 24.51 -58.68
C VAL H 391 20.44 25.14 -59.21
N LYS H 392 19.62 25.72 -58.33
CA LYS H 392 18.47 26.54 -58.73
C LYS H 392 18.84 28.04 -58.67
N LEU H 393 18.29 28.86 -59.56
CA LEU H 393 18.61 30.29 -59.58
C LEU H 393 17.54 31.13 -58.88
N VAL H 394 17.97 32.09 -58.06
CA VAL H 394 17.06 33.07 -57.48
C VAL H 394 17.55 34.47 -57.83
N ASN H 395 16.64 35.31 -58.31
CA ASN H 395 17.02 36.66 -58.72
C ASN H 395 16.23 37.74 -58.00
N GLN H 396 16.92 38.80 -57.62
CA GLN H 396 16.35 39.88 -56.83
C GLN H 396 16.95 41.22 -57.27
N GLU H 397 16.11 42.25 -57.31
CA GLU H 397 16.56 43.65 -57.47
C GLU H 397 17.66 43.99 -56.46
N TRP H 398 18.66 44.77 -56.91
CA TRP H 398 19.89 45.14 -56.13
C TRP H 398 19.73 45.43 -54.66
N LYS H 399 18.74 46.23 -54.30
CA LYS H 399 18.52 46.62 -52.89
C LYS H 399 18.15 45.40 -52.01
N THR H 400 17.12 44.64 -52.42
CA THR H 400 16.71 43.40 -51.75
C THR H 400 17.86 42.37 -51.65
N PHE H 401 18.60 42.21 -52.74
CA PHE H 401 19.76 41.29 -52.84
C PHE H 401 20.84 41.54 -51.78
N LEU H 402 21.22 42.79 -51.59
CA LEU H 402 22.19 43.13 -50.56
C LEU H 402 21.66 42.85 -49.14
N ASP H 403 20.36 43.08 -48.94
CA ASP H 403 19.71 42.82 -47.64
C ASP H 403 19.72 41.32 -47.41
N THR H 404 19.35 40.56 -48.44
CA THR H 404 19.30 39.08 -48.34
C THR H 404 20.65 38.54 -47.85
N ARG H 405 21.75 39.12 -48.31
CA ARG H 405 23.09 38.61 -48.00
C ARG H 405 23.56 38.92 -46.58
N HIS H 406 23.07 40.03 -46.01
CA HIS H 406 23.37 40.36 -44.61
C HIS H 406 22.61 39.52 -43.67
N GLN H 407 21.32 39.35 -43.95
CA GLN H 407 20.45 38.50 -43.16
C GLN H 407 20.79 37.01 -43.27
N GLY H 408 21.59 36.64 -44.28
CA GLY H 408 22.05 35.26 -44.43
C GLY H 408 21.03 34.30 -45.03
N THR H 409 19.95 34.84 -45.60
CA THR H 409 18.90 34.00 -46.16
C THR H 409 19.24 33.54 -47.57
N PHE H 410 20.43 32.95 -47.72
CA PHE H 410 20.92 32.47 -49.02
C PHE H 410 21.94 31.33 -48.85
N ASP H 411 22.14 30.56 -49.93
CA ASP H 411 23.12 29.48 -50.00
C ASP H 411 24.46 29.94 -50.60
N VAL H 412 24.38 30.34 -51.87
CA VAL H 412 25.50 30.89 -52.63
C VAL H 412 24.97 32.04 -53.48
N ALA H 413 25.79 33.07 -53.60
CA ALA H 413 25.36 34.26 -54.27
C ALA H 413 26.47 34.71 -55.21
N ARG H 414 26.08 35.15 -56.38
CA ARG H 414 26.99 35.97 -57.19
C ARG H 414 27.44 37.20 -56.33
N ALA H 415 28.73 37.52 -56.38
CA ALA H 415 29.28 38.64 -55.63
C ALA H 415 30.42 39.31 -56.38
N GLY H 416 30.68 40.56 -56.03
CA GLY H 416 31.81 41.31 -56.55
C GLY H 416 32.23 42.29 -55.47
N TRP H 417 33.52 42.39 -55.21
CA TRP H 417 34.01 43.39 -54.26
C TRP H 417 34.98 44.28 -54.97
N CYS H 418 34.81 45.60 -54.82
CA CYS H 418 35.76 46.59 -55.31
C CYS H 418 36.51 47.26 -54.13
N ALA H 419 37.80 47.52 -54.33
CA ALA H 419 38.64 48.24 -53.37
C ALA H 419 38.07 49.63 -53.07
N ASP H 420 38.02 50.00 -51.79
CA ASP H 420 37.62 51.35 -51.34
C ASP H 420 38.83 52.27 -51.22
N TYR H 421 39.97 51.65 -50.97
CA TYR H 421 41.27 52.27 -51.08
C TYR H 421 42.24 51.20 -51.60
N ASN H 422 43.34 51.64 -52.20
CA ASN H 422 44.27 50.71 -52.83
C ASN H 422 45.23 50.12 -51.82
N GLU H 423 44.73 49.14 -51.08
CA GLU H 423 45.53 48.47 -50.05
C GLU H 423 44.81 47.13 -49.77
N PRO H 424 45.56 46.01 -49.61
CA PRO H 424 44.94 44.69 -49.41
C PRO H 424 43.90 44.62 -48.30
N THR H 425 44.10 45.33 -47.20
CA THR H 425 43.11 45.33 -46.10
C THR H 425 41.76 45.84 -46.54
N SER H 426 41.73 46.57 -47.66
CA SER H 426 40.49 47.00 -48.25
C SER H 426 39.66 45.78 -48.62
N PHE H 427 40.30 44.67 -48.96
CA PHE H 427 39.61 43.39 -49.25
C PHE H 427 39.49 42.50 -48.00
N LEU H 428 40.64 42.16 -47.42
CA LEU H 428 40.72 41.18 -46.35
C LEU H 428 39.95 41.58 -45.09
N ASN H 429 39.88 42.87 -44.77
CA ASN H 429 39.11 43.28 -43.59
C ASN H 429 37.62 42.87 -43.68
N THR H 430 37.07 42.78 -44.90
CA THR H 430 35.67 42.38 -45.09
C THR H 430 35.39 40.95 -44.60
N MET H 431 36.46 40.18 -44.38
CA MET H 431 36.32 38.78 -43.96
C MET H 431 36.62 38.53 -42.47
N LEU H 432 36.92 39.60 -41.73
CA LEU H 432 37.07 39.54 -40.28
C LEU H 432 35.76 39.17 -39.62
N SER H 433 35.83 38.38 -38.56
CA SER H 433 34.63 37.91 -37.87
C SER H 433 33.65 39.02 -37.48
N ASN H 434 34.17 40.18 -37.06
CA ASN H 434 33.31 41.28 -36.60
C ASN H 434 32.94 42.37 -37.64
N SER H 435 33.28 42.15 -38.91
CA SER H 435 33.10 43.19 -39.93
C SER H 435 31.64 43.35 -40.33
N SER H 436 31.20 44.60 -40.45
CA SER H 436 29.87 44.90 -40.95
C SER H 436 29.67 44.41 -42.40
N MET H 437 30.76 44.13 -43.11
CA MET H 437 30.70 43.83 -44.55
C MET H 437 30.85 42.33 -44.83
N ASN H 438 30.96 41.52 -43.78
CA ASN H 438 31.18 40.08 -43.94
C ASN H 438 29.86 39.37 -44.24
N THR H 439 29.46 39.48 -45.50
CA THR H 439 28.30 38.77 -45.99
C THR H 439 28.62 37.29 -46.26
N ALA H 440 29.90 36.90 -46.26
CA ALA H 440 30.27 35.48 -46.37
C ALA H 440 29.99 34.73 -45.04
N HIS H 441 29.81 35.46 -43.95
CA HIS H 441 29.68 34.86 -42.63
C HIS H 441 30.78 33.88 -42.40
N TYR H 442 31.98 34.24 -42.83
CA TYR H 442 33.18 33.48 -42.59
C TYR H 442 33.82 33.99 -41.29
N LYS H 443 34.11 33.06 -40.37
CA LYS H 443 34.77 33.39 -39.09
C LYS H 443 35.84 32.34 -38.76
N SER H 444 37.09 32.79 -38.83
CA SER H 444 38.24 31.99 -38.46
C SER H 444 39.17 32.84 -37.57
N PRO H 445 39.34 32.43 -36.28
CA PRO H 445 40.29 33.13 -35.41
C PRO H 445 41.71 33.18 -35.97
N ALA H 446 42.12 32.12 -36.65
CA ALA H 446 43.40 32.08 -37.37
C ALA H 446 43.54 33.28 -38.32
N PHE H 447 42.45 33.61 -39.03
CA PHE H 447 42.46 34.72 -40.00
C PHE H 447 42.45 36.08 -39.29
N ASP H 448 41.55 36.23 -38.32
CA ASP H 448 41.49 37.48 -37.56
C ASP H 448 42.82 37.79 -36.84
N SER H 449 43.46 36.74 -36.34
CA SER H 449 44.76 36.84 -35.72
C SER H 449 45.83 37.34 -36.71
N ILE H 450 45.85 36.78 -37.92
CA ILE H 450 46.81 37.20 -38.95
C ILE H 450 46.67 38.70 -39.32
N MET H 451 45.44 39.14 -39.56
CA MET H 451 45.18 40.57 -39.80
C MET H 451 45.66 41.47 -38.65
N ALA H 452 45.60 40.95 -37.42
CA ALA H 452 46.07 41.68 -36.24
C ALA H 452 47.59 41.84 -36.20
N GLU H 453 48.32 40.87 -36.77
CA GLU H 453 49.78 40.96 -36.91
C GLU H 453 50.20 42.06 -37.90
N THR H 454 49.29 42.46 -38.79
CA THR H 454 49.63 43.45 -39.82
C THR H 454 49.74 44.87 -39.23
N LEU H 455 49.07 45.12 -38.12
CA LEU H 455 49.12 46.45 -37.45
C LEU H 455 50.26 46.60 -36.42
N LYS H 456 50.85 45.49 -35.99
CA LYS H 456 51.92 45.50 -34.97
C LYS H 456 53.33 45.48 -35.58
N VAL H 457 53.40 45.38 -36.91
CA VAL H 457 54.67 45.16 -37.61
C VAL H 457 55.58 46.40 -37.67
N THR H 458 56.86 46.15 -37.96
CA THR H 458 57.90 47.18 -37.95
C THR H 458 58.36 47.67 -39.34
N ASP H 459 58.08 46.91 -40.41
CA ASP H 459 58.39 47.32 -41.80
C ASP H 459 57.15 47.23 -42.67
N GLU H 460 57.32 47.49 -43.97
CA GLU H 460 56.26 47.31 -44.96
C GLU H 460 56.36 45.95 -45.68
N ALA H 461 57.58 45.43 -45.84
CA ALA H 461 57.78 44.09 -46.39
C ALA H 461 57.11 43.00 -45.51
N GLN H 462 57.09 43.24 -44.19
CA GLN H 462 56.39 42.37 -43.24
C GLN H 462 54.88 42.41 -43.47
N ARG H 463 54.36 43.63 -43.65
CA ARG H 463 52.95 43.86 -43.88
C ARG H 463 52.47 43.03 -45.06
N THR H 464 53.22 43.10 -46.16
CA THR H 464 52.88 42.42 -47.42
C THR H 464 52.87 40.88 -47.30
N ALA H 465 53.88 40.32 -46.65
CA ALA H 465 53.97 38.88 -46.42
C ALA H 465 52.79 38.34 -45.60
N LEU H 466 52.39 39.09 -44.56
CA LEU H 466 51.24 38.70 -43.75
C LEU H 466 49.94 38.72 -44.57
N TYR H 467 49.85 39.64 -45.54
CA TYR H 467 48.68 39.66 -46.45
C TYR H 467 48.55 38.35 -47.28
N THR H 468 49.66 37.78 -47.70
CA THR H 468 49.61 36.53 -48.48
C THR H 468 49.20 35.34 -47.60
N LYS H 469 49.71 35.28 -46.36
CA LYS H 469 49.22 34.32 -45.37
C LYS H 469 47.69 34.38 -45.24
N ALA H 470 47.15 35.60 -45.16
CA ALA H 470 45.72 35.81 -45.00
C ALA H 470 44.94 35.18 -46.15
N GLU H 471 45.34 35.49 -47.39
CA GLU H 471 44.74 34.89 -48.61
C GLU H 471 44.84 33.37 -48.63
N GLN H 472 45.99 32.84 -48.20
CA GLN H 472 46.22 31.39 -48.12
C GLN H 472 45.34 30.72 -47.03
N GLN H 473 45.00 31.46 -45.98
CA GLN H 473 44.09 30.97 -44.93
C GLN H 473 42.64 31.03 -45.42
N LEU H 474 42.33 32.04 -46.21
CA LEU H 474 41.00 32.18 -46.80
C LEU H 474 40.79 31.06 -47.83
N ASP H 475 41.79 30.84 -48.69
CA ASP H 475 41.81 29.71 -49.63
C ASP H 475 41.74 28.33 -48.97
N LYS H 476 42.48 28.16 -47.88
CA LYS H 476 42.51 26.87 -47.19
C LYS H 476 41.20 26.55 -46.48
N ASP H 477 40.38 27.59 -46.24
CA ASP H 477 39.04 27.46 -45.71
C ASP H 477 37.95 27.55 -46.81
N SER H 478 38.38 27.74 -48.07
CA SER H 478 37.47 27.92 -49.20
C SER H 478 36.27 28.79 -48.85
N ALA H 479 36.55 29.98 -48.33
CA ALA H 479 35.51 30.90 -47.92
C ALA H 479 34.62 31.25 -49.10
N ILE H 480 35.22 31.36 -50.28
CA ILE H 480 34.51 31.77 -51.47
C ILE H 480 34.91 30.94 -52.70
N VAL H 481 34.19 31.14 -53.81
CA VAL H 481 34.54 30.56 -55.09
C VAL H 481 35.00 31.67 -56.05
N PRO H 482 36.32 31.93 -56.11
CA PRO H 482 36.81 32.95 -57.05
C PRO H 482 36.55 32.56 -58.52
N VAL H 483 36.20 33.55 -59.36
CA VAL H 483 35.90 33.35 -60.77
C VAL H 483 36.86 34.15 -61.68
N TYR H 484 36.74 35.48 -61.71
CA TYR H 484 37.67 36.34 -62.46
C TYR H 484 37.88 37.69 -61.78
N TYR H 485 38.99 38.33 -62.13
CA TYR H 485 39.29 39.70 -61.73
C TYR H 485 38.67 40.62 -62.78
N TYR H 486 38.03 41.69 -62.32
CA TYR H 486 37.31 42.61 -63.19
C TYR H 486 38.21 43.43 -64.11
N VAL H 487 37.52 44.06 -65.06
CA VAL H 487 38.05 45.04 -65.95
C VAL H 487 37.02 46.19 -65.90
N ASN H 488 37.48 47.42 -66.14
CA ASN H 488 36.63 48.62 -66.23
C ASN H 488 36.33 48.91 -67.70
N ALA H 489 35.31 48.26 -68.26
CA ALA H 489 34.97 48.43 -69.66
C ALA H 489 33.67 49.23 -69.73
N ARG H 490 33.68 50.32 -70.48
CA ARG H 490 32.44 51.09 -70.68
C ARG H 490 32.52 51.90 -71.98
N LEU H 491 31.36 52.34 -72.44
CA LEU H 491 31.22 53.21 -73.57
C LEU H 491 31.13 54.67 -73.10
N VAL H 492 31.89 55.55 -73.75
CA VAL H 492 31.88 56.99 -73.44
C VAL H 492 31.84 57.81 -74.73
N LYS H 493 30.84 58.67 -74.85
CA LYS H 493 30.69 59.47 -76.07
C LYS H 493 31.94 60.33 -76.33
N PRO H 494 32.23 60.62 -77.61
CA PRO H 494 33.43 61.34 -78.01
C PRO H 494 33.56 62.71 -77.35
N TRP H 495 32.44 63.36 -77.12
CA TRP H 495 32.40 64.72 -76.57
C TRP H 495 32.53 64.80 -75.07
N VAL H 496 32.52 63.68 -74.36
CA VAL H 496 32.81 63.66 -72.92
C VAL H 496 34.33 63.69 -72.64
N GLY H 497 34.79 64.74 -71.96
CA GLY H 497 36.20 64.86 -71.58
C GLY H 497 36.36 64.74 -70.08
N GLY H 498 37.58 64.47 -69.64
CA GLY H 498 37.85 64.33 -68.23
C GLY H 498 37.83 62.90 -67.70
N TYR H 499 37.47 61.95 -68.55
CA TYR H 499 37.49 60.53 -68.20
C TYR H 499 38.76 59.92 -68.73
N THR H 500 39.74 59.71 -67.87
CA THR H 500 41.07 59.27 -68.28
C THR H 500 41.26 57.77 -68.16
N GLY H 501 40.36 57.11 -67.42
CA GLY H 501 40.50 55.71 -67.08
C GLY H 501 41.84 55.29 -66.47
N LYS H 502 42.48 56.17 -65.70
CA LYS H 502 43.71 55.77 -64.99
C LYS H 502 43.52 55.44 -63.50
N ASP H 503 42.34 55.71 -62.95
CA ASP H 503 42.03 55.40 -61.55
C ASP H 503 41.51 53.98 -61.47
N PRO H 504 42.33 53.04 -60.97
CA PRO H 504 41.92 51.64 -60.92
C PRO H 504 40.87 51.32 -59.85
N LEU H 505 40.41 52.32 -59.09
CA LEU H 505 39.24 52.17 -58.24
C LEU H 505 38.02 52.86 -58.88
N ASP H 506 38.28 53.58 -59.99
CA ASP H 506 37.24 54.23 -60.79
C ASP H 506 36.36 55.21 -59.99
N ASN H 507 37.00 55.94 -59.07
CA ASN H 507 36.30 56.96 -58.29
C ASN H 507 36.38 58.33 -59.01
N THR H 508 35.42 58.55 -59.91
CA THR H 508 35.34 59.74 -60.76
C THR H 508 34.32 60.76 -60.21
N TYR H 509 34.54 62.05 -60.52
CA TYR H 509 33.63 63.10 -60.09
C TYR H 509 33.13 63.88 -61.28
N THR H 510 31.80 64.06 -61.38
CA THR H 510 31.20 64.87 -62.46
C THR H 510 31.86 66.26 -62.55
N ARG H 511 32.30 66.77 -61.41
CA ARG H 511 33.01 68.05 -61.39
C ARG H 511 34.30 68.03 -62.21
N ASN H 512 34.85 66.85 -62.53
CA ASN H 512 36.08 66.78 -63.34
C ASN H 512 35.90 66.69 -64.84
N MET H 513 34.65 66.66 -65.27
CA MET H 513 34.34 66.40 -66.64
C MET H 513 33.81 67.64 -67.35
N TYR H 514 33.88 67.61 -68.68
CA TYR H 514 33.43 68.72 -69.51
C TYR H 514 32.93 68.19 -70.83
N ILE H 515 31.95 68.87 -71.41
CA ILE H 515 31.39 68.52 -72.72
C ILE H 515 32.02 69.39 -73.82
N VAL H 516 32.77 68.74 -74.70
CA VAL H 516 33.41 69.39 -75.82
C VAL H 516 32.31 69.72 -76.83
N LYS H 517 32.43 70.86 -77.50
CA LYS H 517 31.46 71.22 -78.54
C LYS H 517 31.47 70.15 -79.61
N HIS H 518 30.28 69.84 -80.13
CA HIS H 518 30.12 68.80 -81.14
C HIS H 518 28.84 68.98 -81.91
N UNK I 1 10.52 -26.50 -34.62
CA UNK I 1 10.67 -27.57 -35.63
C UNK I 1 11.84 -28.48 -35.24
N UNK I 2 11.77 -29.73 -35.68
CA UNK I 2 12.75 -30.77 -35.35
C UNK I 2 13.96 -30.67 -36.23
N UNK I 3 15.12 -30.74 -35.60
CA UNK I 3 16.40 -30.62 -36.26
C UNK I 3 17.04 -32.01 -36.28
N UNK J 1 10.28 27.06 53.69
CA UNK J 1 10.31 26.06 52.60
C UNK J 1 11.43 25.08 52.88
N UNK J 2 11.27 23.86 52.40
CA UNK J 2 12.26 22.82 52.61
C UNK J 2 13.36 23.00 51.59
N UNK J 3 14.60 23.02 52.07
CA UNK J 3 15.77 22.95 51.23
C UNK J 3 16.23 21.49 51.20
N UNK K 1 -8.86 -62.29 -6.23
CA UNK K 1 -10.25 -61.82 -6.41
C UNK K 1 -10.41 -60.44 -5.79
N UNK K 2 -11.11 -59.57 -6.50
CA UNK K 2 -11.40 -58.21 -6.01
C UNK K 2 -12.53 -58.33 -4.99
N UNK K 3 -12.37 -57.75 -3.80
CA UNK K 3 -13.33 -57.94 -2.70
C UNK K 3 -14.43 -56.87 -2.63
N UNK L 1 2.52 62.87 0.32
CA UNK L 1 3.98 62.55 0.44
C UNK L 1 4.61 62.28 -0.91
N UNK L 2 5.92 62.51 -1.04
CA UNK L 2 6.61 62.32 -2.31
C UNK L 2 6.96 60.86 -2.52
N UNK L 3 6.57 60.32 -3.68
CA UNK L 3 6.72 58.91 -3.99
C UNK L 3 8.13 58.59 -4.48
N UNK M 1 -24.42 -8.16 22.01
CA UNK M 1 -23.15 -8.80 22.45
C UNK M 1 -23.07 -8.87 23.97
N UNK M 2 -22.42 -9.92 24.47
CA UNK M 2 -22.11 -10.05 25.90
C UNK M 2 -21.09 -8.96 26.26
N UNK M 3 -21.28 -8.28 27.39
CA UNK M 3 -20.32 -7.24 27.85
C UNK M 3 -19.44 -7.78 29.00
N UNK N 1 18.34 11.40 -21.97
CA UNK N 1 18.60 12.22 -20.76
C UNK N 1 20.11 12.42 -20.54
N UNK N 2 20.50 13.59 -20.02
CA UNK N 2 21.91 13.86 -19.75
C UNK N 2 22.30 13.22 -18.42
N UNK N 3 23.48 12.60 -18.41
CA UNK N 3 23.99 11.87 -17.27
C UNK N 3 24.96 12.76 -16.50
N UNK O 1 -43.81 -50.25 40.45
CA UNK O 1 -43.93 -50.71 39.04
C UNK O 1 -45.10 -49.98 38.38
N UNK O 2 -45.03 -49.82 37.05
CA UNK O 2 -46.07 -49.08 36.28
C UNK O 2 -47.27 -49.97 35.99
N UNK O 3 -48.47 -49.40 36.12
CA UNK O 3 -49.73 -50.13 36.07
C UNK O 3 -50.43 -49.85 34.74
N UNK P 1 33.71 48.45 -51.76
CA UNK P 1 32.28 48.54 -52.07
C UNK P 1 31.90 47.29 -52.87
N UNK P 2 30.60 47.01 -52.91
CA UNK P 2 30.05 45.82 -53.60
C UNK P 2 29.68 46.24 -55.02
N UNK P 3 30.16 45.48 -56.01
CA UNK P 3 30.07 45.87 -57.43
C UNK P 3 28.75 45.43 -58.05
#